data_7JN4
#
_entry.id   7JN4
#
loop_
_entity.id
_entity.type
_entity.pdbx_description
1 polymer 'Ribulose bisphosphate carboxylase large chain'
2 polymer 'Ribulose bisphosphate carboxylase small chain 2, chloroplastic'
3 water water
#
loop_
_entity_poly.entity_id
_entity_poly.type
_entity_poly.pdbx_seq_one_letter_code
_entity_poly.pdbx_strand_id
1 'polypeptide(L)'
;MVPQTETKAGAGFKAGVKDYRLTYYTPDYVVRDTDILAAFRMTPQPGVPPEECGAAVAAESSTGTWTTVWTDGLTSLDRY
KGRCYDIEPVPGEDNQYIAYVAYPIDLFEEGSVTNMFTSIVGNVFGFKALRALRLEDLRIPPAYVKTFVGPPHGIQVERD
KLNKYGRGLLGCTIKPKLGLSAKNYGRAVYECLRGGLDFTKDDENVNSQPFMRWRDRFLFVAEAIYKAQAETGEVKGHYL
NATAGTCEEMMKRAV(SMC)AKELGVPIIMHDYLTGGFTANTSLAIYCRDNGLLLHIHRAMHAVIDRQRNHGIHFRVLAK
ALRMSGGDHLHSGTVVGKLEGEREVTLGFVDLMRDDYVEKDRSRGIYFTQDWCSMPGVMPVASGGIHVWHMPALVEIFGD
DACLQFGGGTLGHPWGNAPGAAANRVALEACTQARNEGRDLAREGGDVIRSACKWSPELAAACEVWKEIKFEFDTIDKL
;
A,C,E,G,I,K,M,O
2 'polypeptide(L)'
;MAAVIAKSSVSAAVARPARSSVRPMAALKPAVKAAPVAAPAQANQMMVWTPVNNKMFETFSYLPPLSDEQIAAQVDYIVA
NGWIPCLEFAESDKAYVSNESAIRFGSVSCLYYDNRYWTMWKLPMFGCRDPMQVLREIVACTKAFPDAYVRLVAFDNQKQ
VQIMGFLVQRPKSARDWQPANKRSV
;
B,D,F,H,J,L,N,P
#
# COMPACT_ATOMS: atom_id res chain seq x y z
N LYS A 18 35.45 -34.73 8.26
CA LYS A 18 35.79 -35.87 7.41
C LYS A 18 36.87 -35.49 6.40
N ASP A 19 38.13 -35.51 6.85
CA ASP A 19 39.25 -35.12 6.02
C ASP A 19 40.18 -36.29 5.77
N TYR A 20 40.95 -36.20 4.68
CA TYR A 20 42.00 -37.18 4.43
C TYR A 20 43.34 -36.70 4.96
N ARG A 21 43.34 -35.56 5.66
CA ARG A 21 44.42 -34.92 6.44
C ARG A 21 45.48 -34.28 5.52
N LEU A 22 45.44 -34.52 4.23
CA LEU A 22 46.41 -33.92 3.32
C LEU A 22 45.93 -32.58 2.78
N THR A 23 44.64 -32.47 2.46
CA THR A 23 44.14 -31.27 1.81
C THR A 23 43.63 -30.25 2.82
N TYR A 24 43.21 -30.71 4.00
CA TYR A 24 42.57 -29.80 4.95
C TYR A 24 43.46 -29.44 6.12
N TYR A 25 44.62 -30.05 6.25
CA TYR A 25 45.60 -29.67 7.26
C TYR A 25 46.80 -29.09 6.51
N THR A 26 46.84 -27.77 6.41
CA THR A 26 47.90 -27.08 5.68
C THR A 26 48.66 -26.19 6.65
N PRO A 27 49.69 -26.70 7.33
CA PRO A 27 50.41 -25.84 8.29
C PRO A 27 51.34 -24.86 7.62
N ASP A 28 51.65 -25.06 6.35
CA ASP A 28 52.53 -24.15 5.63
C ASP A 28 51.76 -22.97 5.05
N TYR A 29 50.45 -22.94 5.25
CA TYR A 29 49.58 -21.92 4.68
C TYR A 29 49.69 -20.60 5.43
N VAL A 30 49.66 -19.50 4.68
CA VAL A 30 49.67 -18.16 5.23
C VAL A 30 48.25 -17.61 5.10
N VAL A 31 47.69 -17.15 6.20
CA VAL A 31 46.28 -16.74 6.21
C VAL A 31 46.14 -15.41 5.49
N ARG A 32 44.93 -15.14 5.02
CA ARG A 32 44.66 -13.93 4.27
C ARG A 32 44.06 -12.87 5.20
N ASP A 33 44.06 -11.63 4.74
CA ASP A 33 43.44 -10.58 5.50
C ASP A 33 41.93 -10.52 5.29
N THR A 34 41.40 -11.30 4.36
CA THR A 34 39.97 -11.46 4.22
C THR A 34 39.47 -12.76 4.79
N ASP A 35 40.36 -13.60 5.33
CA ASP A 35 39.95 -14.89 5.87
C ASP A 35 39.16 -14.71 7.15
N ILE A 36 38.14 -15.53 7.32
CA ILE A 36 37.53 -15.75 8.61
C ILE A 36 38.35 -16.82 9.33
N LEU A 37 38.83 -16.49 10.51
CA LEU A 37 39.61 -17.44 11.29
C LEU A 37 38.76 -17.91 12.45
N ALA A 38 38.92 -19.17 12.82
CA ALA A 38 38.19 -19.77 13.93
C ALA A 38 39.17 -20.53 14.80
N ALA A 39 38.92 -20.54 16.11
CA ALA A 39 39.80 -21.24 17.04
C ALA A 39 38.97 -22.23 17.84
N PHE A 40 39.18 -23.51 17.60
CA PHE A 40 38.38 -24.55 18.23
C PHE A 40 39.16 -25.22 19.33
N ARG A 41 38.59 -25.26 20.53
CA ARG A 41 39.06 -26.17 21.56
C ARG A 41 38.47 -27.54 21.29
N MET A 42 39.34 -28.53 21.11
CA MET A 42 39.04 -29.75 20.38
C MET A 42 39.51 -30.96 21.18
N THR A 43 38.57 -31.78 21.66
CA THR A 43 38.92 -33.00 22.40
C THR A 43 38.70 -34.22 21.51
N PRO A 44 39.75 -34.95 21.14
CA PRO A 44 39.57 -36.12 20.28
C PRO A 44 39.06 -37.33 21.07
N GLN A 45 38.58 -38.32 20.31
CA GLN A 45 38.39 -39.65 20.86
C GLN A 45 39.75 -40.28 21.16
N PRO A 46 39.83 -41.21 22.11
CA PRO A 46 41.14 -41.82 22.42
C PRO A 46 41.65 -42.70 21.29
N GLY A 47 42.75 -42.27 20.68
CA GLY A 47 43.33 -42.93 19.53
C GLY A 47 43.29 -42.14 18.25
N VAL A 48 42.51 -41.07 18.18
CA VAL A 48 42.45 -40.22 16.99
C VAL A 48 43.59 -39.21 17.10
N PRO A 49 44.38 -39.02 16.05
CA PRO A 49 45.47 -38.04 16.10
C PRO A 49 44.94 -36.63 16.15
N PRO A 50 45.70 -35.68 16.70
CA PRO A 50 45.23 -34.29 16.72
C PRO A 50 45.18 -33.64 15.36
N GLU A 51 46.10 -34.02 14.46
CA GLU A 51 46.10 -33.41 13.13
C GLU A 51 44.96 -33.94 12.27
N GLU A 52 44.66 -35.24 12.36
CA GLU A 52 43.54 -35.78 11.62
C GLU A 52 42.20 -35.30 12.17
N CYS A 53 42.11 -35.13 13.49
CA CYS A 53 40.90 -34.58 14.08
C CYS A 53 40.76 -33.11 13.76
N GLY A 54 41.89 -32.39 13.66
CA GLY A 54 41.84 -30.97 13.37
C GLY A 54 41.51 -30.65 11.94
N ALA A 55 41.92 -31.50 11.01
CA ALA A 55 41.58 -31.29 9.61
C ALA A 55 40.15 -31.68 9.32
N ALA A 56 39.57 -32.53 10.16
CA ALA A 56 38.17 -32.93 10.00
C ALA A 56 37.23 -31.82 10.43
N VAL A 57 37.62 -31.02 11.44
CA VAL A 57 36.87 -29.83 11.79
C VAL A 57 36.90 -28.83 10.65
N ALA A 58 38.02 -28.77 9.93
CA ALA A 58 38.14 -27.88 8.79
C ALA A 58 37.39 -28.42 7.58
N ALA A 59 37.32 -29.74 7.45
CA ALA A 59 36.70 -30.32 6.26
C ALA A 59 35.19 -30.28 6.34
N GLU A 60 34.63 -30.45 7.54
CA GLU A 60 33.19 -30.44 7.84
C GLU A 60 32.43 -31.48 7.03
N ASP A 78 38.53 -26.48 -3.49
CA ASP A 78 39.89 -26.04 -3.16
C ASP A 78 39.96 -24.54 -2.91
N ARG A 79 39.14 -23.78 -3.63
CA ARG A 79 39.01 -22.36 -3.34
C ARG A 79 38.03 -22.11 -2.21
N TYR A 80 37.25 -23.12 -1.86
CA TYR A 80 36.18 -22.99 -0.89
C TYR A 80 36.40 -23.84 0.33
N LYS A 81 37.54 -24.50 0.44
CA LYS A 81 37.79 -25.34 1.59
C LYS A 81 38.26 -24.50 2.77
N GLY A 82 37.78 -24.85 3.96
CA GLY A 82 38.34 -24.38 5.20
C GLY A 82 39.50 -25.28 5.53
N ARG A 83 40.63 -24.68 5.91
CA ARG A 83 41.84 -25.44 6.20
C ARG A 83 42.44 -25.11 7.56
N CYS A 84 42.56 -26.14 8.38
CA CYS A 84 43.26 -26.08 9.65
C CYS A 84 44.73 -25.77 9.43
N TYR A 85 45.20 -24.65 9.96
CA TYR A 85 46.56 -24.19 9.70
C TYR A 85 47.48 -24.21 10.91
N ASP A 86 46.96 -24.50 12.10
CA ASP A 86 47.77 -24.52 13.31
C ASP A 86 47.05 -25.32 14.36
N ILE A 87 47.80 -26.16 15.08
CA ILE A 87 47.29 -26.95 16.19
C ILE A 87 48.25 -26.83 17.35
N GLU A 88 47.74 -26.40 18.50
CA GLU A 88 48.50 -26.19 19.71
C GLU A 88 47.97 -27.07 20.83
N PRO A 89 48.83 -27.64 21.65
CA PRO A 89 48.34 -28.30 22.87
C PRO A 89 47.85 -27.27 23.88
N VAL A 90 46.94 -27.71 24.74
CA VAL A 90 46.45 -26.89 25.84
C VAL A 90 47.23 -27.28 27.09
N PRO A 91 47.90 -26.34 27.76
CA PRO A 91 48.69 -26.69 28.94
C PRO A 91 47.80 -27.06 30.13
N GLY A 92 48.10 -28.21 30.73
CA GLY A 92 47.33 -28.72 31.84
C GLY A 92 46.28 -29.73 31.45
N GLU A 93 45.82 -29.71 30.21
CA GLU A 93 44.85 -30.66 29.68
C GLU A 93 45.59 -31.63 28.78
N ASP A 94 45.57 -32.92 29.14
CA ASP A 94 46.35 -33.91 28.40
C ASP A 94 45.72 -34.30 27.08
N ASN A 95 44.48 -33.92 26.82
CA ASN A 95 43.79 -34.39 25.62
C ASN A 95 42.97 -33.27 24.98
N GLN A 96 43.40 -32.02 25.12
CA GLN A 96 42.75 -30.92 24.46
C GLN A 96 43.74 -30.16 23.59
N TYR A 97 43.22 -29.57 22.52
CA TYR A 97 44.03 -28.92 21.51
C TYR A 97 43.30 -27.69 21.02
N ILE A 98 44.05 -26.77 20.44
CA ILE A 98 43.47 -25.59 19.80
C ILE A 98 43.70 -25.71 18.31
N ALA A 99 42.65 -25.98 17.56
CA ALA A 99 42.71 -26.02 16.11
C ALA A 99 42.35 -24.66 15.57
N TYR A 100 43.22 -24.09 14.75
CA TYR A 100 42.95 -22.82 14.08
C TYR A 100 42.54 -23.12 12.66
N VAL A 101 41.33 -22.73 12.29
CA VAL A 101 40.79 -23.00 10.95
C VAL A 101 40.54 -21.67 10.26
N ALA A 102 41.00 -21.55 9.01
CA ALA A 102 40.77 -20.39 8.17
C ALA A 102 39.65 -20.67 7.18
N TYR A 103 38.82 -19.68 6.90
CA TYR A 103 37.75 -19.82 5.94
C TYR A 103 37.84 -18.73 4.89
N PRO A 104 37.69 -19.06 3.60
CA PRO A 104 37.63 -18.01 2.58
C PRO A 104 36.36 -17.17 2.73
N ILE A 105 36.47 -15.88 2.39
CA ILE A 105 35.37 -14.94 2.58
C ILE A 105 34.23 -15.20 1.61
N ASP A 106 34.46 -16.01 0.57
CA ASP A 106 33.39 -16.32 -0.38
C ASP A 106 32.41 -17.33 0.16
N LEU A 107 32.63 -17.88 1.35
CA LEU A 107 31.71 -18.89 1.86
C LEU A 107 30.48 -18.28 2.47
N PHE A 108 30.42 -16.95 2.55
CA PHE A 108 29.53 -16.25 3.46
C PHE A 108 28.65 -15.26 2.72
N GLU A 109 27.46 -15.04 3.25
CA GLU A 109 26.60 -13.97 2.77
C GLU A 109 26.98 -12.64 3.41
N GLU A 110 26.96 -11.59 2.61
CA GLU A 110 27.11 -10.24 3.12
C GLU A 110 25.97 -9.91 4.08
N GLY A 111 26.33 -9.51 5.29
CA GLY A 111 25.37 -9.03 6.24
C GLY A 111 24.55 -10.07 6.97
N SER A 112 25.08 -11.27 7.16
CA SER A 112 24.27 -12.37 7.68
C SER A 112 25.01 -13.14 8.75
N VAL A 113 24.53 -13.04 9.99
CA VAL A 113 25.08 -13.79 11.10
C VAL A 113 24.52 -15.20 11.10
N THR A 114 23.36 -15.37 10.48
CA THR A 114 22.78 -16.68 10.29
C THR A 114 23.64 -17.53 9.36
N ASN A 115 24.11 -16.94 8.26
CA ASN A 115 25.00 -17.67 7.36
C ASN A 115 26.37 -17.88 7.97
N MET A 116 26.83 -16.95 8.80
CA MET A 116 28.15 -17.10 9.38
C MET A 116 28.18 -18.21 10.42
N PHE A 117 27.12 -18.33 11.21
CA PHE A 117 27.09 -19.44 12.16
C PHE A 117 26.78 -20.76 11.50
N THR A 118 25.98 -20.77 10.44
CA THR A 118 25.62 -22.03 9.79
C THR A 118 26.82 -22.63 9.07
N SER A 119 27.76 -21.80 8.62
CA SER A 119 28.92 -22.35 7.92
C SER A 119 29.96 -22.86 8.92
N ILE A 120 30.14 -22.18 10.04
CA ILE A 120 31.24 -22.49 10.95
C ILE A 120 30.84 -23.55 11.98
N VAL A 121 29.66 -23.45 12.58
CA VAL A 121 29.31 -24.40 13.64
C VAL A 121 28.07 -25.20 13.28
N GLY A 122 27.74 -25.25 12.00
CA GLY A 122 26.50 -25.85 11.58
C GLY A 122 26.50 -27.37 11.60
N ASN A 123 27.65 -27.98 11.37
CA ASN A 123 27.72 -29.43 11.28
C ASN A 123 28.81 -30.07 12.14
N VAL A 124 29.87 -29.34 12.50
CA VAL A 124 31.05 -29.97 13.10
C VAL A 124 30.87 -30.54 14.49
N PHE A 125 29.85 -30.15 15.24
CA PHE A 125 29.87 -30.60 16.63
C PHE A 125 29.31 -31.98 16.78
N GLY A 126 28.56 -32.46 15.79
CA GLY A 126 28.09 -33.82 15.79
C GLY A 126 29.07 -34.82 15.25
N PHE A 127 30.30 -34.40 14.99
CA PHE A 127 31.27 -35.27 14.36
C PHE A 127 31.84 -36.26 15.37
N LYS A 128 32.07 -37.50 14.92
CA LYS A 128 32.20 -38.61 15.85
C LYS A 128 33.64 -38.82 16.30
N ALA A 129 34.62 -38.32 15.54
CA ALA A 129 36.01 -38.61 15.89
C ALA A 129 36.51 -37.69 17.00
N LEU A 130 35.79 -36.62 17.28
CA LEU A 130 36.07 -35.80 18.44
C LEU A 130 35.03 -36.05 19.52
N ARG A 131 35.43 -35.89 20.77
CA ARG A 131 34.53 -36.18 21.88
C ARG A 131 33.79 -34.92 22.31
N ALA A 132 34.45 -33.78 22.26
CA ALA A 132 33.88 -32.51 22.64
C ALA A 132 34.52 -31.42 21.79
N LEU A 133 33.79 -30.35 21.54
CA LEU A 133 34.32 -29.28 20.71
C LEU A 133 33.85 -27.94 21.23
N ARG A 134 34.76 -26.99 21.41
CA ARG A 134 34.33 -25.66 21.75
C ARG A 134 34.97 -24.69 20.77
N LEU A 135 34.13 -23.94 20.07
CA LEU A 135 34.60 -22.74 19.39
C LEU A 135 34.87 -21.65 20.41
N GLU A 136 36.13 -21.21 20.47
CA GLU A 136 36.55 -20.24 21.47
C GLU A 136 36.49 -18.81 20.97
N ASP A 137 37.08 -18.52 19.82
CA ASP A 137 37.10 -17.18 19.30
C ASP A 137 36.88 -17.28 17.80
N LEU A 138 36.48 -16.17 17.20
CA LEU A 138 36.50 -15.99 15.76
C LEU A 138 37.39 -14.81 15.45
N ARG A 139 37.81 -14.69 14.20
CA ARG A 139 38.35 -13.45 13.69
C ARG A 139 37.41 -13.03 12.58
N ILE A 140 36.82 -11.86 12.71
CA ILE A 140 36.03 -11.35 11.61
C ILE A 140 36.92 -10.36 10.87
N PRO A 141 37.17 -10.56 9.58
CA PRO A 141 38.07 -9.69 8.89
C PRO A 141 37.37 -8.41 8.50
N PRO A 142 38.11 -7.30 8.36
CA PRO A 142 37.46 -6.01 8.07
C PRO A 142 36.78 -5.92 6.74
N ALA A 143 36.98 -6.88 5.83
CA ALA A 143 36.21 -6.88 4.59
C ALA A 143 34.82 -7.45 4.77
N TYR A 144 34.56 -8.05 5.91
CA TYR A 144 33.30 -8.66 6.21
C TYR A 144 32.62 -8.00 7.37
N VAL A 145 33.37 -7.28 8.21
CA VAL A 145 32.77 -6.38 9.18
C VAL A 145 32.01 -5.28 8.47
N LYS A 146 32.54 -4.79 7.35
CA LYS A 146 31.94 -3.67 6.63
C LYS A 146 30.67 -4.03 5.90
N THR A 147 30.40 -5.30 5.69
CA THR A 147 29.15 -5.66 5.04
C THR A 147 27.98 -5.64 5.99
N PHE A 148 28.18 -5.42 7.28
CA PHE A 148 27.05 -5.48 8.18
C PHE A 148 26.60 -4.07 8.55
N VAL A 149 25.32 -3.94 8.84
CA VAL A 149 24.80 -2.68 9.35
C VAL A 149 25.31 -2.42 10.75
N GLY A 150 25.21 -3.40 11.63
CA GLY A 150 25.78 -3.27 12.94
C GLY A 150 24.84 -2.73 13.98
N PRO A 151 25.39 -2.25 15.07
CA PRO A 151 24.57 -1.66 16.10
C PRO A 151 23.99 -0.34 15.65
N PRO A 152 22.71 -0.10 15.96
CA PRO A 152 22.04 1.13 15.49
C PRO A 152 22.70 2.43 15.92
N HIS A 153 23.15 2.54 17.15
CA HIS A 153 23.76 3.78 17.59
C HIS A 153 25.16 3.57 18.10
N GLY A 154 25.32 2.67 19.03
CA GLY A 154 26.60 2.50 19.68
C GLY A 154 26.70 3.25 20.96
N ILE A 155 27.88 3.13 21.60
CA ILE A 155 28.11 3.73 22.90
C ILE A 155 28.18 5.25 22.80
N GLN A 156 28.83 5.77 21.76
CA GLN A 156 29.09 7.19 21.69
C GLN A 156 27.84 7.97 21.31
N VAL A 157 26.95 7.39 20.51
CA VAL A 157 25.79 8.12 20.05
C VAL A 157 24.66 8.06 21.06
N GLU A 158 24.47 6.88 21.66
CA GLU A 158 23.51 6.71 22.76
C GLU A 158 23.78 7.65 23.92
N ARG A 159 25.04 7.73 24.33
CA ARG A 159 25.46 8.62 25.38
C ARG A 159 25.22 10.09 25.03
N ASP A 160 25.31 10.45 23.75
CA ASP A 160 24.98 11.80 23.32
C ASP A 160 23.48 12.06 23.38
N LYS A 161 22.69 11.04 23.09
CA LYS A 161 21.26 11.21 22.96
C LYS A 161 20.56 11.23 24.30
N LEU A 162 21.07 10.49 25.27
CA LEU A 162 20.55 10.47 26.61
C LEU A 162 21.15 11.56 27.48
N ASN A 163 22.19 12.25 26.99
CA ASN A 163 22.85 13.37 27.64
C ASN A 163 23.41 12.99 29.01
N LYS A 164 23.85 11.76 29.14
CA LYS A 164 24.44 11.28 30.37
C LYS A 164 25.91 11.03 30.12
N TYR A 165 26.78 11.71 30.84
CA TYR A 165 28.20 11.61 30.60
C TYR A 165 28.95 11.30 31.88
N GLY A 166 30.16 10.79 31.72
CA GLY A 166 31.13 10.72 32.79
C GLY A 166 30.84 9.76 33.91
N ARG A 167 29.83 8.89 33.77
CA ARG A 167 29.56 7.89 34.77
C ARG A 167 28.87 6.72 34.11
N GLY A 168 28.83 5.60 34.82
CA GLY A 168 28.09 4.46 34.32
C GLY A 168 26.60 4.71 34.32
N LEU A 169 25.89 4.04 33.42
CA LEU A 169 24.45 4.12 33.48
C LEU A 169 23.93 3.13 34.52
N LEU A 170 22.75 3.41 35.08
CA LEU A 170 22.17 2.58 36.12
C LEU A 170 20.83 2.00 35.70
N GLY A 171 20.54 0.81 36.19
CA GLY A 171 19.38 0.07 35.75
C GLY A 171 18.77 -0.69 36.90
N CYS A 172 17.56 -1.19 36.68
CA CYS A 172 16.85 -2.03 37.63
C CYS A 172 15.83 -2.86 36.89
N THR A 173 15.78 -4.15 37.15
CA THR A 173 14.70 -4.97 36.62
C THR A 173 13.52 -4.75 37.58
N ILE A 174 12.28 -4.74 37.08
CA ILE A 174 11.14 -4.56 37.99
C ILE A 174 11.08 -5.89 38.72
N LYS A 175 11.00 -5.86 40.04
CA LYS A 175 11.18 -7.11 40.79
C LYS A 175 10.30 -8.33 40.63
N PRO A 176 8.97 -8.17 40.59
CA PRO A 176 8.23 -9.42 40.37
C PRO A 176 8.21 -9.58 38.87
N LYS A 177 8.81 -10.64 38.35
CA LYS A 177 8.87 -10.78 36.90
C LYS A 177 7.49 -10.90 36.29
N LEU A 178 6.63 -11.69 36.91
CA LEU A 178 5.30 -11.85 36.39
C LEU A 178 4.28 -11.75 37.49
N GLY A 179 3.08 -11.37 37.11
CA GLY A 179 1.97 -11.27 38.03
C GLY A 179 1.37 -9.92 38.26
N LEU A 180 2.07 -8.84 37.93
CA LEU A 180 1.57 -7.49 38.14
C LEU A 180 0.44 -7.22 37.15
N SER A 181 -0.35 -6.20 37.44
CA SER A 181 -1.15 -5.61 36.40
C SER A 181 -0.26 -4.71 35.55
N ALA A 182 -0.80 -4.17 34.48
CA ALA A 182 0.02 -3.25 33.71
C ALA A 182 0.17 -1.92 34.43
N LYS A 183 -0.91 -1.47 35.09
CA LYS A 183 -0.88 -0.27 35.91
C LYS A 183 0.12 -0.37 37.05
N ASN A 184 0.13 -1.47 37.78
CA ASN A 184 1.07 -1.63 38.88
C ASN A 184 2.48 -1.91 38.40
N TYR A 185 2.64 -2.24 37.12
CA TYR A 185 3.98 -2.38 36.59
C TYR A 185 4.63 -1.02 36.42
N GLY A 186 3.91 -0.08 35.83
CA GLY A 186 4.46 1.25 35.61
C GLY A 186 4.62 2.03 36.90
N ARG A 187 3.81 1.75 37.90
CA ARG A 187 4.00 2.33 39.22
C ARG A 187 5.30 1.88 39.83
N ALA A 188 5.69 0.62 39.60
CA ALA A 188 7.03 0.19 40.00
C ALA A 188 8.08 0.81 39.08
N VAL A 189 7.72 1.07 37.82
CA VAL A 189 8.63 1.72 36.88
C VAL A 189 8.74 3.20 37.20
N TYR A 190 7.65 3.83 37.65
CA TYR A 190 7.68 5.25 37.98
C TYR A 190 8.56 5.53 39.19
N GLU A 191 8.43 4.79 40.29
CA GLU A 191 9.17 5.10 41.49
C GLU A 191 10.66 4.80 41.36
N CYS A 192 11.04 3.86 40.49
CA CYS A 192 12.46 3.56 40.30
C CYS A 192 13.16 4.63 39.48
N LEU A 193 12.57 5.04 38.36
CA LEU A 193 13.17 6.08 37.55
C LEU A 193 13.12 7.43 38.25
N ARG A 194 12.21 7.56 39.21
CA ARG A 194 12.04 8.82 39.92
C ARG A 194 13.21 9.09 40.86
N GLY A 195 13.72 8.05 41.50
CA GLY A 195 14.69 8.26 42.55
C GLY A 195 16.09 8.48 42.02
N GLY A 196 16.31 8.22 40.75
CA GLY A 196 17.61 8.54 40.21
C GLY A 196 18.14 7.61 39.15
N LEU A 197 17.46 6.50 38.90
CA LEU A 197 17.99 5.57 37.91
C LEU A 197 17.75 6.08 36.50
N ASP A 198 18.50 5.53 35.57
CA ASP A 198 18.44 5.94 34.17
C ASP A 198 17.58 5.05 33.33
N PHE A 199 17.37 3.81 33.75
CA PHE A 199 16.64 2.82 33.00
C PHE A 199 15.98 1.85 33.95
N THR A 200 14.82 1.37 33.55
CA THR A 200 14.20 0.22 34.16
C THR A 200 14.04 -0.83 33.07
N LYS A 201 13.69 -2.06 33.44
CA LYS A 201 13.85 -3.19 32.54
C LYS A 201 12.69 -4.17 32.68
N ASP A 202 12.12 -4.56 31.55
CA ASP A 202 11.23 -5.71 31.52
C ASP A 202 12.00 -6.98 31.80
N ASP A 203 11.38 -7.90 32.52
CA ASP A 203 11.88 -9.27 32.55
C ASP A 203 11.82 -9.85 31.15
N GLU A 204 12.79 -10.71 30.84
CA GLU A 204 12.90 -11.24 29.50
C GLU A 204 11.76 -12.18 29.13
N ASN A 205 11.07 -12.74 30.13
CA ASN A 205 9.88 -13.53 29.87
C ASN A 205 8.59 -12.75 30.07
N VAL A 206 8.67 -11.47 30.36
CA VAL A 206 7.57 -10.53 30.19
C VAL A 206 7.51 -10.19 28.70
N ASN A 207 6.59 -10.83 27.97
CA ASN A 207 6.35 -10.44 26.58
C ASN A 207 4.93 -9.95 26.39
N SER A 208 3.97 -10.84 26.52
CA SER A 208 2.53 -10.61 26.39
C SER A 208 1.92 -11.86 26.97
N GLN A 209 1.28 -11.75 28.11
CA GLN A 209 0.70 -12.87 28.85
C GLN A 209 -0.71 -12.48 29.24
N PRO A 210 -1.55 -13.43 29.65
CA PRO A 210 -2.93 -13.07 30.05
C PRO A 210 -3.06 -12.06 31.18
N PHE A 211 -2.07 -11.92 32.05
CA PHE A 211 -2.21 -10.97 33.15
C PHE A 211 -1.78 -9.57 32.77
N MET A 212 -0.84 -9.45 31.83
CA MET A 212 -0.37 -8.15 31.40
C MET A 212 -0.05 -8.27 29.93
N ARG A 213 -0.97 -7.84 29.08
CA ARG A 213 -0.71 -7.83 27.65
C ARG A 213 0.33 -6.78 27.35
N TRP A 214 0.94 -6.89 26.17
CA TRP A 214 2.09 -6.06 25.88
C TRP A 214 1.69 -4.62 25.63
N ARG A 215 0.52 -4.38 25.06
CA ARG A 215 0.23 -3.02 24.64
C ARG A 215 -0.33 -2.20 25.80
N ASP A 216 -0.97 -2.86 26.75
CA ASP A 216 -1.33 -2.21 28.01
C ASP A 216 -0.10 -1.88 28.83
N ARG A 217 0.96 -2.66 28.67
CA ARG A 217 2.20 -2.38 29.36
C ARG A 217 2.92 -1.18 28.77
N PHE A 218 2.88 -1.01 27.44
CA PHE A 218 3.69 0.03 26.81
C PHE A 218 3.16 1.43 27.10
N LEU A 219 1.89 1.54 27.51
CA LEU A 219 1.32 2.85 27.80
C LEU A 219 1.60 3.27 29.23
N PHE A 220 1.41 2.35 30.17
CA PHE A 220 1.71 2.63 31.56
C PHE A 220 3.20 2.76 31.79
N VAL A 221 4.02 2.13 30.94
CA VAL A 221 5.44 2.42 31.00
C VAL A 221 5.70 3.84 30.47
N ALA A 222 5.10 4.20 29.34
CA ALA A 222 5.35 5.52 28.76
C ALA A 222 4.71 6.62 29.58
N GLU A 223 3.64 6.32 30.31
CA GLU A 223 3.13 7.29 31.26
C GLU A 223 4.08 7.42 32.45
N ALA A 224 4.75 6.33 32.81
CA ALA A 224 5.67 6.39 33.94
C ALA A 224 7.03 6.96 33.54
N ILE A 225 7.43 6.82 32.28
CA ILE A 225 8.69 7.41 31.85
C ILE A 225 8.55 8.91 31.70
N TYR A 226 7.49 9.37 31.05
CA TYR A 226 7.30 10.80 30.82
C TYR A 226 7.00 11.55 32.10
N LYS A 227 6.53 10.85 33.13
CA LYS A 227 6.27 11.48 34.41
C LYS A 227 7.53 11.53 35.26
N ALA A 228 8.34 10.47 35.24
CA ALA A 228 9.58 10.50 36.00
C ALA A 228 10.61 11.37 35.32
N GLN A 229 10.44 11.59 34.02
CA GLN A 229 11.30 12.49 33.28
C GLN A 229 11.00 13.94 33.59
N ALA A 230 9.72 14.31 33.62
CA ALA A 230 9.35 15.69 33.86
C ALA A 230 9.66 16.12 35.28
N GLU A 231 9.68 15.17 36.20
CA GLU A 231 9.98 15.48 37.59
C GLU A 231 11.47 15.67 37.83
N THR A 232 12.31 14.79 37.31
CA THR A 232 13.73 14.88 37.59
C THR A 232 14.42 15.82 36.61
N GLY A 233 13.84 16.05 35.45
CA GLY A 233 14.47 16.83 34.40
C GLY A 233 15.49 16.08 33.59
N GLU A 234 15.69 14.80 33.86
CA GLU A 234 16.64 13.94 33.19
C GLU A 234 15.90 13.01 32.24
N VAL A 235 16.62 12.49 31.26
CA VAL A 235 16.03 11.58 30.29
C VAL A 235 15.91 10.20 30.93
N LYS A 236 14.76 9.55 30.74
CA LYS A 236 14.50 8.25 31.37
C LYS A 236 14.06 7.26 30.31
N GLY A 237 14.26 5.99 30.57
CA GLY A 237 13.81 4.96 29.65
C GLY A 237 13.46 3.69 30.38
N HIS A 238 12.74 2.84 29.68
CA HIS A 238 12.46 1.48 30.11
C HIS A 238 12.61 0.59 28.90
N TYR A 239 13.35 -0.50 29.03
CA TYR A 239 13.55 -1.44 27.94
C TYR A 239 12.28 -2.24 27.72
N LEU A 240 11.45 -1.80 26.79
CA LEU A 240 10.19 -2.46 26.52
C LEU A 240 10.44 -3.69 25.66
N ASN A 241 10.03 -4.86 26.15
CA ASN A 241 10.38 -6.13 25.51
C ASN A 241 9.57 -6.32 24.24
N ALA A 242 10.23 -6.15 23.11
CA ALA A 242 9.64 -6.36 21.80
C ALA A 242 9.88 -7.76 21.27
N THR A 243 10.53 -8.64 22.04
CA THR A 243 10.60 -10.05 21.69
C THR A 243 9.22 -10.64 21.56
N ALA A 244 8.96 -11.31 20.45
CA ALA A 244 7.61 -11.72 20.12
C ALA A 244 7.62 -13.06 19.40
N GLY A 245 6.43 -13.52 19.07
CA GLY A 245 6.26 -14.85 18.54
C GLY A 245 6.58 -14.97 17.08
N THR A 246 6.29 -13.93 16.30
CA THR A 246 6.56 -13.86 14.88
C THR A 246 7.24 -12.53 14.58
N CYS A 247 7.86 -12.42 13.40
CA CYS A 247 8.53 -11.18 12.99
C CYS A 247 7.53 -10.04 12.85
N GLU A 248 6.27 -10.37 12.64
CA GLU A 248 5.23 -9.39 12.44
C GLU A 248 4.67 -8.87 13.75
N GLU A 249 4.53 -9.74 14.76
CA GLU A 249 4.28 -9.29 16.12
C GLU A 249 5.40 -8.41 16.60
N MET A 250 6.64 -8.83 16.35
CA MET A 250 7.82 -8.13 16.83
C MET A 250 7.94 -6.73 16.23
N MET A 251 7.58 -6.57 14.97
CA MET A 251 7.62 -5.25 14.38
C MET A 251 6.42 -4.42 14.82
N LYS A 252 5.38 -5.07 15.30
CA LYS A 252 4.19 -4.37 15.75
C LYS A 252 4.40 -3.78 17.13
N ARG A 253 5.14 -4.47 17.99
CA ARG A 253 5.58 -3.89 19.25
C ARG A 253 6.49 -2.68 19.01
N ALA A 254 7.32 -2.75 17.96
CA ALA A 254 8.38 -1.77 17.79
C ALA A 254 7.85 -0.49 17.16
N VAL A 255 6.84 -0.60 16.33
CA VAL A 255 6.05 0.49 15.78
C VAL A 255 5.35 1.23 16.92
N SMC A 256 4.93 0.48 17.92
CA SMC A 256 4.28 1.03 19.08
CB SMC A 256 3.69 -0.06 19.94
SG SMC A 256 2.79 0.55 21.32
CS SMC A 256 1.67 1.61 20.52
C SMC A 256 5.23 1.88 19.94
O SMC A 256 4.86 2.92 20.47
N ALA A 257 6.46 1.46 20.07
CA ALA A 257 7.47 2.23 20.76
C ALA A 257 7.95 3.43 19.95
N LYS A 258 7.96 3.30 18.63
CA LYS A 258 8.23 4.44 17.76
C LYS A 258 7.21 5.54 17.98
N GLU A 259 5.94 5.19 18.08
CA GLU A 259 4.83 6.12 18.07
C GLU A 259 4.48 6.68 19.44
N LEU A 260 4.87 6.01 20.50
CA LEU A 260 4.91 6.64 21.80
C LEU A 260 6.12 7.52 21.99
N GLY A 261 7.18 7.33 21.20
CA GLY A 261 8.36 8.14 21.26
C GLY A 261 9.28 7.79 22.39
N VAL A 262 9.11 6.62 22.98
CA VAL A 262 9.94 6.13 24.08
C VAL A 262 11.29 5.73 23.52
N PRO A 263 12.37 5.83 24.31
CA PRO A 263 13.72 5.72 23.72
C PRO A 263 14.20 4.33 23.34
N ILE A 264 13.87 3.27 24.08
CA ILE A 264 14.63 2.01 23.99
C ILE A 264 13.71 0.80 24.14
N ILE A 265 13.97 -0.21 23.32
CA ILE A 265 13.33 -1.52 23.40
C ILE A 265 14.39 -2.57 23.63
N MET A 266 13.95 -3.76 24.02
CA MET A 266 14.86 -4.87 24.22
C MET A 266 14.44 -6.09 23.41
N HIS A 267 15.40 -6.98 23.20
CA HIS A 267 15.22 -8.16 22.37
C HIS A 267 16.05 -9.31 22.89
N ASP A 268 15.41 -10.44 23.15
CA ASP A 268 16.09 -11.70 23.40
C ASP A 268 16.56 -12.29 22.08
N TYR A 269 17.88 -12.34 21.84
CA TYR A 269 18.35 -12.66 20.49
C TYR A 269 18.80 -14.10 20.30
N LEU A 270 19.09 -14.84 21.36
CA LEU A 270 19.40 -16.24 21.21
C LEU A 270 18.17 -17.12 21.31
N THR A 271 17.03 -16.55 21.67
CA THR A 271 15.77 -17.26 21.62
C THR A 271 14.84 -16.72 20.55
N GLY A 272 14.97 -15.44 20.20
CA GLY A 272 14.31 -14.93 19.02
C GLY A 272 15.07 -15.24 17.75
N GLY A 273 16.39 -15.40 17.84
CA GLY A 273 17.22 -15.77 16.71
C GLY A 273 17.91 -14.58 16.08
N PHE A 274 18.86 -14.88 15.21
CA PHE A 274 19.64 -13.81 14.62
C PHE A 274 18.95 -13.15 13.44
N THR A 275 17.99 -13.82 12.83
CA THR A 275 17.28 -13.21 11.71
C THR A 275 16.27 -12.18 12.22
N ALA A 276 15.58 -12.50 13.30
CA ALA A 276 14.69 -11.53 13.94
C ALA A 276 15.46 -10.39 14.56
N ASN A 277 16.63 -10.65 15.15
CA ASN A 277 17.43 -9.60 15.76
C ASN A 277 17.95 -8.62 14.72
N THR A 278 18.48 -9.13 13.62
CA THR A 278 19.04 -8.26 12.59
C THR A 278 17.95 -7.47 11.90
N SER A 279 16.75 -8.01 11.84
CA SER A 279 15.62 -7.28 11.30
C SER A 279 15.24 -6.12 12.20
N LEU A 280 15.16 -6.38 13.49
CA LEU A 280 14.82 -5.35 14.47
C LEU A 280 15.91 -4.30 14.57
N ALA A 281 17.17 -4.71 14.52
CA ALA A 281 18.30 -3.80 14.61
C ALA A 281 18.39 -2.86 13.44
N ILE A 282 17.88 -3.26 12.27
CA ILE A 282 17.84 -2.36 11.12
C ILE A 282 16.66 -1.42 11.24
N TYR A 283 15.57 -1.90 11.82
CA TYR A 283 14.43 -1.03 12.09
C TYR A 283 14.78 0.01 13.14
N CYS A 284 15.59 -0.37 14.13
CA CYS A 284 15.99 0.55 15.18
C CYS A 284 16.93 1.63 14.67
N ARG A 285 17.80 1.29 13.74
CA ARG A 285 18.60 2.31 13.05
C ARG A 285 17.74 3.22 12.21
N ASP A 286 16.78 2.67 11.50
CA ASP A 286 15.97 3.46 10.58
C ASP A 286 14.96 4.35 11.29
N ASN A 287 14.77 4.21 12.60
CA ASN A 287 13.83 5.07 13.30
C ASN A 287 14.36 5.57 14.63
N GLY A 288 15.66 5.47 14.88
CA GLY A 288 16.24 6.13 16.04
C GLY A 288 15.90 5.53 17.39
N LEU A 289 15.34 4.33 17.44
CA LEU A 289 15.17 3.64 18.71
C LEU A 289 16.50 3.00 19.11
N LEU A 290 16.72 2.89 20.41
CA LEU A 290 17.84 2.13 20.92
C LEU A 290 17.43 0.68 21.13
N LEU A 291 18.41 -0.22 21.09
CA LEU A 291 18.15 -1.66 21.17
C LEU A 291 18.98 -2.30 22.28
N HIS A 292 18.38 -2.46 23.46
CA HIS A 292 18.94 -3.31 24.49
C HIS A 292 18.87 -4.75 24.06
N ILE A 293 19.90 -5.53 24.35
CA ILE A 293 19.89 -6.94 23.96
C ILE A 293 20.11 -7.80 25.20
N HIS A 294 19.13 -8.60 25.53
CA HIS A 294 19.26 -9.57 26.59
C HIS A 294 19.75 -10.90 26.02
N ARG A 295 20.37 -11.71 26.87
CA ARG A 295 20.99 -12.97 26.44
C ARG A 295 20.39 -14.20 27.12
N ALA A 296 19.07 -14.33 27.11
CA ALA A 296 18.42 -15.58 27.48
C ALA A 296 18.94 -16.73 26.62
N MET A 297 19.14 -17.88 27.27
CA MET A 297 19.58 -19.20 26.77
C MET A 297 21.08 -19.23 26.55
N HIS A 298 21.85 -18.30 27.12
CA HIS A 298 23.27 -18.24 26.81
C HIS A 298 24.04 -19.38 27.47
N ALA A 299 23.60 -19.82 28.63
CA ALA A 299 24.32 -20.83 29.39
C ALA A 299 23.99 -22.25 28.96
N VAL A 300 22.98 -22.43 28.11
CA VAL A 300 22.86 -23.69 27.38
C VAL A 300 24.07 -23.85 26.46
N ILE A 301 24.54 -22.75 25.89
CA ILE A 301 25.55 -22.75 24.86
C ILE A 301 26.96 -22.54 25.43
N ASP A 302 27.12 -21.62 26.39
CA ASP A 302 28.46 -21.13 26.74
C ASP A 302 29.01 -21.58 28.08
N ARG A 303 28.26 -22.33 28.89
CA ARG A 303 28.72 -22.60 30.25
C ARG A 303 29.86 -23.62 30.29
N GLN A 304 29.67 -24.76 29.63
CA GLN A 304 30.62 -25.86 29.77
C GLN A 304 31.91 -25.56 29.03
N ARG A 305 33.03 -25.95 29.63
CA ARG A 305 34.32 -25.53 29.10
C ARG A 305 34.79 -26.42 27.98
N ASN A 306 34.47 -27.71 28.02
CA ASN A 306 34.95 -28.58 26.97
C ASN A 306 34.12 -28.52 25.70
N HIS A 307 32.91 -27.96 25.75
CA HIS A 307 31.97 -28.11 24.64
C HIS A 307 30.99 -26.95 24.58
N GLY A 308 30.91 -26.29 23.43
CA GLY A 308 29.88 -25.32 23.17
C GLY A 308 30.39 -24.19 22.33
N ILE A 309 29.76 -23.03 22.47
CA ILE A 309 30.25 -21.80 21.87
C ILE A 309 30.41 -20.79 23.00
N HIS A 310 31.63 -20.34 23.23
CA HIS A 310 31.92 -19.38 24.29
C HIS A 310 31.29 -18.04 23.98
N PHE A 311 30.98 -17.28 25.04
CA PHE A 311 30.20 -16.06 24.92
C PHE A 311 30.90 -14.98 24.10
N ARG A 312 32.24 -15.00 24.01
CA ARG A 312 32.93 -13.98 23.25
C ARG A 312 32.67 -14.11 21.75
N VAL A 313 32.40 -15.32 21.28
CA VAL A 313 31.92 -15.48 19.90
C VAL A 313 30.50 -14.95 19.78
N LEU A 314 29.66 -15.26 20.77
CA LEU A 314 28.28 -14.83 20.72
C LEU A 314 28.14 -13.33 20.93
N ALA A 315 29.14 -12.70 21.53
CA ALA A 315 29.15 -11.25 21.73
C ALA A 315 29.72 -10.52 20.53
N LYS A 316 30.69 -11.12 19.84
CA LYS A 316 31.10 -10.58 18.55
C LYS A 316 29.95 -10.62 17.56
N ALA A 317 29.21 -11.74 17.55
CA ALA A 317 28.12 -11.91 16.61
C ALA A 317 26.94 -11.02 16.92
N LEU A 318 26.75 -10.65 18.18
CA LEU A 318 25.70 -9.70 18.50
C LEU A 318 26.05 -8.33 17.96
N ARG A 319 27.32 -7.95 18.05
CA ARG A 319 27.76 -6.66 17.57
C ARG A 319 27.59 -6.55 16.07
N MET A 320 27.90 -7.62 15.35
CA MET A 320 27.75 -7.63 13.90
C MET A 320 26.29 -7.59 13.51
N SER A 321 25.46 -8.34 14.22
CA SER A 321 24.02 -8.27 14.02
C SER A 321 23.46 -6.93 14.48
N GLY A 322 23.93 -6.43 15.60
CA GLY A 322 23.44 -5.18 16.10
C GLY A 322 22.78 -5.29 17.45
N GLY A 323 23.07 -4.33 18.29
CA GLY A 323 22.43 -4.16 19.56
C GLY A 323 23.17 -3.04 20.24
N ASP A 324 22.50 -2.25 21.04
CA ASP A 324 23.14 -1.11 21.68
C ASP A 324 23.66 -1.43 23.06
N HIS A 325 23.01 -2.34 23.76
CA HIS A 325 23.42 -2.83 25.07
C HIS A 325 23.45 -4.35 25.01
N LEU A 326 24.23 -4.97 25.88
CA LEU A 326 24.28 -6.42 25.95
C LEU A 326 24.67 -6.82 27.36
N HIS A 327 23.86 -7.68 27.98
CA HIS A 327 24.21 -8.31 29.25
C HIS A 327 25.52 -9.05 29.13
N SER A 328 26.52 -8.58 29.83
CA SER A 328 27.81 -9.22 29.84
C SER A 328 28.04 -10.08 31.07
N GLY A 329 27.19 -9.94 32.07
CA GLY A 329 27.26 -10.79 33.24
C GLY A 329 27.78 -10.08 34.48
N THR A 330 27.93 -10.82 35.57
CA THR A 330 28.51 -10.30 36.79
C THR A 330 30.00 -10.53 36.78
N VAL A 331 30.74 -9.64 37.43
CA VAL A 331 32.14 -9.87 37.73
C VAL A 331 32.37 -10.01 39.24
N VAL A 332 31.51 -9.40 40.06
CA VAL A 332 31.61 -9.53 41.50
C VAL A 332 31.21 -10.93 41.93
N GLY A 333 31.86 -11.42 42.98
CA GLY A 333 31.63 -12.77 43.45
C GLY A 333 32.35 -13.83 42.64
N LYS A 334 33.43 -13.48 41.96
CA LYS A 334 34.12 -14.40 41.07
C LYS A 334 35.62 -14.29 41.26
N LEU A 335 36.32 -15.36 40.90
CA LEU A 335 37.78 -15.36 40.97
C LEU A 335 38.36 -14.50 39.86
N GLU A 336 39.65 -14.18 39.99
CA GLU A 336 40.31 -13.37 38.97
C GLU A 336 41.00 -14.23 37.91
N GLY A 337 40.26 -15.22 37.42
CA GLY A 337 40.60 -15.92 36.20
C GLY A 337 39.42 -15.81 35.27
N GLU A 338 38.23 -15.69 35.87
CA GLU A 338 37.05 -15.32 35.12
C GLU A 338 36.91 -13.81 35.02
N ARG A 339 37.64 -13.08 35.87
CA ARG A 339 37.63 -11.62 35.76
C ARG A 339 38.42 -11.17 34.54
N GLU A 340 39.54 -11.82 34.24
CA GLU A 340 40.32 -11.44 33.08
C GLU A 340 39.65 -11.87 31.78
N VAL A 341 38.91 -12.98 31.82
CA VAL A 341 38.13 -13.39 30.65
C VAL A 341 36.98 -12.44 30.43
N THR A 342 36.33 -11.97 31.50
CA THR A 342 35.21 -11.05 31.34
C THR A 342 35.68 -9.69 30.86
N LEU A 343 36.87 -9.27 31.26
CA LEU A 343 37.45 -8.05 30.71
C LEU A 343 37.87 -8.22 29.26
N GLY A 344 38.01 -9.45 28.79
CA GLY A 344 38.38 -9.69 27.41
C GLY A 344 37.20 -9.54 26.46
N PHE A 345 36.06 -10.16 26.77
CA PHE A 345 34.96 -9.99 25.85
C PHE A 345 34.23 -8.67 26.01
N VAL A 346 34.51 -7.90 27.06
CA VAL A 346 33.98 -6.54 27.12
C VAL A 346 34.78 -5.62 26.20
N ASP A 347 36.08 -5.88 26.04
CA ASP A 347 36.85 -5.11 25.08
C ASP A 347 36.49 -5.45 23.64
N LEU A 348 36.06 -6.68 23.38
CA LEU A 348 35.59 -7.01 22.05
C LEU A 348 34.30 -6.28 21.72
N MET A 349 33.49 -5.99 22.75
CA MET A 349 32.24 -5.25 22.57
C MET A 349 32.46 -3.77 22.39
N ARG A 350 33.40 -3.18 23.14
CA ARG A 350 33.48 -1.73 23.20
C ARG A 350 34.52 -1.13 22.28
N ASP A 351 35.62 -1.83 22.07
CA ASP A 351 36.77 -1.22 21.43
C ASP A 351 36.70 -1.34 19.92
N ASP A 352 37.60 -0.62 19.27
CA ASP A 352 37.73 -0.62 17.83
C ASP A 352 38.80 -1.60 17.38
N TYR A 353 39.87 -1.74 18.15
CA TYR A 353 40.98 -2.60 17.78
C TYR A 353 41.48 -3.31 19.02
N VAL A 354 41.34 -4.64 19.02
CA VAL A 354 41.66 -5.47 20.18
C VAL A 354 42.82 -6.37 19.80
N GLU A 355 43.95 -6.19 20.46
CA GLU A 355 45.14 -7.01 20.24
C GLU A 355 44.90 -8.46 20.67
N LYS A 356 45.77 -9.34 20.18
CA LYS A 356 45.79 -10.72 20.62
C LYS A 356 46.32 -10.81 22.04
N ASP A 357 45.60 -11.52 22.89
CA ASP A 357 45.95 -11.61 24.30
C ASP A 357 45.40 -12.94 24.82
N ARG A 358 46.28 -13.92 24.97
CA ARG A 358 45.84 -15.24 25.39
C ARG A 358 45.43 -15.28 26.85
N SER A 359 45.90 -14.33 27.66
CA SER A 359 45.55 -14.31 29.07
C SER A 359 44.11 -13.88 29.29
N ARG A 360 43.57 -13.05 28.41
CA ARG A 360 42.17 -12.65 28.48
C ARG A 360 41.28 -13.48 27.57
N GLY A 361 41.81 -14.55 26.98
CA GLY A 361 41.01 -15.40 26.12
C GLY A 361 40.84 -14.90 24.70
N ILE A 362 41.56 -13.86 24.31
CA ILE A 362 41.43 -13.28 22.98
C ILE A 362 42.43 -14.00 22.09
N TYR A 363 41.94 -14.78 21.12
CA TYR A 363 42.87 -15.62 20.38
C TYR A 363 43.28 -15.02 19.06
N PHE A 364 42.68 -13.92 18.63
CA PHE A 364 43.03 -13.31 17.37
C PHE A 364 43.14 -11.81 17.60
N THR A 365 43.42 -11.08 16.53
CA THR A 365 43.38 -9.63 16.58
C THR A 365 42.11 -9.16 15.86
N GLN A 366 41.35 -8.30 16.52
CA GLN A 366 40.08 -7.88 15.97
C GLN A 366 40.08 -6.40 15.66
N ASP A 367 40.17 -6.05 14.40
CA ASP A 367 39.87 -4.72 13.91
C ASP A 367 38.37 -4.62 13.69
N TRP A 368 37.73 -3.67 14.34
CA TRP A 368 36.30 -3.48 14.18
C TRP A 368 35.93 -2.42 13.16
N CYS A 369 36.92 -1.70 12.62
CA CYS A 369 36.82 -0.93 11.38
C CYS A 369 35.73 0.13 11.47
N SER A 370 35.67 0.79 12.62
CA SER A 370 34.74 1.85 13.01
C SER A 370 33.30 1.39 13.13
N MET A 371 33.05 0.11 13.35
CA MET A 371 31.74 -0.33 13.80
C MET A 371 31.55 0.11 15.25
N PRO A 372 30.38 0.65 15.61
CA PRO A 372 30.20 1.23 16.95
C PRO A 372 30.22 0.20 18.06
N GLY A 373 30.55 0.67 19.25
CA GLY A 373 30.65 -0.21 20.39
C GLY A 373 29.32 -0.60 20.95
N VAL A 374 29.32 -1.65 21.76
CA VAL A 374 28.12 -2.10 22.46
C VAL A 374 28.39 -1.86 23.93
N MET A 375 27.45 -1.25 24.61
CA MET A 375 27.60 -0.99 26.02
C MET A 375 27.31 -2.27 26.82
N PRO A 376 28.25 -2.75 27.61
CA PRO A 376 27.95 -3.95 28.41
C PRO A 376 27.05 -3.63 29.59
N VAL A 377 26.09 -4.51 29.84
CA VAL A 377 25.25 -4.40 31.00
C VAL A 377 25.70 -5.41 32.03
N ALA A 378 26.06 -4.95 33.22
CA ALA A 378 26.63 -5.77 34.26
C ALA A 378 25.65 -5.86 35.41
N SER A 379 25.22 -7.07 35.73
CA SER A 379 24.32 -7.31 36.86
C SER A 379 25.06 -7.07 38.16
N GLY A 380 24.78 -5.94 38.80
CA GLY A 380 25.43 -5.64 40.07
C GLY A 380 24.92 -6.51 41.18
N GLY A 381 25.62 -6.46 42.30
CA GLY A 381 25.30 -7.32 43.40
C GLY A 381 24.02 -6.93 44.12
N ILE A 382 23.79 -7.62 45.24
CA ILE A 382 22.58 -7.41 46.03
C ILE A 382 22.60 -6.05 46.70
N HIS A 383 23.79 -5.56 47.06
CA HIS A 383 23.94 -4.34 47.82
C HIS A 383 24.79 -3.31 47.07
N VAL A 384 25.02 -2.17 47.73
CA VAL A 384 25.76 -1.07 47.14
C VAL A 384 27.26 -1.17 47.34
N TRP A 385 27.73 -2.14 48.11
CA TRP A 385 29.15 -2.24 48.38
C TRP A 385 29.93 -2.87 47.22
N HIS A 386 29.25 -3.39 46.21
CA HIS A 386 29.96 -3.84 45.01
C HIS A 386 30.19 -2.72 44.02
N MET A 387 29.69 -1.52 44.30
CA MET A 387 29.87 -0.40 43.39
C MET A 387 31.31 0.07 43.23
N PRO A 388 32.19 0.11 44.26
CA PRO A 388 33.61 0.40 43.96
C PRO A 388 34.29 -0.69 43.16
N ALA A 389 33.79 -1.92 43.21
CA ALA A 389 34.36 -2.96 42.36
C ALA A 389 33.98 -2.74 40.91
N LEU A 390 32.74 -2.33 40.65
CA LEU A 390 32.25 -2.26 39.29
C LEU A 390 32.73 -1.02 38.56
N VAL A 391 32.99 0.08 39.27
CA VAL A 391 33.52 1.27 38.63
C VAL A 391 34.97 1.06 38.22
N GLU A 392 35.73 0.32 39.02
CA GLU A 392 37.13 0.07 38.70
C GLU A 392 37.27 -0.95 37.58
N ILE A 393 36.42 -1.98 37.56
CA ILE A 393 36.46 -2.99 36.52
C ILE A 393 35.96 -2.45 35.19
N PHE A 394 34.83 -1.75 35.19
CA PHE A 394 34.18 -1.33 33.96
C PHE A 394 34.44 0.10 33.54
N GLY A 395 34.70 1.01 34.48
CA GLY A 395 34.81 2.40 34.10
C GLY A 395 33.44 2.99 33.83
N ASP A 396 33.38 3.92 32.88
CA ASP A 396 32.15 4.63 32.57
C ASP A 396 31.26 3.90 31.58
N ASP A 397 31.82 3.28 30.55
CA ASP A 397 30.99 2.71 29.48
C ASP A 397 30.50 1.34 29.91
N ALA A 398 29.47 1.36 30.75
CA ALA A 398 28.79 0.18 31.23
C ALA A 398 27.45 0.61 31.82
N CYS A 399 26.44 -0.21 31.62
CA CYS A 399 25.25 -0.12 32.41
C CYS A 399 25.38 -1.10 33.58
N LEU A 400 24.79 -0.74 34.70
CA LEU A 400 24.89 -1.52 35.93
C LEU A 400 23.48 -1.77 36.42
N GLN A 401 23.14 -3.03 36.68
CA GLN A 401 21.78 -3.31 37.08
C GLN A 401 21.67 -3.92 38.46
N PHE A 402 20.67 -3.43 39.18
CA PHE A 402 20.41 -3.77 40.58
C PHE A 402 18.94 -4.16 40.62
N GLY A 403 18.64 -5.41 40.28
CA GLY A 403 17.26 -5.86 40.28
C GLY A 403 16.69 -5.99 41.66
N GLY A 404 17.53 -6.38 42.63
CA GLY A 404 17.11 -6.47 44.01
C GLY A 404 17.81 -5.47 44.90
N GLY A 405 18.50 -4.51 44.30
CA GLY A 405 19.16 -3.46 45.05
C GLY A 405 18.25 -2.29 45.30
N THR A 406 17.44 -1.96 44.30
CA THR A 406 16.48 -0.87 44.45
C THR A 406 15.20 -1.37 45.12
N LEU A 407 14.75 -2.57 44.78
CA LEU A 407 13.52 -3.10 45.35
C LEU A 407 13.66 -3.50 46.81
N GLY A 408 14.84 -3.96 47.23
CA GLY A 408 15.07 -4.42 48.58
C GLY A 408 15.46 -3.37 49.60
N HIS A 409 15.33 -2.11 49.26
CA HIS A 409 15.60 -1.05 50.22
C HIS A 409 14.47 -0.99 51.23
N PRO A 410 14.76 -0.73 52.52
CA PRO A 410 13.69 -0.69 53.53
C PRO A 410 12.73 0.47 53.40
N TRP A 411 13.05 1.49 52.60
CA TRP A 411 12.18 2.64 52.42
C TRP A 411 11.39 2.59 51.12
N GLY A 412 11.83 1.81 50.14
CA GLY A 412 11.05 1.66 48.94
C GLY A 412 11.84 1.69 47.66
N ASN A 413 11.21 2.12 46.58
CA ASN A 413 11.91 2.18 45.31
C ASN A 413 12.60 3.51 45.06
N ALA A 414 11.97 4.62 45.41
CA ALA A 414 12.64 5.89 45.14
C ALA A 414 13.79 6.21 46.09
N PRO A 415 13.76 5.91 47.40
CA PRO A 415 15.00 6.02 48.15
C PRO A 415 16.03 4.97 47.78
N GLY A 416 15.61 3.78 47.35
CA GLY A 416 16.56 2.77 46.95
C GLY A 416 17.27 3.11 45.66
N ALA A 417 16.57 3.75 44.74
CA ALA A 417 17.17 4.20 43.51
C ALA A 417 18.09 5.37 43.71
N ALA A 418 17.83 6.18 44.74
CA ALA A 418 18.75 7.26 45.07
C ALA A 418 20.01 6.72 45.70
N ALA A 419 19.89 5.67 46.52
CA ALA A 419 21.03 5.12 47.24
C ALA A 419 22.07 4.53 46.30
N ASN A 420 21.63 3.93 45.19
CA ASN A 420 22.58 3.51 44.18
C ASN A 420 23.17 4.69 43.44
N ARG A 421 22.34 5.63 43.06
CA ARG A 421 22.77 6.81 42.31
C ARG A 421 23.72 7.68 43.12
N VAL A 422 23.51 7.76 44.43
CA VAL A 422 24.46 8.46 45.30
C VAL A 422 25.76 7.68 45.40
N ALA A 423 25.68 6.36 45.56
CA ALA A 423 26.88 5.53 45.68
C ALA A 423 27.65 5.46 44.37
N LEU A 424 26.94 5.47 43.24
CA LEU A 424 27.60 5.48 41.94
C LEU A 424 28.38 6.76 41.73
N GLU A 425 27.75 7.90 42.00
CA GLU A 425 28.42 9.18 41.76
C GLU A 425 29.49 9.47 42.81
N ALA A 426 29.36 8.88 44.00
CA ALA A 426 30.41 9.04 44.99
C ALA A 426 31.66 8.26 44.60
N CYS A 427 31.48 7.05 44.09
CA CYS A 427 32.62 6.23 43.68
C CYS A 427 33.25 6.77 42.42
N THR A 428 32.45 7.37 41.53
CA THR A 428 32.98 7.99 40.33
C THR A 428 33.85 9.20 40.70
N GLN A 429 33.43 9.97 41.70
CA GLN A 429 34.18 11.15 42.07
C GLN A 429 35.50 10.78 42.72
N ALA A 430 35.50 9.73 43.54
CA ALA A 430 36.72 9.26 44.17
C ALA A 430 37.71 8.70 43.16
N ARG A 431 37.21 8.20 42.02
CA ARG A 431 38.12 7.80 40.95
C ARG A 431 38.79 9.01 40.31
N ASN A 432 38.03 10.05 40.02
CA ASN A 432 38.60 11.21 39.34
C ASN A 432 39.53 11.99 40.26
N GLU A 433 39.26 11.97 41.56
CA GLU A 433 40.15 12.57 42.54
C GLU A 433 41.42 11.73 42.74
N GLY A 434 41.44 10.49 42.28
CA GLY A 434 42.64 9.69 42.24
C GLY A 434 42.68 8.53 43.22
N ARG A 435 41.61 8.31 43.97
CA ARG A 435 41.64 7.32 45.03
C ARG A 435 41.51 5.91 44.49
N ASP A 436 42.19 4.96 45.14
CA ASP A 436 42.15 3.57 44.73
C ASP A 436 40.87 2.93 45.27
N LEU A 437 39.93 2.60 44.38
CA LEU A 437 38.68 2.00 44.78
C LEU A 437 38.81 0.53 45.14
N ALA A 438 39.95 -0.11 44.85
CA ALA A 438 40.16 -1.47 45.32
C ALA A 438 40.45 -1.51 46.81
N ARG A 439 40.99 -0.42 47.35
CA ARG A 439 41.34 -0.34 48.77
C ARG A 439 40.48 0.65 49.52
N GLU A 440 40.38 1.89 49.03
CA GLU A 440 39.66 2.94 49.72
C GLU A 440 38.18 2.97 49.38
N GLY A 441 37.66 1.94 48.72
CA GLY A 441 36.27 1.99 48.26
C GLY A 441 35.26 1.87 49.38
N GLY A 442 35.63 1.23 50.48
CA GLY A 442 34.75 1.22 51.65
C GLY A 442 34.71 2.56 52.34
N ASP A 443 35.82 3.28 52.35
CA ASP A 443 35.87 4.59 53.01
C ASP A 443 35.20 5.68 52.20
N VAL A 444 34.90 5.42 50.93
CA VAL A 444 34.18 6.37 50.10
C VAL A 444 32.67 6.20 50.23
N ILE A 445 32.21 4.94 50.34
CA ILE A 445 30.80 4.68 50.63
C ILE A 445 30.44 5.22 52.00
N ARG A 446 31.30 4.99 53.00
CA ARG A 446 31.03 5.46 54.35
C ARG A 446 31.12 6.97 54.48
N SER A 447 31.84 7.65 53.59
CA SER A 447 31.82 9.11 53.61
C SER A 447 30.52 9.65 53.02
N ALA A 448 29.80 8.82 52.25
CA ALA A 448 28.52 9.22 51.68
C ALA A 448 27.34 8.67 52.45
N CYS A 449 27.55 7.74 53.39
CA CYS A 449 26.49 7.36 54.33
C CYS A 449 26.20 8.52 55.28
N LYS A 450 27.16 9.44 55.44
CA LYS A 450 27.01 10.53 56.40
C LYS A 450 25.99 11.56 55.94
N TRP A 451 26.22 12.19 54.80
CA TRP A 451 25.38 13.30 54.38
C TRP A 451 24.11 12.86 53.67
N SER A 452 23.96 11.58 53.33
CA SER A 452 22.78 11.10 52.61
C SER A 452 22.05 10.08 53.49
N PRO A 453 20.79 10.32 53.83
CA PRO A 453 20.08 9.36 54.68
C PRO A 453 19.64 8.12 53.92
N GLU A 454 19.44 8.23 52.61
CA GLU A 454 18.94 7.12 51.82
C GLU A 454 19.99 6.04 51.69
N LEU A 455 21.24 6.44 51.41
CA LEU A 455 22.33 5.49 51.36
C LEU A 455 22.62 4.90 52.71
N ALA A 456 22.49 5.69 53.79
CA ALA A 456 22.76 5.20 55.13
C ALA A 456 21.77 4.13 55.56
N ALA A 457 20.52 4.23 55.10
CA ALA A 457 19.56 3.16 55.35
C ALA A 457 19.91 1.90 54.58
N ALA A 458 20.62 2.04 53.46
CA ALA A 458 21.16 0.87 52.78
C ALA A 458 22.55 0.51 53.29
N CYS A 459 23.29 1.47 53.87
CA CYS A 459 24.53 1.12 54.56
C CYS A 459 24.24 0.27 55.80
N GLU A 460 23.08 0.48 56.42
CA GLU A 460 22.71 -0.22 57.64
C GLU A 460 22.39 -1.69 57.39
N VAL A 461 21.86 -2.03 56.23
CA VAL A 461 21.59 -3.42 55.91
C VAL A 461 22.89 -4.14 55.55
N MET B 46 20.08 -10.68 -55.16
CA MET B 46 19.59 -10.32 -53.84
C MET B 46 18.71 -11.45 -53.33
N MET B 47 19.10 -12.04 -52.20
CA MET B 47 18.38 -13.20 -51.71
C MET B 47 17.59 -12.87 -50.45
N VAL B 48 16.85 -13.86 -49.98
CA VAL B 48 16.03 -13.76 -48.78
C VAL B 48 16.41 -14.87 -47.84
N TRP B 49 16.79 -14.51 -46.62
CA TRP B 49 17.11 -15.48 -45.61
C TRP B 49 15.82 -16.19 -45.17
N THR B 50 15.90 -17.51 -45.02
CA THR B 50 14.58 -18.11 -44.96
C THR B 50 14.05 -18.20 -43.53
N PRO B 51 12.75 -17.99 -43.35
CA PRO B 51 12.15 -18.12 -42.02
C PRO B 51 11.56 -19.49 -41.72
N VAL B 52 11.49 -20.36 -42.72
CA VAL B 52 10.74 -21.60 -42.63
C VAL B 52 11.73 -22.74 -42.39
N ASN B 53 11.55 -23.44 -41.27
CA ASN B 53 12.37 -24.59 -40.88
C ASN B 53 13.86 -24.27 -40.86
N ASN B 54 14.23 -23.25 -40.10
CA ASN B 54 15.59 -22.76 -40.12
C ASN B 54 16.11 -22.63 -38.68
N LYS B 55 15.78 -23.58 -37.83
CA LYS B 55 16.22 -23.48 -36.45
C LYS B 55 17.72 -23.58 -36.36
N MET B 56 18.29 -22.90 -35.37
CA MET B 56 19.72 -22.89 -35.18
C MET B 56 20.05 -23.17 -33.73
N PHE B 57 21.29 -23.56 -33.51
CA PHE B 57 21.85 -23.81 -32.20
C PHE B 57 22.94 -22.76 -32.09
N GLU B 58 23.16 -22.23 -30.91
CA GLU B 58 23.99 -21.07 -30.82
C GLU B 58 25.41 -21.07 -31.35
N THR B 59 26.25 -22.06 -31.07
CA THR B 59 27.60 -21.94 -31.58
C THR B 59 27.87 -22.91 -32.72
N PHE B 60 28.48 -22.37 -33.76
CA PHE B 60 28.83 -23.08 -34.99
C PHE B 60 27.66 -23.63 -35.78
N SER B 61 26.51 -22.99 -35.69
CA SER B 61 25.35 -23.43 -36.45
C SER B 61 25.17 -22.68 -37.76
N TYR B 62 25.78 -21.51 -37.89
CA TYR B 62 25.77 -20.74 -39.11
C TYR B 62 26.91 -21.16 -40.02
N LEU B 63 27.63 -22.21 -39.65
CA LEU B 63 28.68 -22.88 -40.37
C LEU B 63 28.10 -24.18 -40.93
N PRO B 64 28.70 -24.77 -41.97
CA PRO B 64 28.29 -26.10 -42.40
C PRO B 64 28.66 -27.13 -41.37
N PRO B 65 27.97 -28.32 -41.33
CA PRO B 65 28.17 -29.29 -40.25
C PRO B 65 29.59 -29.79 -40.09
N LEU B 66 30.05 -29.89 -38.84
CA LEU B 66 31.46 -30.12 -38.59
C LEU B 66 31.84 -31.54 -38.93
N SER B 67 32.95 -31.70 -39.64
CA SER B 67 33.47 -33.03 -39.91
C SER B 67 34.11 -33.61 -38.67
N ASP B 68 34.49 -34.89 -38.75
CA ASP B 68 35.10 -35.55 -37.61
C ASP B 68 36.50 -35.00 -37.34
N GLU B 69 37.13 -34.43 -38.36
CA GLU B 69 38.42 -33.78 -38.17
C GLU B 69 38.25 -32.39 -37.55
N GLN B 70 37.13 -31.73 -37.86
CA GLN B 70 36.87 -30.43 -37.26
C GLN B 70 36.36 -30.57 -35.83
N ILE B 71 35.64 -31.65 -35.52
CA ILE B 71 35.27 -31.92 -34.14
C ILE B 71 36.51 -32.31 -33.33
N ALA B 72 37.42 -33.06 -33.94
CA ALA B 72 38.67 -33.39 -33.26
C ALA B 72 39.57 -32.17 -33.10
N ALA B 73 39.43 -31.18 -33.96
CA ALA B 73 40.23 -29.96 -33.81
C ALA B 73 39.72 -29.11 -32.65
N GLN B 74 38.42 -29.20 -32.33
CA GLN B 74 37.88 -28.43 -31.22
C GLN B 74 38.18 -29.11 -29.89
N VAL B 75 38.19 -30.45 -29.86
CA VAL B 75 38.53 -31.17 -28.65
C VAL B 75 40.00 -31.01 -28.31
N ASP B 76 40.86 -30.86 -29.33
CA ASP B 76 42.26 -30.51 -29.09
C ASP B 76 42.37 -29.15 -28.41
N TYR B 77 41.51 -28.20 -28.79
CA TYR B 77 41.42 -26.92 -28.09
C TYR B 77 40.84 -27.07 -26.69
N ILE B 78 39.94 -28.04 -26.49
CA ILE B 78 39.39 -28.29 -25.16
C ILE B 78 40.42 -28.96 -24.25
N VAL B 79 41.33 -29.76 -24.82
CA VAL B 79 42.30 -30.47 -24.00
C VAL B 79 43.60 -29.68 -23.82
N ALA B 80 43.92 -28.76 -24.76
CA ALA B 80 45.14 -27.95 -24.67
C ALA B 80 45.16 -27.07 -23.43
N ASN B 81 44.01 -26.64 -22.97
CA ASN B 81 43.82 -26.12 -21.63
C ASN B 81 43.01 -27.10 -20.80
N GLY B 82 42.88 -26.84 -19.51
CA GLY B 82 42.33 -27.88 -18.66
C GLY B 82 40.82 -28.00 -18.64
N TRP B 83 40.19 -28.15 -19.79
CA TRP B 83 38.74 -28.20 -19.88
C TRP B 83 38.31 -29.64 -20.04
N ILE B 84 37.04 -29.89 -19.75
CA ILE B 84 36.53 -31.24 -19.60
C ILE B 84 35.37 -31.41 -20.58
N PRO B 85 35.51 -32.21 -21.64
CA PRO B 85 34.45 -32.32 -22.63
C PRO B 85 33.35 -33.24 -22.14
N CYS B 86 32.14 -32.99 -22.62
CA CYS B 86 30.98 -33.75 -22.16
C CYS B 86 29.92 -33.64 -23.24
N LEU B 87 29.16 -34.70 -23.47
CA LEU B 87 28.13 -34.66 -24.50
C LEU B 87 26.75 -34.47 -23.88
N GLU B 88 25.85 -33.92 -24.69
CA GLU B 88 24.46 -33.78 -24.29
C GLU B 88 23.57 -34.17 -25.45
N PHE B 89 22.30 -34.37 -25.15
CA PHE B 89 21.36 -34.69 -26.20
C PHE B 89 19.95 -34.29 -25.81
N ALA B 90 19.14 -34.04 -26.82
CA ALA B 90 17.73 -33.73 -26.67
C ALA B 90 16.99 -34.23 -27.89
N GLU B 91 15.72 -34.56 -27.70
CA GLU B 91 14.83 -34.89 -28.80
C GLU B 91 14.41 -33.63 -29.54
N SER B 92 13.51 -33.81 -30.52
CA SER B 92 13.08 -32.68 -31.34
C SER B 92 12.22 -31.70 -30.58
N ASP B 93 11.54 -32.14 -29.54
CA ASP B 93 10.69 -31.30 -28.72
C ASP B 93 11.38 -30.74 -27.48
N LYS B 94 12.61 -31.16 -27.17
CA LYS B 94 13.33 -30.64 -26.03
C LYS B 94 14.61 -29.96 -26.46
N ALA B 95 14.74 -29.64 -27.75
CA ALA B 95 15.98 -29.14 -28.31
C ALA B 95 16.09 -27.63 -28.22
N TYR B 96 15.12 -26.93 -28.78
CA TYR B 96 15.16 -25.47 -28.79
C TYR B 96 14.17 -24.90 -27.79
N VAL B 97 14.25 -23.58 -27.64
CA VAL B 97 13.74 -22.86 -26.49
C VAL B 97 12.20 -22.80 -26.48
N SER B 98 11.62 -22.77 -25.28
CA SER B 98 10.16 -22.72 -25.16
C SER B 98 9.77 -22.03 -23.87
N ASN B 99 8.47 -21.73 -23.75
CA ASN B 99 7.94 -20.90 -22.67
C ASN B 99 7.00 -21.66 -21.77
N GLU B 100 6.85 -22.96 -21.97
CA GLU B 100 5.65 -23.68 -21.54
C GLU B 100 5.53 -23.83 -20.03
N SER B 101 6.59 -23.65 -19.26
CA SER B 101 6.45 -23.74 -17.81
C SER B 101 5.98 -22.44 -17.19
N ALA B 102 5.98 -21.35 -17.94
CA ALA B 102 5.55 -20.03 -17.47
C ALA B 102 4.06 -19.91 -17.32
N ILE B 103 3.30 -20.95 -17.65
CA ILE B 103 1.89 -21.02 -17.29
C ILE B 103 1.73 -21.12 -15.77
N ARG B 104 2.75 -21.56 -15.06
CA ARG B 104 2.70 -21.66 -13.60
C ARG B 104 3.25 -20.43 -12.90
N PHE B 105 3.57 -19.37 -13.61
CA PHE B 105 4.31 -18.29 -12.98
C PHE B 105 3.40 -17.11 -12.64
N GLY B 106 3.92 -16.27 -11.75
CA GLY B 106 3.54 -14.88 -11.65
C GLY B 106 4.39 -14.09 -12.63
N SER B 107 4.88 -12.91 -12.26
CA SER B 107 5.65 -12.15 -13.22
C SER B 107 7.16 -12.33 -13.04
N VAL B 108 7.59 -13.58 -13.00
CA VAL B 108 8.99 -13.95 -12.73
C VAL B 108 9.60 -14.55 -13.97
N SER B 109 9.10 -14.18 -15.13
CA SER B 109 9.42 -14.85 -16.38
C SER B 109 10.67 -14.34 -17.08
N CYS B 110 11.32 -13.29 -16.58
CA CYS B 110 12.49 -12.73 -17.24
C CYS B 110 13.66 -13.69 -17.17
N LEU B 111 14.22 -14.02 -18.33
CA LEU B 111 15.37 -14.90 -18.50
C LEU B 111 15.13 -16.28 -17.92
N TYR B 112 13.88 -16.69 -17.90
CA TYR B 112 13.53 -18.09 -17.72
C TYR B 112 13.17 -18.65 -19.08
N TYR B 113 13.74 -19.78 -19.43
CA TYR B 113 13.30 -20.51 -20.60
C TYR B 113 13.26 -21.99 -20.24
N ASP B 114 12.66 -22.77 -21.12
CA ASP B 114 12.81 -24.21 -21.08
C ASP B 114 13.74 -24.66 -22.18
N ASN B 115 14.19 -25.90 -22.06
CA ASN B 115 15.06 -26.58 -23.02
C ASN B 115 16.42 -25.91 -23.13
N ARG B 116 16.89 -25.31 -22.04
CA ARG B 116 18.29 -24.94 -21.99
C ARG B 116 19.13 -26.02 -21.38
N TYR B 117 18.54 -26.86 -20.55
CA TYR B 117 19.17 -28.10 -20.15
C TYR B 117 18.88 -29.16 -21.18
N TRP B 118 19.91 -29.88 -21.58
CA TRP B 118 19.74 -31.15 -22.26
C TRP B 118 20.26 -32.24 -21.34
N THR B 119 19.91 -33.48 -21.67
CA THR B 119 20.32 -34.61 -20.85
C THR B 119 21.79 -34.92 -21.11
N MET B 120 22.55 -35.13 -20.05
CA MET B 120 23.96 -35.45 -20.20
C MET B 120 24.12 -36.85 -20.74
N TRP B 121 25.14 -37.09 -21.55
CA TRP B 121 25.37 -38.43 -22.04
C TRP B 121 26.52 -38.87 -21.18
N LYS B 122 26.29 -39.93 -20.41
CA LYS B 122 27.28 -40.48 -19.50
C LYS B 122 27.78 -39.43 -18.50
N LEU B 123 29.10 -39.31 -18.38
CA LEU B 123 29.72 -38.37 -17.46
C LEU B 123 30.79 -37.55 -18.16
N PRO B 124 31.19 -36.42 -17.57
CA PRO B 124 32.23 -35.60 -18.19
C PRO B 124 33.54 -36.39 -18.25
N MET B 125 34.27 -36.24 -19.34
CA MET B 125 35.51 -36.99 -19.56
C MET B 125 36.62 -36.36 -18.74
N PHE B 126 36.74 -36.82 -17.49
CA PHE B 126 37.78 -36.30 -16.63
C PHE B 126 39.12 -36.94 -16.97
N GLY B 127 40.15 -36.10 -17.07
CA GLY B 127 41.46 -36.59 -17.50
C GLY B 127 41.48 -37.02 -18.95
N CYS B 128 40.77 -36.30 -19.81
CA CYS B 128 40.67 -36.64 -21.22
C CYS B 128 41.85 -36.02 -21.95
N ARG B 129 42.69 -36.87 -22.53
CA ARG B 129 43.83 -36.42 -23.32
C ARG B 129 43.65 -36.72 -24.80
N ASP B 130 42.89 -37.76 -25.13
CA ASP B 130 42.74 -38.21 -26.50
C ASP B 130 41.42 -37.74 -27.09
N PRO B 131 41.44 -37.01 -28.21
CA PRO B 131 40.19 -36.53 -28.80
C PRO B 131 39.39 -37.60 -29.52
N MET B 132 39.96 -38.79 -29.75
CA MET B 132 39.19 -39.84 -30.40
C MET B 132 38.26 -40.55 -29.41
N GLN B 133 38.60 -40.54 -28.12
CA GLN B 133 37.72 -41.09 -27.10
C GLN B 133 36.41 -40.30 -27.00
N VAL B 134 36.47 -38.99 -27.25
CA VAL B 134 35.25 -38.20 -27.29
C VAL B 134 34.49 -38.48 -28.57
N LEU B 135 35.22 -38.72 -29.66
CA LEU B 135 34.59 -38.87 -30.96
C LEU B 135 33.92 -40.24 -31.11
N ARG B 136 34.38 -41.24 -30.34
CA ARG B 136 33.68 -42.51 -30.27
C ARG B 136 32.35 -42.37 -29.57
N GLU B 137 32.25 -41.43 -28.63
CA GLU B 137 31.03 -41.28 -27.85
C GLU B 137 29.94 -40.56 -28.64
N ILE B 138 30.33 -39.84 -29.70
CA ILE B 138 29.34 -39.19 -30.54
C ILE B 138 28.62 -40.23 -31.38
N VAL B 139 29.36 -41.20 -31.91
CA VAL B 139 28.76 -42.31 -32.65
C VAL B 139 27.95 -43.18 -31.72
N ALA B 140 28.42 -43.37 -30.48
CA ALA B 140 27.73 -44.24 -29.55
C ALA B 140 26.45 -43.59 -29.02
N CYS B 141 26.41 -42.27 -28.94
CA CYS B 141 25.21 -41.59 -28.48
C CYS B 141 24.12 -41.64 -29.53
N THR B 142 24.48 -41.38 -30.80
CA THR B 142 23.48 -41.32 -31.86
C THR B 142 23.00 -42.70 -32.26
N LYS B 143 23.76 -43.75 -31.92
CA LYS B 143 23.25 -45.09 -32.10
C LYS B 143 22.14 -45.38 -31.10
N ALA B 144 22.32 -44.93 -29.85
CA ALA B 144 21.28 -45.11 -28.84
C ALA B 144 20.09 -44.20 -29.11
N PHE B 145 20.34 -43.02 -29.63
CA PHE B 145 19.30 -42.01 -29.86
C PHE B 145 19.45 -41.48 -31.28
N PRO B 146 18.82 -42.15 -32.26
CA PRO B 146 18.95 -41.68 -33.64
C PRO B 146 18.11 -40.47 -33.96
N ASP B 147 17.14 -40.14 -33.11
CA ASP B 147 16.27 -38.99 -33.32
C ASP B 147 16.64 -37.80 -32.45
N ALA B 148 17.92 -37.66 -32.09
CA ALA B 148 18.35 -36.70 -31.10
C ALA B 148 19.50 -35.83 -31.60
N TYR B 149 19.40 -34.54 -31.33
CA TYR B 149 20.51 -33.59 -31.45
C TYR B 149 21.56 -33.92 -30.42
N VAL B 150 22.81 -33.58 -30.72
CA VAL B 150 23.93 -33.83 -29.81
C VAL B 150 24.80 -32.58 -29.76
N ARG B 151 25.09 -32.08 -28.56
CA ARG B 151 26.05 -31.01 -28.44
C ARG B 151 27.18 -31.39 -27.50
N LEU B 152 28.37 -30.93 -27.84
CA LEU B 152 29.57 -31.09 -27.04
C LEU B 152 29.76 -29.84 -26.21
N VAL B 153 29.66 -29.98 -24.89
CA VAL B 153 29.87 -28.86 -23.99
C VAL B 153 31.21 -29.07 -23.32
N ALA B 154 31.73 -27.99 -22.74
CA ALA B 154 32.97 -28.11 -21.98
C ALA B 154 32.82 -27.34 -20.68
N PHE B 155 33.54 -27.80 -19.67
CA PHE B 155 33.47 -27.23 -18.34
C PHE B 155 34.86 -26.85 -17.89
N ASP B 156 34.98 -25.76 -17.16
CA ASP B 156 36.27 -25.37 -16.61
C ASP B 156 36.41 -25.98 -15.22
N ASN B 157 37.64 -26.35 -14.88
CA ASN B 157 37.89 -27.05 -13.63
C ASN B 157 38.13 -26.05 -12.50
N GLN B 158 38.90 -24.99 -12.78
CA GLN B 158 39.26 -24.05 -11.74
C GLN B 158 38.20 -22.98 -11.56
N LYS B 159 37.39 -22.72 -12.59
CA LYS B 159 36.37 -21.71 -12.49
C LYS B 159 35.02 -22.33 -12.16
N GLN B 160 34.88 -23.62 -12.45
CA GLN B 160 33.68 -24.43 -12.21
C GLN B 160 32.44 -23.84 -12.88
N VAL B 161 32.52 -23.76 -14.21
CA VAL B 161 31.49 -23.15 -15.03
C VAL B 161 31.59 -23.79 -16.41
N GLN B 162 30.54 -23.67 -17.20
CA GLN B 162 30.51 -24.18 -18.56
C GLN B 162 31.15 -23.18 -19.51
N ILE B 163 32.03 -23.66 -20.39
CA ILE B 163 32.89 -22.78 -21.16
C ILE B 163 32.37 -22.62 -22.58
N MET B 164 32.27 -23.71 -23.31
CA MET B 164 31.91 -23.66 -24.72
C MET B 164 30.90 -24.77 -24.95
N GLY B 165 29.95 -24.52 -25.84
CA GLY B 165 28.96 -25.53 -26.17
C GLY B 165 28.47 -25.43 -27.58
N PHE B 166 28.65 -26.47 -28.37
CA PHE B 166 28.39 -26.37 -29.80
C PHE B 166 27.86 -27.68 -30.36
N LEU B 167 26.89 -27.55 -31.26
CA LEU B 167 26.19 -28.70 -31.81
C LEU B 167 27.11 -29.53 -32.70
N VAL B 168 27.17 -30.83 -32.45
CA VAL B 168 28.02 -31.72 -33.22
C VAL B 168 27.23 -32.76 -34.00
N GLN B 169 25.92 -32.84 -33.84
CA GLN B 169 25.14 -33.83 -34.57
C GLN B 169 23.69 -33.38 -34.65
N ARG B 170 23.11 -33.51 -35.83
CA ARG B 170 21.70 -33.34 -36.07
C ARG B 170 21.07 -34.67 -36.46
N PRO B 171 19.82 -34.92 -36.11
CA PRO B 171 19.15 -36.13 -36.60
C PRO B 171 18.74 -35.97 -38.05
N LYS B 172 18.58 -37.09 -38.73
CA LYS B 172 18.11 -37.03 -40.10
C LYS B 172 16.59 -36.92 -40.17
N SER B 173 15.91 -37.43 -39.14
CA SER B 173 14.45 -37.46 -39.15
C SER B 173 13.83 -36.12 -38.82
N ALA B 174 14.63 -35.10 -38.49
CA ALA B 174 14.09 -33.79 -38.15
C ALA B 174 14.13 -32.87 -39.36
N ARG B 175 13.03 -32.14 -39.56
CA ARG B 175 12.94 -31.14 -40.62
C ARG B 175 12.97 -29.72 -40.07
N ASP B 176 13.74 -29.49 -39.02
CA ASP B 176 13.81 -28.19 -38.37
C ASP B 176 14.93 -27.31 -38.90
N TRP B 177 15.86 -27.85 -39.69
CA TRP B 177 17.04 -27.12 -40.12
C TRP B 177 17.24 -27.21 -41.63
N GLN B 178 17.88 -26.19 -42.20
CA GLN B 178 18.17 -26.13 -43.62
C GLN B 178 19.60 -26.54 -43.89
N PRO B 179 19.85 -27.34 -44.93
CA PRO B 179 21.21 -27.87 -45.16
C PRO B 179 22.14 -26.86 -45.83
N ALA B 180 22.47 -25.80 -45.09
CA ALA B 180 23.49 -24.79 -45.39
C ALA B 180 23.26 -23.97 -46.65
N ASN B 181 22.18 -24.26 -47.39
CA ASN B 181 21.77 -23.49 -48.56
C ASN B 181 20.41 -22.94 -48.20
N LYS B 182 20.42 -21.84 -47.46
CA LYS B 182 19.26 -21.28 -46.81
C LYS B 182 19.12 -19.81 -47.15
N ARG B 183 19.88 -19.40 -48.15
CA ARG B 183 19.58 -18.27 -49.03
C ARG B 183 19.51 -16.93 -48.31
N LYS C 18 17.22 -20.25 42.72
CA LYS C 18 17.34 -19.60 44.02
C LYS C 18 16.08 -19.77 44.85
N ASP C 19 15.95 -20.93 45.49
CA ASP C 19 14.76 -21.26 46.27
C ASP C 19 15.11 -21.43 47.74
N TYR C 20 14.11 -21.25 48.59
CA TYR C 20 14.28 -21.54 50.01
C TYR C 20 13.82 -22.95 50.35
N ARG C 21 13.49 -23.74 49.32
CA ARG C 21 13.16 -25.18 49.29
C ARG C 21 11.76 -25.46 49.87
N LEU C 22 11.12 -24.49 50.50
CA LEU C 22 9.80 -24.71 51.08
C LEU C 22 8.69 -24.41 50.07
N THR C 23 8.84 -23.34 49.30
CA THR C 23 7.76 -22.90 48.43
C THR C 23 7.88 -23.49 47.04
N TYR C 24 9.08 -23.88 46.62
CA TYR C 24 9.27 -24.33 45.25
C TYR C 24 9.47 -25.82 45.13
N TYR C 25 9.58 -26.54 46.23
CA TYR C 25 9.63 -28.00 46.23
C TYR C 25 8.35 -28.49 46.89
N THR C 26 7.36 -28.82 46.07
CA THR C 26 6.06 -29.25 46.56
C THR C 26 5.80 -30.67 46.08
N PRO C 27 6.24 -31.69 46.82
CA PRO C 27 6.02 -33.07 46.34
C PRO C 27 4.60 -33.54 46.52
N ASP C 28 3.81 -32.84 47.35
CA ASP C 28 2.42 -33.23 47.57
C ASP C 28 1.50 -32.64 46.52
N TYR C 29 2.05 -31.87 45.58
CA TYR C 29 1.27 -31.17 44.57
C TYR C 29 0.80 -32.11 43.47
N VAL C 30 -0.43 -31.89 43.01
CA VAL C 30 -1.01 -32.65 41.91
C VAL C 30 -0.99 -31.74 40.69
N VAL C 31 -0.39 -32.22 39.60
CA VAL C 31 -0.19 -31.38 38.42
C VAL C 31 -1.52 -31.18 37.71
N ARG C 32 -1.60 -30.10 36.94
CA ARG C 32 -2.82 -29.76 36.23
C ARG C 32 -2.75 -30.26 34.80
N ASP C 33 -3.91 -30.29 34.15
CA ASP C 33 -3.92 -30.67 32.74
C ASP C 33 -3.58 -29.51 31.83
N THR C 34 -3.47 -28.30 32.37
CA THR C 34 -2.97 -27.17 31.61
C THR C 34 -1.53 -26.85 31.95
N ASP C 35 -0.91 -27.58 32.87
CA ASP C 35 0.46 -27.31 33.26
C ASP C 35 1.42 -27.67 32.14
N ILE C 36 2.44 -26.85 31.99
CA ILE C 36 3.64 -27.23 31.25
C ILE C 36 4.55 -27.97 32.21
N LEU C 37 4.92 -29.18 31.85
CA LEU C 37 5.80 -29.98 32.68
C LEU C 37 7.16 -30.04 32.02
N ALA C 38 8.21 -30.05 32.81
CA ALA C 38 9.58 -30.10 32.33
C ALA C 38 10.33 -31.16 33.13
N ALA C 39 11.26 -31.85 32.48
CA ALA C 39 12.05 -32.88 33.15
C ALA C 39 13.52 -32.56 32.98
N PHE C 40 14.18 -32.20 34.07
CA PHE C 40 15.56 -31.77 34.01
C PHE C 40 16.47 -32.87 34.53
N ARG C 41 17.46 -33.26 33.73
CA ARG C 41 18.59 -34.01 34.25
C ARG C 41 19.55 -33.04 34.89
N MET C 42 19.83 -33.25 36.18
CA MET C 42 20.30 -32.20 37.07
C MET C 42 21.48 -32.72 37.88
N THR C 43 22.68 -32.17 37.65
CA THR C 43 23.87 -32.55 38.40
C THR C 43 24.21 -31.48 39.42
N PRO C 44 24.12 -31.75 40.72
CA PRO C 44 24.45 -30.73 41.71
C PRO C 44 25.95 -30.57 41.89
N GLN C 45 26.32 -29.45 42.54
CA GLN C 45 27.65 -29.31 43.09
C GLN C 45 27.81 -30.28 44.27
N PRO C 46 29.04 -30.70 44.58
CA PRO C 46 29.23 -31.63 45.70
C PRO C 46 28.93 -30.98 47.05
N GLY C 47 27.87 -31.46 47.70
CA GLY C 47 27.40 -30.91 48.96
C GLY C 47 26.05 -30.25 48.90
N VAL C 48 25.53 -29.97 47.70
CA VAL C 48 24.21 -29.37 47.56
C VAL C 48 23.18 -30.50 47.56
N PRO C 49 22.11 -30.40 48.35
CA PRO C 49 21.11 -31.47 48.37
C PRO C 49 20.33 -31.52 47.07
N PRO C 50 19.79 -32.68 46.70
CA PRO C 50 19.00 -32.76 45.46
C PRO C 50 17.70 -31.99 45.53
N GLU C 51 17.07 -31.91 46.70
CA GLU C 51 15.80 -31.20 46.81
C GLU C 51 16.00 -29.70 46.75
N GLU C 52 17.05 -29.19 47.39
CA GLU C 52 17.33 -27.76 47.32
C GLU C 52 17.80 -27.36 45.93
N CYS C 53 18.57 -28.22 45.26
CA CYS C 53 18.97 -27.93 43.89
C CYS C 53 17.80 -28.04 42.94
N GLY C 54 16.85 -28.94 43.21
CA GLY C 54 15.71 -29.11 42.35
C GLY C 54 14.68 -28.01 42.47
N ALA C 55 14.52 -27.46 43.67
CA ALA C 55 13.60 -26.34 43.84
C ALA C 55 14.17 -25.05 43.30
N ALA C 56 15.50 -24.98 43.18
CA ALA C 56 16.14 -23.80 42.60
C ALA C 56 15.98 -23.74 41.10
N VAL C 57 15.93 -24.91 40.43
CA VAL C 57 15.60 -24.95 39.01
C VAL C 57 14.17 -24.49 38.80
N ALA C 58 13.29 -24.80 39.75
CA ALA C 58 11.90 -24.37 39.66
C ALA C 58 11.75 -22.90 40.01
N ALA C 59 12.60 -22.39 40.89
CA ALA C 59 12.46 -21.00 41.34
C ALA C 59 12.99 -20.02 40.31
N GLU C 60 14.06 -20.39 39.61
CA GLU C 60 14.74 -19.60 38.58
C GLU C 60 15.20 -18.24 39.09
N ASP C 78 2.94 -16.82 43.66
CA ASP C 78 2.41 -18.10 44.10
C ASP C 78 1.51 -18.75 43.06
N ARG C 79 0.80 -17.92 42.30
CA ARG C 79 0.05 -18.41 41.16
C ARG C 79 0.93 -18.57 39.94
N TYR C 80 2.11 -17.98 39.98
CA TYR C 80 3.00 -17.92 38.83
C TYR C 80 4.30 -18.66 39.08
N LYS C 81 4.43 -19.33 40.21
CA LYS C 81 5.67 -20.04 40.48
C LYS C 81 5.68 -21.38 39.78
N GLY C 82 6.86 -21.74 39.25
CA GLY C 82 7.12 -23.09 38.83
C GLY C 82 7.57 -23.87 40.05
N ARG C 83 7.02 -25.06 40.23
CA ARG C 83 7.30 -25.88 41.39
C ARG C 83 7.75 -27.29 41.03
N CYS C 84 8.94 -27.63 41.49
CA CYS C 84 9.47 -28.98 41.41
C CYS C 84 8.62 -29.93 42.24
N TYR C 85 8.01 -30.92 41.58
CA TYR C 85 7.07 -31.81 42.24
C TYR C 85 7.56 -33.25 42.38
N ASP C 86 8.69 -33.61 41.81
CA ASP C 86 9.20 -34.97 41.86
C ASP C 86 10.68 -34.95 41.55
N ILE C 87 11.46 -35.71 42.31
CA ILE C 87 12.89 -35.86 42.09
C ILE C 87 13.22 -37.35 42.18
N GLU C 88 13.83 -37.88 41.14
CA GLU C 88 14.21 -39.28 41.02
C GLU C 88 15.70 -39.41 40.85
N PRO C 89 16.33 -40.40 41.47
CA PRO C 89 17.72 -40.70 41.12
C PRO C 89 17.83 -41.31 39.74
N VAL C 90 18.99 -41.14 39.13
CA VAL C 90 19.30 -41.76 37.84
C VAL C 90 20.10 -43.02 38.11
N PRO C 91 19.65 -44.20 37.66
CA PRO C 91 20.38 -45.44 37.95
C PRO C 91 21.70 -45.52 37.18
N GLY C 92 22.77 -45.80 37.90
CA GLY C 92 24.10 -45.87 37.34
C GLY C 92 24.91 -44.59 37.48
N GLU C 93 24.25 -43.46 37.64
CA GLU C 93 24.90 -42.18 37.85
C GLU C 93 24.74 -41.81 39.32
N ASP C 94 25.87 -41.68 40.03
CA ASP C 94 25.81 -41.45 41.46
C ASP C 94 25.46 -40.02 41.84
N ASN C 95 25.46 -39.09 40.89
CA ASN C 95 25.25 -37.69 41.21
C ASN C 95 24.34 -37.01 40.19
N GLN C 96 23.43 -37.74 39.58
CA GLN C 96 22.46 -37.16 38.68
C GLN C 96 21.06 -37.47 39.14
N TYR C 97 20.13 -36.58 38.80
CA TYR C 97 18.76 -36.64 39.29
C TYR C 97 17.85 -36.16 38.18
N ILE C 98 16.58 -36.52 38.27
CA ILE C 98 15.56 -36.04 37.36
C ILE C 98 14.61 -35.16 38.16
N ALA C 99 14.67 -33.86 37.95
CA ALA C 99 13.75 -32.94 38.57
C ALA C 99 12.58 -32.70 37.63
N TYR C 100 11.37 -32.92 38.11
CA TYR C 100 10.16 -32.65 37.35
C TYR C 100 9.59 -31.32 37.83
N VAL C 101 9.51 -30.35 36.94
CA VAL C 101 9.02 -29.02 37.28
C VAL C 101 7.74 -28.74 36.49
N ALA C 102 6.71 -28.27 37.19
CA ALA C 102 5.45 -27.87 36.58
C ALA C 102 5.38 -26.36 36.44
N TYR C 103 4.81 -25.87 35.35
CA TYR C 103 4.65 -24.45 35.12
C TYR C 103 3.19 -24.13 34.86
N PRO C 104 2.65 -23.07 35.46
CA PRO C 104 1.30 -22.64 35.11
C PRO C 104 1.24 -22.10 33.69
N ILE C 105 0.11 -22.32 33.03
CA ILE C 105 -0.06 -21.94 31.62
C ILE C 105 -0.10 -20.43 31.43
N ASP C 106 -0.29 -19.67 32.52
CA ASP C 106 -0.33 -18.21 32.40
C ASP C 106 1.05 -17.60 32.24
N LEU C 107 2.12 -18.40 32.30
CA LEU C 107 3.44 -17.83 32.19
C LEU C 107 3.84 -17.55 30.76
N PHE C 108 3.00 -17.94 29.80
CA PHE C 108 3.40 -18.13 28.43
C PHE C 108 2.54 -17.31 27.48
N GLU C 109 3.12 -16.90 26.36
CA GLU C 109 2.37 -16.28 25.29
C GLU C 109 1.74 -17.35 24.40
N GLU C 110 0.51 -17.10 23.98
CA GLU C 110 -0.15 -17.92 22.99
C GLU C 110 0.63 -17.86 21.67
N GLY C 111 1.00 -19.03 21.18
CA GLY C 111 1.61 -19.14 19.88
C GLY C 111 3.07 -18.77 19.77
N SER C 112 3.84 -18.93 20.84
CA SER C 112 5.20 -18.40 20.86
C SER C 112 6.17 -19.42 21.44
N VAL C 113 7.06 -19.94 20.59
CA VAL C 113 8.10 -20.86 21.03
C VAL C 113 9.26 -20.07 21.61
N THR C 114 9.38 -18.80 21.22
CA THR C 114 10.36 -17.92 21.80
C THR C 114 10.05 -17.64 23.26
N ASN C 115 8.79 -17.41 23.60
CA ASN C 115 8.41 -17.21 24.99
C ASN C 115 8.48 -18.51 25.77
N MET C 116 8.21 -19.64 25.13
CA MET C 116 8.24 -20.89 25.86
C MET C 116 9.66 -21.30 26.22
N PHE C 117 10.61 -21.05 25.32
CA PHE C 117 11.99 -21.36 25.68
C PHE C 117 12.58 -20.34 26.62
N THR C 118 12.18 -19.08 26.51
CA THR C 118 12.75 -18.05 27.37
C THR C 118 12.31 -18.23 28.82
N SER C 119 11.12 -18.80 29.03
CA SER C 119 10.66 -18.98 30.41
C SER C 119 11.31 -20.22 31.03
N ILE C 120 11.49 -21.28 30.27
CA ILE C 120 11.91 -22.57 30.84
C ILE C 120 13.44 -22.68 30.89
N VAL C 121 14.16 -22.29 29.84
CA VAL C 121 15.60 -22.50 29.85
C VAL C 121 16.35 -21.18 29.71
N GLY C 122 15.67 -20.08 30.04
CA GLY C 122 16.25 -18.77 29.80
C GLY C 122 17.30 -18.37 30.81
N ASN C 123 17.18 -18.83 32.05
CA ASN C 123 18.11 -18.42 33.10
C ASN C 123 18.72 -19.55 33.89
N VAL C 124 18.10 -20.74 33.95
CA VAL C 124 18.51 -21.78 34.89
C VAL C 124 19.85 -22.42 34.63
N PHE C 125 20.41 -22.33 33.43
CA PHE C 125 21.60 -23.15 33.20
C PHE C 125 22.84 -22.46 33.72
N GLY C 126 22.79 -21.15 33.94
CA GLY C 126 23.89 -20.45 34.54
C GLY C 126 23.90 -20.49 36.05
N PHE C 127 23.02 -21.27 36.64
CA PHE C 127 22.89 -21.28 38.09
C PHE C 127 24.03 -22.07 38.72
N LYS C 128 24.52 -21.58 39.87
CA LYS C 128 25.83 -21.99 40.34
C LYS C 128 25.77 -23.22 41.24
N ALA C 129 24.62 -23.52 41.82
CA ALA C 129 24.56 -24.64 42.77
C ALA C 129 24.47 -25.97 42.06
N LEU C 130 24.16 -25.96 40.77
CA LEU C 130 24.23 -27.17 39.96
C LEU C 130 25.45 -27.10 39.05
N ARG C 131 26.01 -28.26 38.74
CA ARG C 131 27.22 -28.29 37.92
C ARG C 131 26.89 -28.43 36.44
N ALA C 132 25.84 -29.18 36.13
CA ALA C 132 25.40 -29.38 34.76
C ALA C 132 23.89 -29.56 34.78
N LEU C 133 23.24 -29.20 33.68
CA LEU C 133 21.79 -29.32 33.61
C LEU C 133 21.36 -29.70 32.22
N ARG C 134 20.53 -30.72 32.11
CA ARG C 134 19.95 -31.02 30.81
C ARG C 134 18.45 -31.07 30.95
N LEU C 135 17.76 -30.24 30.18
CA LEU C 135 16.34 -30.44 29.95
C LEU C 135 16.15 -31.63 29.00
N GLU C 136 15.45 -32.65 29.47
CA GLU C 136 15.28 -33.88 28.72
C GLU C 136 13.99 -33.90 27.92
N ASP C 137 12.86 -33.65 28.55
CA ASP C 137 11.59 -33.68 27.86
C ASP C 137 10.79 -32.49 28.35
N LEU C 138 9.77 -32.13 27.58
CA LEU C 138 8.72 -31.22 28.02
C LEU C 138 7.41 -31.95 27.92
N ARG C 139 6.39 -31.44 28.59
CA ARG C 139 5.02 -31.82 28.29
C ARG C 139 4.34 -30.55 27.83
N ILE C 140 3.80 -30.57 26.62
CA ILE C 140 3.01 -29.43 26.20
C ILE C 140 1.56 -29.81 26.39
N PRO C 141 0.79 -29.07 27.17
CA PRO C 141 -0.56 -29.47 27.43
C PRO C 141 -1.45 -29.09 26.27
N PRO C 142 -2.56 -29.82 26.06
CA PRO C 142 -3.41 -29.55 24.90
C PRO C 142 -4.10 -28.20 24.91
N ALA C 143 -4.09 -27.46 26.02
CA ALA C 143 -4.61 -26.11 26.00
C ALA C 143 -3.63 -25.12 25.43
N TYR C 144 -2.40 -25.53 25.23
CA TYR C 144 -1.36 -24.68 24.71
C TYR C 144 -0.84 -25.19 23.39
N VAL C 145 -1.06 -26.46 23.08
CA VAL C 145 -0.85 -26.95 21.73
C VAL C 145 -1.81 -26.25 20.78
N LYS C 146 -3.05 -26.01 21.21
CA LYS C 146 -4.07 -25.43 20.35
C LYS C 146 -3.86 -23.97 20.06
N THR C 147 -3.02 -23.28 20.82
CA THR C 147 -2.76 -21.89 20.51
C THR C 147 -1.78 -21.72 19.39
N PHE C 148 -1.17 -22.78 18.87
CA PHE C 148 -0.17 -22.59 17.84
C PHE C 148 -0.75 -22.92 16.48
N VAL C 149 -0.22 -22.27 15.46
CA VAL C 149 -0.59 -22.59 14.09
C VAL C 149 -0.05 -23.96 13.71
N GLY C 150 1.22 -24.21 13.97
CA GLY C 150 1.78 -25.50 13.75
C GLY C 150 2.39 -25.69 12.38
N PRO C 151 2.58 -26.95 11.99
CA PRO C 151 3.10 -27.24 10.68
C PRO C 151 2.10 -26.88 9.62
N PRO C 152 2.56 -26.28 8.52
CA PRO C 152 1.64 -25.85 7.45
C PRO C 152 0.79 -26.95 6.84
N HIS C 153 1.34 -28.11 6.58
CA HIS C 153 0.57 -29.18 5.98
C HIS C 153 0.59 -30.44 6.80
N GLY C 154 1.75 -30.93 7.18
CA GLY C 154 1.82 -32.19 7.86
C GLY C 154 2.10 -33.34 6.93
N ILE C 155 2.18 -34.53 7.52
CA ILE C 155 2.53 -35.73 6.77
C ILE C 155 1.40 -36.13 5.84
N GLN C 156 0.16 -36.03 6.31
CA GLN C 156 -0.95 -36.57 5.54
C GLN C 156 -1.32 -35.68 4.37
N VAL C 157 -1.12 -34.36 4.50
CA VAL C 157 -1.53 -33.45 3.44
C VAL C 157 -0.45 -33.33 2.37
N GLU C 158 0.81 -33.27 2.80
CA GLU C 158 1.95 -33.29 1.90
C GLU C 158 1.95 -34.52 1.00
N ARG C 159 1.73 -35.68 1.60
CA ARG C 159 1.65 -36.93 0.87
C ARG C 159 0.50 -36.93 -0.14
N ASP C 160 -0.61 -36.24 0.17
CA ASP C 160 -1.71 -36.11 -0.80
C ASP C 160 -1.33 -35.18 -1.94
N LYS C 161 -0.54 -34.16 -1.65
CA LYS C 161 -0.25 -33.13 -2.63
C LYS C 161 0.82 -33.55 -3.60
N LEU C 162 1.78 -34.34 -3.14
CA LEU C 162 2.83 -34.88 -3.97
C LEU C 162 2.42 -36.18 -4.66
N ASN C 163 1.29 -36.75 -4.26
CA ASN C 163 0.70 -37.96 -4.84
C ASN C 163 1.65 -39.15 -4.74
N LYS C 164 2.42 -39.20 -3.68
CA LYS C 164 3.35 -40.29 -3.45
C LYS C 164 2.88 -41.06 -2.25
N TYR C 165 2.56 -42.34 -2.44
CA TYR C 165 1.99 -43.14 -1.36
C TYR C 165 2.77 -44.42 -1.17
N GLY C 166 2.61 -45.01 0.01
CA GLY C 166 3.01 -46.37 0.27
C GLY C 166 4.50 -46.64 0.29
N ARG C 167 5.33 -45.62 0.29
CA ARG C 167 6.77 -45.81 0.40
C ARG C 167 7.37 -44.57 1.00
N GLY C 168 8.62 -44.70 1.45
CA GLY C 168 9.34 -43.54 1.94
C GLY C 168 9.67 -42.58 0.81
N LEU C 169 9.80 -41.30 1.14
CA LEU C 169 10.28 -40.37 0.13
C LEU C 169 11.80 -40.44 0.08
N LEU C 170 12.37 -40.08 -1.08
CA LEU C 170 13.81 -40.15 -1.29
C LEU C 170 14.38 -38.77 -1.60
N GLY C 171 15.62 -38.56 -1.18
CA GLY C 171 16.24 -37.27 -1.27
C GLY C 171 17.71 -37.40 -1.58
N CYS C 172 18.32 -36.27 -1.93
CA CYS C 172 19.74 -36.19 -2.19
C CYS C 172 20.19 -34.75 -2.01
N THR C 173 21.28 -34.54 -1.30
CA THR C 173 21.88 -33.20 -1.23
C THR C 173 22.71 -33.07 -2.51
N ILE C 174 22.82 -31.91 -3.10
CA ILE C 174 23.66 -31.78 -4.29
C ILE C 174 25.07 -31.85 -3.72
N LYS C 175 25.92 -32.69 -4.30
CA LYS C 175 27.19 -32.95 -3.63
C LYS C 175 28.24 -31.91 -3.32
N PRO C 176 28.55 -31.01 -4.25
CA PRO C 176 29.52 -30.00 -3.81
C PRO C 176 28.69 -28.94 -3.15
N LYS C 177 28.90 -28.67 -1.87
CA LYS C 177 28.08 -27.65 -1.23
C LYS C 177 28.24 -26.26 -1.86
N LEU C 178 29.48 -25.83 -2.09
CA LEU C 178 29.75 -24.50 -2.64
C LEU C 178 30.74 -24.57 -3.80
N GLY C 179 30.71 -23.53 -4.66
CA GLY C 179 31.51 -23.47 -5.85
C GLY C 179 30.85 -23.72 -7.18
N LEU C 180 29.65 -24.28 -7.21
CA LEU C 180 29.03 -24.45 -8.51
C LEU C 180 28.59 -23.09 -9.04
N SER C 181 28.34 -23.02 -10.33
CA SER C 181 27.54 -21.94 -10.84
C SER C 181 26.07 -22.24 -10.55
N ALA C 182 25.21 -21.31 -10.86
CA ALA C 182 23.80 -21.61 -10.65
C ALA C 182 23.29 -22.56 -11.72
N LYS C 183 23.77 -22.40 -12.95
CA LYS C 183 23.46 -23.30 -14.06
C LYS C 183 23.91 -24.73 -13.78
N ASN C 184 25.14 -24.90 -13.32
CA ASN C 184 25.63 -26.24 -13.03
C ASN C 184 25.04 -26.82 -11.75
N TYR C 185 24.39 -25.98 -10.94
CA TYR C 185 23.70 -26.51 -9.79
C TYR C 185 22.43 -27.23 -10.22
N GLY C 186 21.64 -26.60 -11.09
CA GLY C 186 20.40 -27.21 -11.54
C GLY C 186 20.62 -28.40 -12.44
N ARG C 187 21.74 -28.42 -13.16
CA ARG C 187 22.13 -29.60 -13.93
C ARG C 187 22.38 -30.79 -13.02
N ALA C 188 22.97 -30.54 -11.85
CA ALA C 188 23.06 -31.60 -10.85
C ALA C 188 21.70 -31.90 -10.24
N VAL C 189 20.84 -30.89 -10.17
CA VAL C 189 19.48 -31.06 -9.67
C VAL C 189 18.62 -31.77 -10.71
N TYR C 190 18.85 -31.49 -12.00
CA TYR C 190 18.07 -32.13 -13.05
C TYR C 190 18.34 -33.63 -13.13
N GLU C 191 19.61 -34.05 -13.14
CA GLU C 191 19.91 -35.46 -13.34
C GLU C 191 19.52 -36.32 -12.13
N CYS C 192 19.48 -35.73 -10.93
CA CYS C 192 19.09 -36.50 -9.75
C CYS C 192 17.60 -36.74 -9.70
N LEU C 193 16.80 -35.70 -9.92
CA LEU C 193 15.35 -35.87 -9.92
C LEU C 193 14.89 -36.67 -11.13
N ARG C 194 15.72 -36.73 -12.16
CA ARG C 194 15.36 -37.43 -13.39
C ARG C 194 15.38 -38.93 -13.17
N GLY C 195 16.33 -39.43 -12.39
CA GLY C 195 16.53 -40.86 -12.31
C GLY C 195 15.57 -41.53 -11.37
N GLY C 196 14.86 -40.76 -10.56
CA GLY C 196 13.85 -41.38 -9.74
C GLY C 196 13.64 -40.79 -8.38
N LEU C 197 14.47 -39.85 -7.97
CA LEU C 197 14.30 -39.28 -6.64
C LEU C 197 13.13 -38.32 -6.60
N ASP C 198 12.66 -38.06 -5.39
CA ASP C 198 11.50 -37.20 -5.18
C ASP C 198 11.87 -35.79 -4.81
N PHE C 199 13.06 -35.59 -4.28
CA PHE C 199 13.52 -34.31 -3.80
C PHE C 199 15.02 -34.21 -3.93
N THR C 200 15.48 -33.02 -4.20
CA THR C 200 16.88 -32.67 -4.06
C THR C 200 16.96 -31.52 -3.04
N LYS C 201 18.16 -31.20 -2.60
CA LYS C 201 18.31 -30.39 -1.39
C LYS C 201 19.47 -29.41 -1.54
N ASP C 202 19.21 -28.15 -1.21
CA ASP C 202 20.29 -27.19 -1.00
C ASP C 202 21.09 -27.56 0.24
N ASP C 203 22.38 -27.35 0.18
CA ASP C 203 23.19 -27.33 1.39
C ASP C 203 22.71 -26.20 2.28
N GLU C 204 22.78 -26.41 3.59
CA GLU C 204 22.24 -25.45 4.53
C GLU C 204 23.05 -24.16 4.57
N ASN C 205 24.30 -24.19 4.12
CA ASN C 205 25.08 -22.98 3.99
C ASN C 205 25.11 -22.43 2.56
N VAL C 206 24.38 -23.05 1.65
CA VAL C 206 24.00 -22.44 0.38
C VAL C 206 22.84 -21.50 0.69
N ASN C 207 23.12 -20.19 0.80
CA ASN C 207 22.05 -19.21 0.92
C ASN C 207 22.08 -18.23 -0.25
N SER C 208 23.08 -17.40 -0.32
CA SER C 208 23.33 -16.39 -1.34
C SER C 208 24.79 -16.00 -1.12
N GLN C 209 25.66 -16.39 -2.02
CA GLN C 209 27.09 -16.16 -1.92
C GLN C 209 27.54 -15.55 -3.24
N PRO C 210 28.75 -14.98 -3.30
CA PRO C 210 29.21 -14.39 -4.57
C PRO C 210 29.29 -15.33 -5.76
N PHE C 211 29.41 -16.65 -5.56
CA PHE C 211 29.52 -17.54 -6.71
C PHE C 211 28.17 -17.98 -7.22
N MET C 212 27.16 -18.03 -6.35
CA MET C 212 25.83 -18.43 -6.75
C MET C 212 24.87 -17.63 -5.90
N ARG C 213 24.33 -16.56 -6.45
CA ARG C 213 23.33 -15.79 -5.75
C ARG C 213 22.06 -16.60 -5.67
N TRP C 214 21.17 -16.20 -4.76
CA TRP C 214 20.02 -17.03 -4.46
C TRP C 214 19.01 -16.99 -5.59
N ARG C 215 18.88 -15.87 -6.28
CA ARG C 215 17.77 -15.77 -7.21
C ARG C 215 18.13 -16.39 -8.56
N ASP C 216 19.42 -16.40 -8.89
CA ASP C 216 19.89 -17.17 -10.04
C ASP C 216 19.77 -18.65 -9.78
N ARG C 217 19.84 -19.06 -8.52
CA ARG C 217 19.67 -20.46 -8.19
C ARG C 217 18.22 -20.89 -8.30
N PHE C 218 17.27 -20.03 -7.93
CA PHE C 218 15.87 -20.46 -7.87
C PHE C 218 15.28 -20.67 -9.25
N LEU C 219 15.89 -20.11 -10.29
CA LEU C 219 15.37 -20.27 -11.64
C LEU C 219 15.90 -21.54 -12.28
N PHE C 220 17.20 -21.78 -12.15
CA PHE C 220 17.79 -23.00 -12.68
C PHE C 220 17.35 -24.22 -11.89
N VAL C 221 16.96 -24.04 -10.63
CA VAL C 221 16.31 -25.13 -9.94
C VAL C 221 14.91 -25.36 -10.51
N ALA C 222 14.14 -24.29 -10.71
CA ALA C 222 12.77 -24.44 -11.21
C ALA C 222 12.75 -24.87 -12.66
N GLU C 223 13.78 -24.53 -13.42
CA GLU C 223 13.90 -25.08 -14.77
C GLU C 223 14.26 -26.56 -14.70
N ALA C 224 14.99 -26.97 -13.67
CA ALA C 224 15.37 -28.37 -13.56
C ALA C 224 14.27 -29.20 -12.91
N ILE C 225 13.42 -28.59 -12.09
CA ILE C 225 12.31 -29.34 -11.51
C ILE C 225 11.22 -29.57 -12.55
N TYR C 226 10.85 -28.52 -13.28
CA TYR C 226 9.79 -28.63 -14.28
C TYR C 226 10.19 -29.50 -15.45
N LYS C 227 11.50 -29.66 -15.68
CA LYS C 227 11.96 -30.52 -16.76
C LYS C 227 12.05 -31.97 -16.31
N ALA C 228 12.48 -32.22 -15.08
CA ALA C 228 12.53 -33.59 -14.59
C ALA C 228 11.15 -34.08 -14.25
N GLN C 229 10.22 -33.17 -14.01
CA GLN C 229 8.83 -33.52 -13.78
C GLN C 229 8.13 -33.93 -15.06
N ALA C 230 8.33 -33.17 -16.14
CA ALA C 230 7.66 -33.45 -17.39
C ALA C 230 8.18 -34.74 -18.02
N GLU C 231 9.41 -35.10 -17.71
CA GLU C 231 9.98 -36.32 -18.26
C GLU C 231 9.50 -37.56 -17.53
N THR C 232 9.49 -37.54 -16.21
CA THR C 232 9.12 -38.73 -15.45
C THR C 232 7.61 -38.82 -15.27
N GLY C 233 6.91 -37.71 -15.36
CA GLY C 233 5.49 -37.66 -15.07
C GLY C 233 5.14 -37.63 -13.61
N GLU C 234 6.13 -37.58 -12.74
CA GLU C 234 5.98 -37.55 -11.29
C GLU C 234 6.27 -36.15 -10.79
N VAL C 235 5.73 -35.83 -9.62
CA VAL C 235 5.94 -34.51 -9.01
C VAL C 235 7.34 -34.47 -8.42
N LYS C 236 8.07 -33.39 -8.64
CA LYS C 236 9.44 -33.26 -8.18
C LYS C 236 9.60 -31.97 -7.39
N GLY C 237 10.59 -31.93 -6.51
CA GLY C 237 10.85 -30.73 -5.77
C GLY C 237 12.31 -30.62 -5.42
N HIS C 238 12.70 -29.41 -5.04
CA HIS C 238 14.01 -29.12 -4.48
C HIS C 238 13.79 -28.15 -3.34
N TYR C 239 14.39 -28.46 -2.18
CA TYR C 239 14.26 -27.60 -1.01
C TYR C 239 15.10 -26.35 -1.20
N LEU C 240 14.49 -25.28 -1.67
CA LEU C 240 15.20 -24.05 -1.93
C LEU C 240 15.41 -23.30 -0.63
N ASN C 241 16.67 -23.02 -0.29
CA ASN C 241 17.02 -22.48 1.02
C ASN C 241 16.61 -21.02 1.12
N ALA C 242 15.55 -20.77 1.86
CA ALA C 242 15.06 -19.43 2.11
C ALA C 242 15.60 -18.85 3.41
N THR C 243 16.48 -19.56 4.12
CA THR C 243 17.21 -18.99 5.24
C THR C 243 18.00 -17.77 4.80
N ALA C 244 17.84 -16.66 5.51
CA ALA C 244 18.37 -15.41 5.03
C ALA C 244 18.83 -14.56 6.21
N GLY C 245 19.34 -13.39 5.88
CA GLY C 245 19.98 -12.54 6.87
C GLY C 245 19.02 -11.75 7.71
N THR C 246 17.90 -11.33 7.13
CA THR C 246 16.85 -10.58 7.79
C THR C 246 15.51 -11.22 7.46
N CYS C 247 14.47 -10.89 8.23
CA CYS C 247 13.13 -11.43 7.98
C CYS C 247 12.59 -10.97 6.63
N GLU C 248 13.11 -9.87 6.12
CA GLU C 248 12.65 -9.29 4.88
C GLU C 248 13.33 -9.92 3.68
N GLU C 249 14.62 -10.25 3.79
CA GLU C 249 15.26 -11.11 2.80
C GLU C 249 14.58 -12.46 2.75
N MET C 250 14.29 -13.03 3.92
CA MET C 250 13.71 -14.36 4.03
C MET C 250 12.33 -14.43 3.40
N MET C 251 11.53 -13.39 3.54
CA MET C 251 10.23 -13.39 2.91
C MET C 251 10.34 -13.09 1.42
N LYS C 252 11.46 -12.51 1.01
CA LYS C 252 11.67 -12.19 -0.39
C LYS C 252 12.07 -13.42 -1.18
N ARG C 253 12.85 -14.31 -0.57
CA ARG C 253 13.10 -15.61 -1.16
C ARG C 253 11.80 -16.42 -1.29
N ALA C 254 10.91 -16.27 -0.33
CA ALA C 254 9.76 -17.16 -0.23
C ALA C 254 8.65 -16.74 -1.18
N VAL C 255 8.54 -15.46 -1.44
CA VAL C 255 7.71 -14.86 -2.47
C VAL C 255 8.16 -15.33 -3.85
N SMC C 256 9.46 -15.51 -3.99
CA SMC C 256 10.04 -15.99 -5.21
CB SMC C 256 11.54 -15.84 -5.19
SG SMC C 256 12.31 -16.31 -6.70
CS SMC C 256 11.45 -15.31 -7.81
C SMC C 256 9.68 -17.45 -5.51
O SMC C 256 9.42 -17.84 -6.63
N ALA C 257 9.64 -18.27 -4.48
CA ALA C 257 9.21 -19.64 -4.62
C ALA C 257 7.70 -19.77 -4.79
N LYS C 258 6.94 -18.85 -4.20
CA LYS C 258 5.50 -18.78 -4.46
C LYS C 258 5.22 -18.52 -5.94
N GLU C 259 5.97 -17.62 -6.55
CA GLU C 259 5.70 -17.11 -7.88
C GLU C 259 6.30 -17.94 -9.00
N LEU C 260 7.30 -18.74 -8.70
CA LEU C 260 7.70 -19.81 -9.59
C LEU C 260 6.79 -21.03 -9.47
N GLY C 261 6.06 -21.17 -8.38
CA GLY C 261 5.13 -22.25 -8.19
C GLY C 261 5.79 -23.54 -7.79
N VAL C 262 7.04 -23.49 -7.35
CA VAL C 262 7.80 -24.65 -6.91
C VAL C 262 7.26 -25.10 -5.56
N PRO C 263 7.33 -26.40 -5.24
CA PRO C 263 6.57 -26.91 -4.08
C PRO C 263 7.12 -26.60 -2.70
N ILE C 264 8.44 -26.56 -2.48
CA ILE C 264 8.99 -26.67 -1.12
C ILE C 264 10.23 -25.80 -0.96
N ILE C 265 10.32 -25.14 0.20
CA ILE C 265 11.49 -24.39 0.63
C ILE C 265 12.00 -24.99 1.92
N MET C 266 13.22 -24.60 2.30
CA MET C 266 13.80 -25.06 3.54
C MET C 266 14.28 -23.89 4.39
N HIS C 267 14.43 -24.16 5.68
CA HIS C 267 14.77 -23.15 6.66
C HIS C 267 15.61 -23.76 7.77
N ASP C 268 16.78 -23.16 8.01
CA ASP C 268 17.57 -23.45 9.20
C ASP C 268 16.98 -22.72 10.41
N TYR C 269 16.41 -23.46 11.36
CA TYR C 269 15.61 -22.80 12.40
C TYR C 269 16.33 -22.57 13.72
N LEU C 270 17.42 -23.28 13.99
CA LEU C 270 18.18 -23.00 15.18
C LEU C 270 19.27 -21.97 14.94
N THR C 271 19.49 -21.59 13.70
CA THR C 271 20.38 -20.48 13.38
C THR C 271 19.64 -19.28 12.84
N GLY C 272 18.49 -19.49 12.20
CA GLY C 272 17.60 -18.39 11.89
C GLY C 272 16.75 -17.98 13.06
N GLY C 273 16.46 -18.90 13.98
CA GLY C 273 15.72 -18.62 15.18
C GLY C 273 14.26 -19.01 15.07
N PHE C 274 13.58 -19.00 16.21
CA PHE C 274 12.21 -19.44 16.22
C PHE C 274 11.23 -18.37 15.78
N THR C 275 11.62 -17.11 15.86
CA THR C 275 10.73 -16.03 15.42
C THR C 275 10.69 -15.97 13.89
N ALA C 276 11.84 -16.13 13.25
CA ALA C 276 11.89 -16.22 11.80
C ALA C 276 11.23 -17.48 11.28
N ASN C 277 11.40 -18.60 11.98
CA ASN C 277 10.79 -19.86 11.56
C ASN C 277 9.27 -19.80 11.63
N THR C 278 8.73 -19.29 12.74
CA THR C 278 7.29 -19.23 12.90
C THR C 278 6.67 -18.24 11.94
N SER C 279 7.41 -17.22 11.55
CA SER C 279 6.95 -16.28 10.55
C SER C 279 6.85 -16.95 9.19
N LEU C 280 7.89 -17.68 8.82
CA LEU C 280 7.91 -18.39 7.54
C LEU C 280 6.88 -19.50 7.50
N ALA C 281 6.71 -20.22 8.61
CA ALA C 281 5.76 -21.32 8.68
C ALA C 281 4.32 -20.86 8.56
N ILE C 282 4.02 -19.62 8.94
CA ILE C 282 2.69 -19.07 8.75
C ILE C 282 2.51 -18.60 7.33
N TYR C 283 3.58 -18.10 6.73
CA TYR C 283 3.54 -17.74 5.32
C TYR C 283 3.38 -18.97 4.45
N CYS C 284 4.00 -20.08 4.84
CA CYS C 284 3.91 -21.32 4.08
C CYS C 284 2.52 -21.93 4.16
N ARG C 285 1.85 -21.82 5.29
CA ARG C 285 0.44 -22.19 5.39
C ARG C 285 -0.44 -21.30 4.55
N ASP C 286 -0.19 -20.00 4.58
CA ASP C 286 -1.04 -19.05 3.87
C ASP C 286 -0.86 -19.08 2.37
N ASN C 287 0.14 -19.77 1.84
CA ASN C 287 0.32 -19.84 0.40
C ASN C 287 0.63 -21.23 -0.10
N GLY C 288 0.43 -22.27 0.70
CA GLY C 288 0.52 -23.62 0.19
C GLY C 288 1.91 -24.13 -0.14
N LEU C 289 2.96 -23.44 0.27
CA LEU C 289 4.31 -23.98 0.16
C LEU C 289 4.56 -24.98 1.28
N LEU C 290 5.39 -25.97 0.99
CA LEU C 290 5.85 -26.88 2.03
C LEU C 290 7.13 -26.32 2.65
N LEU C 291 7.39 -26.72 3.90
CA LEU C 291 8.53 -26.19 4.66
C LEU C 291 9.40 -27.33 5.20
N HIS C 292 10.46 -27.65 4.47
CA HIS C 292 11.51 -28.49 5.00
C HIS C 292 12.26 -27.76 6.09
N ILE C 293 12.64 -28.44 7.16
CA ILE C 293 13.37 -27.78 8.23
C ILE C 293 14.66 -28.52 8.49
N HIS C 294 15.77 -27.84 8.26
CA HIS C 294 17.07 -28.36 8.59
C HIS C 294 17.46 -27.95 10.00
N ARG C 295 18.35 -28.72 10.62
CA ARG C 295 18.73 -28.51 12.02
C ARG C 295 20.22 -28.20 12.21
N ALA C 296 20.75 -27.24 11.45
CA ALA C 296 22.07 -26.70 11.73
C ALA C 296 22.13 -26.15 13.15
N MET C 297 23.27 -26.40 13.80
CA MET C 297 23.72 -26.01 15.15
C MET C 297 23.08 -26.89 16.23
N HIS C 298 22.55 -28.06 15.87
CA HIS C 298 21.83 -28.85 16.87
C HIS C 298 22.78 -29.50 17.86
N ALA C 299 23.97 -29.85 17.43
CA ALA C 299 24.91 -30.57 18.28
C ALA C 299 25.72 -29.66 19.17
N VAL C 300 25.65 -28.34 18.98
CA VAL C 300 26.09 -27.42 20.02
C VAL C 300 25.21 -27.59 21.25
N ILE C 301 23.92 -27.85 21.03
CA ILE C 301 22.92 -27.85 22.08
C ILE C 301 22.66 -29.27 22.61
N ASP C 302 22.58 -30.28 21.75
CA ASP C 302 22.01 -31.57 22.13
C ASP C 302 23.00 -32.72 22.29
N ARG C 303 24.29 -32.54 21.99
CA ARG C 303 25.18 -33.69 21.95
C ARG C 303 25.53 -34.21 23.35
N GLN C 304 25.96 -33.32 24.24
CA GLN C 304 26.49 -33.76 25.52
C GLN C 304 25.36 -34.24 26.43
N ARG C 305 25.63 -35.30 27.18
CA ARG C 305 24.57 -35.97 27.92
C ARG C 305 24.31 -35.29 29.25
N ASN C 306 25.34 -34.73 29.89
CA ASN C 306 25.10 -34.12 31.17
C ASN C 306 24.52 -32.71 31.09
N HIS C 307 24.58 -32.06 29.93
CA HIS C 307 24.29 -30.63 29.84
C HIS C 307 23.79 -30.24 28.47
N GLY C 308 22.62 -29.61 28.41
CA GLY C 308 22.14 -28.99 27.20
C GLY C 308 20.65 -29.10 27.09
N ILE C 309 20.15 -29.09 25.86
CA ILE C 309 18.76 -29.37 25.58
C ILE C 309 18.72 -30.51 24.57
N HIS C 310 18.16 -31.64 24.98
CA HIS C 310 18.06 -32.81 24.11
C HIS C 310 17.16 -32.54 22.93
N PHE C 311 17.42 -33.26 21.83
CA PHE C 311 16.75 -32.99 20.55
C PHE C 311 15.25 -33.21 20.61
N ARG C 312 14.76 -34.07 21.50
CA ARG C 312 13.32 -34.33 21.55
C ARG C 312 12.55 -33.11 22.05
N VAL C 313 13.17 -32.26 22.87
CA VAL C 313 12.57 -30.98 23.18
C VAL C 313 12.62 -30.07 21.97
N LEU C 314 13.74 -30.06 21.25
CA LEU C 314 13.88 -29.19 20.10
C LEU C 314 13.03 -29.65 18.93
N ALA C 315 12.64 -30.93 18.92
CA ALA C 315 11.76 -31.47 17.89
C ALA C 315 10.30 -31.27 18.22
N LYS C 316 9.94 -31.30 19.51
CA LYS C 316 8.60 -30.87 19.90
C LYS C 316 8.39 -29.41 19.57
N ALA C 317 9.40 -28.59 19.85
CA ALA C 317 9.30 -27.15 19.61
C ALA C 317 9.28 -26.79 18.15
N LEU C 318 9.90 -27.60 17.30
CA LEU C 318 9.80 -27.37 15.88
C LEU C 318 8.39 -27.63 15.39
N ARG C 319 7.76 -28.67 15.92
CA ARG C 319 6.41 -29.02 15.52
C ARG C 319 5.43 -27.93 15.91
N MET C 320 5.60 -27.36 17.09
CA MET C 320 4.73 -26.29 17.56
C MET C 320 4.94 -25.03 16.74
N SER C 321 6.20 -24.73 16.44
CA SER C 321 6.52 -23.61 15.55
C SER C 321 6.08 -23.91 14.13
N GLY C 322 6.28 -25.12 13.66
CA GLY C 322 5.92 -25.47 12.33
C GLY C 322 7.08 -25.89 11.46
N GLY C 323 6.86 -26.92 10.69
CA GLY C 323 7.76 -27.37 9.68
C GLY C 323 7.17 -28.65 9.15
N ASP C 324 7.37 -28.94 7.89
CA ASP C 324 6.78 -30.12 7.29
C ASP C 324 7.70 -31.32 7.31
N HIS C 325 9.00 -31.08 7.24
CA HIS C 325 10.04 -32.10 7.33
C HIS C 325 11.04 -31.66 8.39
N LEU C 326 11.75 -32.61 8.97
CA LEU C 326 12.79 -32.28 9.94
C LEU C 326 13.83 -33.38 9.93
N HIS C 327 15.09 -33.00 9.73
CA HIS C 327 16.22 -33.90 9.90
C HIS C 327 16.21 -34.52 11.28
N SER C 328 15.99 -35.81 11.34
CA SER C 328 15.99 -36.53 12.59
C SER C 328 17.30 -37.26 12.83
N GLY C 329 18.15 -37.39 11.82
CA GLY C 329 19.45 -37.98 11.99
C GLY C 329 19.57 -39.36 11.38
N THR C 330 20.74 -39.99 11.55
CA THR C 330 20.96 -41.35 11.11
C THR C 330 20.60 -42.30 12.23
N VAL C 331 20.15 -43.50 11.85
CA VAL C 331 20.03 -44.60 12.79
C VAL C 331 21.01 -45.72 12.44
N VAL C 332 21.40 -45.84 11.18
CA VAL C 332 22.38 -46.85 10.78
C VAL C 332 23.76 -46.47 11.29
N GLY C 333 24.55 -47.48 11.63
CA GLY C 333 25.86 -47.26 12.21
C GLY C 333 25.83 -46.92 13.68
N LYS C 334 24.78 -47.29 14.40
CA LYS C 334 24.60 -46.93 15.80
C LYS C 334 24.14 -48.13 16.61
N LEU C 335 24.41 -48.08 17.91
CA LEU C 335 23.96 -49.12 18.80
C LEU C 335 22.46 -49.02 19.04
N GLU C 336 21.89 -50.08 19.60
CA GLU C 336 20.45 -50.09 19.86
C GLU C 336 20.13 -49.62 21.27
N GLY C 337 20.73 -48.50 21.66
CA GLY C 337 20.33 -47.73 22.82
C GLY C 337 20.08 -46.32 22.35
N GLU C 338 20.78 -45.94 21.28
CA GLU C 338 20.46 -44.72 20.55
C GLU C 338 19.40 -44.98 19.50
N ARG C 339 19.18 -46.24 19.15
CA ARG C 339 18.11 -46.58 18.21
C ARG C 339 16.74 -46.43 18.88
N GLU C 340 16.63 -46.83 20.14
CA GLU C 340 15.36 -46.70 20.84
C GLU C 340 15.06 -45.25 21.19
N VAL C 341 16.10 -44.45 21.44
CA VAL C 341 15.90 -43.03 21.66
C VAL C 341 15.49 -42.34 20.38
N THR C 342 16.07 -42.74 19.24
CA THR C 342 15.72 -42.12 17.97
C THR C 342 14.31 -42.50 17.55
N LEU C 343 13.87 -43.71 17.88
CA LEU C 343 12.48 -44.08 17.64
C LEU C 343 11.53 -43.36 18.57
N GLY C 344 12.03 -42.80 19.67
CA GLY C 344 11.18 -42.06 20.58
C GLY C 344 10.87 -40.65 20.10
N PHE C 345 11.89 -39.91 19.66
CA PHE C 345 11.56 -38.57 19.19
C PHE C 345 11.00 -38.55 17.79
N VAL C 346 11.04 -39.65 17.06
CA VAL C 346 10.32 -39.70 15.79
C VAL C 346 8.83 -39.91 16.03
N ASP C 347 8.46 -40.62 17.09
CA ASP C 347 7.05 -40.73 17.44
C ASP C 347 6.49 -39.43 17.98
N LEU C 348 7.32 -38.62 18.63
CA LEU C 348 6.86 -37.30 19.06
C LEU C 348 6.58 -36.40 17.87
N MET C 349 7.31 -36.61 16.77
CA MET C 349 7.12 -35.84 15.54
C MET C 349 5.90 -36.29 14.76
N ARG C 350 5.66 -37.59 14.68
CA ARG C 350 4.67 -38.10 13.73
C ARG C 350 3.32 -38.37 14.35
N ASP C 351 3.28 -38.79 15.61
CA ASP C 351 2.06 -39.33 16.18
C ASP C 351 1.21 -38.24 16.79
N ASP C 352 -0.01 -38.63 17.13
CA ASP C 352 -0.97 -37.75 17.76
C ASP C 352 -0.95 -37.91 19.27
N TYR C 353 -0.72 -39.14 19.75
CA TYR C 353 -0.75 -39.42 21.18
C TYR C 353 0.38 -40.38 21.50
N VAL C 354 1.33 -39.92 22.30
CA VAL C 354 2.52 -40.68 22.62
C VAL C 354 2.52 -40.97 24.11
N GLU C 355 2.43 -42.24 24.47
CA GLU C 355 2.46 -42.68 25.86
C GLU C 355 3.80 -42.41 26.50
N LYS C 356 3.80 -42.44 27.83
CA LYS C 356 5.03 -42.35 28.61
C LYS C 356 5.82 -43.64 28.46
N ASP C 357 7.10 -43.52 28.15
CA ASP C 357 7.95 -44.67 27.89
C ASP C 357 9.38 -44.26 28.24
N ARG C 358 9.87 -44.70 29.39
CA ARG C 358 11.19 -44.31 29.84
C ARG C 358 12.29 -44.98 29.04
N SER C 359 11.99 -46.11 28.40
CA SER C 359 13.00 -46.82 27.63
C SER C 359 13.34 -46.09 26.33
N ARG C 360 12.38 -45.36 25.76
CA ARG C 360 12.63 -44.56 24.58
C ARG C 360 12.92 -43.10 24.91
N GLY C 361 13.09 -42.77 26.18
CA GLY C 361 13.40 -41.41 26.57
C GLY C 361 12.22 -40.50 26.66
N ILE C 362 11.00 -41.02 26.59
CA ILE C 362 9.79 -40.21 26.62
C ILE C 362 9.38 -40.10 28.08
N TYR C 363 9.48 -38.90 28.65
CA TYR C 363 9.26 -38.80 30.09
C TYR C 363 7.86 -38.37 30.46
N PHE C 364 7.04 -37.97 29.50
CA PHE C 364 5.69 -37.55 29.79
C PHE C 364 4.77 -38.19 28.78
N THR C 365 3.48 -37.88 28.88
CA THR C 365 2.52 -38.28 27.87
C THR C 365 2.16 -37.08 27.02
N GLN C 366 2.25 -37.23 25.71
CA GLN C 366 2.05 -36.09 24.83
C GLN C 366 0.83 -36.31 23.95
N ASP C 367 -0.25 -35.62 24.27
CA ASP C 367 -1.39 -35.47 23.37
C ASP C 367 -1.09 -34.31 22.42
N TRP C 368 -1.10 -34.57 21.13
CA TRP C 368 -0.85 -33.53 20.14
C TRP C 368 -2.10 -32.89 19.59
N CYS C 369 -3.28 -33.42 19.95
CA CYS C 369 -4.57 -32.74 19.84
C CYS C 369 -4.88 -32.33 18.40
N SER C 370 -4.57 -33.25 17.48
CA SER C 370 -4.75 -33.16 16.04
C SER C 370 -3.86 -32.12 15.38
N MET C 371 -2.75 -31.74 15.99
CA MET C 371 -1.71 -31.00 15.27
C MET C 371 -1.04 -31.98 14.30
N PRO C 372 -0.77 -31.56 13.06
CA PRO C 372 -0.25 -32.48 12.05
C PRO C 372 1.16 -32.96 12.33
N GLY C 373 1.48 -34.11 11.77
CA GLY C 373 2.78 -34.70 11.98
C GLY C 373 3.86 -34.04 11.18
N VAL C 374 5.10 -34.29 11.58
CA VAL C 374 6.26 -33.81 10.84
C VAL C 374 6.95 -35.04 10.29
N MET C 375 7.29 -35.01 9.03
CA MET C 375 7.96 -36.14 8.41
C MET C 375 9.44 -36.11 8.76
N PRO C 376 9.97 -37.15 9.40
CA PRO C 376 11.40 -37.15 9.70
C PRO C 376 12.25 -37.40 8.46
N VAL C 377 13.34 -36.66 8.34
CA VAL C 377 14.29 -36.89 7.28
C VAL C 377 15.50 -37.60 7.86
N ALA C 378 15.80 -38.77 7.32
CA ALA C 378 16.85 -39.63 7.84
C ALA C 378 17.98 -39.70 6.83
N SER C 379 19.17 -39.30 7.26
CA SER C 379 20.35 -39.34 6.41
C SER C 379 20.78 -40.79 6.22
N GLY C 380 20.51 -41.36 5.05
CA GLY C 380 20.89 -42.71 4.77
C GLY C 380 22.38 -42.86 4.61
N GLY C 381 22.83 -44.11 4.60
CA GLY C 381 24.24 -44.39 4.54
C GLY C 381 24.86 -44.09 3.20
N ILE C 382 26.13 -44.49 3.07
CA ILE C 382 26.90 -44.24 1.86
C ILE C 382 26.37 -45.09 0.70
N HIS C 383 25.86 -46.28 1.01
CA HIS C 383 25.45 -47.23 0.00
C HIS C 383 23.97 -47.61 0.15
N VAL C 384 23.53 -48.53 -0.71
CA VAL C 384 22.14 -48.96 -0.75
C VAL C 384 21.82 -50.09 0.20
N TRP C 385 22.82 -50.66 0.85
CA TRP C 385 22.59 -51.80 1.74
C TRP C 385 22.03 -51.39 3.08
N HIS C 386 21.96 -50.09 3.38
CA HIS C 386 21.27 -49.64 4.59
C HIS C 386 19.78 -49.46 4.37
N MET C 387 19.31 -49.64 3.14
CA MET C 387 17.89 -49.47 2.85
C MET C 387 16.97 -50.49 3.53
N PRO C 388 17.31 -51.79 3.66
CA PRO C 388 16.44 -52.64 4.50
C PRO C 388 16.44 -52.28 5.97
N ALA C 389 17.49 -51.62 6.45
CA ALA C 389 17.48 -51.16 7.83
C ALA C 389 16.52 -49.99 7.99
N LEU C 390 16.50 -49.08 7.03
CA LEU C 390 15.74 -47.85 7.18
C LEU C 390 14.24 -48.05 6.94
N VAL C 391 13.87 -49.00 6.10
CA VAL C 391 12.45 -49.28 5.89
C VAL C 391 11.85 -49.94 7.12
N GLU C 392 12.61 -50.80 7.78
CA GLU C 392 12.10 -51.47 8.97
C GLU C 392 12.04 -50.54 10.18
N ILE C 393 13.03 -49.65 10.32
CA ILE C 393 13.05 -48.69 11.42
C ILE C 393 11.99 -47.62 11.24
N PHE C 394 11.89 -47.03 10.05
CA PHE C 394 11.04 -45.88 9.82
C PHE C 394 9.69 -46.18 9.19
N GLY C 395 9.58 -47.24 8.39
CA GLY C 395 8.34 -47.45 7.68
C GLY C 395 8.23 -46.49 6.52
N ASP C 396 7.00 -46.08 6.22
CA ASP C 396 6.73 -45.22 5.08
C ASP C 396 6.89 -43.74 5.37
N ASP C 397 6.47 -43.27 6.54
CA ASP C 397 6.47 -41.83 6.80
C ASP C 397 7.85 -41.39 7.23
N ALA C 398 8.72 -41.24 6.24
CA ALA C 398 10.09 -40.76 6.41
C ALA C 398 10.61 -40.36 5.05
N CYS C 399 11.39 -39.29 5.02
CA CYS C 399 12.25 -39.02 3.89
C CYS C 399 13.62 -39.62 4.19
N LEU C 400 14.29 -40.07 3.13
CA LEU C 400 15.58 -40.73 3.26
C LEU C 400 16.54 -40.02 2.33
N GLN C 401 17.69 -39.62 2.86
CA GLN C 401 18.61 -38.86 2.03
C GLN C 401 19.94 -39.55 1.83
N PHE C 402 20.41 -39.48 0.59
CA PHE C 402 21.62 -40.12 0.13
C PHE C 402 22.41 -39.03 -0.58
N GLY C 403 23.17 -38.26 0.19
CA GLY C 403 23.94 -37.17 -0.38
C GLY C 403 25.12 -37.68 -1.19
N GLY C 404 25.71 -38.79 -0.75
CA GLY C 404 26.80 -39.40 -1.48
C GLY C 404 26.45 -40.75 -2.05
N GLY C 405 25.16 -41.10 -2.02
CA GLY C 405 24.71 -42.36 -2.58
C GLY C 405 24.36 -42.22 -4.05
N THR C 406 23.78 -41.07 -4.40
CA THR C 406 23.45 -40.82 -5.80
C THR C 406 24.64 -40.25 -6.55
N LEU C 407 25.42 -39.37 -5.89
CA LEU C 407 26.56 -38.74 -6.54
C LEU C 407 27.72 -39.71 -6.74
N GLY C 408 27.89 -40.68 -5.84
CA GLY C 408 29.01 -41.61 -5.89
C GLY C 408 28.80 -42.84 -6.73
N HIS C 409 27.76 -42.88 -7.54
CA HIS C 409 27.55 -44.01 -8.44
C HIS C 409 28.54 -43.92 -9.59
N PRO C 410 29.08 -45.04 -10.06
CA PRO C 410 30.07 -44.99 -11.16
C PRO C 410 29.49 -44.58 -12.51
N TRP C 411 28.18 -44.54 -12.67
CA TRP C 411 27.57 -44.14 -13.93
C TRP C 411 27.03 -42.72 -13.91
N GLY C 412 26.82 -42.14 -12.72
CA GLY C 412 26.40 -40.77 -12.68
C GLY C 412 25.30 -40.46 -11.69
N ASN C 413 24.52 -39.42 -11.98
CA ASN C 413 23.42 -39.07 -11.08
C ASN C 413 22.12 -39.77 -11.44
N ALA C 414 21.80 -39.88 -12.72
CA ALA C 414 20.52 -40.51 -13.03
C ALA C 414 20.51 -42.03 -12.86
N PRO C 415 21.57 -42.80 -13.19
CA PRO C 415 21.56 -44.19 -12.75
C PRO C 415 21.69 -44.36 -11.25
N GLY C 416 22.38 -43.45 -10.57
CA GLY C 416 22.50 -43.56 -9.13
C GLY C 416 21.20 -43.28 -8.41
N ALA C 417 20.41 -42.35 -8.94
CA ALA C 417 19.10 -42.06 -8.39
C ALA C 417 18.11 -43.17 -8.65
N ALA C 418 18.30 -43.90 -9.75
CA ALA C 418 17.46 -45.06 -10.01
C ALA C 418 17.79 -46.21 -9.08
N ALA C 419 19.09 -46.37 -8.78
CA ALA C 419 19.55 -47.48 -7.95
C ALA C 419 19.00 -47.41 -6.54
N ASN C 420 18.85 -46.20 -5.99
CA ASN C 420 18.18 -46.06 -4.71
C ASN C 420 16.69 -46.31 -4.85
N ARG C 421 16.07 -45.74 -5.86
CA ARG C 421 14.64 -45.87 -6.08
C ARG C 421 14.24 -47.30 -6.37
N VAL C 422 15.09 -48.06 -7.06
CA VAL C 422 14.84 -49.49 -7.25
C VAL C 422 15.00 -50.24 -5.94
N ALA C 423 16.04 -49.92 -5.16
CA ALA C 423 16.28 -50.59 -3.89
C ALA C 423 15.23 -50.23 -2.85
N LEU C 424 14.74 -48.99 -2.88
CA LEU C 424 13.68 -48.58 -1.97
C LEU C 424 12.39 -49.33 -2.25
N GLU C 425 11.99 -49.40 -3.52
CA GLU C 425 10.74 -50.06 -3.85
C GLU C 425 10.84 -51.57 -3.75
N ALA C 426 12.05 -52.12 -3.90
CA ALA C 426 12.21 -53.56 -3.71
C ALA C 426 12.08 -53.94 -2.24
N CYS C 427 12.66 -53.14 -1.35
CA CYS C 427 12.57 -53.41 0.08
C CYS C 427 11.17 -53.16 0.60
N THR C 428 10.47 -52.18 0.03
CA THR C 428 9.08 -51.92 0.41
C THR C 428 8.20 -53.09 0.02
N GLN C 429 8.45 -53.70 -1.14
CA GLN C 429 7.61 -54.80 -1.61
C GLN C 429 7.84 -56.04 -0.76
N ALA C 430 9.09 -56.28 -0.37
CA ALA C 430 9.40 -57.42 0.49
C ALA C 430 8.81 -57.26 1.88
N ARG C 431 8.59 -56.02 2.33
CA ARG C 431 7.87 -55.82 3.58
C ARG C 431 6.40 -56.20 3.45
N ASN C 432 5.75 -55.77 2.37
CA ASN C 432 4.33 -56.03 2.23
C ASN C 432 4.06 -57.50 1.96
N GLU C 433 5.00 -58.18 1.30
CA GLU C 433 4.92 -59.63 1.11
C GLU C 433 5.19 -60.39 2.39
N GLY C 434 5.73 -59.76 3.41
CA GLY C 434 5.86 -60.34 4.73
C GLY C 434 7.26 -60.69 5.16
N ARG C 435 8.26 -60.40 4.33
CA ARG C 435 9.63 -60.85 4.61
C ARG C 435 10.29 -60.00 5.68
N ASP C 436 11.14 -60.63 6.49
CA ASP C 436 11.86 -59.94 7.55
C ASP C 436 13.07 -59.24 6.94
N LEU C 437 13.03 -57.90 6.91
CA LEU C 437 14.14 -57.14 6.36
C LEU C 437 15.34 -57.05 7.29
N ALA C 438 15.20 -57.47 8.55
CA ALA C 438 16.37 -57.55 9.42
C ALA C 438 17.25 -58.74 9.06
N ARG C 439 16.65 -59.77 8.47
CA ARG C 439 17.38 -60.99 8.10
C ARG C 439 17.48 -61.16 6.60
N GLU C 440 16.35 -61.12 5.90
CA GLU C 440 16.32 -61.39 4.47
C GLU C 440 16.58 -60.16 3.62
N GLY C 441 17.02 -59.05 4.23
CA GLY C 441 17.17 -57.81 3.49
C GLY C 441 18.33 -57.81 2.51
N GLY C 442 19.34 -58.64 2.75
CA GLY C 442 20.39 -58.81 1.76
C GLY C 442 19.93 -59.62 0.56
N ASP C 443 19.06 -60.59 0.77
CA ASP C 443 18.56 -61.42 -0.31
C ASP C 443 17.52 -60.73 -1.16
N VAL C 444 16.99 -59.61 -0.69
CA VAL C 444 16.04 -58.81 -1.47
C VAL C 444 16.77 -57.81 -2.36
N ILE C 445 17.85 -57.22 -1.86
CA ILE C 445 18.69 -56.37 -2.69
C ILE C 445 19.33 -57.18 -3.81
N ARG C 446 19.84 -58.38 -3.48
CA ARG C 446 20.46 -59.23 -4.49
C ARG C 446 19.47 -59.79 -5.49
N SER C 447 18.19 -59.89 -5.14
CA SER C 447 17.21 -60.29 -6.14
C SER C 447 16.89 -59.15 -7.11
N ALA C 448 17.22 -57.92 -6.72
CA ALA C 448 17.02 -56.76 -7.58
C ALA C 448 18.29 -56.31 -8.27
N CYS C 449 19.46 -56.83 -7.86
CA CYS C 449 20.68 -56.61 -8.65
C CYS C 449 20.60 -57.38 -9.97
N LYS C 450 19.72 -58.39 -10.04
CA LYS C 450 19.65 -59.24 -11.23
C LYS C 450 19.00 -58.52 -12.40
N TRP C 451 17.74 -58.10 -12.24
CA TRP C 451 17.01 -57.55 -13.36
C TRP C 451 17.29 -56.07 -13.61
N SER C 452 17.99 -55.38 -12.71
CA SER C 452 18.27 -53.96 -12.88
C SER C 452 19.76 -53.76 -12.99
N PRO C 453 20.25 -53.18 -14.10
CA PRO C 453 21.70 -52.98 -14.23
C PRO C 453 22.22 -51.83 -13.40
N GLU C 454 21.36 -50.86 -13.09
CA GLU C 454 21.79 -49.67 -12.37
C GLU C 454 22.10 -50.01 -10.92
N LEU C 455 21.23 -50.79 -10.29
CA LEU C 455 21.48 -51.23 -8.92
C LEU C 455 22.66 -52.18 -8.86
N ALA C 456 22.84 -53.02 -9.90
CA ALA C 456 23.95 -53.97 -9.91
C ALA C 456 25.30 -53.27 -9.98
N ALA C 457 25.36 -52.13 -10.67
CA ALA C 457 26.58 -51.33 -10.67
C ALA C 457 26.84 -50.70 -9.30
N ALA C 458 25.79 -50.50 -8.52
CA ALA C 458 25.97 -50.09 -7.14
C ALA C 458 26.08 -51.28 -6.20
N CYS C 459 25.54 -52.45 -6.59
CA CYS C 459 25.80 -53.68 -5.84
C CYS C 459 27.27 -54.06 -5.91
N GLU C 460 27.92 -53.74 -7.04
CA GLU C 460 29.31 -54.12 -7.26
C GLU C 460 30.27 -53.30 -6.40
N VAL C 461 29.94 -52.06 -6.08
CA VAL C 461 30.78 -51.26 -5.20
C VAL C 461 30.59 -51.69 -3.76
N MET D 46 -34.73 25.98 40.98
CA MET D 46 -33.96 25.34 39.93
C MET D 46 -32.55 25.91 39.92
N MET D 47 -31.56 25.06 40.13
CA MET D 47 -30.20 25.55 40.27
C MET D 47 -29.36 25.17 39.06
N VAL D 48 -28.12 25.64 39.06
CA VAL D 48 -27.15 25.37 38.01
C VAL D 48 -25.91 24.79 38.64
N TRP D 49 -25.52 23.62 38.18
CA TRP D 49 -24.29 22.99 38.64
C TRP D 49 -23.10 23.78 38.13
N THR D 50 -22.11 23.99 39.00
CA THR D 50 -21.21 25.04 38.53
C THR D 50 -20.05 24.48 37.71
N PRO D 51 -19.64 25.19 36.66
CA PRO D 51 -18.50 24.76 35.86
C PRO D 51 -17.17 25.33 36.29
N VAL D 52 -17.18 26.30 37.20
CA VAL D 52 -16.02 27.11 37.52
C VAL D 52 -15.42 26.59 38.82
N ASN D 53 -14.15 26.15 38.75
CA ASN D 53 -13.38 25.66 39.89
C ASN D 53 -14.10 24.53 40.63
N ASN D 54 -14.45 23.48 39.90
CA ASN D 54 -15.26 22.42 40.45
C ASN D 54 -14.60 21.07 40.15
N LYS D 55 -13.30 20.94 40.34
CA LYS D 55 -12.65 19.68 39.99
C LYS D 55 -13.02 18.57 40.98
N MET D 56 -12.99 17.35 40.49
CA MET D 56 -13.35 16.23 41.30
C MET D 56 -12.35 15.13 41.13
N PHE D 57 -12.35 14.24 42.11
CA PHE D 57 -11.53 13.05 42.14
C PHE D 57 -12.60 11.96 42.08
N GLU D 58 -12.31 10.89 41.37
CA GLU D 58 -13.36 9.97 41.05
C GLU D 58 -14.21 9.35 42.14
N THR D 59 -13.66 8.80 43.20
CA THR D 59 -14.55 8.18 44.15
C THR D 59 -14.68 9.05 45.39
N PHE D 60 -15.92 9.24 45.85
CA PHE D 60 -16.30 9.89 47.10
C PHE D 60 -16.04 11.39 47.08
N SER D 61 -15.97 11.99 45.89
CA SER D 61 -15.77 13.41 45.74
C SER D 61 -17.06 14.20 45.61
N TYR D 62 -18.15 13.54 45.28
CA TYR D 62 -19.46 14.15 45.22
C TYR D 62 -20.14 14.09 46.57
N LEU D 63 -19.42 13.64 47.59
CA LEU D 63 -19.78 13.59 48.99
C LEU D 63 -19.05 14.72 49.70
N PRO D 64 -19.51 15.17 50.88
CA PRO D 64 -18.73 16.12 51.66
C PRO D 64 -17.48 15.46 52.20
N PRO D 65 -16.41 16.24 52.54
CA PRO D 65 -15.10 15.65 52.90
C PRO D 65 -15.14 14.70 54.08
N LEU D 66 -14.43 13.58 53.96
CA LEU D 66 -14.60 12.50 54.91
C LEU D 66 -13.95 12.86 56.24
N SER D 67 -14.68 12.61 57.33
CA SER D 67 -14.11 12.81 58.65
C SER D 67 -13.13 11.70 58.97
N ASP D 68 -12.44 11.86 60.09
CA ASP D 68 -11.45 10.86 60.50
C ASP D 68 -12.13 9.56 60.93
N GLU D 69 -13.40 9.65 61.34
CA GLU D 69 -14.15 8.44 61.65
C GLU D 69 -14.66 7.77 60.39
N GLN D 70 -14.94 8.55 59.35
CA GLN D 70 -15.36 7.96 58.08
C GLN D 70 -14.18 7.40 57.30
N ILE D 71 -12.99 8.00 57.45
CA ILE D 71 -11.81 7.40 56.86
C ILE D 71 -11.44 6.13 57.61
N ALA D 72 -11.62 6.11 58.93
CA ALA D 72 -11.37 4.89 59.69
C ALA D 72 -12.41 3.81 59.39
N ALA D 73 -13.62 4.21 58.97
CA ALA D 73 -14.62 3.22 58.60
C ALA D 73 -14.29 2.56 57.27
N GLN D 74 -13.58 3.27 56.38
CA GLN D 74 -13.22 2.68 55.10
C GLN D 74 -12.01 1.78 55.24
N VAL D 75 -11.07 2.13 56.12
CA VAL D 75 -9.91 1.28 56.35
C VAL D 75 -10.30 0.00 57.07
N ASP D 76 -11.35 0.05 57.91
CA ASP D 76 -11.92 -1.18 58.48
C ASP D 76 -12.46 -2.09 57.38
N TYR D 77 -13.05 -1.51 56.34
CA TYR D 77 -13.46 -2.28 55.17
C TYR D 77 -12.26 -2.76 54.37
N ILE D 78 -11.16 -2.01 54.35
CA ILE D 78 -9.95 -2.46 53.67
C ILE D 78 -9.26 -3.58 54.43
N VAL D 79 -9.38 -3.60 55.76
CA VAL D 79 -8.69 -4.62 56.55
C VAL D 79 -9.58 -5.85 56.79
N ALA D 80 -10.92 -5.70 56.73
CA ALA D 80 -11.84 -6.83 56.94
C ALA D 80 -11.65 -7.92 55.90
N ASN D 81 -11.24 -7.55 54.69
CA ASN D 81 -10.69 -8.47 53.72
C ASN D 81 -9.20 -8.19 53.54
N GLY D 82 -8.52 -9.01 52.77
CA GLY D 82 -7.07 -8.92 52.80
C GLY D 82 -6.46 -7.87 51.90
N TRP D 83 -6.90 -6.61 52.03
CA TRP D 83 -6.41 -5.54 51.17
C TRP D 83 -5.37 -4.73 51.93
N ILE D 84 -4.59 -3.98 51.17
CA ILE D 84 -3.39 -3.36 51.69
C ILE D 84 -3.51 -1.85 51.43
N PRO D 85 -3.68 -1.03 52.47
CA PRO D 85 -3.88 0.40 52.24
C PRO D 85 -2.56 1.08 51.95
N CYS D 86 -2.62 2.18 51.19
CA CYS D 86 -1.41 2.88 50.78
C CYS D 86 -1.82 4.30 50.45
N LEU D 87 -0.97 5.28 50.76
CA LEU D 87 -1.31 6.66 50.46
C LEU D 87 -0.58 7.15 49.23
N GLU D 88 -1.17 8.15 48.59
CA GLU D 88 -0.54 8.81 47.45
C GLU D 88 -0.71 10.30 47.58
N PHE D 89 0.04 11.04 46.79
CA PHE D 89 -0.09 12.48 46.80
C PHE D 89 0.37 13.07 45.48
N ALA D 90 -0.19 14.24 45.18
CA ALA D 90 0.19 15.02 44.02
C ALA D 90 0.00 16.49 44.34
N GLU D 91 0.78 17.34 43.67
CA GLU D 91 0.60 18.78 43.74
C GLU D 91 -0.60 19.22 42.92
N SER D 92 -0.79 20.53 42.84
CA SER D 92 -1.95 21.06 42.13
C SER D 92 -1.85 20.87 40.62
N ASP D 93 -0.64 20.77 40.09
CA ASP D 93 -0.41 20.57 38.67
C ASP D 93 -0.24 19.11 38.27
N LYS D 94 -0.17 18.17 39.22
CA LYS D 94 -0.04 16.76 38.89
C LYS D 94 -1.22 15.98 39.42
N ALA D 95 -2.31 16.67 39.78
CA ALA D 95 -3.44 16.05 40.46
C ALA D 95 -4.46 15.49 39.49
N TYR D 96 -4.97 16.32 38.60
CA TYR D 96 -5.98 15.90 37.66
C TYR D 96 -5.41 15.75 36.26
N VAL D 97 -6.26 15.23 35.38
CA VAL D 97 -5.84 14.61 34.13
C VAL D 97 -5.36 15.64 33.11
N SER D 98 -4.41 15.24 32.27
CA SER D 98 -3.88 16.16 31.26
C SER D 98 -3.39 15.37 30.05
N ASN D 99 -3.08 16.10 28.97
CA ASN D 99 -2.78 15.51 27.67
C ASN D 99 -1.36 15.77 27.23
N GLU D 100 -0.54 16.38 28.09
CA GLU D 100 0.64 17.11 27.63
C GLU D 100 1.76 16.23 27.07
N SER D 101 1.75 14.94 27.34
CA SER D 101 2.79 14.09 26.76
C SER D 101 2.45 13.63 25.35
N ALA D 102 1.23 13.84 24.90
CA ALA D 102 0.76 13.45 23.57
C ALA D 102 1.28 14.34 22.48
N ILE D 103 2.04 15.37 22.82
CA ILE D 103 2.80 16.13 21.83
C ILE D 103 3.89 15.25 21.21
N ARG D 104 4.31 14.19 21.90
CA ARG D 104 5.32 13.28 21.37
C ARG D 104 4.74 12.10 20.64
N PHE D 105 3.44 12.05 20.40
CA PHE D 105 2.85 10.82 19.91
C PHE D 105 2.56 10.89 18.42
N GLY D 106 2.38 9.70 17.84
CA GLY D 106 1.61 9.50 16.64
C GLY D 106 0.15 9.35 17.02
N SER D 107 -0.58 8.44 16.41
CA SER D 107 -2.00 8.33 16.76
C SER D 107 -2.26 7.22 17.78
N VAL D 108 -1.53 7.24 18.87
CA VAL D 108 -1.58 6.21 19.90
C VAL D 108 -2.16 6.77 21.18
N SER D 109 -2.99 7.79 21.05
CA SER D 109 -3.43 8.60 22.18
C SER D 109 -4.66 8.06 22.90
N CYS D 110 -5.28 6.98 22.43
CA CYS D 110 -6.49 6.46 23.05
C CYS D 110 -6.18 5.87 24.41
N LEU D 111 -6.89 6.36 25.43
CA LEU D 111 -6.77 5.93 26.83
C LEU D 111 -5.37 6.09 27.37
N TYR D 112 -4.65 7.06 26.84
CA TYR D 112 -3.46 7.57 27.48
C TYR D 112 -3.83 8.88 28.14
N TYR D 113 -3.45 9.04 29.39
CA TYR D 113 -3.55 10.33 30.04
C TYR D 113 -2.30 10.53 30.87
N ASP D 114 -2.12 11.74 31.35
CA ASP D 114 -1.15 12.02 32.38
C ASP D 114 -1.86 12.24 33.70
N ASN D 115 -1.07 12.20 34.77
CA ASN D 115 -1.51 12.42 36.14
C ASN D 115 -2.49 11.38 36.60
N ARG D 116 -2.38 10.16 36.10
CA ARG D 116 -3.08 9.04 36.72
C ARG D 116 -2.23 8.36 37.75
N TYR D 117 -0.91 8.45 37.62
CA TYR D 117 -0.01 8.10 38.70
C TYR D 117 0.16 9.29 39.61
N TRP D 118 0.05 9.05 40.90
CA TRP D 118 0.55 9.97 41.90
C TRP D 118 1.71 9.31 42.61
N THR D 119 2.47 10.11 43.34
CA THR D 119 3.63 9.60 44.05
C THR D 119 3.19 8.85 45.29
N MET D 120 3.74 7.66 45.51
CA MET D 120 3.37 6.88 46.68
C MET D 120 3.96 7.51 47.93
N TRP D 121 3.26 7.43 49.05
CA TRP D 121 3.80 7.97 50.28
C TRP D 121 4.26 6.73 50.99
N LYS D 122 5.56 6.68 51.25
CA LYS D 122 6.19 5.53 51.91
C LYS D 122 5.93 4.24 51.15
N LEU D 123 5.48 3.21 51.86
CA LEU D 123 5.21 1.90 51.29
C LEU D 123 3.83 1.41 51.68
N PRO D 124 3.29 0.42 50.96
CA PRO D 124 1.99 -0.12 51.32
C PRO D 124 2.04 -0.75 52.70
N MET D 125 0.99 -0.58 53.49
CA MET D 125 0.95 -1.07 54.86
C MET D 125 0.66 -2.57 54.84
N PHE D 126 1.73 -3.35 54.74
CA PHE D 126 1.57 -4.79 54.73
C PHE D 126 1.34 -5.30 56.15
N GLY D 127 0.35 -6.19 56.29
CA GLY D 127 -0.02 -6.66 57.61
C GLY D 127 -0.66 -5.59 58.46
N CYS D 128 -1.46 -4.73 57.85
CA CYS D 128 -2.10 -3.63 58.55
C CYS D 128 -3.40 -4.13 59.17
N ARG D 129 -3.47 -4.08 60.50
CA ARG D 129 -4.67 -4.46 61.22
C ARG D 129 -5.35 -3.26 61.87
N ASP D 130 -4.59 -2.22 62.20
CA ASP D 130 -5.09 -1.08 62.92
C ASP D 130 -5.36 0.10 61.99
N PRO D 131 -6.58 0.62 61.95
CA PRO D 131 -6.86 1.75 61.05
C PRO D 131 -6.31 3.08 61.53
N MET D 132 -5.85 3.17 62.77
CA MET D 132 -5.27 4.43 63.25
C MET D 132 -3.84 4.61 62.76
N GLN D 133 -3.13 3.50 62.47
CA GLN D 133 -1.80 3.59 61.89
C GLN D 133 -1.84 4.21 60.49
N VAL D 134 -2.92 3.97 59.74
CA VAL D 134 -3.08 4.61 58.45
C VAL D 134 -3.44 6.07 58.64
N LEU D 135 -4.22 6.36 59.68
CA LEU D 135 -4.74 7.71 59.87
C LEU D 135 -3.67 8.65 60.40
N ARG D 136 -2.64 8.10 61.07
CA ARG D 136 -1.48 8.90 61.46
C ARG D 136 -0.67 9.31 60.24
N GLU D 137 -0.69 8.49 59.20
CA GLU D 137 0.12 8.77 58.02
C GLU D 137 -0.51 9.85 57.15
N ILE D 138 -1.82 10.07 57.30
CA ILE D 138 -2.47 11.15 56.57
C ILE D 138 -2.05 12.50 57.12
N VAL D 139 -1.97 12.60 58.45
CA VAL D 139 -1.47 13.82 59.09
C VAL D 139 0.02 13.99 58.79
N ALA D 140 0.76 12.89 58.75
CA ALA D 140 2.20 12.97 58.53
C ALA D 140 2.52 13.35 57.09
N CYS D 141 1.68 12.94 56.14
CA CYS D 141 1.92 13.28 54.74
C CYS D 141 1.65 14.75 54.47
N THR D 142 0.54 15.27 55.01
CA THR D 142 0.16 16.65 54.73
C THR D 142 1.02 17.64 55.51
N LYS D 143 1.68 17.18 56.56
CA LYS D 143 2.69 18.02 57.20
C LYS D 143 3.90 18.20 56.30
N ALA D 144 4.33 17.12 55.64
CA ALA D 144 5.45 17.21 54.72
C ALA D 144 5.06 17.96 53.45
N PHE D 145 3.81 17.80 53.02
CA PHE D 145 3.33 18.41 51.77
C PHE D 145 2.01 19.11 52.06
N PRO D 146 2.06 20.37 52.47
CA PRO D 146 0.81 21.09 52.77
C PRO D 146 0.06 21.54 51.53
N ASP D 147 0.69 21.52 50.37
CA ASP D 147 0.06 21.94 49.13
C ASP D 147 -0.33 20.77 48.25
N ALA D 148 -0.63 19.61 48.84
CA ALA D 148 -0.80 18.38 48.09
C ALA D 148 -2.12 17.69 48.43
N TYR D 149 -2.80 17.21 47.40
CA TYR D 149 -3.91 16.27 47.53
C TYR D 149 -3.38 14.94 48.03
N VAL D 150 -4.24 14.19 48.71
CA VAL D 150 -3.86 12.87 49.24
C VAL D 150 -4.98 11.90 48.95
N ARG D 151 -4.66 10.75 48.35
CA ARG D 151 -5.65 9.70 48.20
C ARG D 151 -5.17 8.41 48.82
N LEU D 152 -6.11 7.69 49.40
CA LEU D 152 -5.89 6.37 49.97
C LEU D 152 -6.29 5.33 48.94
N VAL D 153 -5.31 4.56 48.47
CA VAL D 153 -5.58 3.50 47.51
C VAL D 153 -5.46 2.19 48.25
N ALA D 154 -6.00 1.14 47.65
CA ALA D 154 -5.86 -0.19 48.22
C ALA D 154 -5.50 -1.17 47.12
N PHE D 155 -4.80 -2.22 47.50
CA PHE D 155 -4.31 -3.22 46.57
C PHE D 155 -4.76 -4.58 47.04
N ASP D 156 -5.09 -5.47 46.10
CA ASP D 156 -5.44 -6.83 46.45
C ASP D 156 -4.18 -7.68 46.44
N ASN D 157 -4.12 -8.65 47.34
CA ASN D 157 -2.92 -9.46 47.48
C ASN D 157 -2.96 -10.65 46.55
N GLN D 158 -4.13 -11.30 46.44
CA GLN D 158 -4.24 -12.51 45.64
C GLN D 158 -4.49 -12.20 44.18
N LYS D 159 -5.05 -11.02 43.88
CA LYS D 159 -5.36 -10.68 42.50
C LYS D 159 -4.25 -9.78 41.94
N GLN D 160 -3.50 -9.13 42.82
CA GLN D 160 -2.38 -8.23 42.50
C GLN D 160 -2.81 -7.10 41.57
N VAL D 161 -3.74 -6.29 42.07
CA VAL D 161 -4.34 -5.20 41.32
C VAL D 161 -4.81 -4.17 42.34
N GLN D 162 -5.04 -2.94 41.88
CA GLN D 162 -5.55 -1.88 42.74
C GLN D 162 -7.07 -1.97 42.83
N ILE D 163 -7.60 -1.85 44.06
CA ILE D 163 -8.99 -2.17 44.30
C ILE D 163 -9.83 -0.92 44.40
N MET D 164 -9.52 -0.06 45.35
CA MET D 164 -10.31 1.12 45.63
C MET D 164 -9.36 2.28 45.80
N GLY D 165 -9.78 3.46 45.37
CA GLY D 165 -8.95 4.64 45.53
C GLY D 165 -9.77 5.90 45.69
N PHE D 166 -9.62 6.60 46.81
CA PHE D 166 -10.51 7.70 47.12
C PHE D 166 -9.79 8.81 47.86
N LEU D 167 -10.12 10.05 47.50
CA LEU D 167 -9.45 11.21 48.03
C LEU D 167 -9.76 11.40 49.50
N VAL D 168 -8.72 11.56 50.31
CA VAL D 168 -8.88 11.74 51.75
C VAL D 168 -8.40 13.09 52.24
N GLN D 169 -7.80 13.92 51.39
CA GLN D 169 -7.32 15.21 51.83
C GLN D 169 -7.19 16.14 50.63
N ARG D 170 -7.65 17.37 50.80
CA ARG D 170 -7.44 18.46 49.87
C ARG D 170 -6.56 19.52 50.51
N PRO D 171 -5.74 20.22 49.74
CA PRO D 171 -4.98 21.33 50.30
C PRO D 171 -5.89 22.54 50.49
N LYS D 172 -5.49 23.42 51.39
CA LYS D 172 -6.24 24.65 51.57
C LYS D 172 -5.84 25.71 50.57
N SER D 173 -4.61 25.64 50.07
CA SER D 173 -4.09 26.65 49.17
C SER D 173 -4.60 26.48 47.74
N ALA D 174 -5.39 25.46 47.46
CA ALA D 174 -5.89 25.23 46.12
C ALA D 174 -7.31 25.76 45.98
N ARG D 175 -7.57 26.44 44.86
CA ARG D 175 -8.90 26.93 44.54
C ARG D 175 -9.53 26.14 43.41
N ASP D 176 -9.28 24.84 43.34
CA ASP D 176 -9.77 23.99 42.27
C ASP D 176 -11.11 23.33 42.59
N TRP D 177 -11.55 23.36 43.86
CA TRP D 177 -12.73 22.63 44.28
C TRP D 177 -13.70 23.53 45.04
N GLN D 178 -14.99 23.16 44.98
CA GLN D 178 -16.03 23.90 45.66
C GLN D 178 -16.41 23.22 46.96
N PRO D 179 -16.60 23.96 48.05
CA PRO D 179 -16.85 23.34 49.36
C PRO D 179 -18.28 22.86 49.53
N ALA D 180 -18.65 21.84 48.76
CA ALA D 180 -19.88 21.05 48.87
C ALA D 180 -21.18 21.82 48.63
N ASN D 181 -21.09 23.13 48.43
CA ASN D 181 -22.24 23.98 48.11
C ASN D 181 -21.93 24.53 46.73
N LYS D 182 -22.22 23.71 45.73
CA LYS D 182 -21.79 23.92 44.36
C LYS D 182 -22.98 23.84 43.42
N ARG D 183 -24.17 23.87 44.01
CA ARG D 183 -25.39 24.35 43.39
C ARG D 183 -25.84 23.54 42.18
N LYS E 18 -31.23 -36.99 13.72
CA LYS E 18 -31.51 -38.23 13.01
C LYS E 18 -30.56 -39.33 13.44
N ASP E 19 -30.85 -39.96 14.57
CA ASP E 19 -30.00 -41.00 15.14
C ASP E 19 -30.71 -42.34 15.15
N TYR E 20 -29.91 -43.42 15.17
CA TYR E 20 -30.47 -44.75 15.35
C TYR E 20 -30.47 -45.15 16.82
N ARG E 21 -30.10 -44.23 17.70
CA ARG E 21 -30.14 -44.25 19.17
C ARG E 21 -29.04 -45.14 19.77
N LEU E 22 -28.35 -45.94 18.96
CA LEU E 22 -27.29 -46.80 19.46
C LEU E 22 -25.94 -46.10 19.47
N THR E 23 -25.64 -45.34 18.42
CA THR E 23 -24.31 -44.76 18.28
C THR E 23 -24.23 -43.37 18.90
N TYR E 24 -25.36 -42.68 19.01
CA TYR E 24 -25.34 -41.29 19.45
C TYR E 24 -25.86 -41.10 20.87
N TYR E 25 -26.39 -42.13 21.48
CA TYR E 25 -26.79 -42.08 22.90
C TYR E 25 -25.86 -43.03 23.65
N THR E 26 -24.80 -42.46 24.23
CA THR E 26 -23.79 -43.24 24.94
C THR E 26 -23.79 -42.83 26.40
N PRO E 27 -24.63 -43.42 27.26
CA PRO E 27 -24.63 -42.99 28.66
C PRO E 27 -23.45 -43.51 29.46
N ASP E 28 -22.74 -44.50 28.92
CA ASP E 28 -21.58 -45.05 29.61
C ASP E 28 -20.32 -44.26 29.31
N TYR E 29 -20.44 -43.22 28.48
CA TYR E 29 -19.30 -42.44 28.03
C TYR E 29 -18.83 -41.46 29.11
N VAL E 30 -17.51 -41.31 29.21
CA VAL E 30 -16.88 -40.38 30.12
C VAL E 30 -16.40 -39.20 29.30
N VAL E 31 -16.81 -37.99 29.66
CA VAL E 31 -16.51 -36.82 28.85
C VAL E 31 -15.04 -36.46 29.00
N ARG E 32 -14.53 -35.75 28.01
CA ARG E 32 -13.13 -35.36 28.00
C ARG E 32 -12.97 -33.95 28.53
N ASP E 33 -11.74 -33.59 28.86
CA ASP E 33 -11.47 -32.23 29.30
C ASP E 33 -11.31 -31.28 28.12
N THR E 34 -11.24 -31.79 26.91
CA THR E 34 -11.27 -30.95 25.72
C THR E 34 -12.62 -30.94 25.05
N ASP E 35 -13.59 -31.67 25.57
CA ASP E 35 -14.92 -31.72 24.96
C ASP E 35 -15.65 -30.40 25.14
N ILE E 36 -16.36 -30.02 24.10
CA ILE E 36 -17.40 -29.01 24.21
C ILE E 36 -18.67 -29.71 24.68
N LEU E 37 -19.23 -29.25 25.78
CA LEU E 37 -20.45 -29.83 26.31
C LEU E 37 -21.59 -28.86 26.07
N ALA E 38 -22.76 -29.38 25.79
CA ALA E 38 -23.95 -28.58 25.55
C ALA E 38 -25.09 -29.16 26.35
N ALA E 39 -25.99 -28.30 26.84
CA ALA E 39 -27.13 -28.74 27.64
C ALA E 39 -28.40 -28.23 26.98
N PHE E 40 -29.19 -29.13 26.41
CA PHE E 40 -30.38 -28.74 25.67
C PHE E 40 -31.62 -29.02 26.49
N ARG E 41 -32.46 -27.99 26.68
CA ARG E 41 -33.82 -28.21 27.12
C ARG E 41 -34.65 -28.62 25.92
N MET E 42 -35.27 -29.80 26.00
CA MET E 42 -35.68 -30.56 24.83
C MET E 42 -37.11 -31.05 25.02
N THR E 43 -38.04 -30.56 24.22
CA THR E 43 -39.43 -30.99 24.27
C THR E 43 -39.74 -31.91 23.10
N PRO E 44 -40.03 -33.19 23.33
CA PRO E 44 -40.33 -34.08 22.22
C PRO E 44 -41.74 -33.90 21.69
N GLN E 45 -41.97 -34.46 20.50
CA GLN E 45 -43.33 -34.68 20.02
C GLN E 45 -43.99 -35.76 20.86
N PRO E 46 -45.32 -35.78 20.97
CA PRO E 46 -45.98 -36.80 21.79
C PRO E 46 -45.86 -38.19 21.17
N GLY E 47 -45.14 -39.07 21.86
CA GLY E 47 -44.87 -40.40 21.39
C GLY E 47 -43.41 -40.68 21.07
N VAL E 48 -42.58 -39.65 20.97
CA VAL E 48 -41.16 -39.85 20.71
C VAL E 48 -40.46 -40.07 22.05
N PRO E 49 -39.62 -41.09 22.18
CA PRO E 49 -38.94 -41.34 23.45
C PRO E 49 -37.91 -40.25 23.74
N PRO E 50 -37.58 -40.03 25.01
CA PRO E 50 -36.57 -39.01 25.32
C PRO E 50 -35.18 -39.40 24.88
N GLU E 51 -34.85 -40.68 24.90
CA GLU E 51 -33.51 -41.11 24.51
C GLU E 51 -33.31 -41.03 23.01
N GLU E 52 -34.34 -41.40 22.24
CA GLU E 52 -34.24 -41.29 20.78
C GLU E 52 -34.25 -39.84 20.35
N CYS E 53 -35.02 -38.99 21.02
CA CYS E 53 -35.01 -37.57 20.72
C CYS E 53 -33.70 -36.93 21.14
N GLY E 54 -33.11 -37.41 22.23
CA GLY E 54 -31.86 -36.84 22.72
C GLY E 54 -30.67 -37.22 21.88
N ALA E 55 -30.66 -38.43 21.31
CA ALA E 55 -29.57 -38.84 20.44
C ALA E 55 -29.67 -38.18 19.08
N ALA E 56 -30.87 -37.75 18.70
CA ALA E 56 -31.04 -37.07 17.43
C ALA E 56 -30.52 -35.64 17.47
N VAL E 57 -30.59 -34.99 18.64
CA VAL E 57 -29.96 -33.69 18.83
C VAL E 57 -28.45 -33.84 18.73
N ALA E 58 -27.92 -34.97 19.20
CA ALA E 58 -26.49 -35.23 19.12
C ALA E 58 -26.09 -35.62 17.71
N ALA E 59 -26.97 -36.29 16.98
CA ALA E 59 -26.60 -36.77 15.64
C ALA E 59 -26.63 -35.67 14.61
N GLU E 60 -27.56 -34.72 14.74
CA GLU E 60 -27.75 -33.56 13.86
C GLU E 60 -27.99 -33.97 12.41
N ASP E 78 -17.20 -41.38 13.75
CA ASP E 78 -17.12 -41.93 15.09
C ASP E 78 -16.17 -41.13 15.98
N ARG E 79 -15.13 -40.57 15.37
CA ARG E 79 -14.27 -39.64 16.09
C ARG E 79 -14.84 -38.24 16.08
N TYR E 80 -15.82 -37.99 15.23
CA TYR E 80 -16.37 -36.67 15.02
C TYR E 80 -17.83 -36.58 15.41
N LYS E 81 -18.38 -37.64 15.97
CA LYS E 81 -19.79 -37.59 16.36
C LYS E 81 -19.96 -36.88 17.70
N GLY E 82 -21.01 -36.09 17.79
CA GLY E 82 -21.50 -35.60 19.06
C GLY E 82 -22.39 -36.67 19.65
N ARG E 83 -22.20 -36.95 20.93
CA ARG E 83 -22.95 -38.00 21.61
C ARG E 83 -23.61 -37.52 22.89
N CYS E 84 -24.93 -37.66 22.92
CA CYS E 84 -25.74 -37.43 24.10
C CYS E 84 -25.37 -38.43 25.19
N TYR E 85 -24.88 -37.92 26.32
CA TYR E 85 -24.36 -38.77 27.38
C TYR E 85 -25.20 -38.77 28.65
N ASP E 86 -26.22 -37.93 28.75
CA ASP E 86 -27.04 -37.84 29.95
C ASP E 86 -28.35 -37.18 29.60
N ILE E 87 -29.45 -37.72 30.12
CA ILE E 87 -30.78 -37.17 29.94
C ILE E 87 -31.46 -37.15 31.29
N GLU E 88 -31.92 -35.97 31.70
CA GLU E 88 -32.57 -35.75 32.97
C GLU E 88 -33.98 -35.21 32.76
N PRO E 89 -34.96 -35.65 33.54
CA PRO E 89 -36.26 -34.97 33.52
C PRO E 89 -36.17 -33.60 34.14
N VAL E 90 -37.08 -32.72 33.74
CA VAL E 90 -37.22 -31.40 34.31
C VAL E 90 -38.34 -31.45 35.34
N PRO E 91 -38.10 -31.10 36.59
CA PRO E 91 -39.15 -31.19 37.62
C PRO E 91 -40.22 -30.12 37.41
N GLY E 92 -41.48 -30.56 37.41
CA GLY E 92 -42.60 -29.69 37.18
C GLY E 92 -43.09 -29.65 35.75
N GLU E 93 -42.24 -29.99 34.79
CA GLU E 93 -42.59 -30.05 33.38
C GLU E 93 -42.70 -31.52 32.99
N ASP E 94 -43.90 -31.94 32.58
CA ASP E 94 -44.14 -33.34 32.31
C ASP E 94 -43.54 -33.82 31.00
N ASN E 95 -43.09 -32.91 30.13
CA ASN E 95 -42.63 -33.31 28.81
C ASN E 95 -41.38 -32.54 28.40
N GLN E 96 -40.55 -32.16 29.36
CA GLN E 96 -39.28 -31.52 29.06
C GLN E 96 -38.15 -32.31 29.68
N TYR E 97 -36.98 -32.21 29.05
CA TYR E 97 -35.82 -33.02 29.41
C TYR E 97 -34.58 -32.17 29.20
N ILE E 98 -33.50 -32.57 29.86
CA ILE E 98 -32.21 -31.93 29.67
C ILE E 98 -31.30 -32.94 29.02
N ALA E 99 -30.99 -32.74 27.75
CA ALA E 99 -30.05 -33.59 27.03
C ALA E 99 -28.66 -32.96 27.13
N TYR E 100 -27.68 -33.71 27.61
CA TYR E 100 -26.31 -33.26 27.66
C TYR E 100 -25.56 -33.89 26.50
N VAL E 101 -25.04 -33.07 25.60
CA VAL E 101 -24.34 -33.53 24.42
C VAL E 101 -22.88 -33.09 24.48
N ALA E 102 -21.95 -34.02 24.25
CA ALA E 102 -20.53 -33.74 24.18
C ALA E 102 -20.08 -33.64 22.74
N TYR E 103 -19.15 -32.74 22.45
CA TYR E 103 -18.61 -32.58 21.12
C TYR E 103 -17.10 -32.68 21.16
N PRO E 104 -16.48 -33.41 20.24
CA PRO E 104 -15.02 -33.41 20.15
C PRO E 104 -14.50 -32.05 19.70
N ILE E 105 -13.33 -31.67 20.21
CA ILE E 105 -12.75 -30.36 19.95
C ILE E 105 -12.29 -30.20 18.50
N ASP E 106 -12.19 -31.31 17.76
CA ASP E 106 -11.78 -31.23 16.36
C ASP E 106 -12.89 -30.75 15.45
N LEU E 107 -14.10 -30.53 15.96
CA LEU E 107 -15.19 -30.12 15.10
C LEU E 107 -15.15 -28.64 14.81
N PHE E 108 -14.23 -27.91 15.41
CA PHE E 108 -14.32 -26.47 15.57
C PHE E 108 -13.09 -25.78 15.01
N GLU E 109 -13.28 -24.56 14.52
CA GLU E 109 -12.17 -23.71 14.15
C GLU E 109 -11.62 -22.98 15.37
N GLU E 110 -10.30 -22.88 15.44
CA GLU E 110 -9.64 -22.06 16.43
C GLU E 110 -10.05 -20.59 16.25
N GLY E 111 -10.56 -20.00 17.32
CA GLY E 111 -10.85 -18.60 17.34
C GLY E 111 -12.11 -18.15 16.64
N SER E 112 -13.13 -18.99 16.56
CA SER E 112 -14.29 -18.69 15.73
C SER E 112 -15.58 -19.01 16.46
N VAL E 113 -16.34 -17.96 16.79
CA VAL E 113 -17.64 -18.12 17.41
C VAL E 113 -18.69 -18.42 16.35
N THR E 114 -18.40 -18.02 15.11
CA THR E 114 -19.24 -18.37 13.99
C THR E 114 -19.24 -19.87 13.74
N ASN E 115 -18.07 -20.50 13.79
CA ASN E 115 -17.99 -21.94 13.63
C ASN E 115 -18.56 -22.67 14.84
N MET E 116 -18.43 -22.09 16.03
CA MET E 116 -18.93 -22.77 17.21
C MET E 116 -20.45 -22.77 17.25
N PHE E 117 -21.09 -21.67 16.83
CA PHE E 117 -22.53 -21.68 16.78
C PHE E 117 -23.07 -22.47 15.60
N THR E 118 -22.36 -22.48 14.48
CA THR E 118 -22.86 -23.20 13.30
C THR E 118 -22.82 -24.71 13.53
N SER E 119 -21.90 -25.19 14.36
CA SER E 119 -21.85 -26.63 14.58
C SER E 119 -22.89 -27.07 15.60
N ILE E 120 -23.13 -26.26 16.63
CA ILE E 120 -23.98 -26.69 17.75
C ILE E 120 -25.45 -26.37 17.49
N VAL E 121 -25.79 -25.19 16.99
CA VAL E 121 -27.20 -24.85 16.84
C VAL E 121 -27.55 -24.56 15.39
N GLY E 122 -26.72 -25.05 14.47
CA GLY E 122 -26.89 -24.70 13.07
C GLY E 122 -28.03 -25.43 12.39
N ASN E 123 -28.32 -26.66 12.82
CA ASN E 123 -29.35 -27.46 12.15
C ASN E 123 -30.38 -28.06 13.07
N VAL E 124 -30.10 -28.25 14.37
CA VAL E 124 -30.95 -29.04 15.24
C VAL E 124 -32.32 -28.46 15.56
N PHE E 125 -32.53 -27.16 15.38
CA PHE E 125 -33.79 -26.64 15.91
C PHE E 125 -34.92 -26.85 14.92
N GLY E 126 -34.61 -27.10 13.66
CA GLY E 126 -35.62 -27.43 12.68
C GLY E 126 -36.00 -28.89 12.66
N PHE E 127 -35.50 -29.67 13.60
CA PHE E 127 -35.71 -31.11 13.59
C PHE E 127 -37.13 -31.43 14.05
N LYS E 128 -37.74 -32.43 13.40
CA LYS E 128 -39.20 -32.56 13.47
C LYS E 128 -39.65 -33.43 14.63
N ALA E 129 -38.77 -34.27 15.18
CA ALA E 129 -39.22 -35.19 16.22
C ALA E 129 -39.28 -34.50 17.58
N LEU E 130 -38.68 -33.32 17.71
CA LEU E 130 -38.85 -32.50 18.90
C LEU E 130 -39.76 -31.33 18.57
N ARG E 131 -40.49 -30.87 19.58
CA ARG E 131 -41.44 -29.80 19.37
C ARG E 131 -40.81 -28.44 19.65
N ALA E 132 -39.93 -28.37 20.62
CA ALA E 132 -39.24 -27.14 20.98
C ALA E 132 -37.87 -27.52 21.51
N LEU E 133 -36.91 -26.62 21.37
CA LEU E 133 -35.56 -26.90 21.82
C LEU E 133 -34.91 -25.65 22.37
N ARG E 134 -34.34 -25.72 23.55
CA ARG E 134 -33.58 -24.59 24.04
C ARG E 134 -32.20 -25.09 24.44
N LEU E 135 -31.17 -24.52 23.83
CA LEU E 135 -29.82 -24.63 24.37
C LEU E 135 -29.71 -23.74 25.60
N GLU E 136 -29.42 -24.35 26.75
CA GLU E 136 -29.37 -23.65 28.01
C GLU E 136 -27.98 -23.18 28.38
N ASP E 137 -27.01 -24.06 28.38
CA ASP E 137 -25.64 -23.70 28.73
C ASP E 137 -24.72 -24.39 27.75
N LEU E 138 -23.50 -23.89 27.67
CA LEU E 138 -22.40 -24.60 27.02
C LEU E 138 -21.31 -24.79 28.05
N ARG E 139 -20.40 -25.70 27.77
CA ARG E 139 -19.12 -25.73 28.46
C ARG E 139 -18.07 -25.46 27.40
N ILE E 140 -17.28 -24.43 27.62
CA ILE E 140 -16.15 -24.22 26.72
C ILE E 140 -14.92 -24.75 27.43
N PRO E 141 -14.21 -25.71 26.86
CA PRO E 141 -13.10 -26.29 27.55
C PRO E 141 -11.89 -25.38 27.45
N PRO E 142 -10.98 -25.43 28.43
CA PRO E 142 -9.83 -24.51 28.41
C PRO E 142 -8.86 -24.71 27.27
N ALA E 143 -8.96 -25.79 26.50
CA ALA E 143 -8.13 -25.92 25.32
C ALA E 143 -8.68 -25.15 24.15
N TYR E 144 -9.89 -24.65 24.26
CA TYR E 144 -10.54 -23.91 23.21
C TYR E 144 -10.84 -22.50 23.64
N VAL E 145 -10.86 -22.22 24.94
CA VAL E 145 -10.86 -20.85 25.42
C VAL E 145 -9.56 -20.17 25.02
N LYS E 146 -8.44 -20.90 25.05
CA LYS E 146 -7.14 -20.32 24.77
C LYS E 146 -6.91 -20.01 23.32
N THR E 147 -7.71 -20.56 22.42
CA THR E 147 -7.55 -20.22 21.02
C THR E 147 -8.17 -18.89 20.66
N PHE E 148 -8.87 -18.23 21.58
CA PHE E 148 -9.53 -17.00 21.19
C PHE E 148 -8.73 -15.81 21.71
N VAL E 149 -8.83 -14.70 21.00
CA VAL E 149 -8.24 -13.45 21.46
C VAL E 149 -8.99 -12.93 22.67
N GLY E 150 -10.30 -12.87 22.60
CA GLY E 150 -11.09 -12.51 23.74
C GLY E 150 -11.39 -11.03 23.84
N PRO E 151 -11.77 -10.60 25.02
CA PRO E 151 -12.03 -9.19 25.24
C PRO E 151 -10.74 -8.39 25.19
N PRO E 152 -10.77 -7.22 24.54
CA PRO E 152 -9.56 -6.42 24.39
C PRO E 152 -8.88 -6.01 25.68
N HIS E 153 -9.63 -5.61 26.70
CA HIS E 153 -8.99 -5.19 27.92
C HIS E 153 -9.50 -5.98 29.11
N GLY E 154 -10.79 -6.04 29.28
CA GLY E 154 -11.35 -6.66 30.46
C GLY E 154 -11.66 -5.68 31.54
N ILE E 155 -12.17 -6.22 32.65
CA ILE E 155 -12.60 -5.39 33.78
C ILE E 155 -11.40 -4.74 34.46
N GLN E 156 -10.34 -5.50 34.66
CA GLN E 156 -9.23 -5.02 35.48
C GLN E 156 -8.39 -3.98 34.74
N VAL E 157 -8.30 -4.08 33.42
CA VAL E 157 -7.43 -3.16 32.67
C VAL E 157 -8.17 -1.87 32.35
N GLU E 158 -9.44 -1.99 31.96
CA GLU E 158 -10.31 -0.83 31.76
C GLU E 158 -10.39 0.06 32.99
N ARG E 159 -10.60 -0.56 34.14
CA ARG E 159 -10.65 0.15 35.40
C ARG E 159 -9.33 0.85 35.73
N ASP E 160 -8.20 0.28 35.31
CA ASP E 160 -6.90 0.94 35.48
C ASP E 160 -6.77 2.12 34.54
N LYS E 161 -7.33 2.02 33.34
CA LYS E 161 -7.11 3.02 32.33
C LYS E 161 -8.00 4.23 32.52
N LEU E 162 -9.20 4.03 33.04
CA LEU E 162 -10.12 5.10 33.34
C LEU E 162 -9.88 5.69 34.73
N ASN E 163 -9.05 5.04 35.54
CA ASN E 163 -8.66 5.47 36.88
C ASN E 163 -9.86 5.63 37.80
N LYS E 164 -10.85 4.78 37.63
CA LYS E 164 -12.04 4.81 38.45
C LYS E 164 -12.06 3.53 39.27
N TYR E 165 -12.04 3.66 40.58
CA TYR E 165 -11.95 2.50 41.44
C TYR E 165 -13.04 2.52 42.50
N GLY E 166 -13.31 1.34 43.06
CA GLY E 166 -14.08 1.21 44.27
C GLY E 166 -15.55 1.55 44.18
N ARG E 167 -16.09 1.74 42.98
CA ARG E 167 -17.50 1.98 42.83
C ARG E 167 -17.92 1.53 41.45
N GLY E 168 -19.23 1.40 41.27
CA GLY E 168 -19.74 1.07 39.95
C GLY E 168 -19.55 2.23 38.99
N LEU E 169 -19.45 1.93 37.70
CA LEU E 169 -19.43 2.99 36.73
C LEU E 169 -20.87 3.42 36.43
N LEU E 170 -21.03 4.67 35.99
CA LEU E 170 -22.35 5.22 35.72
C LEU E 170 -22.50 5.64 34.27
N GLY E 171 -23.71 5.53 33.76
CA GLY E 171 -23.95 5.75 32.35
C GLY E 171 -25.30 6.40 32.15
N CYS E 172 -25.52 6.87 30.93
CA CYS E 172 -26.78 7.47 30.52
C CYS E 172 -26.90 7.38 29.01
N THR E 173 -28.04 6.94 28.51
CA THR E 173 -28.29 7.01 27.07
C THR E 173 -28.75 8.44 26.80
N ILE E 174 -28.43 9.02 25.67
CA ILE E 174 -28.89 10.38 25.39
C ILE E 174 -30.38 10.16 25.11
N LYS E 175 -31.24 10.94 25.75
CA LYS E 175 -32.68 10.61 25.67
C LYS E 175 -33.47 10.54 24.40
N PRO E 176 -33.33 11.51 23.49
CA PRO E 176 -34.11 11.30 22.26
C PRO E 176 -33.22 10.44 21.40
N LYS E 177 -33.68 9.24 21.04
CA LYS E 177 -32.86 8.36 20.23
C LYS E 177 -32.52 8.95 18.87
N LEU E 178 -33.51 9.53 18.17
CA LEU E 178 -33.30 10.10 16.84
C LEU E 178 -33.95 11.49 16.70
N GLY E 179 -33.47 12.29 15.75
CA GLY E 179 -33.93 13.64 15.54
C GLY E 179 -33.05 14.78 16.00
N LEU E 180 -32.04 14.53 16.83
CA LEU E 180 -31.19 15.65 17.20
C LEU E 180 -30.32 16.03 16.00
N SER E 181 -29.77 17.22 16.05
CA SER E 181 -28.62 17.51 15.21
C SER E 181 -27.39 16.87 15.85
N ALA E 182 -26.27 16.95 15.16
CA ALA E 182 -25.07 16.41 15.77
C ALA E 182 -24.56 17.35 16.87
N LYS E 183 -24.68 18.66 16.64
CA LYS E 183 -24.35 19.67 17.64
C LYS E 183 -25.18 19.53 18.90
N ASN E 184 -26.50 19.38 18.77
CA ASN E 184 -27.35 19.24 19.93
C ASN E 184 -27.23 17.87 20.58
N TYR E 185 -26.62 16.92 19.89
CA TYR E 185 -26.36 15.64 20.52
C TYR E 185 -25.24 15.76 21.53
N GLY E 186 -24.14 16.39 21.14
CA GLY E 186 -23.01 16.55 22.05
C GLY E 186 -23.29 17.50 23.19
N ARG E 187 -24.18 18.47 22.98
CA ARG E 187 -24.63 19.32 24.07
C ARG E 187 -25.39 18.53 25.12
N ALA E 188 -26.15 17.52 24.69
CA ALA E 188 -26.74 16.60 25.66
C ALA E 188 -25.66 15.69 26.23
N VAL E 189 -24.62 15.39 25.45
CA VAL E 189 -23.51 14.57 25.93
C VAL E 189 -22.63 15.39 26.86
N TYR E 190 -22.47 16.68 26.59
CA TYR E 190 -21.64 17.54 27.45
C TYR E 190 -22.24 17.71 28.84
N GLU E 191 -23.53 18.03 28.95
CA GLU E 191 -24.11 18.31 30.25
C GLU E 191 -24.24 17.06 31.12
N CYS E 192 -24.34 15.88 30.51
CA CYS E 192 -24.45 14.66 31.31
C CYS E 192 -23.10 14.25 31.88
N LEU E 193 -22.05 14.25 31.07
CA LEU E 193 -20.72 13.92 31.58
C LEU E 193 -20.20 14.98 32.52
N ARG E 194 -20.75 16.19 32.42
CA ARG E 194 -20.30 17.30 33.24
C ARG E 194 -20.72 17.13 34.69
N GLY E 195 -21.92 16.61 34.90
CA GLY E 195 -22.48 16.60 36.24
C GLY E 195 -21.96 15.46 37.09
N GLY E 196 -21.30 14.49 36.47
CA GLY E 196 -20.70 13.47 37.28
C GLY E 196 -20.67 12.09 36.69
N LEU E 197 -21.32 11.86 35.56
CA LEU E 197 -21.34 10.53 35.01
C LEU E 197 -20.01 10.19 34.35
N ASP E 198 -19.80 8.90 34.16
CA ASP E 198 -18.56 8.40 33.59
C ASP E 198 -18.64 8.11 32.11
N PHE E 199 -19.85 7.88 31.62
CA PHE E 199 -20.08 7.49 30.24
C PHE E 199 -21.44 7.99 29.80
N THR E 200 -21.52 8.35 28.53
CA THR E 200 -22.79 8.54 27.86
C THR E 200 -22.83 7.55 26.69
N LYS E 201 -23.99 7.40 26.07
CA LYS E 201 -24.22 6.25 25.20
C LYS E 201 -25.05 6.65 23.98
N ASP E 202 -24.58 6.26 22.81
CA ASP E 202 -25.40 6.30 21.61
C ASP E 202 -26.53 5.29 21.72
N ASP E 203 -27.70 5.67 21.22
CA ASP E 203 -28.73 4.67 20.96
C ASP E 203 -28.22 3.68 19.93
N GLU E 204 -28.65 2.42 20.07
CA GLU E 204 -28.13 1.37 19.22
C GLU E 204 -28.59 1.51 17.77
N ASN E 205 -29.67 2.25 17.52
CA ASN E 205 -30.09 2.54 16.16
C ASN E 205 -29.64 3.92 15.70
N VAL E 206 -28.89 4.65 16.50
CA VAL E 206 -28.08 5.77 16.05
C VAL E 206 -26.83 5.19 15.40
N ASN E 207 -26.81 5.12 14.07
CA ASN E 207 -25.59 4.73 13.37
C ASN E 207 -25.10 5.85 12.46
N SER E 208 -25.85 6.15 11.42
CA SER E 208 -25.60 7.19 10.43
C SER E 208 -26.91 7.31 9.70
N GLN E 209 -27.61 8.43 9.86
CA GLN E 209 -28.92 8.67 9.31
C GLN E 209 -28.89 10.04 8.68
N PRO E 210 -29.88 10.38 7.84
CA PRO E 210 -29.88 11.72 7.21
C PRO E 210 -29.90 12.90 8.16
N PHE E 211 -30.37 12.76 9.40
CA PHE E 211 -30.41 13.90 10.30
C PHE E 211 -29.12 14.08 11.06
N MET E 212 -28.40 13.00 11.32
CA MET E 212 -27.14 13.07 12.04
C MET E 212 -26.25 12.00 11.46
N ARG E 213 -25.36 12.39 10.56
CA ARG E 213 -24.39 11.45 10.02
C ARG E 213 -23.40 11.08 11.11
N TRP E 214 -22.70 9.98 10.89
CA TRP E 214 -21.88 9.43 11.96
C TRP E 214 -20.65 10.27 12.21
N ARG E 215 -20.09 10.90 11.18
CA ARG E 215 -18.81 11.54 11.39
C ARG E 215 -18.97 12.94 11.96
N ASP E 216 -20.11 13.57 11.68
CA ASP E 216 -20.47 14.81 12.36
C ASP E 216 -20.77 14.56 13.82
N ARG E 217 -21.24 13.36 14.15
CA ARG E 217 -21.50 13.01 15.53
C ARG E 217 -20.22 12.77 16.30
N PHE E 218 -19.19 12.18 15.67
CA PHE E 218 -18.00 11.79 16.42
C PHE E 218 -17.16 12.99 16.83
N LEU E 219 -17.35 14.14 16.18
CA LEU E 219 -16.58 15.32 16.52
C LEU E 219 -17.24 16.10 17.65
N PHE E 220 -18.54 16.29 17.57
CA PHE E 220 -19.27 16.96 18.63
C PHE E 220 -19.34 16.10 19.89
N VAL E 221 -19.22 14.79 19.75
CA VAL E 221 -19.03 13.98 20.93
C VAL E 221 -17.64 14.21 21.51
N ALA E 222 -16.61 14.19 20.67
CA ALA E 222 -15.24 14.34 21.16
C ALA E 222 -14.98 15.77 21.64
N GLU E 223 -15.70 16.75 21.10
CA GLU E 223 -15.63 18.08 21.67
C GLU E 223 -16.32 18.13 23.02
N ALA E 224 -17.36 17.32 23.19
CA ALA E 224 -18.08 17.32 24.46
C ALA E 224 -17.39 16.44 25.50
N ILE E 225 -16.65 15.43 25.07
CA ILE E 225 -15.91 14.61 26.04
C ILE E 225 -14.71 15.36 26.56
N TYR E 226 -13.93 15.96 25.67
CA TYR E 226 -12.71 16.67 26.08
C TYR E 226 -13.03 17.93 26.88
N LYS E 227 -14.24 18.47 26.73
CA LYS E 227 -14.63 19.64 27.49
C LYS E 227 -15.16 19.25 28.86
N ALA E 228 -15.93 18.15 28.94
CA ALA E 228 -16.42 17.72 30.24
C ALA E 228 -15.32 17.06 31.04
N GLN E 229 -14.28 16.59 30.36
CA GLN E 229 -13.11 16.04 31.02
C GLN E 229 -12.25 17.12 31.63
N ALA E 230 -12.00 18.21 30.89
CA ALA E 230 -11.14 19.26 31.39
C ALA E 230 -11.78 20.02 32.54
N GLU E 231 -13.10 20.02 32.58
CA GLU E 231 -13.81 20.71 33.66
C GLU E 231 -13.82 19.90 34.94
N THR E 232 -14.12 18.62 34.87
CA THR E 232 -14.23 17.83 36.08
C THR E 232 -12.89 17.28 36.52
N GLY E 233 -11.94 17.18 35.61
CA GLY E 233 -10.66 16.56 35.89
C GLY E 233 -10.66 15.05 35.87
N GLU E 234 -11.79 14.44 35.55
CA GLU E 234 -11.98 13.00 35.50
C GLU E 234 -12.02 12.56 34.05
N VAL E 235 -11.75 11.29 33.82
CA VAL E 235 -11.77 10.73 32.48
C VAL E 235 -13.22 10.49 32.08
N LYS E 236 -13.58 10.87 30.85
CA LYS E 236 -14.96 10.75 30.38
C LYS E 236 -14.98 10.00 29.06
N GLY E 237 -16.11 9.39 28.76
CA GLY E 237 -16.25 8.70 27.49
C GLY E 237 -17.68 8.72 27.01
N HIS E 238 -17.84 8.42 25.74
CA HIS E 238 -19.13 8.19 25.12
C HIS E 238 -18.97 7.00 24.18
N TYR E 239 -19.88 6.04 24.29
CA TYR E 239 -19.83 4.85 23.43
C TYR E 239 -20.27 5.23 22.03
N LEU E 240 -19.33 5.52 21.16
CA LEU E 240 -19.63 5.93 19.80
C LEU E 240 -19.97 4.70 18.98
N ASN E 241 -21.16 4.67 18.39
CA ASN E 241 -21.67 3.48 17.72
C ASN E 241 -20.95 3.26 16.40
N ALA E 242 -20.08 2.28 16.38
CA ALA E 242 -19.36 1.89 15.18
C ALA E 242 -20.03 0.76 14.44
N THR E 243 -21.20 0.29 14.89
CA THR E 243 -22.02 -0.63 14.11
C THR E 243 -22.36 -0.03 12.76
N ALA E 244 -22.10 -0.77 11.70
CA ALA E 244 -22.19 -0.21 10.37
C ALA E 244 -22.70 -1.25 9.39
N GLY E 245 -22.83 -0.84 8.14
CA GLY E 245 -23.46 -1.66 7.13
C GLY E 245 -22.56 -2.72 6.55
N THR E 246 -21.27 -2.42 6.43
CA THR E 246 -20.26 -3.33 5.93
C THR E 246 -19.07 -3.31 6.89
N CYS E 247 -18.20 -4.32 6.78
CA CYS E 247 -17.00 -4.39 7.63
C CYS E 247 -16.07 -3.23 7.37
N GLU E 248 -16.17 -2.62 6.20
CA GLU E 248 -15.30 -1.53 5.79
C GLU E 248 -15.81 -0.20 6.30
N GLU E 249 -17.13 0.02 6.31
CA GLU E 249 -17.71 1.14 7.04
C GLU E 249 -17.38 1.04 8.51
N MET E 250 -17.52 -0.15 9.08
CA MET E 250 -17.33 -0.37 10.50
C MET E 250 -15.89 -0.10 10.93
N MET E 251 -14.92 -0.44 10.10
CA MET E 251 -13.54 -0.14 10.44
C MET E 251 -13.22 1.33 10.18
N LYS E 252 -14.03 1.98 9.37
CA LYS E 252 -13.82 3.39 9.07
C LYS E 252 -14.31 4.27 10.20
N ARG E 253 -15.40 3.88 10.86
CA ARG E 253 -15.81 4.53 12.09
C ARG E 253 -14.76 4.36 13.18
N ALA E 254 -14.10 3.20 13.22
CA ALA E 254 -13.26 2.85 14.34
C ALA E 254 -11.89 3.50 14.24
N VAL E 255 -11.42 3.70 13.03
CA VAL E 255 -10.25 4.49 12.69
C VAL E 255 -10.46 5.94 13.11
N SMC E 256 -11.69 6.41 12.98
CA SMC E 256 -12.06 7.73 13.35
CB SMC E 256 -13.45 8.07 12.85
SG SMC E 256 -13.93 9.73 13.19
CS SMC E 256 -12.61 10.59 12.47
C SMC E 256 -12.01 7.96 14.87
O SMC E 256 -11.59 8.99 15.36
N ALA E 257 -12.42 6.96 15.64
CA ALA E 257 -12.30 7.02 17.08
C ALA E 257 -10.87 6.83 17.56
N LYS E 258 -10.07 6.05 16.82
CA LYS E 258 -8.64 5.96 17.11
C LYS E 258 -7.97 7.33 16.99
N GLU E 259 -8.31 8.08 15.95
CA GLU E 259 -7.62 9.29 15.58
C GLU E 259 -8.12 10.54 16.30
N LEU E 260 -9.33 10.50 16.82
CA LEU E 260 -9.74 11.48 17.80
C LEU E 260 -9.21 11.16 19.19
N GLY E 261 -8.81 9.93 19.45
CA GLY E 261 -8.25 9.53 20.72
C GLY E 261 -9.27 9.33 21.80
N VAL E 262 -10.54 9.20 21.43
CA VAL E 262 -11.64 8.98 22.36
C VAL E 262 -11.56 7.55 22.87
N PRO E 263 -12.02 7.27 24.10
CA PRO E 263 -11.70 5.98 24.73
C PRO E 263 -12.47 4.76 24.23
N ILE E 264 -13.75 4.86 23.88
CA ILE E 264 -14.62 3.68 23.80
C ILE E 264 -15.62 3.81 22.65
N ILE E 265 -15.82 2.70 21.94
CA ILE E 265 -16.84 2.55 20.91
C ILE E 265 -17.77 1.43 21.31
N MET E 266 -18.92 1.36 20.64
CA MET E 266 -19.87 0.29 20.89
C MET E 266 -20.23 -0.43 19.60
N HIS E 267 -20.74 -1.65 19.78
CA HIS E 267 -21.06 -2.54 18.67
C HIS E 267 -22.26 -3.39 19.01
N ASP E 268 -23.27 -3.36 18.15
CA ASP E 268 -24.37 -4.32 18.18
C ASP E 268 -23.92 -5.64 17.56
N TYR E 269 -23.79 -6.70 18.38
CA TYR E 269 -23.13 -7.91 17.88
C TYR E 269 -24.06 -9.01 17.43
N LEU E 270 -25.32 -9.00 17.85
CA LEU E 270 -26.26 -9.98 17.35
C LEU E 270 -26.97 -9.50 16.10
N THR E 271 -26.80 -8.25 15.73
CA THR E 271 -27.29 -7.75 14.46
C THR E 271 -26.18 -7.41 13.49
N GLY E 272 -24.99 -7.07 14.00
CA GLY E 272 -23.82 -7.00 13.15
C GLY E 272 -23.20 -8.35 12.90
N GLY E 273 -23.37 -9.29 13.83
CA GLY E 273 -22.89 -10.65 13.69
C GLY E 273 -21.58 -10.88 14.41
N PHE E 274 -21.21 -12.15 14.52
CA PHE E 274 -20.03 -12.49 15.27
C PHE E 274 -18.75 -12.31 14.48
N THR E 275 -18.83 -12.31 13.15
CA THR E 275 -17.63 -12.12 12.35
C THR E 275 -17.21 -10.65 12.36
N ALA E 276 -18.18 -9.75 12.27
CA ALA E 276 -17.90 -8.32 12.41
C ALA E 276 -17.46 -7.96 13.81
N ASN E 277 -18.05 -8.58 14.83
CA ASN E 277 -17.68 -8.30 16.21
C ASN E 277 -16.26 -8.74 16.51
N THR E 278 -15.89 -9.94 16.10
CA THR E 278 -14.55 -10.45 16.37
C THR E 278 -13.51 -9.68 15.60
N SER E 279 -13.87 -9.15 14.45
CA SER E 279 -12.97 -8.30 13.69
C SER E 279 -12.71 -7.00 14.42
N LEU E 280 -13.78 -6.37 14.90
CA LEU E 280 -13.67 -5.12 15.64
C LEU E 280 -12.96 -5.31 16.97
N ALA E 281 -13.23 -6.41 17.66
CA ALA E 281 -12.62 -6.69 18.95
C ALA E 281 -11.13 -6.93 18.85
N ILE E 282 -10.64 -7.39 17.70
CA ILE E 282 -9.20 -7.54 17.49
C ILE E 282 -8.59 -6.20 17.13
N TYR E 283 -9.33 -5.37 16.42
CA TYR E 283 -8.87 -4.02 16.14
C TYR E 283 -8.81 -3.20 17.42
N CYS E 284 -9.75 -3.41 18.33
CA CYS E 284 -9.79 -2.67 19.58
C CYS E 284 -8.64 -3.08 20.50
N ARG E 285 -8.26 -4.34 20.50
CA ARG E 285 -7.05 -4.77 21.20
C ARG E 285 -5.80 -4.18 20.57
N ASP E 286 -5.73 -4.16 19.26
CA ASP E 286 -4.53 -3.71 18.56
C ASP E 286 -4.35 -2.20 18.62
N ASN E 287 -5.33 -1.43 19.08
CA ASN E 287 -5.18 0.01 19.16
C ASN E 287 -5.69 0.59 20.46
N GLY E 288 -5.94 -0.21 21.48
CA GLY E 288 -6.23 0.32 22.79
C GLY E 288 -7.58 0.99 22.96
N LEU E 289 -8.50 0.83 22.03
CA LEU E 289 -9.87 1.27 22.24
C LEU E 289 -10.61 0.26 23.10
N LEU E 290 -11.56 0.75 23.88
CA LEU E 290 -12.47 -0.12 24.60
C LEU E 290 -13.69 -0.43 23.73
N LEU E 291 -14.32 -1.57 24.01
CA LEU E 291 -15.44 -2.05 23.19
C LEU E 291 -16.66 -2.34 24.06
N HIS E 292 -17.57 -1.37 24.16
CA HIS E 292 -18.89 -1.62 24.70
C HIS E 292 -19.67 -2.51 23.76
N ILE E 293 -20.45 -3.44 24.29
CA ILE E 293 -21.23 -4.32 23.42
C ILE E 293 -22.69 -4.24 23.82
N HIS E 294 -23.51 -3.77 22.91
CA HIS E 294 -24.94 -3.77 23.09
C HIS E 294 -25.54 -5.05 22.54
N ARG E 295 -26.71 -5.42 23.05
CA ARG E 295 -27.35 -6.69 22.70
C ARG E 295 -28.71 -6.53 22.04
N ALA E 296 -28.81 -5.68 21.01
CA ALA E 296 -29.99 -5.64 20.15
C ALA E 296 -30.26 -7.01 19.56
N MET E 297 -31.55 -7.36 19.50
CA MET E 297 -32.19 -8.57 18.95
C MET E 297 -32.07 -9.75 19.91
N HIS E 298 -31.76 -9.52 21.19
CA HIS E 298 -31.51 -10.65 22.08
C HIS E 298 -32.79 -11.37 22.45
N ALA E 299 -33.90 -10.67 22.52
CA ALA E 299 -35.15 -11.24 22.96
C ALA E 299 -35.91 -11.94 21.84
N VAL E 300 -35.48 -11.78 20.59
CA VAL E 300 -35.92 -12.70 19.55
C VAL E 300 -35.41 -14.11 19.87
N ILE E 301 -34.22 -14.20 20.43
CA ILE E 301 -33.52 -15.45 20.64
C ILE E 301 -33.75 -16.02 22.04
N ASP E 302 -33.71 -15.18 23.09
CA ASP E 302 -33.58 -15.67 24.45
C ASP E 302 -34.82 -15.56 25.33
N ARG E 303 -35.91 -14.96 24.86
CA ARG E 303 -37.03 -14.70 25.76
C ARG E 303 -37.81 -15.96 26.12
N GLN E 304 -38.21 -16.73 25.13
CA GLN E 304 -39.12 -17.85 25.37
C GLN E 304 -38.40 -18.99 26.06
N ARG E 305 -39.09 -19.63 27.00
CA ARG E 305 -38.43 -20.60 27.86
C ARG E 305 -38.34 -21.97 27.21
N ASN E 306 -39.31 -22.34 26.40
CA ASN E 306 -39.25 -23.66 25.80
C ASN E 306 -38.35 -23.72 24.57
N HIS E 307 -37.97 -22.60 23.99
CA HIS E 307 -37.34 -22.62 22.68
C HIS E 307 -36.44 -21.40 22.47
N GLY E 308 -35.18 -21.64 22.14
CA GLY E 308 -34.29 -20.60 21.70
C GLY E 308 -32.88 -20.85 22.17
N ILE E 309 -32.12 -19.77 22.33
CA ILE E 309 -30.81 -19.83 22.94
C ILE E 309 -30.81 -18.84 24.10
N HIS E 310 -30.64 -19.34 25.31
CA HIS E 310 -30.64 -18.52 26.51
C HIS E 310 -29.44 -17.60 26.52
N PHE E 311 -29.59 -16.45 27.20
CA PHE E 311 -28.60 -15.37 27.15
C PHE E 311 -27.26 -15.78 27.72
N ARG E 312 -27.21 -16.76 28.63
CA ARG E 312 -25.93 -17.14 29.21
C ARG E 312 -25.03 -17.84 28.20
N VAL E 313 -25.61 -18.49 27.19
CA VAL E 313 -24.80 -18.97 26.08
C VAL E 313 -24.34 -17.79 25.23
N LEU E 314 -25.22 -16.83 24.99
CA LEU E 314 -24.87 -15.69 24.16
C LEU E 314 -23.90 -14.75 24.86
N ALA E 315 -23.84 -14.82 26.20
CA ALA E 315 -22.91 -14.02 26.98
C ALA E 315 -21.56 -14.70 27.12
N LYS E 316 -21.53 -16.03 27.18
CA LYS E 316 -20.26 -16.74 27.06
C LYS E 316 -19.63 -16.49 25.71
N ALA E 317 -20.46 -16.53 24.65
CA ALA E 317 -19.95 -16.36 23.30
C ALA E 317 -19.50 -14.95 23.02
N LEU E 318 -20.07 -13.96 23.70
CA LEU E 318 -19.59 -12.60 23.55
C LEU E 318 -18.21 -12.47 24.16
N ARG E 319 -17.99 -13.11 25.30
CA ARG E 319 -16.71 -13.04 25.98
C ARG E 319 -15.62 -13.68 25.13
N MET E 320 -15.93 -14.80 24.49
CA MET E 320 -14.96 -15.48 23.64
C MET E 320 -14.67 -14.65 22.39
N SER E 321 -15.70 -14.06 21.81
CA SER E 321 -15.52 -13.14 20.70
C SER E 321 -14.84 -11.86 21.15
N GLY E 322 -15.21 -11.34 22.30
CA GLY E 322 -14.63 -10.12 22.78
C GLY E 322 -15.62 -9.00 22.94
N GLY E 323 -15.48 -8.29 24.03
CA GLY E 323 -16.20 -7.08 24.30
C GLY E 323 -15.82 -6.69 25.70
N ASP E 324 -15.78 -5.41 25.99
CA ASP E 324 -15.37 -4.96 27.31
C ASP E 324 -16.53 -4.73 28.25
N HIS E 325 -17.68 -4.35 27.71
CA HIS E 325 -18.93 -4.17 28.45
C HIS E 325 -20.01 -4.97 27.74
N LEU E 326 -21.05 -5.34 28.46
CA LEU E 326 -22.17 -6.05 27.86
C LEU E 326 -23.42 -5.76 28.68
N HIS E 327 -24.46 -5.28 28.01
CA HIS E 327 -25.78 -5.15 28.62
C HIS E 327 -26.26 -6.49 29.16
N SER E 328 -26.37 -6.57 30.47
CA SER E 328 -26.85 -7.77 31.10
C SER E 328 -28.31 -7.69 31.50
N GLY E 329 -28.89 -6.49 31.46
CA GLY E 329 -30.30 -6.33 31.72
C GLY E 329 -30.61 -5.69 33.05
N THR E 330 -31.89 -5.57 33.38
CA THR E 330 -32.33 -5.06 34.67
C THR E 330 -32.49 -6.22 35.63
N VAL E 331 -32.25 -5.94 36.91
CA VAL E 331 -32.64 -6.86 37.97
C VAL E 331 -33.74 -6.28 38.84
N VAL E 332 -33.84 -4.95 38.92
CA VAL E 332 -34.91 -4.32 39.68
C VAL E 332 -36.24 -4.50 38.96
N GLY E 333 -37.31 -4.61 39.75
CA GLY E 333 -38.63 -4.86 39.19
C GLY E 333 -38.87 -6.30 38.81
N LYS E 334 -38.14 -7.24 39.39
CA LYS E 334 -38.22 -8.65 39.00
C LYS E 334 -38.27 -9.52 40.25
N LEU E 335 -38.82 -10.72 40.08
CA LEU E 335 -38.86 -11.69 41.16
C LEU E 335 -37.48 -12.28 41.40
N GLU E 336 -37.33 -12.94 42.55
CA GLU E 336 -36.04 -13.55 42.89
C GLU E 336 -35.97 -15.01 42.44
N GLY E 337 -36.37 -15.25 41.19
CA GLY E 337 -36.07 -16.48 40.49
C GLY E 337 -35.37 -16.09 39.21
N GLU E 338 -35.69 -14.90 38.72
CA GLU E 338 -34.92 -14.30 37.64
C GLU E 338 -33.73 -13.52 38.19
N ARG E 339 -33.74 -13.22 39.50
CA ARG E 339 -32.60 -12.57 40.12
C ARG E 339 -31.44 -13.53 40.26
N GLU E 340 -31.72 -14.79 40.62
CA GLU E 340 -30.66 -15.77 40.77
C GLU E 340 -30.11 -16.21 39.42
N VAL E 341 -30.96 -16.21 38.39
CA VAL E 341 -30.48 -16.50 37.04
C VAL E 341 -29.62 -15.36 36.54
N THR E 342 -29.99 -14.11 36.83
CA THR E 342 -29.22 -12.96 36.37
C THR E 342 -27.87 -12.90 37.09
N LEU E 343 -27.83 -13.30 38.35
CA LEU E 343 -26.55 -13.40 39.05
C LEU E 343 -25.70 -14.54 38.54
N GLY E 344 -26.31 -15.50 37.83
CA GLY E 344 -25.55 -16.60 37.28
C GLY E 344 -24.81 -16.23 36.00
N PHE E 345 -25.48 -15.57 35.06
CA PHE E 345 -24.73 -15.21 33.85
C PHE E 345 -23.86 -13.99 34.03
N VAL E 346 -24.00 -13.25 35.12
CA VAL E 346 -23.03 -12.19 35.40
C VAL E 346 -21.73 -12.79 35.93
N ASP E 347 -21.81 -13.89 36.68
CA ASP E 347 -20.60 -14.56 37.10
C ASP E 347 -19.89 -15.25 35.95
N LEU E 348 -20.61 -15.69 34.93
CA LEU E 348 -19.97 -16.25 33.75
C LEU E 348 -19.21 -15.16 33.00
N MET E 349 -19.69 -13.92 33.07
CA MET E 349 -19.02 -12.79 32.42
C MET E 349 -17.81 -12.31 33.18
N ARG E 350 -17.87 -12.28 34.51
CA ARG E 350 -16.84 -11.59 35.28
C ARG E 350 -15.77 -12.51 35.83
N ASP E 351 -16.15 -13.73 36.20
CA ASP E 351 -15.26 -14.56 36.98
C ASP E 351 -14.34 -15.38 36.10
N ASP E 352 -13.37 -16.00 36.75
CA ASP E 352 -12.41 -16.86 36.10
C ASP E 352 -12.83 -18.32 36.19
N TYR E 353 -13.44 -18.71 37.30
CA TYR E 353 -13.83 -20.10 37.51
C TYR E 353 -15.20 -20.12 38.17
N VAL E 354 -16.17 -20.68 37.46
CA VAL E 354 -17.56 -20.68 37.90
C VAL E 354 -17.98 -22.13 38.12
N GLU E 355 -18.29 -22.47 39.36
CA GLU E 355 -18.74 -23.81 39.72
C GLU E 355 -20.10 -24.11 39.11
N LYS E 356 -20.43 -25.40 39.08
CA LYS E 356 -21.74 -25.86 38.67
C LYS E 356 -22.76 -25.51 39.75
N ASP E 357 -23.86 -24.90 39.33
CA ASP E 357 -24.88 -24.43 40.26
C ASP E 357 -26.20 -24.43 39.51
N ARG E 358 -27.04 -25.43 39.77
CA ARG E 358 -28.30 -25.54 39.06
C ARG E 358 -29.31 -24.50 39.48
N SER E 359 -29.14 -23.92 40.67
CA SER E 359 -30.08 -22.92 41.16
C SER E 359 -29.91 -21.59 40.42
N ARG E 360 -28.70 -21.28 39.98
CA ARG E 360 -28.46 -20.09 39.18
C ARG E 360 -28.46 -20.37 37.69
N GLY E 361 -28.85 -21.56 37.27
CA GLY E 361 -28.91 -21.89 35.86
C GLY E 361 -27.59 -22.28 35.25
N ILE E 362 -26.56 -22.49 36.05
CA ILE E 362 -25.23 -22.82 35.55
C ILE E 362 -25.16 -24.34 35.48
N TYR E 363 -25.09 -24.89 34.26
CA TYR E 363 -25.22 -26.34 34.16
C TYR E 363 -23.88 -27.05 34.06
N PHE E 364 -22.79 -26.32 33.91
CA PHE E 364 -21.48 -26.94 33.81
C PHE E 364 -20.53 -26.17 34.69
N THR E 365 -19.27 -26.58 34.69
CA THR E 365 -18.23 -25.82 35.35
C THR E 365 -17.40 -25.10 34.30
N GLN E 366 -17.20 -23.81 34.49
CA GLN E 366 -16.53 -23.01 33.48
C GLN E 366 -15.22 -22.45 34.01
N ASP E 367 -14.11 -23.03 33.58
CA ASP E 367 -12.80 -22.43 33.74
C ASP E 367 -12.57 -21.46 32.59
N TRP E 368 -12.31 -20.20 32.91
CA TRP E 368 -12.07 -19.21 31.88
C TRP E 368 -10.60 -18.99 31.58
N CYS E 369 -9.71 -19.61 32.35
CA CYS E 369 -8.30 -19.83 32.01
C CYS E 369 -7.58 -18.51 31.75
N SER E 370 -7.86 -17.52 32.60
CA SER E 370 -7.33 -16.17 32.62
C SER E 370 -7.76 -15.33 31.43
N MET E 371 -8.86 -15.66 30.77
CA MET E 371 -9.49 -14.73 29.85
C MET E 371 -10.13 -13.61 30.66
N PRO E 372 -9.98 -12.34 30.26
CA PRO E 372 -10.45 -11.22 31.07
C PRO E 372 -11.96 -11.15 31.18
N GLY E 373 -12.40 -10.51 32.25
CA GLY E 373 -13.82 -10.39 32.50
C GLY E 373 -14.50 -9.37 31.64
N VAL E 374 -15.81 -9.45 31.57
CA VAL E 374 -16.62 -8.47 30.85
C VAL E 374 -17.43 -7.75 31.91
N MET E 375 -17.44 -6.44 31.86
CA MET E 375 -18.20 -5.66 32.81
C MET E 375 -19.67 -5.66 32.42
N PRO E 376 -20.57 -6.12 33.28
CA PRO E 376 -21.99 -6.07 32.92
C PRO E 376 -22.55 -4.65 33.02
N VAL E 377 -23.37 -4.29 32.05
CA VAL E 377 -24.07 -3.03 32.08
C VAL E 377 -25.51 -3.29 32.46
N ALA E 378 -25.96 -2.68 33.55
CA ALA E 378 -27.27 -2.92 34.11
C ALA E 378 -28.11 -1.66 33.96
N SER E 379 -29.22 -1.79 33.25
CA SER E 379 -30.15 -0.67 33.06
C SER E 379 -30.86 -0.38 34.37
N GLY E 380 -30.46 0.71 35.03
CA GLY E 380 -31.08 1.10 36.27
C GLY E 380 -32.48 1.61 36.07
N GLY E 381 -33.20 1.75 37.18
CA GLY E 381 -34.58 2.14 37.12
C GLY E 381 -34.77 3.59 36.74
N ILE E 382 -36.03 4.02 36.84
CA ILE E 382 -36.41 5.38 36.46
C ILE E 382 -35.84 6.38 37.46
N HIS E 383 -35.73 6.00 38.73
CA HIS E 383 -35.33 6.89 39.79
C HIS E 383 -34.08 6.40 40.50
N VAL E 384 -33.66 7.14 41.53
CA VAL E 384 -32.45 6.85 42.28
C VAL E 384 -32.66 5.87 43.42
N TRP E 385 -33.90 5.49 43.70
CA TRP E 385 -34.15 4.59 44.82
C TRP E 385 -33.84 3.14 44.49
N HIS E 386 -33.54 2.81 43.24
CA HIS E 386 -33.08 1.47 42.92
C HIS E 386 -31.58 1.33 43.10
N MET E 387 -30.88 2.41 43.44
CA MET E 387 -29.44 2.35 43.62
C MET E 387 -28.97 1.49 44.80
N PRO E 388 -29.63 1.45 45.98
CA PRO E 388 -29.22 0.45 46.98
C PRO E 388 -29.47 -0.98 46.56
N ALA E 389 -30.42 -1.21 45.66
CA ALA E 389 -30.63 -2.55 45.16
C ALA E 389 -29.49 -2.97 44.24
N LEU E 390 -29.02 -2.05 43.40
CA LEU E 390 -28.04 -2.40 42.38
C LEU E 390 -26.64 -2.52 42.94
N VAL E 391 -26.31 -1.79 43.99
CA VAL E 391 -24.99 -1.92 44.60
C VAL E 391 -24.87 -3.25 45.35
N GLU E 392 -25.96 -3.70 45.96
CA GLU E 392 -25.92 -4.96 46.69
C GLU E 392 -25.92 -6.15 45.74
N ILE E 393 -26.67 -6.08 44.64
CA ILE E 393 -26.73 -7.16 43.66
C ILE E 393 -25.43 -7.26 42.88
N PHE E 394 -24.91 -6.13 42.38
CA PHE E 394 -23.78 -6.15 41.48
C PHE E 394 -22.44 -5.84 42.12
N GLY E 395 -22.38 -5.08 43.21
CA GLY E 395 -21.11 -4.68 43.74
C GLY E 395 -20.49 -3.59 42.88
N ASP E 396 -19.16 -3.61 42.79
CA ASP E 396 -18.44 -2.58 42.07
C ASP E 396 -18.31 -2.85 40.58
N ASP E 397 -18.07 -4.09 40.17
CA ASP E 397 -17.77 -4.36 38.76
C ASP E 397 -19.08 -4.46 37.98
N ALA E 398 -19.63 -3.29 37.68
CA ALA E 398 -20.84 -3.13 36.88
C ALA E 398 -20.91 -1.69 36.42
N CYS E 399 -21.38 -1.49 35.21
CA CYS E 399 -21.85 -0.20 34.79
C CYS E 399 -23.36 -0.14 35.03
N LEU E 400 -23.85 1.04 35.34
CA LEU E 400 -25.25 1.25 35.69
C LEU E 400 -25.77 2.36 34.81
N GLN E 401 -26.87 2.13 34.11
CA GLN E 401 -27.36 3.14 33.19
C GLN E 401 -28.73 3.65 33.55
N PHE E 402 -28.85 4.97 33.45
CA PHE E 402 -30.04 5.73 33.82
C PHE E 402 -30.35 6.59 32.61
N GLY E 403 -31.03 6.00 31.62
CA GLY E 403 -31.34 6.74 30.41
C GLY E 403 -32.40 7.80 30.64
N GLY E 404 -33.34 7.53 31.55
CA GLY E 404 -34.35 8.49 31.91
C GLY E 404 -34.21 9.00 33.33
N GLY E 405 -33.10 8.68 33.97
CA GLY E 405 -32.83 9.14 35.31
C GLY E 405 -32.12 10.47 35.33
N THR E 406 -31.22 10.66 34.38
CA THR E 406 -30.51 11.93 34.28
C THR E 406 -31.32 12.94 33.46
N LEU E 407 -31.98 12.48 32.39
CA LEU E 407 -32.76 13.38 31.55
C LEU E 407 -34.04 13.85 32.23
N GLY E 408 -34.64 13.04 33.10
CA GLY E 408 -35.89 13.35 33.75
C GLY E 408 -35.81 14.15 35.02
N HIS E 409 -34.65 14.69 35.34
CA HIS E 409 -34.51 15.53 36.53
C HIS E 409 -35.16 16.89 36.24
N PRO E 410 -35.83 17.50 37.23
CA PRO E 410 -36.49 18.80 36.99
C PRO E 410 -35.53 19.95 36.79
N TRP E 411 -34.25 19.80 37.08
CA TRP E 411 -33.28 20.87 36.88
C TRP E 411 -32.44 20.69 35.63
N GLY E 412 -32.36 19.49 35.08
CA GLY E 412 -31.66 19.31 33.84
C GLY E 412 -30.78 18.09 33.77
N ASN E 413 -29.73 18.16 32.95
CA ASN E 413 -28.83 17.02 32.83
C ASN E 413 -27.68 17.07 33.82
N ALA E 414 -27.11 18.23 34.07
CA ALA E 414 -25.98 18.24 34.99
C ALA E 414 -26.37 18.11 36.47
N PRO E 415 -27.48 18.68 36.97
CA PRO E 415 -27.91 18.28 38.30
C PRO E 415 -28.43 16.86 38.37
N GLY E 416 -29.02 16.35 37.29
CA GLY E 416 -29.50 14.97 37.32
C GLY E 416 -28.38 13.97 37.32
N ALA E 417 -27.29 14.27 36.63
CA ALA E 417 -26.11 13.41 36.65
C ALA E 417 -25.39 13.46 37.96
N ALA E 418 -25.48 14.58 38.67
CA ALA E 418 -24.90 14.64 40.01
C ALA E 418 -25.72 13.84 41.00
N ALA E 419 -27.05 13.86 40.84
CA ALA E 419 -27.94 13.18 41.78
C ALA E 419 -27.74 11.68 41.76
N ASN E 420 -27.45 11.10 40.61
CA ASN E 420 -27.08 9.70 40.58
C ASN E 420 -25.71 9.46 41.17
N ARG E 421 -24.74 10.30 40.81
CA ARG E 421 -23.38 10.17 41.29
C ARG E 421 -23.28 10.37 42.79
N VAL E 422 -24.10 11.26 43.35
CA VAL E 422 -24.17 11.41 44.80
C VAL E 422 -24.80 10.18 45.45
N ALA E 423 -25.90 9.68 44.85
CA ALA E 423 -26.58 8.51 45.40
C ALA E 423 -25.75 7.25 45.25
N LEU E 424 -25.00 7.13 44.16
CA LEU E 424 -24.11 5.98 43.98
C LEU E 424 -23.01 5.96 45.03
N GLU E 425 -22.36 7.09 45.25
CA GLU E 425 -21.26 7.12 46.20
C GLU E 425 -21.74 7.09 47.63
N ALA E 426 -22.98 7.52 47.89
CA ALA E 426 -23.53 7.41 49.23
C ALA E 426 -23.83 5.97 49.57
N CYS E 427 -24.40 5.22 48.61
CA CYS E 427 -24.72 3.82 48.83
C CYS E 427 -23.46 2.97 48.91
N THR E 428 -22.43 3.33 48.14
CA THR E 428 -21.16 2.64 48.20
C THR E 428 -20.51 2.82 49.57
N GLN E 429 -20.62 4.01 50.15
CA GLN E 429 -19.99 4.27 51.43
C GLN E 429 -20.70 3.52 52.54
N ALA E 430 -22.03 3.46 52.47
CA ALA E 430 -22.80 2.71 53.46
C ALA E 430 -22.53 1.21 53.40
N ARG E 431 -22.13 0.71 52.23
CA ARG E 431 -21.70 -0.68 52.14
C ARG E 431 -20.39 -0.90 52.86
N ASN E 432 -19.42 -0.02 52.65
CA ASN E 432 -18.10 -0.21 53.25
C ASN E 432 -18.14 0.00 54.75
N GLU E 433 -19.04 0.88 55.22
CA GLU E 433 -19.25 1.07 56.65
C GLU E 433 -20.00 -0.10 57.28
N GLY E 434 -20.60 -0.97 56.48
CA GLY E 434 -21.17 -2.20 56.96
C GLY E 434 -22.68 -2.28 56.95
N ARG E 435 -23.36 -1.24 56.46
CA ARG E 435 -24.81 -1.18 56.57
C ARG E 435 -25.48 -2.07 55.54
N ASP E 436 -26.62 -2.64 55.92
CA ASP E 436 -27.38 -3.50 55.02
C ASP E 436 -28.21 -2.64 54.08
N LEU E 437 -27.86 -2.63 52.80
CA LEU E 437 -28.59 -1.84 51.81
C LEU E 437 -29.91 -2.46 51.42
N ALA E 438 -30.19 -3.71 51.80
CA ALA E 438 -31.51 -4.26 51.56
C ALA E 438 -32.54 -3.70 52.53
N ARG E 439 -32.09 -3.25 53.69
CA ARG E 439 -32.97 -2.70 54.72
C ARG E 439 -32.75 -1.22 54.94
N GLU E 440 -31.52 -0.80 55.19
CA GLU E 440 -31.21 0.57 55.52
C GLU E 440 -30.95 1.43 54.30
N GLY E 441 -31.26 0.93 53.09
CA GLY E 441 -30.93 1.67 51.89
C GLY E 441 -31.78 2.91 51.66
N GLY E 442 -32.98 2.93 52.22
CA GLY E 442 -33.77 4.15 52.18
C GLY E 442 -33.26 5.22 53.11
N ASP E 443 -32.71 4.83 54.26
CA ASP E 443 -32.19 5.77 55.23
C ASP E 443 -30.83 6.33 54.82
N VAL E 444 -30.18 5.73 53.84
CA VAL E 444 -28.92 6.24 53.32
C VAL E 444 -29.15 7.26 52.22
N ILE E 445 -30.15 7.03 51.36
CA ILE E 445 -30.53 8.03 50.38
C ILE E 445 -31.06 9.27 51.06
N ARG E 446 -31.90 9.10 52.08
CA ARG E 446 -32.46 10.24 52.80
C ARG E 446 -31.43 10.98 53.64
N SER E 447 -30.32 10.34 54.01
CA SER E 447 -29.26 11.07 54.68
C SER E 447 -28.46 11.92 53.69
N ALA E 448 -28.56 11.61 52.41
CA ALA E 448 -27.89 12.38 51.36
C ALA E 448 -28.82 13.35 50.66
N CYS E 449 -30.14 13.24 50.86
CA CYS E 449 -31.04 14.30 50.40
C CYS E 449 -30.84 15.56 51.21
N LYS E 450 -30.25 15.44 52.41
CA LYS E 450 -30.09 16.58 53.30
C LYS E 450 -29.03 17.54 52.81
N TRP E 451 -27.79 17.08 52.68
CA TRP E 451 -26.70 17.98 52.37
C TRP E 451 -26.55 18.27 50.88
N SER E 452 -27.26 17.56 50.01
CA SER E 452 -27.13 17.75 48.58
C SER E 452 -28.47 18.22 48.03
N PRO E 453 -28.53 19.40 47.40
CA PRO E 453 -29.82 19.87 46.86
C PRO E 453 -30.22 19.18 45.58
N GLU E 454 -29.25 18.66 44.83
CA GLU E 454 -29.53 18.05 43.54
C GLU E 454 -30.24 16.73 43.73
N LEU E 455 -29.77 15.91 44.68
CA LEU E 455 -30.44 14.66 44.99
C LEU E 455 -31.79 14.90 45.63
N ALA E 456 -31.91 15.95 46.44
CA ALA E 456 -33.18 16.25 47.10
C ALA E 456 -34.27 16.64 46.11
N ALA E 457 -33.89 17.31 45.02
CA ALA E 457 -34.86 17.59 43.96
C ALA E 457 -35.27 16.32 43.23
N ALA E 458 -34.42 15.29 43.24
CA ALA E 458 -34.81 13.99 42.74
C ALA E 458 -35.42 13.13 43.83
N CYS E 459 -35.10 13.40 45.11
CA CYS E 459 -35.82 12.74 46.20
C CYS E 459 -37.28 13.18 46.23
N GLU E 460 -37.55 14.42 45.81
CA GLU E 460 -38.90 14.98 45.84
C GLU E 460 -39.82 14.35 44.80
N VAL E 461 -39.28 13.94 43.66
CA VAL E 461 -40.08 13.28 42.65
C VAL E 461 -40.36 11.83 43.06
N MET F 46 29.19 -48.55 -18.74
CA MET F 46 28.57 -47.34 -18.25
C MET F 46 27.39 -47.00 -19.12
N MET F 47 26.19 -46.98 -18.55
CA MET F 47 25.01 -46.79 -19.34
C MET F 47 24.41 -45.41 -19.12
N VAL F 48 23.36 -45.11 -19.88
CA VAL F 48 22.64 -43.85 -19.80
C VAL F 48 21.17 -44.15 -19.56
N TRP F 49 20.63 -43.58 -18.50
CA TRP F 49 19.23 -43.73 -18.20
C TRP F 49 18.41 -42.96 -19.23
N THR F 50 17.33 -43.56 -19.71
CA THR F 50 16.84 -42.91 -20.91
C THR F 50 15.81 -41.82 -20.60
N PRO F 51 15.84 -40.73 -21.35
CA PRO F 51 14.86 -39.66 -21.16
C PRO F 51 13.64 -39.77 -22.06
N VAL F 52 13.66 -40.67 -23.03
CA VAL F 52 12.69 -40.71 -24.11
C VAL F 52 11.69 -41.81 -23.80
N ASN F 53 10.41 -41.44 -23.68
CA ASN F 53 9.29 -42.35 -23.43
C ASN F 53 9.51 -43.22 -22.19
N ASN F 54 9.77 -42.57 -21.06
CA ASN F 54 10.15 -43.28 -19.85
C ASN F 54 9.28 -42.81 -18.69
N LYS F 55 8.00 -42.59 -18.92
CA LYS F 55 7.14 -42.11 -17.85
C LYS F 55 7.01 -43.14 -16.77
N MET F 56 6.84 -42.68 -15.54
CA MET F 56 6.73 -43.56 -14.41
C MET F 56 5.55 -43.15 -13.55
N PHE F 57 5.12 -44.08 -12.72
CA PHE F 57 4.06 -43.89 -11.77
C PHE F 57 4.76 -44.07 -10.42
N GLU F 58 4.34 -43.34 -9.43
CA GLU F 58 5.14 -43.29 -8.23
C GLU F 58 5.51 -44.56 -7.48
N THR F 59 4.59 -45.47 -7.19
CA THR F 59 5.02 -46.63 -6.42
C THR F 59 5.06 -47.88 -7.26
N PHE F 60 6.18 -48.61 -7.11
CA PHE F 60 6.47 -49.86 -7.80
C PHE F 60 6.59 -49.73 -9.31
N SER F 61 7.00 -48.57 -9.81
CA SER F 61 7.20 -48.39 -11.24
C SER F 61 8.63 -48.60 -11.68
N TYR F 62 9.57 -48.52 -10.77
CA TYR F 62 10.97 -48.79 -11.04
C TYR F 62 11.27 -50.27 -10.87
N LEU F 63 10.24 -51.07 -10.66
CA LEU F 63 10.24 -52.52 -10.59
C LEU F 63 9.67 -53.06 -11.90
N PRO F 64 9.92 -54.33 -12.25
CA PRO F 64 9.23 -54.90 -13.40
C PRO F 64 7.75 -55.10 -13.08
N PRO F 65 6.87 -55.20 -14.12
CA PRO F 65 5.41 -55.23 -13.87
C PRO F 65 4.94 -56.36 -12.99
N LEU F 66 4.03 -56.06 -12.07
CA LEU F 66 3.70 -57.01 -11.02
C LEU F 66 2.86 -58.15 -11.59
N SER F 67 3.22 -59.38 -11.21
CA SER F 67 2.43 -60.53 -11.60
C SER F 67 1.15 -60.58 -10.77
N ASP F 68 0.26 -61.51 -11.14
CA ASP F 68 -0.99 -61.65 -10.41
C ASP F 68 -0.77 -62.21 -9.02
N GLU F 69 0.35 -62.91 -8.81
CA GLU F 69 0.69 -63.38 -7.47
C GLU F 69 1.30 -62.26 -6.64
N GLN F 70 2.00 -61.33 -7.29
CA GLN F 70 2.55 -60.19 -6.57
C GLN F 70 1.50 -59.14 -6.27
N ILE F 71 0.49 -59.01 -7.14
CA ILE F 71 -0.64 -58.14 -6.81
C ILE F 71 -1.47 -58.76 -5.70
N ALA F 72 -1.61 -60.08 -5.71
CA ALA F 72 -2.31 -60.74 -4.61
C ALA F 72 -1.52 -60.69 -3.31
N ALA F 73 -0.20 -60.57 -3.38
CA ALA F 73 0.60 -60.44 -2.17
C ALA F 73 0.46 -59.06 -1.55
N GLN F 74 0.17 -58.04 -2.36
CA GLN F 74 -0.01 -56.70 -1.82
C GLN F 74 -1.40 -56.52 -1.24
N VAL F 75 -2.41 -57.16 -1.84
CA VAL F 75 -3.76 -57.10 -1.31
C VAL F 75 -3.87 -57.87 0.00
N ASP F 76 -3.07 -58.92 0.17
CA ASP F 76 -2.97 -59.60 1.46
C ASP F 76 -2.42 -58.65 2.53
N TYR F 77 -1.47 -57.80 2.15
CA TYR F 77 -0.99 -56.75 3.03
C TYR F 77 -2.04 -55.66 3.26
N ILE F 78 -2.90 -55.40 2.27
CA ILE F 78 -3.99 -54.43 2.44
C ILE F 78 -5.08 -55.00 3.34
N VAL F 79 -5.29 -56.31 3.33
CA VAL F 79 -6.38 -56.90 4.12
C VAL F 79 -5.91 -57.32 5.52
N ALA F 80 -4.60 -57.59 5.69
CA ALA F 80 -4.05 -57.99 6.99
C ALA F 80 -4.25 -56.92 8.06
N ASN F 81 -4.24 -55.67 7.66
CA ASN F 81 -4.75 -54.57 8.46
C ASN F 81 -6.04 -54.04 7.84
N GLY F 82 -6.70 -53.12 8.51
CA GLY F 82 -8.04 -52.79 8.08
C GLY F 82 -8.15 -51.80 6.94
N TRP F 83 -7.48 -52.05 5.83
CA TRP F 83 -7.47 -51.12 4.72
C TRP F 83 -8.42 -51.61 3.65
N ILE F 84 -8.80 -50.70 2.76
CA ILE F 84 -9.90 -50.93 1.84
C ILE F 84 -9.38 -50.73 0.43
N PRO F 85 -9.26 -51.78 -0.38
CA PRO F 85 -8.67 -51.63 -1.72
C PRO F 85 -9.68 -51.05 -2.68
N CYS F 86 -9.18 -50.34 -3.69
CA CYS F 86 -10.04 -49.67 -4.64
C CYS F 86 -9.24 -49.46 -5.91
N LEU F 87 -9.87 -49.58 -7.07
CA LEU F 87 -9.15 -49.40 -8.32
C LEU F 87 -9.43 -48.04 -8.92
N GLU F 88 -8.48 -47.56 -9.71
CA GLU F 88 -8.64 -46.32 -10.45
C GLU F 88 -8.16 -46.51 -11.87
N PHE F 89 -8.50 -45.56 -12.72
CA PHE F 89 -8.03 -45.63 -14.10
C PHE F 89 -8.01 -44.26 -14.73
N ALA F 90 -7.14 -44.11 -15.72
CA ALA F 90 -7.02 -42.91 -16.51
C ALA F 90 -6.57 -43.29 -17.91
N GLU F 91 -6.94 -42.47 -18.88
CA GLU F 91 -6.45 -42.61 -20.24
C GLU F 91 -5.02 -42.10 -20.34
N SER F 92 -4.49 -42.09 -21.57
CA SER F 92 -3.11 -41.69 -21.78
C SER F 92 -2.88 -40.20 -21.56
N ASP F 93 -3.93 -39.40 -21.72
CA ASP F 93 -3.85 -37.96 -21.52
C ASP F 93 -4.27 -37.50 -20.12
N LYS F 94 -4.78 -38.39 -19.28
CA LYS F 94 -5.16 -38.02 -17.93
C LYS F 94 -4.37 -38.82 -16.91
N ALA F 95 -3.26 -39.43 -17.33
CA ALA F 95 -2.52 -40.36 -16.49
C ALA F 95 -1.46 -39.64 -15.66
N TYR F 96 -0.56 -38.92 -16.31
CA TYR F 96 0.50 -38.25 -15.62
C TYR F 96 0.27 -36.75 -15.55
N VAL F 97 1.15 -36.08 -14.81
CA VAL F 97 0.91 -34.76 -14.25
C VAL F 97 0.94 -33.67 -15.32
N SER F 98 0.16 -32.61 -15.13
CA SER F 98 0.11 -31.52 -16.10
C SER F 98 -0.25 -30.22 -15.40
N ASN F 99 -0.11 -29.12 -16.14
CA ASN F 99 -0.22 -27.77 -15.58
C ASN F 99 -1.39 -27.01 -16.15
N GLU F 100 -2.22 -27.64 -16.97
CA GLU F 100 -3.05 -26.93 -17.94
C GLU F 100 -4.17 -26.11 -17.33
N SER F 101 -4.55 -26.35 -16.08
CA SER F 101 -5.59 -25.52 -15.49
C SER F 101 -5.05 -24.23 -14.90
N ALA F 102 -3.73 -24.10 -14.78
CA ALA F 102 -3.08 -22.92 -14.24
C ALA F 102 -3.09 -21.74 -15.18
N ILE F 103 -3.64 -21.90 -16.38
CA ILE F 103 -3.94 -20.77 -17.25
C ILE F 103 -5.03 -19.90 -16.64
N ARG F 104 -5.84 -20.43 -15.74
CA ARG F 104 -6.88 -19.67 -15.07
C ARG F 104 -6.45 -19.08 -13.75
N PHE F 105 -5.18 -19.16 -13.39
CA PHE F 105 -4.81 -18.81 -12.03
C PHE F 105 -4.16 -17.43 -11.96
N GLY F 106 -4.15 -16.90 -10.74
CA GLY F 106 -3.18 -15.91 -10.31
C GLY F 106 -1.93 -16.64 -9.83
N SER F 107 -1.31 -16.20 -8.75
CA SER F 107 -0.10 -16.88 -8.33
C SER F 107 -0.36 -17.91 -7.23
N VAL F 108 -1.31 -18.80 -7.48
CA VAL F 108 -1.75 -19.79 -6.51
C VAL F 108 -1.37 -21.18 -6.97
N SER F 109 -0.31 -21.27 -7.76
CA SER F 109 0.03 -22.48 -8.48
C SER F 109 0.88 -23.47 -7.70
N CYS F 110 1.32 -23.15 -6.48
CA CYS F 110 2.19 -24.04 -5.72
C CYS F 110 1.43 -25.27 -5.27
N LEU F 111 1.97 -26.44 -5.62
CA LEU F 111 1.42 -27.76 -5.29
C LEU F 111 0.02 -27.95 -5.81
N TYR F 112 -0.30 -27.28 -6.89
CA TYR F 112 -1.46 -27.62 -7.70
C TYR F 112 -0.95 -28.36 -8.92
N TYR F 113 -1.57 -29.50 -9.21
CA TYR F 113 -1.32 -30.18 -10.46
C TYR F 113 -2.65 -30.68 -10.99
N ASP F 114 -2.64 -31.12 -12.23
CA ASP F 114 -3.73 -31.89 -12.78
C ASP F 114 -3.32 -33.35 -12.87
N ASN F 115 -4.32 -34.20 -13.07
CA ASN F 115 -4.18 -35.64 -13.25
C ASN F 115 -3.61 -36.31 -12.01
N ARG F 116 -3.90 -35.77 -10.84
CA ARG F 116 -3.65 -36.52 -9.62
C ARG F 116 -4.86 -37.31 -9.21
N TYR F 117 -6.05 -36.86 -9.60
CA TYR F 117 -7.24 -37.69 -9.52
C TYR F 117 -7.32 -38.55 -10.75
N TRP F 118 -7.59 -39.83 -10.55
CA TRP F 118 -8.07 -40.69 -11.61
C TRP F 118 -9.49 -41.09 -11.27
N THR F 119 -10.19 -41.62 -12.26
CA THR F 119 -11.57 -42.02 -12.06
C THR F 119 -11.63 -43.32 -11.28
N MET F 120 -12.47 -43.38 -10.26
CA MET F 120 -12.60 -44.59 -9.47
C MET F 120 -13.30 -45.67 -10.29
N TRP F 121 -12.94 -46.93 -10.09
CA TRP F 121 -13.60 -47.99 -10.80
C TRP F 121 -14.51 -48.55 -9.73
N LYS F 122 -15.80 -48.50 -9.99
CA LYS F 122 -16.82 -48.96 -9.06
C LYS F 122 -16.71 -48.27 -7.71
N LEU F 123 -16.70 -49.06 -6.64
CA LEU F 123 -16.63 -48.54 -5.28
C LEU F 123 -15.55 -49.25 -4.49
N PRO F 124 -15.11 -48.66 -3.37
CA PRO F 124 -14.09 -49.32 -2.56
C PRO F 124 -14.62 -50.64 -2.01
N MET F 125 -13.78 -51.66 -1.97
CA MET F 125 -14.19 -52.99 -1.54
C MET F 125 -14.27 -53.03 -0.03
N PHE F 126 -15.45 -52.65 0.49
CA PHE F 126 -15.64 -52.66 1.93
C PHE F 126 -15.88 -54.08 2.42
N GLY F 127 -15.20 -54.45 3.50
CA GLY F 127 -15.27 -55.80 4.00
C GLY F 127 -14.62 -56.80 3.07
N CYS F 128 -13.51 -56.42 2.45
CA CYS F 128 -12.81 -57.28 1.49
C CYS F 128 -11.87 -58.18 2.27
N ARG F 129 -12.11 -59.48 2.19
CA ARG F 129 -11.23 -60.47 2.80
C ARG F 129 -10.47 -61.28 1.77
N ASP F 130 -11.01 -61.43 0.57
CA ASP F 130 -10.44 -62.28 -0.46
C ASP F 130 -9.68 -61.44 -1.48
N PRO F 131 -8.39 -61.71 -1.69
CA PRO F 131 -7.63 -60.94 -2.67
C PRO F 131 -7.94 -61.29 -4.12
N MET F 132 -8.66 -62.38 -4.37
CA MET F 132 -9.00 -62.72 -5.76
C MET F 132 -10.19 -61.90 -6.25
N GLN F 133 -11.05 -61.43 -5.34
CA GLN F 133 -12.14 -60.54 -5.72
C GLN F 133 -11.63 -59.21 -6.24
N VAL F 134 -10.50 -58.74 -5.72
CA VAL F 134 -9.88 -57.53 -6.24
C VAL F 134 -9.23 -57.83 -7.59
N LEU F 135 -8.68 -59.03 -7.73
CA LEU F 135 -7.91 -59.36 -8.92
C LEU F 135 -8.83 -59.64 -10.11
N ARG F 136 -10.09 -60.04 -9.84
CA ARG F 136 -11.08 -60.14 -10.91
C ARG F 136 -11.44 -58.77 -11.44
N GLU F 137 -11.38 -57.75 -10.60
CA GLU F 137 -11.79 -56.42 -11.02
C GLU F 137 -10.73 -55.74 -11.87
N ILE F 138 -9.49 -56.22 -11.80
CA ILE F 138 -8.44 -55.67 -12.66
C ILE F 138 -8.65 -56.12 -14.09
N VAL F 139 -9.01 -57.40 -14.27
CA VAL F 139 -9.34 -57.91 -15.60
C VAL F 139 -10.62 -57.27 -16.10
N ALA F 140 -11.58 -57.03 -15.21
CA ALA F 140 -12.86 -56.47 -15.63
C ALA F 140 -12.73 -54.99 -16.00
N CYS F 141 -11.80 -54.28 -15.36
CA CYS F 141 -11.61 -52.86 -15.68
C CYS F 141 -10.93 -52.70 -17.04
N THR F 142 -9.90 -53.50 -17.30
CA THR F 142 -9.14 -53.35 -18.54
C THR F 142 -9.89 -53.91 -19.73
N LYS F 143 -10.89 -54.76 -19.49
CA LYS F 143 -11.79 -55.15 -20.57
C LYS F 143 -12.67 -53.99 -20.99
N ALA F 144 -13.17 -53.23 -20.02
CA ALA F 144 -13.98 -52.06 -20.35
C ALA F 144 -13.13 -50.93 -20.92
N PHE F 145 -11.90 -50.82 -20.46
CA PHE F 145 -11.00 -49.73 -20.86
C PHE F 145 -9.66 -50.33 -21.24
N PRO F 146 -9.49 -50.75 -22.50
CA PRO F 146 -8.21 -51.35 -22.90
C PRO F 146 -7.10 -50.35 -23.11
N ASP F 147 -7.43 -49.06 -23.21
CA ASP F 147 -6.44 -48.02 -23.41
C ASP F 147 -6.15 -47.24 -22.14
N ALA F 148 -6.29 -47.86 -20.97
CA ALA F 148 -6.24 -47.15 -19.71
C ALA F 148 -5.26 -47.80 -18.74
N TYR F 149 -4.48 -46.95 -18.07
CA TYR F 149 -3.70 -47.33 -16.90
C TYR F 149 -4.63 -47.66 -15.75
N VAL F 150 -4.17 -48.52 -14.85
CA VAL F 150 -4.97 -48.92 -13.69
C VAL F 150 -4.08 -48.89 -12.46
N ARG F 151 -4.52 -48.21 -11.40
CA ARG F 151 -3.80 -48.29 -10.14
C ARG F 151 -4.71 -48.75 -9.03
N LEU F 152 -4.14 -49.54 -8.13
CA LEU F 152 -4.80 -50.01 -6.92
C LEU F 152 -4.43 -49.09 -5.78
N VAL F 153 -5.42 -48.38 -5.24
CA VAL F 153 -5.20 -47.50 -4.11
C VAL F 153 -5.80 -48.17 -2.89
N ALA F 154 -5.41 -47.70 -1.72
CA ALA F 154 -5.99 -48.21 -0.49
C ALA F 154 -6.31 -47.04 0.43
N PHE F 155 -7.32 -47.22 1.26
CA PHE F 155 -7.79 -46.18 2.15
C PHE F 155 -7.80 -46.73 3.56
N ASP F 156 -7.48 -45.87 4.53
CA ASP F 156 -7.56 -46.28 5.93
C ASP F 156 -8.95 -45.95 6.46
N ASN F 157 -9.46 -46.81 7.33
CA ASN F 157 -10.82 -46.64 7.82
C ASN F 157 -10.84 -45.72 9.03
N GLN F 158 -9.88 -45.88 9.94
CA GLN F 158 -9.89 -45.11 11.17
C GLN F 158 -9.24 -43.74 10.98
N LYS F 159 -8.34 -43.62 10.01
CA LYS F 159 -7.65 -42.35 9.80
C LYS F 159 -8.34 -41.55 8.69
N GLN F 160 -9.09 -42.25 7.84
CA GLN F 160 -9.86 -41.69 6.72
C GLN F 160 -8.96 -40.90 5.76
N VAL F 161 -8.00 -41.63 5.17
CA VAL F 161 -6.99 -41.06 4.30
C VAL F 161 -6.55 -42.18 3.38
N GLN F 162 -5.92 -41.82 2.26
CA GLN F 162 -5.39 -42.77 1.31
C GLN F 162 -4.00 -43.24 1.75
N ILE F 163 -3.77 -44.55 1.71
CA ILE F 163 -2.59 -45.12 2.35
C ILE F 163 -1.52 -45.44 1.32
N MET F 164 -1.84 -46.30 0.37
CA MET F 164 -0.87 -46.78 -0.59
C MET F 164 -1.52 -46.75 -1.95
N GLY F 165 -0.74 -46.45 -2.98
CA GLY F 165 -1.27 -46.41 -4.33
C GLY F 165 -0.23 -46.78 -5.37
N PHE F 166 -0.48 -47.85 -6.12
CA PHE F 166 0.55 -48.38 -7.00
C PHE F 166 -0.04 -48.94 -8.27
N LEU F 167 0.65 -48.69 -9.38
CA LEU F 167 0.19 -49.06 -10.70
C LEU F 167 0.16 -50.57 -10.87
N VAL F 168 -0.97 -51.11 -11.31
CA VAL F 168 -1.11 -52.55 -11.50
C VAL F 168 -1.35 -52.93 -12.94
N GLN F 169 -1.53 -51.98 -13.86
CA GLN F 169 -1.76 -52.31 -15.24
C GLN F 169 -1.38 -51.13 -16.13
N ARG F 170 -0.69 -51.42 -17.22
CA ARG F 170 -0.40 -50.49 -18.28
C ARG F 170 -1.13 -50.91 -19.55
N PRO F 171 -1.55 -49.98 -20.39
CA PRO F 171 -2.12 -50.37 -21.68
C PRO F 171 -1.03 -50.78 -22.64
N LYS F 172 -1.40 -51.57 -23.63
CA LYS F 172 -0.43 -51.94 -24.65
C LYS F 172 -0.32 -50.88 -25.72
N SER F 173 -1.39 -50.11 -25.93
CA SER F 173 -1.40 -49.11 -27.00
C SER F 173 -0.63 -47.86 -26.66
N ALA F 174 -0.09 -47.74 -25.45
CA ALA F 174 0.64 -46.55 -25.06
C ALA F 174 2.13 -46.76 -25.22
N ARG F 175 2.81 -45.77 -25.76
CA ARG F 175 4.26 -45.78 -25.92
C ARG F 175 4.95 -44.82 -24.96
N ASP F 176 4.41 -44.67 -23.75
CA ASP F 176 4.95 -43.74 -22.77
C ASP F 176 5.95 -44.38 -21.82
N TRP F 177 6.08 -45.71 -21.80
CA TRP F 177 6.91 -46.40 -20.83
C TRP F 177 7.86 -47.39 -21.51
N GLN F 178 9.00 -47.63 -20.85
CA GLN F 178 10.00 -48.56 -21.35
C GLN F 178 9.87 -49.90 -20.66
N PRO F 179 9.97 -51.01 -21.38
CA PRO F 179 9.74 -52.34 -20.78
C PRO F 179 10.94 -52.84 -19.99
N ALA F 180 11.22 -52.17 -18.87
CA ALA F 180 12.16 -52.57 -17.82
C ALA F 180 13.63 -52.68 -18.26
N ASN F 181 13.92 -52.44 -19.53
CA ASN F 181 15.27 -52.42 -20.07
C ASN F 181 15.44 -51.01 -20.61
N LYS F 182 15.76 -50.09 -19.71
CA LYS F 182 15.73 -48.67 -19.95
C LYS F 182 17.05 -48.04 -19.55
N ARG F 183 18.04 -48.90 -19.32
CA ARG F 183 19.45 -48.61 -19.46
C ARG F 183 19.97 -47.53 -18.52
N LYS G 18 -43.69 1.08 24.94
CA LYS G 18 -44.07 2.02 26.00
C LYS G 18 -44.77 3.25 25.42
N ASP G 19 -46.05 3.12 25.11
CA ASP G 19 -46.83 4.18 24.49
C ASP G 19 -47.92 4.66 25.42
N TYR G 20 -48.36 5.90 25.21
CA TYR G 20 -49.53 6.42 25.92
C TYR G 20 -50.79 6.21 25.12
N ARG G 21 -50.70 5.50 23.98
CA ARG G 21 -51.74 5.00 23.08
C ARG G 21 -52.35 6.13 22.24
N LEU G 22 -52.07 7.39 22.53
CA LEU G 22 -52.60 8.50 21.76
C LEU G 22 -51.71 8.87 20.60
N THR G 23 -50.40 8.88 20.82
CA THR G 23 -49.49 9.38 19.80
C THR G 23 -49.01 8.27 18.88
N TYR G 24 -49.00 7.02 19.36
CA TYR G 24 -48.41 5.94 18.60
C TYR G 24 -49.44 5.00 17.99
N TYR G 25 -50.71 5.18 18.29
CA TYR G 25 -51.79 4.43 17.65
C TYR G 25 -52.60 5.42 16.84
N THR G 26 -52.29 5.52 15.55
CA THR G 26 -52.94 6.47 14.66
C THR G 26 -53.67 5.69 13.56
N PRO G 27 -54.92 5.28 13.79
CA PRO G 27 -55.62 4.52 12.74
C PRO G 27 -56.09 5.39 11.59
N ASP G 28 -56.14 6.70 11.78
CA ASP G 28 -56.58 7.60 10.72
C ASP G 28 -55.43 7.96 9.78
N TYR G 29 -54.24 7.44 10.05
CA TYR G 29 -53.04 7.77 9.29
C TYR G 29 -53.01 7.05 7.95
N VAL G 30 -52.53 7.76 6.93
CA VAL G 30 -52.35 7.21 5.59
C VAL G 30 -50.86 6.99 5.39
N VAL G 31 -50.48 5.76 5.04
CA VAL G 31 -49.07 5.41 4.98
C VAL G 31 -48.44 6.04 3.75
N ARG G 32 -47.12 6.21 3.80
CA ARG G 32 -46.39 6.83 2.71
C ARG G 32 -45.80 5.77 1.80
N ASP G 33 -45.40 6.20 0.62
CA ASP G 33 -44.73 5.28 -0.29
C ASP G 33 -43.27 5.12 0.02
N THR G 34 -42.72 5.92 0.93
CA THR G 34 -41.37 5.72 1.43
C THR G 34 -41.36 5.07 2.80
N ASP G 35 -42.51 4.78 3.38
CA ASP G 35 -42.57 4.17 4.70
C ASP G 35 -42.09 2.73 4.65
N ILE G 36 -41.38 2.35 5.69
CA ILE G 36 -41.16 0.94 6.00
C ILE G 36 -42.35 0.47 6.80
N LEU G 37 -43.01 -0.58 6.33
CA LEU G 37 -44.15 -1.13 7.02
C LEU G 37 -43.75 -2.45 7.63
N ALA G 38 -44.29 -2.76 8.80
CA ALA G 38 -44.01 -4.00 9.51
C ALA G 38 -45.32 -4.59 9.97
N ALA G 39 -45.41 -5.92 9.99
CA ALA G 39 -46.62 -6.60 10.42
C ALA G 39 -46.27 -7.56 11.54
N PHE G 40 -46.72 -7.26 12.75
CA PHE G 40 -46.36 -8.04 13.92
C PHE G 40 -47.53 -8.91 14.33
N ARG G 41 -47.27 -10.22 14.45
CA ARG G 41 -48.18 -11.09 15.19
C ARG G 41 -47.89 -10.95 16.67
N MET G 42 -48.91 -10.55 17.43
CA MET G 42 -48.73 -9.90 18.72
C MET G 42 -49.66 -10.53 19.75
N THR G 43 -49.10 -11.21 20.74
CA THR G 43 -49.89 -11.82 21.81
C THR G 43 -49.78 -10.99 23.08
N PRO G 44 -50.85 -10.38 23.55
CA PRO G 44 -50.76 -9.58 24.78
C PRO G 44 -50.76 -10.43 26.03
N GLN G 45 -50.37 -9.79 27.14
CA GLN G 45 -50.63 -10.35 28.46
C GLN G 45 -52.15 -10.30 28.73
N PRO G 46 -52.67 -11.19 29.59
CA PRO G 46 -54.11 -11.17 29.85
C PRO G 46 -54.54 -9.93 30.63
N GLY G 47 -55.33 -9.08 29.97
CA GLY G 47 -55.76 -7.82 30.54
C GLY G 47 -55.24 -6.59 29.83
N VAL G 48 -54.23 -6.73 28.98
CA VAL G 48 -53.69 -5.60 28.23
C VAL G 48 -54.52 -5.45 26.96
N PRO G 49 -54.98 -4.25 26.63
CA PRO G 49 -55.78 -4.06 25.42
C PRO G 49 -54.94 -4.25 24.17
N PRO G 50 -55.56 -4.62 23.05
CA PRO G 50 -54.78 -4.78 21.81
C PRO G 50 -54.25 -3.47 21.27
N GLU G 51 -54.99 -2.37 21.46
CA GLU G 51 -54.53 -1.09 20.93
C GLU G 51 -53.39 -0.52 21.74
N GLU G 52 -53.43 -0.66 23.07
CA GLU G 52 -52.33 -0.21 23.90
C GLU G 52 -51.10 -1.08 23.72
N CYS G 53 -51.29 -2.38 23.50
CA CYS G 53 -50.17 -3.25 23.23
C CYS G 53 -49.61 -3.00 21.85
N GLY G 54 -50.46 -2.64 20.89
CA GLY G 54 -50.00 -2.39 19.53
C GLY G 54 -49.27 -1.09 19.36
N ALA G 55 -49.66 -0.07 20.13
CA ALA G 55 -48.96 1.20 20.07
C ALA G 55 -47.63 1.14 20.80
N ALA G 56 -47.49 0.20 21.73
CA ALA G 56 -46.24 0.03 22.44
C ALA G 56 -45.18 -0.64 21.58
N VAL G 57 -45.59 -1.52 20.66
CA VAL G 57 -44.68 -2.07 19.67
C VAL G 57 -44.20 -0.97 18.74
N ALA G 58 -45.06 -0.01 18.45
CA ALA G 58 -44.68 1.11 17.60
C ALA G 58 -43.83 2.13 18.36
N ALA G 59 -44.04 2.24 19.67
CA ALA G 59 -43.33 3.25 20.44
C ALA G 59 -41.91 2.83 20.75
N GLU G 60 -41.69 1.53 21.00
CA GLU G 60 -40.41 0.90 21.32
C GLU G 60 -39.75 1.53 22.55
N ASP G 78 -41.78 13.10 16.68
CA ASP G 78 -43.04 13.10 15.94
C ASP G 78 -42.82 12.85 14.46
N ARG G 79 -41.69 13.34 13.94
CA ARG G 79 -41.30 13.00 12.57
C ARG G 79 -40.59 11.66 12.51
N TYR G 80 -40.18 11.15 13.66
CA TYR G 80 -39.37 9.95 13.74
C TYR G 80 -40.08 8.83 14.47
N LYS G 81 -41.33 9.01 14.84
CA LYS G 81 -42.04 7.96 15.54
C LYS G 81 -42.56 6.92 14.56
N GLY G 82 -42.48 5.65 14.97
CA GLY G 82 -43.20 4.59 14.32
C GLY G 82 -44.59 4.56 14.91
N ARG G 83 -45.59 4.45 14.05
CA ARG G 83 -46.99 4.48 14.48
C ARG G 83 -47.78 3.29 13.95
N CYS G 84 -48.35 2.54 14.90
CA CYS G 84 -49.29 1.47 14.61
C CYS G 84 -50.55 2.04 13.98
N TYR G 85 -50.83 1.63 12.75
CA TYR G 85 -51.94 2.21 12.00
C TYR G 85 -53.09 1.25 11.74
N ASP G 86 -52.97 -0.02 12.10
CA ASP G 86 -54.02 -1.00 11.87
C ASP G 86 -53.79 -2.18 12.79
N ILE G 87 -54.87 -2.68 13.39
CA ILE G 87 -54.84 -3.87 14.24
C ILE G 87 -55.99 -4.77 13.83
N GLU G 88 -55.68 -6.02 13.49
CA GLU G 88 -56.63 -7.01 13.05
C GLU G 88 -56.61 -8.20 13.99
N PRO G 89 -57.76 -8.79 14.30
CA PRO G 89 -57.75 -10.08 14.98
C PRO G 89 -57.27 -11.19 14.07
N VAL G 90 -56.73 -12.23 14.67
CA VAL G 90 -56.32 -13.44 13.95
C VAL G 90 -57.44 -14.46 14.08
N PRO G 91 -58.01 -14.96 12.99
CA PRO G 91 -59.12 -15.91 13.08
C PRO G 91 -58.66 -17.27 13.59
N GLY G 92 -59.35 -17.77 14.62
CA GLY G 92 -59.02 -19.01 15.25
C GLY G 92 -58.17 -18.88 16.50
N GLU G 93 -57.44 -17.79 16.63
CA GLU G 93 -56.63 -17.50 17.81
C GLU G 93 -57.34 -16.44 18.62
N ASP G 94 -57.73 -16.78 19.84
CA ASP G 94 -58.52 -15.87 20.65
C ASP G 94 -57.73 -14.72 21.25
N ASN G 95 -56.40 -14.78 21.19
CA ASN G 95 -55.58 -13.76 21.86
C ASN G 95 -54.39 -13.36 21.01
N GLN G 96 -54.52 -13.42 19.68
CA GLN G 96 -53.48 -12.94 18.80
C GLN G 96 -54.03 -11.87 17.87
N TYR G 97 -53.14 -10.97 17.46
CA TYR G 97 -53.51 -9.80 16.68
C TYR G 97 -52.41 -9.52 15.68
N ILE G 98 -52.75 -8.78 14.64
CA ILE G 98 -51.78 -8.32 13.66
C ILE G 98 -51.67 -6.82 13.79
N ALA G 99 -50.56 -6.34 14.33
CA ALA G 99 -50.30 -4.92 14.41
C ALA G 99 -49.49 -4.50 13.19
N TYR G 100 -49.98 -3.51 12.46
CA TYR G 100 -49.26 -2.95 11.32
C TYR G 100 -48.61 -1.66 11.77
N VAL G 101 -47.29 -1.61 11.70
CA VAL G 101 -46.53 -0.44 12.15
C VAL G 101 -45.80 0.17 10.95
N ALA G 102 -45.93 1.47 10.78
CA ALA G 102 -45.22 2.22 9.74
C ALA G 102 -44.01 2.93 10.33
N TYR G 103 -42.91 2.98 9.58
CA TYR G 103 -41.72 3.66 10.00
C TYR G 103 -41.30 4.69 8.96
N PRO G 104 -40.92 5.90 9.37
CA PRO G 104 -40.37 6.85 8.42
C PRO G 104 -39.01 6.40 7.90
N ILE G 105 -38.72 6.72 6.64
CA ILE G 105 -37.51 6.26 5.97
C ILE G 105 -36.26 6.93 6.55
N ASP G 106 -36.42 8.01 7.32
CA ASP G 106 -35.27 8.68 7.91
C ASP G 106 -34.71 7.94 9.11
N LEU G 107 -35.33 6.83 9.53
CA LEU G 107 -34.83 6.14 10.71
C LEU G 107 -33.67 5.24 10.39
N PHE G 108 -33.31 5.13 9.11
CA PHE G 108 -32.53 4.02 8.60
C PHE G 108 -31.29 4.51 7.88
N GLU G 109 -30.23 3.70 7.92
CA GLU G 109 -29.06 3.95 7.11
C GLU G 109 -29.25 3.40 5.71
N GLU G 110 -28.78 4.14 4.72
CA GLU G 110 -28.72 3.67 3.35
C GLU G 110 -27.79 2.46 3.27
N GLY G 111 -28.32 1.36 2.74
CA GLY G 111 -27.53 0.20 2.46
C GLY G 111 -27.19 -0.69 3.63
N SER G 112 -28.02 -0.73 4.66
CA SER G 112 -27.63 -1.39 5.91
C SER G 112 -28.78 -2.26 6.43
N VAL G 113 -28.60 -3.58 6.39
CA VAL G 113 -29.57 -4.51 6.94
C VAL G 113 -29.37 -4.62 8.45
N THR G 114 -28.17 -4.30 8.92
CA THR G 114 -27.90 -4.23 10.33
C THR G 114 -28.69 -3.10 10.99
N ASN G 115 -28.74 -1.93 10.37
CA ASN G 115 -29.53 -0.83 10.89
C ASN G 115 -31.02 -1.09 10.74
N MET G 116 -31.42 -1.81 9.70
CA MET G 116 -32.85 -2.04 9.51
C MET G 116 -33.38 -3.04 10.53
N PHE G 117 -32.60 -4.05 10.88
CA PHE G 117 -33.06 -4.96 11.90
C PHE G 117 -32.94 -4.37 13.29
N THR G 118 -31.93 -3.54 13.54
CA THR G 118 -31.75 -2.97 14.86
C THR G 118 -32.86 -1.98 15.20
N SER G 119 -33.42 -1.32 14.19
CA SER G 119 -34.48 -0.36 14.48
C SER G 119 -35.82 -1.07 14.69
N ILE G 120 -36.10 -2.12 13.93
CA ILE G 120 -37.42 -2.74 13.93
C ILE G 120 -37.54 -3.82 15.01
N VAL G 121 -36.55 -4.68 15.18
CA VAL G 121 -36.71 -5.78 16.13
C VAL G 121 -35.64 -5.72 17.21
N GLY G 122 -35.04 -4.55 17.39
CA GLY G 122 -33.91 -4.43 18.30
C GLY G 122 -34.29 -4.43 19.76
N ASN G 123 -35.47 -3.92 20.09
CA ASN G 123 -35.87 -3.80 21.49
C ASN G 123 -37.24 -4.35 21.82
N VAL G 124 -38.16 -4.46 20.84
CA VAL G 124 -39.56 -4.75 21.14
C VAL G 124 -39.86 -6.14 21.68
N PHE G 125 -38.98 -7.11 21.52
CA PHE G 125 -39.43 -8.44 21.88
C PHE G 125 -39.27 -8.70 23.35
N GLY G 126 -38.45 -7.92 24.04
CA GLY G 126 -38.34 -8.01 25.47
C GLY G 126 -39.37 -7.23 26.23
N PHE G 127 -40.37 -6.69 25.54
CA PHE G 127 -41.34 -5.83 26.17
C PHE G 127 -42.35 -6.66 26.96
N LYS G 128 -42.75 -6.15 28.13
CA LYS G 128 -43.37 -7.00 29.13
C LYS G 128 -44.88 -7.08 28.97
N ALA G 129 -45.50 -6.12 28.29
CA ALA G 129 -46.96 -6.12 28.24
C ALA G 129 -47.48 -7.07 27.17
N LEU G 130 -46.60 -7.54 26.30
CA LEU G 130 -46.95 -8.62 25.38
C LEU G 130 -46.29 -9.91 25.82
N ARG G 131 -46.94 -11.03 25.51
CA ARG G 131 -46.42 -12.31 25.96
C ARG G 131 -45.52 -12.94 24.90
N ALA G 132 -45.86 -12.75 23.64
CA ALA G 132 -45.09 -13.28 22.52
C ALA G 132 -45.23 -12.31 21.36
N LEU G 133 -44.23 -12.27 20.49
CA LEU G 133 -44.27 -11.37 19.36
C LEU G 133 -43.63 -12.00 18.16
N ARG G 134 -44.30 -11.97 17.02
CA ARG G 134 -43.66 -12.42 15.81
C ARG G 134 -43.78 -11.33 14.76
N LEU G 135 -42.66 -10.86 14.26
CA LEU G 135 -42.64 -10.10 13.02
C LEU G 135 -42.88 -11.05 11.85
N GLU G 136 -43.96 -10.82 11.11
CA GLU G 136 -44.37 -11.69 10.03
C GLU G 136 -43.85 -11.25 8.68
N ASP G 137 -44.09 -10.01 8.30
CA ASP G 137 -43.64 -9.51 7.02
C ASP G 137 -43.10 -8.12 7.24
N LEU G 138 -42.32 -7.65 6.28
CA LEU G 138 -41.95 -6.25 6.17
C LEU G 138 -42.42 -5.75 4.83
N ARG G 139 -42.49 -4.44 4.67
CA ARG G 139 -42.57 -3.83 3.35
C ARG G 139 -41.31 -3.00 3.22
N ILE G 140 -40.53 -3.28 2.20
CA ILE G 140 -39.39 -2.40 1.95
C ILE G 140 -39.81 -1.48 0.81
N PRO G 141 -39.79 -0.17 1.00
CA PRO G 141 -40.26 0.71 -0.03
C PRO G 141 -39.20 0.89 -1.09
N PRO G 142 -39.60 1.19 -2.33
CA PRO G 142 -38.62 1.29 -3.42
C PRO G 142 -37.64 2.42 -3.28
N ALA G 143 -37.84 3.37 -2.36
CA ALA G 143 -36.82 4.38 -2.13
C ALA G 143 -35.70 3.88 -1.25
N TYR G 144 -35.87 2.72 -0.66
CA TYR G 144 -34.89 2.14 0.22
C TYR G 144 -34.37 0.83 -0.30
N VAL G 145 -35.10 0.20 -1.22
CA VAL G 145 -34.56 -0.91 -1.99
C VAL G 145 -33.41 -0.42 -2.84
N LYS G 146 -33.52 0.79 -3.40
CA LYS G 146 -32.52 1.32 -4.32
C LYS G 146 -31.24 1.73 -3.64
N THR G 147 -31.24 1.89 -2.32
CA THR G 147 -30.00 2.23 -1.65
C THR G 147 -29.11 1.02 -1.43
N PHE G 148 -29.56 -0.19 -1.75
CA PHE G 148 -28.72 -1.33 -1.46
C PHE G 148 -28.05 -1.82 -2.74
N VAL G 149 -26.88 -2.42 -2.57
CA VAL G 149 -26.20 -3.05 -3.69
C VAL G 149 -26.95 -4.30 -4.13
N GLY G 150 -27.31 -5.15 -3.20
CA GLY G 150 -28.12 -6.29 -3.51
C GLY G 150 -27.35 -7.53 -3.85
N PRO G 151 -28.01 -8.48 -4.49
CA PRO G 151 -27.35 -9.68 -4.92
C PRO G 151 -26.37 -9.39 -6.04
N PRO G 152 -25.19 -10.00 -5.98
CA PRO G 152 -24.14 -9.74 -6.99
C PRO G 152 -24.55 -10.00 -8.43
N HIS G 153 -25.23 -11.09 -8.71
CA HIS G 153 -25.62 -11.39 -10.07
C HIS G 153 -27.11 -11.58 -10.22
N GLY G 154 -27.72 -12.42 -9.41
CA GLY G 154 -29.11 -12.72 -9.60
C GLY G 154 -29.34 -13.97 -10.41
N ILE G 155 -30.62 -14.28 -10.60
CA ILE G 155 -31.00 -15.51 -11.29
C ILE G 155 -30.67 -15.42 -12.77
N GLN G 156 -30.91 -14.27 -13.38
CA GLN G 156 -30.80 -14.17 -14.82
C GLN G 156 -29.35 -14.11 -15.27
N VAL G 157 -28.46 -13.54 -14.46
CA VAL G 157 -27.07 -13.37 -14.87
C VAL G 157 -26.27 -14.63 -14.58
N GLU G 158 -26.51 -15.25 -13.42
CA GLU G 158 -25.91 -16.53 -13.08
C GLU G 158 -26.22 -17.61 -14.10
N ARG G 159 -27.48 -17.70 -14.49
CA ARG G 159 -27.91 -18.64 -15.51
C ARG G 159 -27.23 -18.38 -16.86
N ASP G 160 -26.94 -17.12 -17.18
CA ASP G 160 -26.19 -16.81 -18.40
C ASP G 160 -24.75 -17.23 -18.29
N LYS G 161 -24.18 -17.12 -17.09
CA LYS G 161 -22.76 -17.35 -16.91
C LYS G 161 -22.41 -18.82 -16.82
N LEU G 162 -23.31 -19.61 -16.27
CA LEU G 162 -23.14 -21.04 -16.18
C LEU G 162 -23.65 -21.76 -17.43
N ASN G 163 -24.34 -21.04 -18.31
CA ASN G 163 -24.85 -21.53 -19.59
C ASN G 163 -25.79 -22.72 -19.41
N LYS G 164 -26.55 -22.70 -18.34
CA LYS G 164 -27.50 -23.76 -18.05
C LYS G 164 -28.89 -23.16 -18.14
N TYR G 165 -29.71 -23.66 -19.06
CA TYR G 165 -31.02 -23.08 -19.29
C TYR G 165 -32.09 -24.14 -19.22
N GLY G 166 -33.32 -23.69 -19.00
CA GLY G 166 -34.50 -24.49 -19.21
C GLY G 166 -34.71 -25.64 -18.25
N ARG G 167 -33.96 -25.72 -17.17
CA ARG G 167 -34.17 -26.75 -16.17
C ARG G 167 -33.66 -26.24 -14.85
N GLY G 168 -34.05 -26.92 -13.78
CA GLY G 168 -33.52 -26.60 -12.47
C GLY G 168 -32.05 -26.97 -12.36
N LEU G 169 -31.33 -26.26 -11.51
CA LEU G 169 -29.96 -26.67 -11.24
C LEU G 169 -29.97 -27.78 -10.20
N LEU G 170 -28.93 -28.62 -10.22
CA LEU G 170 -28.83 -29.76 -9.32
C LEU G 170 -27.61 -29.66 -8.42
N GLY G 171 -27.73 -30.19 -7.22
CA GLY G 171 -26.71 -30.03 -6.21
C GLY G 171 -26.60 -31.28 -5.37
N CYS G 172 -25.54 -31.34 -4.60
CA CYS G 172 -25.29 -32.42 -3.66
C CYS G 172 -24.35 -31.94 -2.57
N THR G 173 -24.68 -32.21 -1.32
CA THR G 173 -23.73 -31.93 -0.24
C THR G 173 -22.77 -33.13 -0.22
N ILE G 174 -21.51 -32.95 0.09
CA ILE G 174 -20.60 -34.10 0.14
C ILE G 174 -21.06 -34.80 1.41
N LYS G 175 -21.28 -36.12 1.35
CA LYS G 175 -21.93 -36.77 2.49
C LYS G 175 -21.36 -36.81 3.89
N PRO G 176 -20.07 -37.09 4.05
CA PRO G 176 -19.61 -37.04 5.45
C PRO G 176 -19.27 -35.59 5.68
N LYS G 177 -19.93 -34.92 6.61
CA LYS G 177 -19.60 -33.52 6.81
C LYS G 177 -18.16 -33.28 7.25
N LEU G 178 -17.69 -34.06 8.23
CA LEU G 178 -16.33 -33.90 8.76
C LEU G 178 -15.60 -35.23 8.84
N GLY G 179 -14.27 -35.16 8.88
CA GLY G 179 -13.41 -36.32 8.88
C GLY G 179 -12.69 -36.70 7.60
N LEU G 180 -13.09 -36.17 6.46
CA LEU G 180 -12.34 -36.51 5.26
C LEU G 180 -10.98 -35.83 5.31
N SER G 181 -10.06 -36.31 4.49
CA SER G 181 -8.92 -35.50 4.16
C SER G 181 -9.34 -34.48 3.11
N ALA G 182 -8.44 -33.59 2.76
CA ALA G 182 -8.81 -32.65 1.71
C ALA G 182 -8.80 -33.34 0.34
N LYS G 183 -7.84 -34.25 0.14
CA LYS G 183 -7.77 -35.06 -1.07
C LYS G 183 -9.01 -35.92 -1.26
N ASN G 184 -9.45 -36.61 -0.22
CA ASN G 184 -10.64 -37.45 -0.34
C ASN G 184 -11.92 -36.63 -0.38
N TYR G 185 -11.85 -35.35 -0.04
CA TYR G 185 -13.01 -34.51 -0.20
C TYR G 185 -13.26 -34.21 -1.67
N GLY G 186 -12.22 -33.82 -2.40
CA GLY G 186 -12.36 -33.50 -3.80
C GLY G 186 -12.63 -34.72 -4.66
N ARG G 187 -12.17 -35.89 -4.23
CA ARG G 187 -12.52 -37.13 -4.90
C ARG G 187 -14.01 -37.41 -4.79
N ALA G 188 -14.61 -37.07 -3.66
CA ALA G 188 -16.07 -37.11 -3.57
C ALA G 188 -16.70 -35.99 -4.38
N VAL G 189 -16.00 -34.86 -4.49
CA VAL G 189 -16.47 -33.74 -5.30
C VAL G 189 -16.30 -34.05 -6.78
N TYR G 190 -15.23 -34.75 -7.15
CA TYR G 190 -14.99 -35.10 -8.55
C TYR G 190 -16.04 -36.05 -9.09
N GLU G 191 -16.35 -37.14 -8.37
CA GLU G 191 -17.26 -38.14 -8.91
C GLU G 191 -18.70 -37.65 -8.97
N CYS G 192 -19.07 -36.69 -8.11
CA CYS G 192 -20.44 -36.17 -8.15
C CYS G 192 -20.65 -35.22 -9.31
N LEU G 193 -19.73 -34.28 -9.52
CA LEU G 193 -19.85 -33.36 -10.64
C LEU G 193 -19.65 -34.08 -11.96
N ARG G 194 -18.99 -35.23 -11.92
CA ARG G 194 -18.70 -35.98 -13.13
C ARG G 194 -19.95 -36.61 -13.72
N GLY G 195 -20.84 -37.09 -12.85
CA GLY G 195 -21.95 -37.88 -13.33
C GLY G 195 -23.09 -37.04 -13.85
N GLY G 196 -23.05 -35.75 -13.59
CA GLY G 196 -24.06 -34.92 -14.19
C GLY G 196 -24.54 -33.75 -13.38
N LEU G 197 -24.11 -33.64 -12.12
CA LEU G 197 -24.59 -32.54 -11.31
C LEU G 197 -23.91 -31.24 -11.69
N ASP G 198 -24.53 -30.14 -11.28
CA ASP G 198 -24.04 -28.81 -11.61
C ASP G 198 -23.24 -28.19 -10.50
N PHE G 199 -23.45 -28.63 -9.28
CA PHE G 199 -22.83 -28.06 -8.10
C PHE G 199 -22.66 -29.12 -7.05
N THR G 200 -21.59 -29.00 -6.30
CA THR G 200 -21.43 -29.73 -5.05
C THR G 200 -21.27 -28.68 -3.94
N LYS G 201 -21.32 -29.12 -2.69
CA LYS G 201 -21.53 -28.18 -1.59
C LYS G 201 -20.71 -28.59 -0.37
N ASP G 202 -20.00 -27.63 0.19
CA ASP G 202 -19.43 -27.79 1.52
C ASP G 202 -20.54 -27.86 2.56
N ASP G 203 -20.34 -28.68 3.57
CA ASP G 203 -21.14 -28.58 4.78
C ASP G 203 -20.90 -27.22 5.42
N GLU G 204 -21.94 -26.68 6.04
CA GLU G 204 -21.86 -25.34 6.57
C GLU G 204 -20.93 -25.25 7.79
N ASN G 205 -20.65 -26.37 8.44
CA ASN G 205 -19.66 -26.38 9.50
C ASN G 205 -18.30 -26.90 9.04
N VAL G 206 -18.14 -27.19 7.76
CA VAL G 206 -16.84 -27.30 7.12
C VAL G 206 -16.35 -25.88 6.88
N ASN G 207 -15.46 -25.38 7.74
CA ASN G 207 -14.81 -24.10 7.48
C ASN G 207 -13.30 -24.26 7.36
N SER G 208 -12.64 -24.59 8.44
CA SER G 208 -11.20 -24.82 8.57
C SER G 208 -11.06 -25.52 9.91
N GLN G 209 -10.74 -26.79 9.89
CA GLN G 209 -10.64 -27.62 11.09
C GLN G 209 -9.30 -28.34 11.02
N PRO G 210 -8.84 -28.93 12.13
CA PRO G 210 -7.55 -29.63 12.09
C PRO G 210 -7.44 -30.79 11.09
N PHE G 211 -8.55 -31.40 10.68
CA PHE G 211 -8.45 -32.52 9.76
C PHE G 211 -8.42 -32.08 8.31
N MET G 212 -9.05 -30.94 8.00
CA MET G 212 -9.08 -30.43 6.65
C MET G 212 -9.06 -28.92 6.76
N ARG G 213 -7.89 -28.32 6.59
CA ARG G 213 -7.79 -26.88 6.58
C ARG G 213 -8.45 -26.35 5.33
N TRP G 214 -8.77 -25.06 5.34
CA TRP G 214 -9.58 -24.51 4.27
C TRP G 214 -8.80 -24.38 2.98
N ARG G 215 -7.50 -24.12 3.05
CA ARG G 215 -6.80 -23.81 1.82
C ARG G 215 -6.36 -25.08 1.11
N ASP G 216 -6.14 -26.15 1.86
CA ASP G 216 -5.94 -27.47 1.26
C ASP G 216 -7.21 -27.97 0.61
N ARG G 217 -8.36 -27.55 1.12
CA ARG G 217 -9.62 -27.93 0.52
C ARG G 217 -9.86 -27.19 -0.78
N PHE G 218 -9.47 -25.92 -0.88
CA PHE G 218 -9.84 -25.13 -2.06
C PHE G 218 -9.07 -25.56 -3.29
N LEU G 219 -7.95 -26.26 -3.13
CA LEU G 219 -7.16 -26.70 -4.27
C LEU G 219 -7.67 -28.03 -4.81
N PHE G 220 -7.93 -28.98 -3.92
CA PHE G 220 -8.48 -30.26 -4.32
C PHE G 220 -9.92 -30.13 -4.80
N VAL G 221 -10.62 -29.09 -4.35
CA VAL G 221 -11.90 -28.81 -4.97
C VAL G 221 -11.69 -28.26 -6.38
N ALA G 222 -10.76 -27.31 -6.55
CA ALA G 222 -10.54 -26.70 -7.86
C ALA G 222 -9.88 -27.67 -8.82
N GLU G 223 -9.12 -28.63 -8.30
CA GLU G 223 -8.62 -29.70 -9.16
C GLU G 223 -9.76 -30.63 -9.56
N ALA G 224 -10.75 -30.79 -8.69
CA ALA G 224 -11.86 -31.67 -9.01
C ALA G 224 -12.92 -30.97 -9.86
N ILE G 225 -13.02 -29.64 -9.77
CA ILE G 225 -13.96 -28.93 -10.63
C ILE G 225 -13.44 -28.84 -12.05
N TYR G 226 -12.17 -28.47 -12.20
CA TYR G 226 -11.58 -28.32 -13.53
C TYR G 226 -11.44 -29.65 -14.25
N LYS G 227 -11.40 -30.75 -13.50
CA LYS G 227 -11.31 -32.07 -14.11
C LYS G 227 -12.69 -32.59 -14.49
N ALA G 228 -13.70 -32.36 -13.66
CA ALA G 228 -15.04 -32.80 -14.01
C ALA G 228 -15.64 -31.90 -15.07
N GLN G 229 -15.11 -30.69 -15.18
CA GLN G 229 -15.54 -29.77 -16.24
C GLN G 229 -14.98 -30.17 -17.59
N ALA G 230 -13.69 -30.52 -17.64
CA ALA G 230 -13.06 -30.86 -18.91
C ALA G 230 -13.60 -32.18 -19.45
N GLU G 231 -14.06 -33.04 -18.57
CA GLU G 231 -14.60 -34.32 -19.00
C GLU G 231 -16.01 -34.20 -19.56
N THR G 232 -16.88 -33.48 -18.88
CA THR G 232 -18.26 -33.39 -19.31
C THR G 232 -18.46 -32.30 -20.35
N GLY G 233 -17.58 -31.32 -20.38
CA GLY G 233 -17.73 -30.16 -21.24
C GLY G 233 -18.70 -29.13 -20.72
N GLU G 234 -19.25 -29.32 -19.54
CA GLU G 234 -20.19 -28.43 -18.89
C GLU G 234 -19.50 -27.68 -17.78
N VAL G 235 -20.05 -26.53 -17.42
CA VAL G 235 -19.49 -25.71 -16.36
C VAL G 235 -19.86 -26.33 -15.02
N LYS G 236 -18.90 -26.43 -14.10
CA LYS G 236 -19.11 -27.07 -12.81
C LYS G 236 -18.68 -26.13 -11.69
N GLY G 237 -19.25 -26.33 -10.51
CA GLY G 237 -18.85 -25.53 -9.38
C GLY G 237 -19.01 -26.30 -8.10
N HIS G 238 -18.37 -25.77 -7.06
CA HIS G 238 -18.53 -26.24 -5.69
C HIS G 238 -18.59 -25.00 -4.82
N TYR G 239 -19.58 -24.95 -3.93
CA TYR G 239 -19.73 -23.82 -3.03
C TYR G 239 -18.68 -23.90 -1.94
N LEU G 240 -17.58 -23.21 -2.12
CA LEU G 240 -16.48 -23.23 -1.17
C LEU G 240 -16.81 -22.32 -0.01
N ASN G 241 -16.82 -22.88 1.21
CA ASN G 241 -17.30 -22.15 2.38
C ASN G 241 -16.28 -21.11 2.81
N ALA G 242 -16.60 -19.86 2.54
CA ALA G 242 -15.78 -18.73 2.95
C ALA G 242 -16.22 -18.13 4.27
N THR G 243 -17.23 -18.71 4.93
CA THR G 243 -17.56 -18.34 6.30
C THR G 243 -16.36 -18.53 7.21
N ALA G 244 -16.01 -17.50 7.97
CA ALA G 244 -14.76 -17.51 8.70
C ALA G 244 -14.93 -16.78 10.03
N GLY G 245 -13.85 -16.74 10.79
CA GLY G 245 -13.89 -16.25 12.14
C GLY G 245 -13.86 -14.74 12.24
N THR G 246 -13.16 -14.08 11.33
CA THR G 246 -13.05 -12.63 11.25
C THR G 246 -13.30 -12.20 9.82
N CYS G 247 -13.58 -10.91 9.61
CA CYS G 247 -13.81 -10.37 8.27
C CYS G 247 -12.56 -10.49 7.40
N GLU G 248 -11.40 -10.59 8.03
CA GLU G 248 -10.13 -10.66 7.33
C GLU G 248 -9.80 -12.08 6.91
N GLU G 249 -10.12 -13.07 7.74
CA GLU G 249 -10.09 -14.46 7.30
C GLU G 249 -11.06 -14.67 6.16
N MET G 250 -12.26 -14.13 6.29
CA MET G 250 -13.33 -14.31 5.30
C MET G 250 -12.96 -13.73 3.95
N MET G 251 -12.28 -12.59 3.93
CA MET G 251 -11.85 -12.03 2.66
C MET G 251 -10.62 -12.76 2.12
N LYS G 252 -9.92 -13.47 2.99
CA LYS G 252 -8.74 -14.20 2.57
C LYS G 252 -9.12 -15.50 1.89
N ARG G 253 -10.19 -16.15 2.35
CA ARG G 253 -10.76 -17.27 1.62
C ARG G 253 -11.28 -16.84 0.25
N ALA G 254 -11.82 -15.62 0.15
CA ALA G 254 -12.53 -15.21 -1.04
C ALA G 254 -11.59 -14.76 -2.13
N VAL G 255 -10.46 -14.19 -1.74
CA VAL G 255 -9.33 -13.87 -2.59
C VAL G 255 -8.75 -15.16 -3.19
N SMC G 256 -8.78 -16.21 -2.41
CA SMC G 256 -8.32 -17.50 -2.84
CB SMC G 256 -8.22 -18.46 -1.67
SG SMC G 256 -7.56 -20.03 -2.11
CS SMC G 256 -6.07 -19.54 -2.84
C SMC G 256 -9.20 -18.12 -3.93
O SMC G 256 -8.74 -18.74 -4.87
N ALA G 257 -10.50 -17.94 -3.81
CA ALA G 257 -11.43 -18.39 -4.83
C ALA G 257 -11.40 -17.50 -6.07
N LYS G 258 -11.12 -16.21 -5.89
CA LYS G 258 -10.90 -15.32 -7.03
C LYS G 258 -9.71 -15.80 -7.87
N GLU G 259 -8.63 -16.20 -7.22
CA GLU G 259 -7.36 -16.47 -7.86
C GLU G 259 -7.22 -17.89 -8.38
N LEU G 260 -8.02 -18.82 -7.87
CA LEU G 260 -8.20 -20.08 -8.55
C LEU G 260 -9.19 -19.99 -9.71
N GLY G 261 -10.02 -18.97 -9.74
CA GLY G 261 -10.97 -18.75 -10.81
C GLY G 261 -12.19 -19.61 -10.74
N VAL G 262 -12.44 -20.21 -9.58
CA VAL G 262 -13.59 -21.07 -9.34
C VAL G 262 -14.83 -20.20 -9.25
N PRO G 263 -16.01 -20.71 -9.64
CA PRO G 263 -17.17 -19.81 -9.84
C PRO G 263 -17.86 -19.30 -8.58
N ILE G 264 -17.98 -20.08 -7.50
CA ILE G 264 -18.98 -19.79 -6.46
C ILE G 264 -18.44 -20.14 -5.07
N ILE G 265 -18.74 -19.26 -4.11
CA ILE G 265 -18.47 -19.47 -2.70
C ILE G 265 -19.77 -19.42 -1.94
N MET G 266 -19.74 -19.89 -0.70
CA MET G 266 -20.92 -19.84 0.15
C MET G 266 -20.62 -19.15 1.47
N HIS G 267 -21.69 -18.69 2.11
CA HIS G 267 -21.60 -17.91 3.34
C HIS G 267 -22.79 -18.20 4.23
N ASP G 268 -22.51 -18.58 5.48
CA ASP G 268 -23.52 -18.64 6.53
C ASP G 268 -23.79 -17.23 7.05
N TYR G 269 -24.99 -16.68 6.79
CA TYR G 269 -25.19 -15.25 7.05
C TYR G 269 -25.91 -14.94 8.35
N LEU G 270 -26.61 -15.89 8.95
CA LEU G 270 -27.21 -15.65 10.24
C LEU G 270 -26.29 -16.02 11.38
N THR G 271 -25.17 -16.66 11.08
CA THR G 271 -24.14 -16.90 12.07
C THR G 271 -22.88 -16.10 11.82
N GLY G 272 -22.61 -15.74 10.56
CA GLY G 272 -21.59 -14.76 10.27
C GLY G 272 -22.07 -13.34 10.46
N GLY G 273 -23.37 -13.11 10.28
CA GLY G 273 -23.98 -11.82 10.49
C GLY G 273 -24.19 -11.05 9.20
N PHE G 274 -24.95 -9.97 9.30
CA PHE G 274 -25.29 -9.22 8.10
C PHE G 274 -24.19 -8.27 7.68
N THR G 275 -23.31 -7.88 8.58
CA THR G 275 -22.22 -6.98 8.21
C THR G 275 -21.15 -7.74 7.43
N ALA G 276 -20.84 -8.95 7.86
CA ALA G 276 -19.92 -9.81 7.11
C ALA G 276 -20.51 -10.24 5.78
N ASN G 277 -21.81 -10.53 5.74
CA ASN G 277 -22.46 -10.94 4.50
C ASN G 277 -22.46 -9.83 3.47
N THR G 278 -22.82 -8.61 3.88
CA THR G 278 -22.90 -7.50 2.95
C THR G 278 -21.52 -7.10 2.47
N SER G 279 -20.50 -7.32 3.29
CA SER G 279 -19.13 -7.09 2.87
C SER G 279 -18.72 -8.07 1.79
N LEU G 280 -19.01 -9.34 2.01
CA LEU G 280 -18.68 -10.39 1.04
C LEU G 280 -19.47 -10.24 -0.24
N ALA G 281 -20.75 -9.88 -0.13
CA ALA G 281 -21.61 -9.71 -1.29
C ALA G 281 -21.19 -8.56 -2.18
N ILE G 282 -20.53 -7.55 -1.62
CA ILE G 282 -20.00 -6.46 -2.43
C ILE G 282 -18.69 -6.87 -3.07
N TYR G 283 -17.91 -7.68 -2.37
CA TYR G 283 -16.70 -8.23 -2.95
C TYR G 283 -17.03 -9.19 -4.09
N CYS G 284 -18.11 -9.95 -3.95
CA CYS G 284 -18.52 -10.89 -4.98
C CYS G 284 -19.03 -10.19 -6.23
N ARG G 285 -19.71 -9.06 -6.08
CA ARG G 285 -20.06 -8.22 -7.21
C ARG G 285 -18.82 -7.63 -7.87
N ASP G 286 -17.88 -7.15 -7.07
CA ASP G 286 -16.70 -6.48 -7.60
C ASP G 286 -15.72 -7.42 -8.27
N ASN G 287 -15.88 -8.73 -8.14
CA ASN G 287 -14.95 -9.66 -8.77
C ASN G 287 -15.65 -10.82 -9.45
N GLY G 288 -16.96 -10.76 -9.67
CA GLY G 288 -17.61 -11.75 -10.49
C GLY G 288 -17.76 -13.13 -9.89
N LEU G 289 -17.53 -13.30 -8.60
CA LEU G 289 -17.85 -14.56 -7.94
C LEU G 289 -19.35 -14.62 -7.65
N LEU G 290 -19.88 -15.82 -7.65
CA LEU G 290 -21.25 -16.04 -7.21
C LEU G 290 -21.26 -16.32 -5.71
N LEU G 291 -22.39 -16.02 -5.06
CA LEU G 291 -22.51 -16.14 -3.61
C LEU G 291 -23.71 -17.01 -3.23
N HIS G 292 -23.46 -18.29 -2.99
CA HIS G 292 -24.43 -19.15 -2.35
C HIS G 292 -24.63 -18.73 -0.91
N ILE G 293 -25.85 -18.75 -0.40
CA ILE G 293 -26.08 -18.35 0.98
C ILE G 293 -26.80 -19.47 1.70
N HIS G 294 -26.14 -20.03 2.70
CA HIS G 294 -26.75 -21.01 3.57
C HIS G 294 -27.39 -20.32 4.76
N ARG G 295 -28.37 -20.99 5.38
CA ARG G 295 -29.16 -20.39 6.46
C ARG G 295 -29.06 -21.17 7.77
N ALA G 296 -27.84 -21.47 8.22
CA ALA G 296 -27.62 -21.97 9.57
C ALA G 296 -28.17 -21.00 10.59
N MET G 297 -28.81 -21.56 11.64
CA MET G 297 -29.41 -20.95 12.83
C MET G 297 -30.78 -20.37 12.51
N HIS G 298 -31.42 -20.76 11.41
CA HIS G 298 -32.67 -20.12 11.03
C HIS G 298 -33.82 -20.55 11.92
N ALA G 299 -33.80 -21.78 12.41
CA ALA G 299 -34.89 -22.33 13.18
C ALA G 299 -34.82 -21.96 14.65
N VAL G 300 -33.71 -21.38 15.10
CA VAL G 300 -33.73 -20.67 16.39
C VAL G 300 -34.67 -19.49 16.30
N ILE G 301 -34.73 -18.84 15.14
CA ILE G 301 -35.43 -17.60 14.94
C ILE G 301 -36.83 -17.81 14.38
N ASP G 302 -37.01 -18.72 13.40
CA ASP G 302 -38.22 -18.75 12.59
C ASP G 302 -39.18 -19.91 12.85
N ARG G 303 -38.83 -20.86 13.71
CA ARG G 303 -39.66 -22.06 13.81
C ARG G 303 -40.99 -21.82 14.53
N GLN G 304 -40.93 -21.20 15.71
CA GLN G 304 -42.12 -21.09 16.55
C GLN G 304 -43.09 -20.07 15.97
N ARG G 305 -44.38 -20.38 16.06
CA ARG G 305 -45.36 -19.56 15.37
C ARG G 305 -45.76 -18.34 16.18
N ASN G 306 -45.77 -18.44 17.50
CA ASN G 306 -46.18 -17.29 18.28
C ASN G 306 -45.08 -16.26 18.47
N HIS G 307 -43.82 -16.61 18.22
CA HIS G 307 -42.72 -15.76 18.63
C HIS G 307 -41.49 -15.95 17.74
N GLY G 308 -40.99 -14.87 17.17
CA GLY G 308 -39.72 -14.88 16.48
C GLY G 308 -39.73 -13.96 15.30
N ILE G 309 -38.90 -14.27 14.31
CA ILE G 309 -38.92 -13.59 13.03
C ILE G 309 -39.08 -14.66 11.96
N HIS G 310 -40.18 -14.60 11.23
CA HIS G 310 -40.47 -15.57 10.18
C HIS G 310 -39.49 -15.44 9.04
N PHE G 311 -39.27 -16.56 8.33
CA PHE G 311 -38.21 -16.65 7.33
C PHE G 311 -38.42 -15.70 6.16
N ARG G 312 -39.66 -15.29 5.87
CA ARG G 312 -39.88 -14.40 4.74
C ARG G 312 -39.32 -13.01 5.00
N VAL G 313 -39.24 -12.58 6.26
CA VAL G 313 -38.50 -11.37 6.58
C VAL G 313 -37.01 -11.61 6.42
N LEU G 314 -36.52 -12.77 6.86
CA LEU G 314 -35.11 -13.05 6.78
C LEU G 314 -34.66 -13.32 5.35
N ALA G 315 -35.60 -13.67 4.47
CA ALA G 315 -35.31 -13.88 3.06
C ALA G 315 -35.39 -12.59 2.27
N LYS G 316 -36.28 -11.67 2.64
CA LYS G 316 -36.22 -10.33 2.08
C LYS G 316 -34.92 -9.65 2.44
N ALA G 317 -34.49 -9.80 3.69
CA ALA G 317 -33.27 -9.16 4.17
C ALA G 317 -32.03 -9.75 3.57
N LEU G 318 -32.06 -11.02 3.20
CA LEU G 318 -30.92 -11.61 2.51
C LEU G 318 -30.79 -11.02 1.12
N ARG G 319 -31.92 -10.80 0.45
CA ARG G 319 -31.91 -10.26 -0.90
C ARG G 319 -31.36 -8.85 -0.89
N MET G 320 -31.74 -8.05 0.11
CA MET G 320 -31.26 -6.68 0.21
C MET G 320 -29.78 -6.66 0.54
N SER G 321 -29.35 -7.53 1.43
CA SER G 321 -27.93 -7.69 1.72
C SER G 321 -27.19 -8.28 0.53
N GLY G 322 -27.78 -9.26 -0.12
CA GLY G 322 -27.13 -9.89 -1.23
C GLY G 322 -26.86 -11.36 -1.03
N GLY G 323 -27.10 -12.12 -2.06
CA GLY G 323 -26.76 -13.51 -2.14
C GLY G 323 -27.35 -14.01 -3.43
N ASP G 324 -26.72 -14.96 -4.07
CA ASP G 324 -27.20 -15.44 -5.35
C ASP G 324 -28.09 -16.65 -5.23
N HIS G 325 -27.86 -17.48 -4.21
CA HIS G 325 -28.68 -18.64 -3.89
C HIS G 325 -29.06 -18.55 -2.42
N LEU G 326 -30.15 -19.20 -2.05
CA LEU G 326 -30.56 -19.23 -0.65
C LEU G 326 -31.37 -20.49 -0.42
N HIS G 327 -30.95 -21.28 0.57
CA HIS G 327 -31.73 -22.41 1.05
C HIS G 327 -33.11 -21.98 1.48
N SER G 328 -34.11 -22.42 0.74
CA SER G 328 -35.48 -22.10 1.06
C SER G 328 -36.20 -23.23 1.79
N GLY G 329 -35.60 -24.42 1.81
CA GLY G 329 -36.15 -25.52 2.56
C GLY G 329 -36.76 -26.60 1.70
N THR G 330 -37.34 -27.61 2.34
CA THR G 330 -38.04 -28.67 1.63
C THR G 330 -39.51 -28.29 1.51
N VAL G 331 -40.14 -28.75 0.43
CA VAL G 331 -41.59 -28.71 0.32
C VAL G 331 -42.18 -30.11 0.33
N VAL G 332 -41.43 -31.12 -0.09
CA VAL G 332 -41.90 -32.50 -0.05
C VAL G 332 -41.96 -32.99 1.38
N GLY G 333 -42.94 -33.84 1.66
CA GLY G 333 -43.17 -34.32 3.00
C GLY G 333 -43.91 -33.36 3.89
N LYS G 334 -44.67 -32.44 3.32
CA LYS G 334 -45.34 -31.39 4.08
C LYS G 334 -46.77 -31.22 3.61
N LEU G 335 -47.61 -30.68 4.49
CA LEU G 335 -49.00 -30.40 4.15
C LEU G 335 -49.07 -29.19 3.22
N GLU G 336 -50.24 -29.02 2.61
CA GLU G 336 -50.43 -27.89 1.70
C GLU G 336 -51.02 -26.68 2.42
N GLY G 337 -50.45 -26.35 3.57
CA GLY G 337 -50.65 -25.08 4.22
C GLY G 337 -49.29 -24.47 4.46
N GLU G 338 -48.29 -25.34 4.59
CA GLU G 338 -46.90 -24.91 4.55
C GLU G 338 -46.38 -24.88 3.13
N ARG G 339 -47.09 -25.52 2.21
CA ARG G 339 -46.71 -25.45 0.80
C ARG G 339 -47.04 -24.08 0.22
N GLU G 340 -48.19 -23.52 0.60
CA GLU G 340 -48.56 -22.20 0.10
C GLU G 340 -47.73 -21.10 0.74
N VAL G 341 -47.30 -21.30 1.99
CA VAL G 341 -46.40 -20.35 2.61
C VAL G 341 -45.02 -20.42 1.96
N THR G 342 -44.55 -21.62 1.62
CA THR G 342 -43.24 -21.75 1.00
C THR G 342 -43.23 -21.19 -0.41
N LEU G 343 -44.35 -21.29 -1.11
CA LEU G 343 -44.47 -20.64 -2.41
C LEU G 343 -44.56 -19.13 -2.28
N GLY G 344 -44.89 -18.62 -1.09
CA GLY G 344 -44.95 -17.20 -0.89
C GLY G 344 -43.59 -16.56 -0.71
N PHE G 345 -42.74 -17.13 0.15
CA PHE G 345 -41.43 -16.50 0.28
C PHE G 345 -40.47 -16.85 -0.84
N VAL G 346 -40.80 -17.81 -1.69
CA VAL G 346 -39.99 -18.02 -2.88
C VAL G 346 -40.30 -16.94 -3.93
N ASP G 347 -41.54 -16.48 -3.98
CA ASP G 347 -41.87 -15.37 -4.88
C ASP G 347 -41.27 -14.06 -4.40
N LEU G 348 -41.11 -13.89 -3.09
CA LEU G 348 -40.42 -12.70 -2.59
C LEU G 348 -38.95 -12.71 -2.99
N MET G 349 -38.36 -13.90 -3.12
CA MET G 349 -36.97 -14.05 -3.53
C MET G 349 -36.78 -13.85 -5.02
N ARG G 350 -37.69 -14.35 -5.84
CA ARG G 350 -37.44 -14.42 -7.28
C ARG G 350 -38.04 -13.28 -8.06
N ASP G 351 -39.21 -12.80 -7.64
CA ASP G 351 -39.98 -11.91 -8.48
C ASP G 351 -39.59 -10.46 -8.28
N ASP G 352 -40.11 -9.63 -9.16
CA ASP G 352 -39.89 -8.20 -9.12
C ASP G 352 -41.02 -7.49 -8.41
N TYR G 353 -42.25 -7.98 -8.57
CA TYR G 353 -43.42 -7.34 -7.99
C TYR G 353 -44.34 -8.42 -7.45
N VAL G 354 -44.53 -8.43 -6.14
CA VAL G 354 -45.32 -9.45 -5.46
C VAL G 354 -46.53 -8.79 -4.85
N GLU G 355 -47.71 -9.17 -5.32
CA GLU G 355 -48.97 -8.65 -4.80
C GLU G 355 -49.21 -9.09 -3.36
N LYS G 356 -50.13 -8.40 -2.70
CA LYS G 356 -50.58 -8.80 -1.38
C LYS G 356 -51.44 -10.05 -1.48
N ASP G 357 -51.13 -11.04 -0.65
CA ASP G 357 -51.82 -12.33 -0.71
C ASP G 357 -51.74 -12.93 0.69
N ARG G 358 -52.85 -12.85 1.43
CA ARG G 358 -52.84 -13.35 2.81
C ARG G 358 -52.80 -14.86 2.88
N SER G 359 -53.21 -15.55 1.81
CA SER G 359 -53.22 -17.01 1.81
C SER G 359 -51.81 -17.57 1.73
N ARG G 360 -50.89 -16.87 1.09
CA ARG G 360 -49.50 -17.28 1.04
C ARG G 360 -48.64 -16.59 2.09
N GLY G 361 -49.26 -15.87 3.03
CA GLY G 361 -48.51 -15.22 4.08
C GLY G 361 -47.89 -13.90 3.69
N ILE G 362 -48.22 -13.36 2.53
CA ILE G 362 -47.65 -12.11 2.05
C ILE G 362 -48.55 -10.99 2.55
N TYR G 363 -48.05 -10.17 3.47
CA TYR G 363 -48.95 -9.20 4.09
C TYR G 363 -48.87 -7.82 3.47
N PHE G 364 -47.94 -7.58 2.58
CA PHE G 364 -47.82 -6.28 1.95
C PHE G 364 -47.61 -6.49 0.47
N THR G 365 -47.45 -5.41 -0.28
CA THR G 365 -47.08 -5.48 -1.68
C THR G 365 -45.61 -5.09 -1.80
N GLN G 366 -44.84 -5.93 -2.48
CA GLN G 366 -43.41 -5.71 -2.55
C GLN G 366 -42.97 -5.44 -3.99
N ASP G 367 -42.68 -4.19 -4.28
CA ASP G 367 -41.97 -3.81 -5.49
C ASP G 367 -40.47 -3.96 -5.22
N TRP G 368 -39.79 -4.77 -6.02
CA TRP G 368 -38.36 -4.96 -5.86
C TRP G 368 -37.52 -4.08 -6.75
N CYS G 369 -38.15 -3.33 -7.66
CA CYS G 369 -37.57 -2.16 -8.33
C CYS G 369 -36.31 -2.53 -9.10
N SER G 370 -36.37 -3.68 -9.78
CA SER G 370 -35.33 -4.28 -10.61
C SER G 370 -34.11 -4.74 -9.82
N MET G 371 -34.25 -5.00 -8.53
CA MET G 371 -33.22 -5.74 -7.80
C MET G 371 -33.29 -7.20 -8.26
N PRO G 372 -32.14 -7.84 -8.52
CA PRO G 372 -32.15 -9.19 -9.09
C PRO G 372 -32.68 -10.24 -8.15
N GLY G 373 -33.15 -11.32 -8.73
CA GLY G 373 -33.73 -12.40 -7.97
C GLY G 373 -32.71 -13.25 -7.28
N VAL G 374 -33.16 -14.02 -6.30
CA VAL G 374 -32.31 -14.98 -5.61
C VAL G 374 -32.85 -16.35 -5.97
N MET G 375 -31.98 -17.24 -6.36
CA MET G 375 -32.40 -18.59 -6.71
C MET G 375 -32.61 -19.41 -5.45
N PRO G 376 -33.81 -19.94 -5.22
CA PRO G 376 -34.01 -20.76 -4.03
C PRO G 376 -33.36 -22.14 -4.18
N VAL G 377 -32.73 -22.59 -3.11
CA VAL G 377 -32.18 -23.93 -3.07
C VAL G 377 -33.10 -24.80 -2.23
N ALA G 378 -33.60 -25.87 -2.82
CA ALA G 378 -34.59 -26.73 -2.20
C ALA G 378 -33.96 -28.09 -1.93
N SER G 379 -33.93 -28.49 -0.67
CA SER G 379 -33.40 -29.79 -0.29
C SER G 379 -34.35 -30.87 -0.75
N GLY G 380 -33.97 -31.60 -1.79
CA GLY G 380 -34.79 -32.67 -2.30
C GLY G 380 -34.80 -33.86 -1.36
N GLY G 381 -35.72 -34.77 -1.63
CA GLY G 381 -35.89 -35.92 -0.77
C GLY G 381 -34.76 -36.92 -0.87
N ILE G 382 -34.97 -38.05 -0.20
CA ILE G 382 -33.97 -39.11 -0.15
C ILE G 382 -33.83 -39.78 -1.52
N HIS G 383 -34.91 -39.85 -2.28
CA HIS G 383 -34.94 -40.57 -3.54
C HIS G 383 -35.32 -39.65 -4.70
N VAL G 384 -35.43 -40.25 -5.90
CA VAL G 384 -35.71 -39.51 -7.13
C VAL G 384 -37.20 -39.35 -7.38
N TRP G 385 -38.05 -39.97 -6.58
CA TRP G 385 -39.48 -39.88 -6.82
C TRP G 385 -40.09 -38.57 -6.35
N HIS G 386 -39.33 -37.74 -5.65
CA HIS G 386 -39.81 -36.40 -5.32
C HIS G 386 -39.53 -35.40 -6.42
N MET G 387 -38.83 -35.82 -7.47
CA MET G 387 -38.51 -34.91 -8.57
C MET G 387 -39.72 -34.41 -9.36
N PRO G 388 -40.77 -35.19 -9.66
CA PRO G 388 -41.96 -34.57 -10.26
C PRO G 388 -42.68 -33.61 -9.34
N ALA G 389 -42.52 -33.75 -8.02
CA ALA G 389 -43.11 -32.79 -7.12
C ALA G 389 -42.36 -31.47 -7.17
N LEU G 390 -41.04 -31.52 -7.26
CA LEU G 390 -40.23 -30.32 -7.16
C LEU G 390 -40.22 -29.51 -8.45
N VAL G 391 -40.37 -30.15 -9.60
CA VAL G 391 -40.42 -29.42 -10.86
C VAL G 391 -41.75 -28.68 -10.98
N GLU G 392 -42.82 -29.26 -10.48
CA GLU G 392 -44.12 -28.61 -10.55
C GLU G 392 -44.25 -27.48 -9.54
N ILE G 393 -43.68 -27.64 -8.35
CA ILE G 393 -43.71 -26.61 -7.32
C ILE G 393 -42.79 -25.44 -7.68
N PHE G 394 -41.56 -25.73 -8.09
CA PHE G 394 -40.56 -24.70 -8.29
C PHE G 394 -40.36 -24.26 -9.72
N GLY G 395 -40.60 -25.11 -10.71
CA GLY G 395 -40.28 -24.74 -12.06
C GLY G 395 -38.79 -24.82 -12.30
N ASP G 396 -38.28 -23.93 -13.15
CA ASP G 396 -36.88 -23.94 -13.53
C ASP G 396 -35.98 -23.17 -12.57
N ASP G 397 -36.42 -22.03 -12.06
CA ASP G 397 -35.53 -21.19 -11.26
C ASP G 397 -35.49 -21.69 -9.83
N ALA G 398 -34.71 -22.76 -9.64
CA ALA G 398 -34.47 -23.38 -8.35
C ALA G 398 -33.25 -24.27 -8.48
N CYS G 399 -32.45 -24.31 -7.43
CA CYS G 399 -31.49 -25.37 -7.27
C CYS G 399 -32.13 -26.45 -6.41
N LEU G 400 -31.75 -27.69 -6.67
CA LEU G 400 -32.33 -28.85 -5.99
C LEU G 400 -31.19 -29.65 -5.43
N GLN G 401 -31.22 -29.96 -4.15
CA GLN G 401 -30.11 -30.67 -3.55
C GLN G 401 -30.48 -32.03 -3.01
N PHE G 402 -29.61 -32.99 -3.31
CA PHE G 402 -29.78 -34.39 -2.97
C PHE G 402 -28.49 -34.79 -2.27
N GLY G 403 -28.41 -34.50 -0.97
CA GLY G 403 -27.20 -34.82 -0.23
C GLY G 403 -27.04 -36.31 0.00
N GLY G 404 -28.17 -37.01 0.16
CA GLY G 404 -28.14 -38.44 0.32
C GLY G 404 -28.76 -39.18 -0.85
N GLY G 405 -29.03 -38.45 -1.94
CA GLY G 405 -29.58 -39.06 -3.14
C GLY G 405 -28.49 -39.53 -4.07
N THR G 406 -27.41 -38.76 -4.15
CA THR G 406 -26.29 -39.15 -4.98
C THR G 406 -25.36 -40.09 -4.23
N LEU G 407 -25.14 -39.85 -2.93
CA LEU G 407 -24.24 -40.68 -2.16
C LEU G 407 -24.81 -42.05 -1.86
N GLY G 408 -26.13 -42.17 -1.74
CA GLY G 408 -26.79 -43.41 -1.39
C GLY G 408 -27.14 -44.33 -2.54
N HIS G 409 -26.63 -44.07 -3.72
CA HIS G 409 -26.86 -44.96 -4.85
C HIS G 409 -26.02 -46.22 -4.67
N PRO G 410 -26.54 -47.39 -5.06
CA PRO G 410 -25.77 -48.63 -4.87
C PRO G 410 -24.56 -48.75 -5.78
N TRP G 411 -24.43 -47.92 -6.81
CA TRP G 411 -23.29 -47.98 -7.71
C TRP G 411 -22.25 -46.90 -7.42
N GLY G 412 -22.62 -45.83 -6.72
CA GLY G 412 -21.64 -44.86 -6.34
C GLY G 412 -22.07 -43.42 -6.49
N ASN G 413 -21.11 -42.53 -6.73
CA ASN G 413 -21.45 -41.12 -6.90
C ASN G 413 -21.72 -40.75 -8.34
N ALA G 414 -20.95 -41.26 -9.28
CA ALA G 414 -21.20 -40.84 -10.66
C ALA G 414 -22.44 -41.50 -11.29
N PRO G 415 -22.78 -42.77 -11.04
CA PRO G 415 -24.11 -43.21 -11.47
C PRO G 415 -25.24 -42.58 -10.68
N GLY G 416 -25.03 -42.25 -9.41
CA GLY G 416 -26.09 -41.61 -8.64
C GLY G 416 -26.36 -40.20 -9.08
N ALA G 417 -25.32 -39.49 -9.49
CA ALA G 417 -25.48 -38.14 -10.03
C ALA G 417 -26.12 -38.15 -11.39
N ALA G 418 -25.92 -39.22 -12.16
CA ALA G 418 -26.61 -39.33 -13.44
C ALA G 418 -28.08 -39.63 -13.24
N ALA G 419 -28.41 -40.43 -12.23
CA ALA G 419 -29.78 -40.85 -12.00
C ALA G 419 -30.68 -39.68 -11.62
N ASN G 420 -30.14 -38.71 -10.89
CA ASN G 420 -30.90 -37.49 -10.66
C ASN G 420 -31.00 -36.65 -11.92
N ARG G 421 -29.89 -36.49 -12.62
CA ARG G 421 -29.85 -35.68 -13.83
C ARG G 421 -30.72 -36.25 -14.93
N VAL G 422 -30.81 -37.58 -15.02
CA VAL G 422 -31.74 -38.20 -15.96
C VAL G 422 -33.18 -37.97 -15.53
N ALA G 423 -33.46 -38.13 -14.23
CA ALA G 423 -34.82 -37.94 -13.72
C ALA G 423 -35.24 -36.48 -13.78
N LEU G 424 -34.31 -35.56 -13.56
CA LEU G 424 -34.63 -34.14 -13.68
C LEU G 424 -34.99 -33.76 -15.10
N GLU G 425 -34.21 -34.20 -16.07
CA GLU G 425 -34.47 -33.83 -17.45
C GLU G 425 -35.64 -34.59 -18.03
N ALA G 426 -35.96 -35.77 -17.48
CA ALA G 426 -37.14 -36.48 -17.93
C ALA G 426 -38.40 -35.79 -17.46
N CYS G 427 -38.41 -35.32 -16.21
CA CYS G 427 -39.57 -34.62 -15.67
C CYS G 427 -39.74 -33.26 -16.29
N THR G 428 -38.63 -32.60 -16.64
CA THR G 428 -38.70 -31.32 -17.33
C THR G 428 -39.30 -31.48 -18.71
N GLN G 429 -38.97 -32.57 -19.40
CA GLN G 429 -39.47 -32.78 -20.76
C GLN G 429 -40.96 -33.08 -20.74
N ALA G 430 -41.41 -33.86 -19.75
CA ALA G 430 -42.82 -34.16 -19.60
C ALA G 430 -43.64 -32.94 -19.25
N ARG G 431 -43.03 -31.95 -18.61
CA ARG G 431 -43.72 -30.68 -18.39
C ARG G 431 -43.92 -29.92 -19.69
N ASN G 432 -42.87 -29.84 -20.52
CA ASN G 432 -42.97 -29.05 -21.74
C ASN G 432 -43.88 -29.73 -22.75
N GLU G 433 -43.94 -31.06 -22.73
CA GLU G 433 -44.87 -31.81 -23.56
C GLU G 433 -46.31 -31.69 -23.07
N GLY G 434 -46.53 -31.21 -21.86
CA GLY G 434 -47.84 -30.87 -21.37
C GLY G 434 -48.39 -31.79 -20.29
N ARG G 435 -47.62 -32.77 -19.86
CA ARG G 435 -48.14 -33.79 -18.94
C ARG G 435 -48.23 -33.25 -17.52
N ASP G 436 -49.23 -33.73 -16.78
CA ASP G 436 -49.42 -33.31 -15.39
C ASP G 436 -48.50 -34.14 -14.51
N LEU G 437 -47.49 -33.48 -13.92
CA LEU G 437 -46.56 -34.17 -13.04
C LEU G 437 -47.13 -34.47 -11.66
N ALA G 438 -48.28 -33.90 -11.31
CA ALA G 438 -48.92 -34.29 -10.06
C ALA G 438 -49.57 -35.65 -10.17
N ARG G 439 -49.94 -36.07 -11.38
CA ARG G 439 -50.59 -37.35 -11.61
C ARG G 439 -49.71 -38.31 -12.39
N GLU G 440 -49.21 -37.89 -13.54
CA GLU G 440 -48.46 -38.75 -14.42
C GLU G 440 -46.97 -38.78 -14.10
N GLY G 441 -46.56 -38.24 -12.95
CA GLY G 441 -45.14 -38.13 -12.64
C GLY G 441 -44.48 -39.45 -12.32
N GLY G 442 -45.26 -40.43 -11.86
CA GLY G 442 -44.72 -41.76 -11.69
C GLY G 442 -44.50 -42.49 -12.99
N ASP G 443 -45.37 -42.25 -13.98
CA ASP G 443 -45.24 -42.88 -15.28
C ASP G 443 -44.14 -42.28 -16.14
N VAL G 444 -43.64 -41.11 -15.76
CA VAL G 444 -42.53 -40.48 -16.46
C VAL G 444 -41.19 -40.97 -15.93
N ILE G 445 -41.08 -41.17 -14.61
CA ILE G 445 -39.89 -41.79 -14.04
C ILE G 445 -39.75 -43.22 -14.54
N ARG G 446 -40.85 -43.97 -14.56
CA ARG G 446 -40.81 -45.36 -15.01
C ARG G 446 -40.56 -45.49 -16.51
N SER G 447 -40.86 -44.45 -17.29
CA SER G 447 -40.48 -44.50 -18.70
C SER G 447 -39.00 -44.25 -18.89
N ALA G 448 -38.33 -43.68 -17.89
CA ALA G 448 -36.91 -43.43 -17.93
C ALA G 448 -36.11 -44.46 -17.15
N CYS G 449 -36.77 -45.31 -16.35
CA CYS G 449 -36.08 -46.46 -15.78
C CYS G 449 -35.75 -47.48 -16.87
N LYS G 450 -36.45 -47.40 -18.00
CA LYS G 450 -36.28 -48.40 -19.06
C LYS G 450 -34.96 -48.22 -19.79
N TRP G 451 -34.76 -47.07 -20.42
CA TRP G 451 -33.60 -46.89 -21.27
C TRP G 451 -32.34 -46.49 -20.51
N SER G 452 -32.43 -46.17 -19.22
CA SER G 452 -31.26 -45.75 -18.44
C SER G 452 -31.04 -46.75 -17.32
N PRO G 453 -29.87 -47.39 -17.27
CA PRO G 453 -29.63 -48.37 -16.20
C PRO G 453 -29.34 -47.73 -14.86
N GLU G 454 -28.82 -46.50 -14.88
CA GLU G 454 -28.42 -45.82 -13.64
C GLU G 454 -29.64 -45.43 -12.84
N LEU G 455 -30.66 -44.87 -13.51
CA LEU G 455 -31.90 -44.53 -12.83
C LEU G 455 -32.64 -45.78 -12.39
N ALA G 456 -32.56 -46.86 -13.17
CA ALA G 456 -33.26 -48.10 -12.83
C ALA G 456 -32.68 -48.73 -11.57
N ALA G 457 -31.39 -48.60 -11.34
CA ALA G 457 -30.79 -49.05 -10.09
C ALA G 457 -31.24 -48.19 -8.92
N ALA G 458 -31.62 -46.94 -9.17
CA ALA G 458 -32.25 -46.13 -8.14
C ALA G 458 -33.76 -46.29 -8.14
N CYS G 459 -34.36 -46.69 -9.27
CA CYS G 459 -35.77 -47.06 -9.27
C CYS G 459 -36.00 -48.31 -8.42
N GLU G 460 -35.01 -49.20 -8.38
CA GLU G 460 -35.15 -50.47 -7.66
C GLU G 460 -35.13 -50.27 -6.15
N VAL G 461 -34.41 -49.27 -5.65
CA VAL G 461 -34.42 -48.99 -4.22
C VAL G 461 -35.72 -48.30 -3.82
N MET H 46 -8.36 58.53 7.97
CA MET H 46 -8.13 57.13 7.69
C MET H 46 -7.69 56.42 8.96
N MET H 47 -8.48 55.46 9.41
CA MET H 47 -8.21 54.83 10.68
C MET H 47 -7.68 53.42 10.49
N VAL H 48 -7.33 52.79 11.61
CA VAL H 48 -6.81 51.43 11.63
C VAL H 48 -7.66 50.62 12.59
N TRP H 49 -8.22 49.53 12.09
CA TRP H 49 -8.98 48.63 12.92
C TRP H 49 -8.06 47.91 13.89
N THR H 50 -8.48 47.79 15.14
CA THR H 50 -7.40 47.43 16.04
C THR H 50 -7.26 45.92 16.19
N PRO H 51 -6.02 45.42 16.28
CA PRO H 51 -5.81 43.99 16.50
C PRO H 51 -5.67 43.58 17.95
N VAL H 52 -5.57 44.55 18.85
CA VAL H 52 -5.18 44.30 20.23
C VAL H 52 -6.44 44.32 21.09
N ASN H 53 -6.71 43.20 21.76
CA ASN H 53 -7.84 43.04 22.68
C ASN H 53 -9.18 43.38 22.03
N ASN H 54 -9.45 42.73 20.90
CA ASN H 54 -10.62 43.06 20.10
C ASN H 54 -11.42 41.80 19.79
N LYS H 55 -11.55 40.90 20.75
CA LYS H 55 -12.26 39.66 20.49
C LYS H 55 -13.71 39.93 20.23
N MET H 56 -14.32 39.10 19.41
CA MET H 56 -15.71 39.26 19.04
C MET H 56 -16.43 37.94 19.17
N PHE H 57 -17.74 38.04 19.24
CA PHE H 57 -18.65 36.90 19.29
C PHE H 57 -19.45 37.04 18.01
N GLU H 58 -19.80 35.93 17.40
CA GLU H 58 -20.32 36.03 16.06
C GLU H 58 -21.53 36.90 15.75
N THR H 59 -22.62 36.83 16.49
CA THR H 59 -23.77 37.65 16.08
C THR H 59 -23.97 38.84 17.01
N PHE H 60 -24.16 39.99 16.39
CA PHE H 60 -24.38 41.27 17.04
C PHE H 60 -23.23 41.76 17.89
N SER H 61 -22.00 41.39 17.54
CA SER H 61 -20.83 41.86 18.27
C SER H 61 -20.18 43.06 17.64
N TYR H 62 -20.44 43.32 16.37
CA TYR H 62 -19.95 44.50 15.68
C TYR H 62 -20.91 45.66 15.85
N LEU H 63 -21.93 45.48 16.68
CA LEU H 63 -22.90 46.46 17.12
C LEU H 63 -22.54 46.88 18.54
N PRO H 64 -23.00 48.05 19.01
CA PRO H 64 -22.82 48.39 20.41
C PRO H 64 -23.68 47.49 21.29
N PRO H 65 -23.32 47.31 22.60
CA PRO H 65 -23.99 46.32 23.45
C PRO H 65 -25.49 46.51 23.59
N LEU H 66 -26.24 45.42 23.53
CA LEU H 66 -27.69 45.51 23.40
C LEU H 66 -28.31 45.96 24.71
N SER H 67 -29.23 46.91 24.63
CA SER H 67 -29.96 47.33 25.80
C SER H 67 -31.01 46.28 26.16
N ASP H 68 -31.64 46.46 27.32
CA ASP H 68 -32.65 45.52 27.77
C ASP H 68 -33.90 45.60 26.90
N GLU H 69 -34.12 46.74 26.24
CA GLU H 69 -35.22 46.83 25.29
C GLU H 69 -34.87 46.19 23.96
N GLN H 70 -33.59 46.20 23.59
CA GLN H 70 -33.17 45.53 22.36
C GLN H 70 -33.06 44.02 22.56
N ILE H 71 -32.72 43.58 23.77
CA ILE H 71 -32.77 42.15 24.05
C ILE H 71 -34.21 41.67 24.11
N ALA H 72 -35.11 42.49 24.64
CA ALA H 72 -36.52 42.12 24.65
C ALA H 72 -37.13 42.18 23.24
N ALA H 73 -36.55 42.97 22.34
CA ALA H 73 -37.04 42.99 20.97
C ALA H 73 -36.63 41.73 20.21
N GLN H 74 -35.51 41.11 20.60
CA GLN H 74 -35.08 39.89 19.94
C GLN H 74 -35.84 38.69 20.45
N VAL H 75 -36.17 38.69 21.75
CA VAL H 75 -36.95 37.58 22.32
C VAL H 75 -38.39 37.61 21.80
N ASP H 76 -38.91 38.81 21.49
CA ASP H 76 -40.20 38.91 20.81
C ASP H 76 -40.15 38.25 19.43
N TYR H 77 -39.02 38.39 18.74
CA TYR H 77 -38.79 37.68 17.49
C TYR H 77 -38.61 36.19 17.72
N ILE H 78 -38.05 35.78 18.86
CA ILE H 78 -37.90 34.36 19.17
C ILE H 78 -39.25 33.75 19.54
N VAL H 79 -40.17 34.52 20.12
CA VAL H 79 -41.45 33.98 20.55
C VAL H 79 -42.52 34.10 19.46
N ALA H 80 -42.37 35.07 18.53
CA ALA H 80 -43.34 35.27 17.45
C ALA H 80 -43.46 34.05 16.55
N ASN H 81 -42.38 33.32 16.38
CA ASN H 81 -42.40 31.97 15.85
C ASN H 81 -42.06 30.98 16.97
N GLY H 82 -42.18 29.70 16.70
CA GLY H 82 -42.12 28.76 17.79
C GLY H 82 -40.73 28.38 18.27
N TRP H 83 -39.90 29.35 18.61
CA TRP H 83 -38.53 29.08 19.01
C TRP H 83 -38.43 29.15 20.53
N ILE H 84 -37.36 28.57 21.05
CA ILE H 84 -37.24 28.32 22.48
C ILE H 84 -35.95 28.99 22.96
N PRO H 85 -36.03 30.06 23.75
CA PRO H 85 -34.82 30.77 24.14
C PRO H 85 -34.12 30.05 25.27
N CYS H 86 -32.81 30.20 25.35
CA CYS H 86 -32.01 29.51 26.35
C CYS H 86 -30.72 30.30 26.54
N LEU H 87 -30.23 30.37 27.75
CA LEU H 87 -29.00 31.11 28.01
C LEU H 87 -27.81 30.18 28.13
N GLU H 88 -26.64 30.73 27.83
CA GLU H 88 -25.39 30.01 28.01
C GLU H 88 -24.37 30.93 28.65
N PHE H 89 -23.29 30.34 29.13
CA PHE H 89 -22.22 31.13 29.71
C PHE H 89 -20.90 30.40 29.64
N ALA H 90 -19.84 31.19 29.64
CA ALA H 90 -18.48 30.69 29.66
C ALA H 90 -17.60 31.71 30.37
N GLU H 91 -16.54 31.22 30.99
CA GLU H 91 -15.51 32.09 31.57
C GLU H 91 -14.63 32.69 30.48
N SER H 92 -13.61 33.41 30.90
CA SER H 92 -12.74 34.09 29.94
C SER H 92 -11.87 33.13 29.16
N ASP H 93 -11.58 31.97 29.72
CA ASP H 93 -10.77 30.95 29.06
C ASP H 93 -11.58 29.91 28.30
N LYS H 94 -12.91 29.91 28.41
CA LYS H 94 -13.73 28.96 27.68
C LYS H 94 -14.68 29.69 26.74
N ALA H 95 -14.41 30.95 26.46
CA ALA H 95 -15.33 31.80 25.69
C ALA H 95 -15.09 31.71 24.20
N TYR H 96 -13.88 32.01 23.77
CA TYR H 96 -13.56 31.99 22.36
C TYR H 96 -12.73 30.78 21.99
N VAL H 97 -12.52 30.64 20.68
CA VAL H 97 -12.14 29.38 20.05
C VAL H 97 -10.69 29.00 20.37
N SER H 98 -10.41 27.70 20.42
CA SER H 98 -9.06 27.24 20.72
C SER H 98 -8.83 25.87 20.08
N ASN H 99 -7.56 25.44 20.09
CA ASN H 99 -7.12 24.26 19.37
C ASN H 99 -6.64 23.16 20.29
N GLU H 100 -6.76 23.34 21.60
CA GLU H 100 -5.92 22.64 22.56
C GLU H 100 -6.18 21.15 22.67
N SER H 101 -7.33 20.66 22.21
CA SER H 101 -7.56 19.22 22.27
C SER H 101 -6.96 18.48 21.09
N ALA H 102 -6.50 19.19 20.07
CA ALA H 102 -5.90 18.61 18.87
C ALA H 102 -4.50 18.10 19.10
N ILE H 103 -3.96 18.26 20.31
CA ILE H 103 -2.74 17.57 20.69
C ILE H 103 -2.97 16.06 20.76
N ARG H 104 -4.21 15.62 20.92
CA ARG H 104 -4.53 14.20 20.96
C ARG H 104 -4.92 13.64 19.62
N PHE H 105 -4.79 14.38 18.53
CA PHE H 105 -5.38 13.93 17.29
C PHE H 105 -4.33 13.36 16.35
N GLY H 106 -4.82 12.60 15.36
CA GLY H 106 -4.16 12.39 14.10
C GLY H 106 -4.53 13.54 13.17
N SER H 107 -4.78 13.27 11.90
CA SER H 107 -5.11 14.38 11.01
C SER H 107 -6.60 14.58 10.82
N VAL H 108 -7.33 14.66 11.93
CA VAL H 108 -8.78 14.74 11.94
C VAL H 108 -9.23 16.11 12.43
N SER H 109 -8.39 17.10 12.24
CA SER H 109 -8.55 18.40 12.87
C SER H 109 -9.44 19.38 12.11
N CYS H 110 -9.92 19.03 10.92
CA CYS H 110 -10.72 19.95 10.12
C CYS H 110 -12.07 20.17 10.77
N LEU H 111 -12.40 21.44 11.01
CA LEU H 111 -13.67 21.89 11.61
C LEU H 111 -13.90 21.30 12.97
N TYR H 112 -12.83 20.99 13.67
CA TYR H 112 -12.88 20.75 15.10
C TYR H 112 -12.35 21.99 15.78
N TYR H 113 -13.09 22.48 16.77
CA TYR H 113 -12.57 23.51 17.63
C TYR H 113 -12.97 23.19 19.06
N ASP H 114 -12.39 23.91 19.99
CA ASP H 114 -12.89 23.93 21.36
C ASP H 114 -13.60 25.23 21.61
N ASN H 115 -14.35 25.25 22.71
CA ASN H 115 -15.11 26.40 23.20
C ASN H 115 -16.20 26.82 22.23
N ARG H 116 -16.75 25.87 21.49
CA ARG H 116 -18.00 26.14 20.79
C ARG H 116 -19.19 25.78 21.62
N TYR H 117 -19.04 24.84 22.54
CA TYR H 117 -20.02 24.63 23.58
C TYR H 117 -19.76 25.57 24.72
N TRP H 118 -20.80 26.22 25.19
CA TRP H 118 -20.79 26.85 26.49
C TRP H 118 -21.76 26.11 27.39
N THR H 119 -21.65 26.36 28.68
CA THR H 119 -22.51 25.69 29.65
C THR H 119 -23.90 26.29 29.61
N MET H 120 -24.92 25.46 29.55
CA MET H 120 -26.29 25.93 29.51
C MET H 120 -26.65 26.50 30.88
N TRP H 121 -27.46 27.54 30.92
CA TRP H 121 -27.88 28.08 32.19
C TRP H 121 -29.27 27.55 32.32
N LYS H 122 -29.51 26.77 33.37
CA LYS H 122 -30.79 26.13 33.63
C LYS H 122 -31.25 25.29 32.45
N LEU H 123 -32.49 25.48 32.02
CA LEU H 123 -33.07 24.71 30.93
C LEU H 123 -33.70 25.64 29.91
N PRO H 124 -33.94 25.15 28.69
CA PRO H 124 -34.58 25.99 27.69
C PRO H 124 -35.99 26.38 28.13
N MET H 125 -36.37 27.62 27.86
CA MET H 125 -37.67 28.14 28.31
C MET H 125 -38.76 27.60 27.39
N PHE H 126 -39.26 26.42 27.74
CA PHE H 126 -40.33 25.82 26.96
C PHE H 126 -41.66 26.50 27.28
N GLY H 127 -42.40 26.83 26.23
CA GLY H 127 -43.65 27.57 26.41
C GLY H 127 -43.43 28.98 26.90
N CYS H 128 -42.39 29.63 26.40
CA CYS H 128 -42.05 30.99 26.82
C CYS H 128 -42.84 31.97 25.97
N ARG H 129 -43.70 32.74 26.61
CA ARG H 129 -44.47 33.78 25.94
C ARG H 129 -44.00 35.18 26.35
N ASP H 130 -43.47 35.33 27.56
CA ASP H 130 -43.11 36.62 28.10
C ASP H 130 -41.61 36.86 27.96
N PRO H 131 -41.20 37.93 27.28
CA PRO H 131 -39.76 38.21 27.13
C PRO H 131 -39.11 38.74 28.39
N MET H 132 -39.87 39.13 29.42
CA MET H 132 -39.24 39.59 30.65
C MET H 132 -38.79 38.43 31.52
N GLN H 133 -39.41 37.25 31.38
CA GLN H 133 -38.94 36.06 32.07
C GLN H 133 -37.55 35.65 31.62
N VAL H 134 -37.23 35.86 30.35
CA VAL H 134 -35.88 35.61 29.86
C VAL H 134 -34.93 36.67 30.37
N LEU H 135 -35.41 37.90 30.48
CA LEU H 135 -34.55 39.02 30.83
C LEU H 135 -34.22 39.02 32.32
N ARG H 136 -35.07 38.39 33.14
CA ARG H 136 -34.74 38.18 34.55
C ARG H 136 -33.62 37.17 34.71
N GLU H 137 -33.53 36.22 33.77
CA GLU H 137 -32.52 35.18 33.89
C GLU H 137 -31.15 35.67 33.48
N ILE H 138 -31.07 36.78 32.73
CA ILE H 138 -29.78 37.35 32.39
C ILE H 138 -29.16 38.01 33.61
N VAL H 139 -29.97 38.71 34.38
CA VAL H 139 -29.51 39.29 35.64
C VAL H 139 -29.17 38.19 36.64
N ALA H 140 -29.96 37.11 36.65
CA ALA H 140 -29.74 36.04 37.62
C ALA H 140 -28.49 35.23 37.27
N CYS H 141 -28.16 35.12 35.99
CA CYS H 141 -26.97 34.37 35.59
C CYS H 141 -25.70 35.14 35.95
N THR H 142 -25.68 36.44 35.66
CA THR H 142 -24.47 37.22 35.89
C THR H 142 -24.26 37.53 37.36
N LYS H 143 -25.31 37.41 38.17
CA LYS H 143 -25.11 37.47 39.62
C LYS H 143 -24.38 36.24 40.11
N ALA H 144 -24.74 35.06 39.58
CA ALA H 144 -24.04 33.84 39.96
C ALA H 144 -22.64 33.79 39.37
N PHE H 145 -22.45 34.35 38.18
CA PHE H 145 -21.18 34.31 37.46
C PHE H 145 -20.86 35.71 36.99
N PRO H 146 -20.20 36.52 37.83
CA PRO H 146 -19.87 37.89 37.40
C PRO H 146 -18.71 37.96 36.43
N ASP H 147 -17.93 36.90 36.30
CA ASP H 147 -16.78 36.88 35.39
C ASP H 147 -17.06 36.11 34.12
N ALA H 148 -18.31 36.07 33.67
CA ALA H 148 -18.73 35.19 32.59
C ALA H 148 -19.47 35.94 31.50
N TYR H 149 -19.13 35.63 30.25
CA TYR H 149 -19.91 36.01 29.07
C TYR H 149 -21.23 35.27 29.10
N VAL H 150 -22.25 35.85 28.48
CA VAL H 150 -23.58 35.24 28.42
C VAL H 150 -24.11 35.38 27.00
N ARG H 151 -24.56 34.28 26.40
CA ARG H 151 -25.23 34.38 25.12
C ARG H 151 -26.60 33.74 25.19
N LEU H 152 -27.52 34.36 24.46
CA LEU H 152 -28.88 33.87 24.30
C LEU H 152 -28.97 33.08 23.00
N VAL H 153 -29.19 31.78 23.10
CA VAL H 153 -29.34 30.93 21.94
C VAL H 153 -30.81 30.61 21.79
N ALA H 154 -31.19 30.15 20.61
CA ALA H 154 -32.56 29.73 20.40
C ALA H 154 -32.56 28.42 19.63
N PHE H 155 -33.59 27.62 19.85
CA PHE H 155 -33.70 26.30 19.26
C PHE H 155 -35.02 26.20 18.54
N ASP H 156 -35.03 25.50 17.42
CA ASP H 156 -36.29 25.27 16.71
C ASP H 156 -36.90 23.97 17.22
N ASN H 157 -38.23 23.94 17.26
CA ASN H 157 -38.92 22.79 17.82
C ASN H 157 -39.18 21.74 16.75
N GLN H 158 -39.61 22.18 15.56
CA GLN H 158 -39.96 21.24 14.51
C GLN H 158 -38.75 20.77 13.73
N LYS H 159 -37.68 21.58 13.72
CA LYS H 159 -36.49 21.21 12.96
C LYS H 159 -35.45 20.58 13.87
N GLN H 160 -35.55 20.85 15.18
CA GLN H 160 -34.67 20.36 16.24
C GLN H 160 -33.21 20.70 15.97
N VAL H 161 -32.94 22.01 15.95
CA VAL H 161 -31.64 22.56 15.63
C VAL H 161 -31.57 23.93 16.28
N GLN H 162 -30.35 24.44 16.46
CA GLN H 162 -30.13 25.76 17.02
C GLN H 162 -30.26 26.82 15.93
N ILE H 163 -31.02 27.88 16.22
CA ILE H 163 -31.41 28.83 15.19
C ILE H 163 -30.54 30.07 15.23
N MET H 164 -30.54 30.78 16.34
CA MET H 164 -29.85 32.05 16.45
C MET H 164 -29.12 32.05 17.76
N GLY H 165 -27.96 32.68 17.80
CA GLY H 165 -27.19 32.78 19.02
C GLY H 165 -26.36 34.04 19.09
N PHE H 166 -26.60 34.86 20.10
CA PHE H 166 -25.99 36.18 20.12
C PHE H 166 -25.68 36.62 21.54
N LEU H 167 -24.51 37.26 21.69
CA LEU H 167 -24.00 37.65 22.99
C LEU H 167 -24.86 38.74 23.61
N VAL H 168 -25.27 38.53 24.86
CA VAL H 168 -26.11 39.50 25.55
C VAL H 168 -25.44 40.08 26.78
N GLN H 169 -24.26 39.62 27.16
CA GLN H 169 -23.59 40.14 28.33
C GLN H 169 -22.10 39.87 28.24
N ARG H 170 -21.31 40.88 28.56
CA ARG H 170 -19.87 40.76 28.75
C ARG H 170 -19.52 41.01 30.20
N PRO H 171 -18.48 40.38 30.73
CA PRO H 171 -18.03 40.71 32.08
C PRO H 171 -17.27 42.01 32.08
N LYS H 172 -17.22 42.65 33.24
CA LYS H 172 -16.43 43.87 33.36
C LYS H 172 -14.96 43.56 33.63
N SER H 173 -14.68 42.41 34.24
CA SER H 173 -13.33 42.06 34.61
C SER H 173 -12.49 41.56 33.43
N ALA H 174 -13.07 41.46 32.24
CA ALA H 174 -12.33 40.97 31.09
C ALA H 174 -11.86 42.13 30.23
N ARG H 175 -10.60 42.06 29.79
CA ARG H 175 -10.02 43.05 28.89
C ARG H 175 -9.85 42.50 27.48
N ASP H 176 -10.76 41.63 27.05
CA ASP H 176 -10.67 40.99 25.74
C ASP H 176 -11.38 41.77 24.64
N TRP H 177 -12.20 42.76 24.97
CA TRP H 177 -13.03 43.45 23.99
C TRP H 177 -12.88 44.95 24.10
N GLN H 178 -13.10 45.64 22.97
CA GLN H 178 -13.01 47.08 22.91
C GLN H 178 -14.39 47.71 23.00
N PRO H 179 -14.56 48.79 23.77
CA PRO H 179 -15.90 49.37 23.98
C PRO H 179 -16.36 50.23 22.82
N ALA H 180 -16.61 49.57 21.67
CA ALA H 180 -17.27 50.10 20.47
C ALA H 180 -16.55 51.26 19.78
N ASN H 181 -15.44 51.72 20.33
CA ASN H 181 -14.59 52.74 19.72
C ASN H 181 -13.26 52.06 19.49
N LYS H 182 -13.21 51.31 18.40
CA LYS H 182 -12.14 50.38 18.09
C LYS H 182 -11.57 50.66 16.71
N ARG H 183 -11.95 51.83 16.18
CA ARG H 183 -11.18 52.57 15.20
C ARG H 183 -10.96 51.85 13.88
N LYS I 18 -36.64 10.94 -32.71
CA LYS I 18 -37.09 10.15 -33.85
C LYS I 18 -38.19 9.18 -33.45
N ASP I 19 -39.42 9.68 -33.38
CA ASP I 19 -40.56 8.89 -32.95
C ASP I 19 -41.57 8.73 -34.08
N TYR I 20 -42.37 7.67 -33.99
CA TYR I 20 -43.48 7.50 -34.92
C TYR I 20 -44.77 8.08 -34.36
N ARG I 21 -44.68 8.76 -33.21
CA ARG I 21 -45.69 9.57 -32.50
C ARG I 21 -46.74 8.68 -31.80
N LEU I 22 -46.79 7.39 -32.09
CA LEU I 22 -47.75 6.51 -31.47
C LEU I 22 -47.24 5.92 -30.17
N THR I 23 -45.98 5.52 -30.13
CA THR I 23 -45.46 4.81 -28.97
C THR I 23 -44.85 5.75 -27.95
N TYR I 24 -44.39 6.93 -28.40
CA TYR I 24 -43.67 7.83 -27.50
C TYR I 24 -44.48 9.04 -27.08
N TYR I 25 -45.67 9.23 -27.62
CA TYR I 25 -46.57 10.27 -27.16
C TYR I 25 -47.79 9.58 -26.54
N THR I 26 -47.76 9.44 -25.23
CA THR I 26 -48.82 8.74 -24.49
C THR I 26 -49.48 9.72 -23.54
N PRO I 27 -50.49 10.48 -23.98
CA PRO I 27 -51.12 11.44 -23.07
C PRO I 27 -52.03 10.79 -22.05
N ASP I 28 -52.42 9.54 -22.26
CA ASP I 28 -53.30 8.85 -21.34
C ASP I 28 -52.50 8.18 -20.21
N TYR I 29 -51.17 8.33 -20.24
CA TYR I 29 -50.29 7.68 -19.28
C TYR I 29 -50.30 8.39 -17.94
N VAL I 30 -50.25 7.61 -16.87
CA VAL I 30 -50.18 8.13 -15.51
C VAL I 30 -48.75 7.92 -15.04
N VAL I 31 -48.10 8.98 -14.58
CA VAL I 31 -46.68 8.91 -14.24
C VAL I 31 -46.51 8.16 -12.94
N ARG I 32 -45.31 7.62 -12.74
CA ARG I 32 -45.01 6.84 -11.55
C ARG I 32 -44.32 7.71 -10.52
N ASP I 33 -44.29 7.20 -9.29
CA ASP I 33 -43.57 7.92 -8.25
C ASP I 33 -42.08 7.64 -8.27
N THR I 34 -41.64 6.69 -9.09
CA THR I 34 -40.22 6.48 -9.33
C THR I 34 -39.76 7.06 -10.65
N ASP I 35 -40.65 7.65 -11.42
CA ASP I 35 -40.28 8.22 -12.72
C ASP I 35 -39.43 9.46 -12.54
N ILE I 36 -38.45 9.59 -13.41
CA ILE I 36 -37.77 10.86 -13.63
C ILE I 36 -38.60 11.64 -14.63
N LEU I 37 -39.01 12.84 -14.26
CA LEU I 37 -39.79 13.68 -15.14
C LEU I 37 -38.92 14.81 -15.63
N ALA I 38 -39.12 15.22 -16.87
CA ALA I 38 -38.36 16.31 -17.48
C ALA I 38 -39.34 17.25 -18.17
N ALA I 39 -39.03 18.54 -18.15
CA ALA I 39 -39.89 19.54 -18.78
C ALA I 39 -39.07 20.32 -19.80
N PHE I 40 -39.36 20.13 -21.08
CA PHE I 40 -38.57 20.74 -22.14
C PHE I 40 -39.34 21.90 -22.74
N ARG I 41 -38.70 23.08 -22.77
CA ARG I 41 -39.16 24.15 -23.64
C ARG I 41 -38.65 23.89 -25.04
N MET I 42 -39.58 23.78 -25.99
CA MET I 42 -39.37 23.07 -27.24
C MET I 42 -39.86 23.91 -28.40
N THR I 43 -38.95 24.37 -29.26
CA THR I 43 -39.31 25.16 -30.44
C THR I 43 -39.21 24.29 -31.68
N PRO I 44 -40.30 24.00 -32.38
CA PRO I 44 -40.22 23.17 -33.58
C PRO I 44 -39.73 23.96 -34.78
N GLN I 45 -39.35 23.21 -35.82
CA GLN I 45 -39.19 23.78 -37.15
C GLN I 45 -40.56 24.16 -37.69
N PRO I 46 -40.64 25.13 -38.61
CA PRO I 46 -41.95 25.53 -39.14
C PRO I 46 -42.55 24.44 -40.02
N GLY I 47 -43.67 23.89 -39.55
CA GLY I 47 -44.34 22.80 -40.21
C GLY I 47 -44.33 21.48 -39.45
N VAL I 48 -43.50 21.35 -38.42
CA VAL I 48 -43.46 20.13 -37.62
C VAL I 48 -44.52 20.26 -36.54
N PRO I 49 -45.38 19.25 -36.33
CA PRO I 49 -46.41 19.35 -35.30
C PRO I 49 -45.81 19.31 -33.91
N PRO I 50 -46.49 19.87 -32.92
CA PRO I 50 -45.95 19.84 -31.56
C PRO I 50 -45.93 18.45 -30.95
N GLU I 51 -46.90 17.60 -31.29
CA GLU I 51 -46.95 16.26 -30.73
C GLU I 51 -45.88 15.36 -31.33
N GLU I 52 -45.64 15.48 -32.64
CA GLU I 52 -44.58 14.69 -33.26
C GLU I 52 -43.20 15.17 -32.83
N CYS I 53 -43.04 16.48 -32.63
CA CYS I 53 -41.78 17.00 -32.12
C CYS I 53 -41.59 16.64 -30.66
N GLY I 54 -42.68 16.57 -29.90
CA GLY I 54 -42.59 16.24 -28.48
C GLY I 54 -42.31 14.78 -28.22
N ALA I 55 -42.82 13.89 -29.07
CA ALA I 55 -42.53 12.47 -28.92
C ALA I 55 -41.13 12.13 -29.38
N ALA I 56 -40.56 12.97 -30.24
CA ALA I 56 -39.19 12.75 -30.71
C ALA I 56 -38.17 13.11 -29.63
N VAL I 57 -38.48 14.09 -28.79
CA VAL I 57 -37.64 14.39 -27.63
C VAL I 57 -37.68 13.21 -26.66
N ALA I 58 -38.83 12.55 -26.57
CA ALA I 58 -38.96 11.40 -25.70
C ALA I 58 -38.31 10.17 -26.30
N ALA I 59 -38.30 10.07 -27.63
CA ALA I 59 -37.77 8.86 -28.27
C ALA I 59 -36.25 8.86 -28.32
N GLU I 60 -35.65 10.04 -28.48
CA GLU I 60 -34.20 10.27 -28.53
C GLU I 60 -33.52 9.46 -29.63
N ASP I 78 -39.88 -0.89 -24.59
CA ASP I 78 -41.20 -0.50 -24.10
C ASP I 78 -41.20 -0.28 -22.59
N ARG I 79 -40.38 -1.06 -21.89
CA ARG I 79 -40.18 -0.81 -20.46
C ARG I 79 -39.13 0.25 -20.24
N TYR I 80 -38.38 0.60 -21.26
CA TYR I 80 -37.26 1.51 -21.16
C TYR I 80 -37.46 2.76 -21.97
N LYS I 81 -38.62 2.94 -22.57
CA LYS I 81 -38.85 4.14 -23.36
C LYS I 81 -39.22 5.31 -22.47
N GLY I 82 -38.70 6.48 -22.82
CA GLY I 82 -39.19 7.73 -22.28
C GLY I 82 -40.38 8.14 -23.13
N ARG I 83 -41.44 8.57 -22.47
CA ARG I 83 -42.68 8.93 -23.15
C ARG I 83 -43.18 10.31 -22.75
N CYS I 84 -43.32 11.16 -23.76
CA CYS I 84 -43.94 12.46 -23.63
C CYS I 84 -45.41 12.31 -23.27
N TYR I 85 -45.79 12.82 -22.09
CA TYR I 85 -47.14 12.61 -21.57
C TYR I 85 -48.00 13.86 -21.52
N ASP I 86 -47.43 15.03 -21.81
CA ASP I 86 -48.19 16.28 -21.76
C ASP I 86 -47.45 17.33 -22.58
N ILE I 87 -48.21 18.10 -23.35
CA ILE I 87 -47.68 19.20 -24.15
C ILE I 87 -48.57 20.40 -23.94
N GLU I 88 -47.98 21.52 -23.51
CA GLU I 88 -48.68 22.76 -23.23
C GLU I 88 -48.13 23.87 -24.11
N PRO I 89 -48.98 24.76 -24.63
CA PRO I 89 -48.47 25.96 -25.26
C PRO I 89 -47.87 26.91 -24.24
N VAL I 90 -46.94 27.74 -24.70
CA VAL I 90 -46.35 28.79 -23.88
C VAL I 90 -47.08 30.10 -24.20
N PRO I 91 -47.67 30.76 -23.21
CA PRO I 91 -48.43 31.98 -23.50
C PRO I 91 -47.50 33.14 -23.87
N GLY I 92 -47.83 33.80 -24.99
CA GLY I 92 -47.03 34.87 -25.52
C GLY I 92 -46.04 34.47 -26.58
N GLU I 93 -45.64 33.20 -26.61
CA GLU I 93 -44.74 32.66 -27.62
C GLU I 93 -45.57 31.83 -28.57
N ASP I 94 -45.60 32.23 -29.84
CA ASP I 94 -46.46 31.57 -30.81
C ASP I 94 -45.93 30.22 -31.27
N ASN I 95 -44.67 29.90 -30.98
CA ASN I 95 -44.06 28.67 -31.51
C ASN I 95 -43.22 27.98 -30.45
N GLN I 96 -43.59 28.08 -29.18
CA GLN I 96 -42.92 27.35 -28.13
C GLN I 96 -43.92 26.52 -27.35
N TYR I 97 -43.42 25.42 -26.79
CA TYR I 97 -44.26 24.42 -26.14
C TYR I 97 -43.50 23.86 -24.96
N ILE I 98 -44.23 23.27 -24.02
CA ILE I 98 -43.62 22.59 -22.88
C ILE I 98 -43.94 21.11 -23.03
N ALA I 99 -42.93 20.32 -23.37
CA ALA I 99 -43.08 18.88 -23.44
C ALA I 99 -42.68 18.28 -22.11
N TYR I 100 -43.55 17.50 -21.51
CA TYR I 100 -43.26 16.78 -20.27
C TYR I 100 -42.93 15.35 -20.62
N VAL I 101 -41.72 14.91 -20.32
CA VAL I 101 -41.27 13.56 -20.64
C VAL I 101 -40.98 12.81 -19.34
N ALA I 102 -41.51 11.60 -19.23
CA ALA I 102 -41.26 10.71 -18.10
C ALA I 102 -40.21 9.67 -18.47
N TYR I 103 -39.35 9.32 -17.53
CA TYR I 103 -38.34 8.30 -17.74
C TYR I 103 -38.44 7.23 -16.68
N PRO I 104 -38.36 5.95 -17.04
CA PRO I 104 -38.30 4.91 -16.02
C PRO I 104 -36.98 4.96 -15.25
N ILE I 105 -37.05 4.61 -13.97
CA ILE I 105 -35.90 4.71 -13.07
C ILE I 105 -34.81 3.69 -13.42
N ASP I 106 -35.13 2.69 -14.24
CA ASP I 106 -34.14 1.69 -14.62
C ASP I 106 -33.17 2.21 -15.67
N LEU I 107 -33.36 3.42 -16.18
CA LEU I 107 -32.47 3.92 -17.22
C LEU I 107 -31.18 4.46 -16.65
N PHE I 108 -31.04 4.49 -15.34
CA PHE I 108 -30.08 5.34 -14.66
C PHE I 108 -29.19 4.53 -13.73
N GLU I 109 -27.97 4.99 -13.55
CA GLU I 109 -27.08 4.44 -12.54
C GLU I 109 -27.36 5.07 -11.18
N GLU I 110 -27.33 4.24 -10.15
CA GLU I 110 -27.39 4.72 -8.79
C GLU I 110 -26.19 5.61 -8.49
N GLY I 111 -26.46 6.82 -8.05
CA GLY I 111 -25.43 7.72 -7.59
C GLY I 111 -24.64 8.43 -8.65
N SER I 112 -25.21 8.68 -9.81
CA SER I 112 -24.43 9.18 -10.93
C SER I 112 -25.16 10.32 -11.65
N VAL I 113 -24.60 11.53 -11.54
CA VAL I 113 -25.14 12.69 -12.24
C VAL I 113 -24.65 12.69 -13.67
N THR I 114 -23.52 12.03 -13.92
CA THR I 114 -23.03 11.84 -15.26
C THR I 114 -23.97 10.97 -16.09
N ASN I 115 -24.47 9.89 -15.51
CA ASN I 115 -25.43 9.05 -16.20
C ASN I 115 -26.78 9.73 -16.33
N MET I 116 -27.15 10.56 -15.36
CA MET I 116 -28.46 11.21 -15.44
C MET I 116 -28.48 12.28 -16.51
N PHE I 117 -27.38 13.03 -16.67
CA PHE I 117 -27.36 14.00 -17.75
C PHE I 117 -27.15 13.36 -19.10
N THR I 118 -26.41 12.26 -19.17
CA THR I 118 -26.15 11.62 -20.47
C THR I 118 -27.41 10.98 -21.02
N SER I 119 -28.33 10.56 -20.16
CA SER I 119 -29.55 9.94 -20.67
C SER I 119 -30.55 10.99 -21.10
N ILE I 120 -30.65 12.10 -20.39
CA ILE I 120 -31.71 13.07 -20.61
C ILE I 120 -31.31 14.11 -21.67
N VAL I 121 -30.10 14.65 -21.62
CA VAL I 121 -29.75 15.71 -22.56
C VAL I 121 -28.57 15.32 -23.42
N GLY I 122 -28.31 14.02 -23.52
CA GLY I 122 -27.11 13.56 -24.20
C GLY I 122 -27.19 13.63 -25.71
N ASN I 123 -28.38 13.46 -26.27
CA ASN I 123 -28.53 13.43 -27.72
C ASN I 123 -29.60 14.34 -28.28
N VAL I 124 -30.61 14.75 -27.50
CA VAL I 124 -31.79 15.42 -28.04
C VAL I 124 -31.57 16.82 -28.59
N PHE I 125 -30.49 17.50 -28.23
CA PHE I 125 -30.46 18.90 -28.63
C PHE I 125 -29.96 19.05 -30.05
N GLY I 126 -29.29 18.05 -30.58
CA GLY I 126 -28.88 18.06 -31.97
C GLY I 126 -29.94 17.60 -32.93
N PHE I 127 -31.15 17.38 -32.45
CA PHE I 127 -32.20 16.82 -33.28
C PHE I 127 -32.76 17.88 -34.22
N LYS I 128 -33.07 17.48 -35.46
CA LYS I 128 -33.21 18.44 -36.53
C LYS I 128 -34.64 18.97 -36.66
N ALA I 129 -35.62 18.25 -36.14
CA ALA I 129 -37.00 18.67 -36.36
C ALA I 129 -37.41 19.76 -35.39
N LEU I 130 -36.62 19.99 -34.35
CA LEU I 130 -36.81 21.14 -33.48
C LEU I 130 -35.73 22.17 -33.75
N ARG I 131 -36.07 23.44 -33.54
CA ARG I 131 -35.13 24.51 -33.85
C ARG I 131 -34.30 24.89 -32.63
N ALA I 132 -34.91 24.83 -31.45
CA ALA I 132 -34.25 25.14 -30.20
C ALA I 132 -34.88 24.29 -29.11
N LEU I 133 -34.11 23.99 -28.07
CA LEU I 133 -34.63 23.16 -27.00
C LEU I 133 -34.06 23.61 -25.67
N ARG I 134 -34.92 23.82 -24.69
CA ARG I 134 -34.41 24.09 -23.36
C ARG I 134 -35.05 23.12 -22.39
N LEU I 135 -34.21 22.35 -21.70
CA LEU I 135 -34.66 21.66 -20.50
C LEU I 135 -34.82 22.67 -19.36
N GLU I 136 -36.04 22.79 -18.86
CA GLU I 136 -36.38 23.77 -17.85
C GLU I 136 -36.26 23.24 -16.44
N ASP I 137 -36.92 22.13 -16.14
CA ASP I 137 -36.88 21.55 -14.81
C ASP I 137 -36.74 20.06 -14.97
N LEU I 138 -36.32 19.41 -13.89
CA LEU I 138 -36.40 17.96 -13.76
C LEU I 138 -37.24 17.66 -12.54
N ARG I 139 -37.71 16.43 -12.43
CA ARG I 139 -38.21 15.90 -11.18
C ARG I 139 -37.29 14.75 -10.83
N ILE I 140 -36.67 14.81 -9.66
CA ILE I 140 -35.91 13.66 -9.22
C ILE I 140 -36.78 12.93 -8.22
N PRO I 141 -37.11 11.67 -8.43
CA PRO I 141 -38.00 10.99 -7.55
C PRO I 141 -37.25 10.54 -6.31
N PRO I 142 -37.95 10.41 -5.17
CA PRO I 142 -37.26 10.06 -3.92
C PRO I 142 -36.64 8.68 -3.90
N ALA I 143 -36.93 7.81 -4.87
CA ALA I 143 -36.22 6.54 -4.94
C ALA I 143 -34.86 6.67 -5.57
N TYR I 144 -34.57 7.81 -6.15
CA TYR I 144 -33.32 8.06 -6.82
C TYR I 144 -32.56 9.18 -6.17
N VAL I 145 -33.23 10.02 -5.39
CA VAL I 145 -32.54 10.94 -4.50
C VAL I 145 -31.76 10.18 -3.46
N LYS I 146 -32.32 9.07 -2.95
CA LYS I 146 -31.72 8.29 -1.88
C LYS I 146 -30.51 7.50 -2.33
N THR I 147 -30.30 7.31 -3.63
CA THR I 147 -29.12 6.61 -4.06
C THR I 147 -27.89 7.50 -4.08
N PHE I 148 -28.02 8.79 -3.82
CA PHE I 148 -26.85 9.64 -3.91
C PHE I 148 -26.31 9.95 -2.52
N VAL I 149 -25.01 10.18 -2.45
CA VAL I 149 -24.40 10.62 -1.20
C VAL I 149 -24.83 12.04 -0.88
N GLY I 150 -24.74 12.94 -1.84
CA GLY I 150 -25.24 14.26 -1.65
C GLY I 150 -24.21 15.24 -1.14
N PRO I 151 -24.68 16.35 -0.60
CA PRO I 151 -23.79 17.32 -0.03
C PRO I 151 -23.16 16.80 1.25
N PRO I 152 -21.86 17.04 1.44
CA PRO I 152 -21.16 16.52 2.61
C PRO I 152 -21.73 16.93 3.95
N HIS I 153 -22.11 18.19 4.12
CA HIS I 153 -22.63 18.62 5.40
C HIS I 153 -24.01 19.22 5.28
N GLY I 154 -24.16 20.17 4.40
CA GLY I 154 -25.43 20.88 4.32
C GLY I 154 -25.42 22.15 5.10
N ILE I 155 -26.57 22.84 5.06
CA ILE I 155 -26.71 24.14 5.70
C ILE I 155 -26.71 24.00 7.22
N GLN I 156 -27.39 22.99 7.74
CA GLN I 156 -27.59 22.89 9.18
C GLN I 156 -26.32 22.43 9.89
N VAL I 157 -25.49 21.61 9.23
CA VAL I 157 -24.33 21.06 9.90
C VAL I 157 -23.15 22.02 9.80
N GLU I 158 -22.98 22.64 8.62
CA GLU I 158 -21.98 23.69 8.45
C GLU I 158 -22.15 24.84 9.42
N ARG I 159 -23.38 25.30 9.57
CA ARG I 159 -23.70 26.35 10.51
C ARG I 159 -23.40 25.96 11.95
N ASP I 160 -23.54 24.67 12.30
CA ASP I 160 -23.16 24.18 13.63
C ASP I 160 -21.65 24.17 13.79
N LYS I 161 -20.93 23.87 12.72
CA LYS I 161 -19.50 23.66 12.83
C LYS I 161 -18.74 24.96 12.85
N LEU I 162 -19.24 25.97 12.15
CA LEU I 162 -18.66 27.29 12.14
C LEU I 162 -19.15 28.16 13.29
N ASN I 163 -20.18 27.69 14.00
CA ASN I 163 -20.75 28.35 15.18
C ASN I 163 -21.26 29.75 14.86
N LYS I 164 -21.77 29.93 13.66
CA LYS I 164 -22.31 31.21 13.22
C LYS I 164 -23.80 31.05 13.04
N TYR I 165 -24.59 31.78 13.80
CA TYR I 165 -26.03 31.62 13.76
C TYR I 165 -26.73 32.94 13.52
N GLY I 166 -27.97 32.85 13.07
CA GLY I 166 -28.89 33.97 13.07
C GLY I 166 -28.58 35.10 12.12
N ARG I 167 -27.63 34.93 11.21
CA ARG I 167 -27.35 35.95 10.22
C ARG I 167 -26.76 35.28 9.00
N GLY I 168 -26.73 36.02 7.90
CA GLY I 168 -26.09 35.52 6.71
C GLY I 168 -24.59 35.43 6.88
N LEU I 169 -23.95 34.52 6.16
CA LEU I 169 -22.50 34.52 6.17
C LEU I 169 -21.99 35.55 5.18
N LEU I 170 -20.77 36.05 5.42
CA LEU I 170 -20.18 37.09 4.58
C LEU I 170 -18.90 36.61 3.93
N GLY I 171 -18.63 37.12 2.73
CA GLY I 171 -17.53 36.64 1.94
C GLY I 171 -16.91 37.78 1.16
N CYS I 172 -15.74 37.51 0.60
CA CYS I 172 -15.03 38.45 -0.24
C CYS I 172 -14.08 37.69 -1.14
N THR I 173 -14.07 37.99 -2.42
CA THR I 173 -13.05 37.43 -3.32
C THR I 173 -11.80 38.30 -3.13
N ILE I 174 -10.62 37.76 -3.20
CA ILE I 174 -9.43 38.59 -3.05
C ILE I 174 -9.41 39.36 -4.36
N LYS I 175 -9.25 40.68 -4.30
CA LYS I 175 -9.46 41.46 -5.53
C LYS I 175 -8.65 41.30 -6.79
N PRO I 176 -7.31 41.19 -6.71
CA PRO I 176 -6.65 40.97 -7.99
C PRO I 176 -6.70 39.48 -8.20
N LYS I 177 -7.35 39.00 -9.25
CA LYS I 177 -7.42 37.56 -9.42
C LYS I 177 -6.05 36.90 -9.59
N LEU I 178 -5.20 37.48 -10.43
CA LEU I 178 -3.87 36.91 -10.71
C LEU I 178 -2.77 37.97 -10.63
N GLY I 179 -1.54 37.53 -10.41
CA GLY I 179 -0.40 38.39 -10.22
C GLY I 179 0.15 38.58 -8.82
N LEU I 180 -0.60 38.21 -7.78
CA LEU I 180 -0.02 38.36 -6.46
C LEU I 180 1.07 37.31 -6.27
N SER I 181 1.92 37.53 -5.29
CA SER I 181 2.70 36.44 -4.76
C SER I 181 1.80 35.61 -3.84
N ALA I 182 2.33 34.51 -3.35
CA ALA I 182 1.51 33.74 -2.41
C ALA I 182 1.47 34.44 -1.06
N LYS I 183 2.59 35.03 -0.65
CA LYS I 183 2.66 35.82 0.58
C LYS I 183 1.71 37.01 0.56
N ASN I 184 1.69 37.77 -0.53
CA ASN I 184 0.81 38.92 -0.62
C ASN I 184 -0.64 38.51 -0.83
N TYR I 185 -0.88 37.25 -1.19
CA TYR I 185 -2.25 36.80 -1.28
C TYR I 185 -2.84 36.62 0.11
N GLY I 186 -2.10 35.97 1.01
CA GLY I 186 -2.61 35.74 2.36
C GLY I 186 -2.67 37.01 3.18
N ARG I 187 -1.81 37.98 2.87
CA ARG I 187 -1.90 39.29 3.50
C ARG I 187 -3.20 39.98 3.13
N ALA I 188 -3.66 39.80 1.89
CA ALA I 188 -5.00 40.27 1.54
C ALA I 188 -6.06 39.39 2.18
N VAL I 189 -5.75 38.11 2.39
CA VAL I 189 -6.67 37.20 3.06
C VAL I 189 -6.70 37.48 4.56
N TYR I 190 -5.56 37.85 5.14
CA TYR I 190 -5.50 38.16 6.57
C TYR I 190 -6.31 39.39 6.92
N GLU I 191 -6.15 40.51 6.20
CA GLU I 191 -6.81 41.74 6.58
C GLU I 191 -8.32 41.69 6.35
N CYS I 192 -8.79 40.85 5.41
CA CYS I 192 -10.23 40.75 5.18
C CYS I 192 -10.91 39.94 6.26
N LEU I 193 -10.37 38.78 6.61
CA LEU I 193 -10.95 37.97 7.66
C LEU I 193 -10.80 38.63 9.02
N ARG I 194 -9.84 39.53 9.14
CA ARG I 194 -9.57 40.21 10.40
C ARG I 194 -10.67 41.19 10.76
N GLY I 195 -11.21 41.88 9.76
CA GLY I 195 -12.11 42.97 10.04
C GLY I 195 -13.52 42.51 10.32
N GLY I 196 -13.82 41.26 10.03
CA GLY I 196 -15.12 40.77 10.40
C GLY I 196 -15.76 39.77 9.48
N LEU I 197 -15.15 39.51 8.33
CA LEU I 197 -15.77 38.58 7.40
C LEU I 197 -15.58 37.16 7.87
N ASP I 198 -16.40 36.26 7.32
CA ASP I 198 -16.39 34.87 7.71
C ASP I 198 -15.61 34.00 6.74
N PHE I 199 -15.45 34.46 5.50
CA PHE I 199 -14.82 33.69 4.46
C PHE I 199 -14.16 34.63 3.48
N THR I 200 -13.04 34.19 2.95
CA THR I 200 -12.45 34.79 1.78
C THR I 200 -12.38 33.73 0.69
N LYS I 201 -12.08 34.11 -0.54
CA LYS I 201 -12.34 33.25 -1.68
C LYS I 201 -11.23 33.36 -2.72
N ASP I 202 -10.73 32.22 -3.17
CA ASP I 202 -9.90 32.17 -4.36
C ASP I 202 -10.71 32.53 -5.58
N ASP I 203 -10.10 33.23 -6.51
CA ASP I 203 -10.66 33.33 -7.85
C ASP I 203 -10.71 31.95 -8.48
N GLU I 204 -11.74 31.71 -9.29
CA GLU I 204 -11.95 30.38 -9.84
C GLU I 204 -10.86 29.99 -10.85
N ASN I 205 -10.15 30.97 -11.42
CA ASN I 205 -9.02 30.67 -12.27
C ASN I 205 -7.69 30.78 -11.55
N VAL I 206 -7.69 31.05 -10.26
CA VAL I 206 -6.55 30.80 -9.39
C VAL I 206 -6.55 29.30 -9.09
N ASN I 207 -5.70 28.54 -9.79
CA ASN I 207 -5.52 27.13 -9.44
C ASN I 207 -4.08 26.86 -9.04
N SER I 208 -3.16 26.96 -9.97
CA SER I 208 -1.72 26.76 -9.81
C SER I 208 -1.14 27.35 -11.08
N GLN I 209 -0.43 28.45 -10.98
CA GLN I 209 0.12 29.19 -12.10
C GLN I 209 1.56 29.49 -11.77
N PRO I 210 2.38 29.89 -12.76
CA PRO I 210 3.79 30.21 -12.45
C PRO I 210 4.03 31.31 -11.42
N PHE I 211 3.09 32.23 -11.21
CA PHE I 211 3.33 33.29 -10.24
C PHE I 211 2.95 32.90 -8.84
N MET I 212 1.98 32.00 -8.69
CA MET I 212 1.54 31.55 -7.38
C MET I 212 1.15 30.10 -7.52
N ARG I 213 2.04 29.20 -7.16
CA ARG I 213 1.71 27.79 -7.17
C ARG I 213 0.71 27.51 -6.08
N TRP I 214 0.04 26.36 -6.19
CA TRP I 214 -1.09 26.10 -5.31
C TRP I 214 -0.63 25.80 -3.90
N ARG I 215 0.52 25.16 -3.73
CA ARG I 215 0.86 24.70 -2.40
C ARG I 215 1.51 25.80 -1.58
N ASP I 216 2.17 26.74 -2.25
CA ASP I 216 2.62 27.96 -1.58
C ASP I 216 1.46 28.83 -1.17
N ARG I 217 0.35 28.74 -1.90
CA ARG I 217 -0.84 29.49 -1.53
C ARG I 217 -1.53 28.90 -0.32
N PHE I 218 -1.54 27.57 -0.18
CA PHE I 218 -2.33 26.95 0.88
C PHE I 218 -1.72 27.18 2.26
N LEU I 219 -0.43 27.51 2.31
CA LEU I 219 0.22 27.74 3.60
C LEU I 219 0.03 29.18 4.07
N PHE I 220 0.22 30.13 3.17
CA PHE I 220 0.00 31.53 3.50
C PHE I 220 -1.47 31.83 3.69
N VAL I 221 -2.35 31.03 3.10
CA VAL I 221 -3.75 31.15 3.46
C VAL I 221 -3.97 30.60 4.87
N ALA I 222 -3.41 29.43 5.17
CA ALA I 222 -3.63 28.82 6.49
C ALA I 222 -2.90 29.59 7.58
N GLU I 223 -1.81 30.27 7.24
CA GLU I 223 -1.20 31.17 8.21
C GLU I 223 -2.08 32.40 8.42
N ALA I 224 -2.80 32.81 7.38
CA ALA I 224 -3.65 33.99 7.51
C ALA I 224 -4.99 33.64 8.13
N ILE I 225 -5.46 32.40 7.98
CA ILE I 225 -6.71 32.02 8.63
C ILE I 225 -6.51 31.83 10.12
N TYR I 226 -5.46 31.11 10.50
CA TYR I 226 -5.20 30.83 11.90
C TYR I 226 -4.81 32.08 12.68
N LYS I 227 -4.32 33.10 11.98
CA LYS I 227 -3.97 34.35 12.63
C LYS I 227 -5.18 35.26 12.77
N ALA I 228 -6.03 35.31 11.74
CA ALA I 228 -7.24 36.13 11.86
C ALA I 228 -8.25 35.47 12.76
N GLN I 229 -8.13 34.16 12.94
CA GLN I 229 -8.99 33.43 13.87
C GLN I 229 -8.60 33.69 15.31
N ALA I 230 -7.31 33.66 15.61
CA ALA I 230 -6.86 33.84 16.99
C ALA I 230 -7.08 35.26 17.46
N GLU I 231 -7.11 36.20 16.53
CA GLU I 231 -7.32 37.60 16.88
C GLU I 231 -8.78 37.90 17.16
N THR I 232 -9.68 37.45 16.31
CA THR I 232 -11.08 37.79 16.48
C THR I 232 -11.78 36.82 17.42
N GLY I 233 -11.24 35.62 17.59
CA GLY I 233 -11.88 34.59 18.37
C GLY I 233 -12.99 33.86 17.66
N GLU I 234 -13.23 34.17 16.40
CA GLU I 234 -14.25 33.58 15.56
C GLU I 234 -13.61 32.63 14.57
N VAL I 235 -14.40 31.68 14.09
CA VAL I 235 -13.91 30.70 13.13
C VAL I 235 -13.82 31.37 11.76
N LYS I 236 -12.72 31.15 11.04
CA LYS I 236 -12.49 31.80 9.75
C LYS I 236 -12.15 30.75 8.71
N GLY I 237 -12.40 31.06 7.45
CA GLY I 237 -12.06 30.14 6.39
C GLY I 237 -11.74 30.88 5.11
N HIS I 238 -11.09 30.18 4.21
CA HIS I 238 -10.85 30.63 2.85
C HIS I 238 -11.10 29.45 1.94
N TYR I 239 -11.88 29.65 0.89
CA TYR I 239 -12.19 28.60 -0.07
C TYR I 239 -10.97 28.33 -0.93
N LEU I 240 -10.17 27.35 -0.56
CA LEU I 240 -8.95 27.04 -1.29
C LEU I 240 -9.31 26.23 -2.52
N ASN I 241 -8.93 26.73 -3.70
CA ASN I 241 -9.38 26.14 -4.97
C ASN I 241 -8.65 24.84 -5.23
N ALA I 242 -9.35 23.74 -5.05
CA ALA I 242 -8.83 22.42 -5.33
C ALA I 242 -9.17 21.93 -6.72
N THR I 243 -9.82 22.75 -7.55
CA THR I 243 -9.98 22.45 -8.97
C THR I 243 -8.63 22.26 -9.63
N ALA I 244 -8.46 21.16 -10.34
CA ALA I 244 -7.15 20.78 -10.82
C ALA I 244 -7.27 20.10 -12.17
N GLY I 245 -6.12 19.73 -12.71
CA GLY I 245 -6.05 19.23 -14.06
C GLY I 245 -6.44 17.77 -14.21
N THR I 246 -6.14 16.96 -13.19
CA THR I 246 -6.48 15.55 -13.14
C THR I 246 -7.11 15.25 -11.79
N CYS I 247 -7.78 14.10 -11.68
CA CYS I 247 -8.40 13.69 -10.42
C CYS I 247 -7.36 13.48 -9.33
N GLU I 248 -6.13 13.21 -9.72
CA GLU I 248 -5.05 12.93 -8.80
C GLU I 248 -4.40 14.20 -8.28
N GLU I 249 -4.25 15.22 -9.13
CA GLU I 249 -3.91 16.55 -8.66
C GLU I 249 -4.97 17.07 -7.71
N MET I 250 -6.23 16.89 -8.08
CA MET I 250 -7.37 17.40 -7.31
C MET I 250 -7.44 16.78 -5.92
N MET I 251 -7.13 15.50 -5.81
CA MET I 251 -7.14 14.87 -4.50
C MET I 251 -5.88 15.22 -3.72
N LYS I 252 -4.85 15.67 -4.42
CA LYS I 252 -3.61 16.05 -3.77
C LYS I 252 -3.72 17.42 -3.13
N ARG I 253 -4.44 18.34 -3.76
CA ARG I 253 -4.79 19.59 -3.13
C ARG I 253 -5.66 19.37 -1.88
N ALA I 254 -6.53 18.37 -1.93
CA ALA I 254 -7.55 18.21 -0.91
C ALA I 254 -7.00 17.53 0.33
N VAL I 255 -6.04 16.66 0.15
CA VAL I 255 -5.22 16.04 1.18
C VAL I 255 -4.42 17.13 1.91
N SMC I 256 -4.00 18.12 1.17
CA SMC I 256 -3.27 19.23 1.72
CB SMC I 256 -2.68 20.09 0.62
SG SMC I 256 -1.69 21.41 1.21
CS SMC I 256 -0.56 20.53 2.20
C SMC I 256 -4.12 20.11 2.64
O SMC I 256 -3.68 20.59 3.67
N ALA I 257 -5.37 20.32 2.28
CA ALA I 257 -6.30 21.04 3.12
C ALA I 257 -6.77 20.22 4.31
N LYS I 258 -6.84 18.90 4.15
CA LYS I 258 -7.10 18.02 5.28
C LYS I 258 -6.01 18.15 6.35
N GLU I 259 -4.76 18.20 5.93
CA GLU I 259 -3.61 18.11 6.80
C GLU I 259 -3.17 19.44 7.38
N LEU I 260 -3.54 20.54 6.76
CA LEU I 260 -3.48 21.83 7.42
C LEU I 260 -4.64 22.05 8.36
N GLY I 261 -5.74 21.32 8.21
CA GLY I 261 -6.88 21.41 9.08
C GLY I 261 -7.77 22.60 8.81
N VAL I 262 -7.61 23.21 7.64
CA VAL I 262 -8.40 24.36 7.22
C VAL I 262 -9.80 23.88 6.87
N PRO I 263 -10.83 24.72 7.04
CA PRO I 263 -12.21 24.20 6.99
C PRO I 263 -12.78 23.88 5.62
N ILE I 264 -12.47 24.63 4.56
CA ILE I 264 -13.29 24.61 3.34
C ILE I 264 -12.43 24.75 2.09
N ILE I 265 -12.77 23.97 1.06
CA ILE I 265 -12.19 24.06 -0.27
C ILE I 265 -13.29 24.37 -1.26
N MET I 266 -12.90 24.77 -2.46
CA MET I 266 -13.85 25.04 -3.52
C MET I 266 -13.52 24.25 -4.78
N HIS I 267 -14.55 24.10 -5.62
CA HIS I 267 -14.47 23.29 -6.83
C HIS I 267 -15.32 23.90 -7.92
N ASP I 268 -14.72 24.15 -9.08
CA ASP I 268 -15.45 24.47 -10.30
C ASP I 268 -16.01 23.18 -10.90
N TYR I 269 -17.34 23.01 -10.88
CA TYR I 269 -17.90 21.69 -11.22
C TYR I 269 -18.42 21.57 -12.64
N LEU I 270 -18.69 22.66 -13.33
CA LEU I 270 -19.08 22.57 -14.72
C LEU I 270 -17.89 22.63 -15.65
N THR I 271 -16.71 22.92 -15.13
CA THR I 271 -15.49 22.83 -15.91
C THR I 271 -14.59 21.70 -15.44
N GLY I 272 -14.68 21.32 -14.17
CA GLY I 272 -14.06 20.09 -13.72
C GLY I 272 -14.88 18.87 -14.02
N GLY I 273 -16.20 19.02 -14.11
CA GLY I 273 -17.11 17.96 -14.47
C GLY I 273 -17.78 17.33 -13.26
N PHE I 274 -18.78 16.51 -13.54
CA PHE I 274 -19.54 15.93 -12.44
C PHE I 274 -18.87 14.71 -11.84
N THR I 275 -17.99 14.06 -12.58
CA THR I 275 -17.29 12.89 -12.04
C THR I 275 -16.22 13.32 -11.04
N ALA I 276 -15.49 14.38 -11.37
CA ALA I 276 -14.52 14.96 -10.44
C ALA I 276 -15.20 15.57 -9.23
N ASN I 277 -16.34 16.24 -9.43
CA ASN I 277 -17.07 16.85 -8.32
C ASN I 277 -17.58 15.82 -7.34
N THR I 278 -18.20 14.74 -7.85
CA THR I 278 -18.76 13.72 -6.98
C THR I 278 -17.68 12.96 -6.26
N SER I 279 -16.50 12.86 -6.87
CA SER I 279 -15.37 12.24 -6.20
C SER I 279 -14.89 13.09 -5.04
N LEU I 280 -14.76 14.39 -5.28
CA LEU I 280 -14.32 15.32 -4.24
C LEU I 280 -15.35 15.44 -3.13
N ALA I 281 -16.64 15.47 -3.48
CA ALA I 281 -17.71 15.59 -2.52
C ALA I 281 -17.81 14.39 -1.60
N ILE I 282 -17.38 13.21 -2.05
CA ILE I 282 -17.36 12.04 -1.19
C ILE I 282 -16.13 12.07 -0.30
N TYR I 283 -15.03 12.61 -0.82
CA TYR I 283 -13.84 12.80 0.00
C TYR I 283 -14.09 13.84 1.08
N CYS I 284 -14.86 14.88 0.76
CA CYS I 284 -15.16 15.93 1.72
C CYS I 284 -16.07 15.43 2.84
N ARG I 285 -17.01 14.55 2.53
CA ARG I 285 -17.80 13.88 3.55
C ARG I 285 -16.93 12.97 4.41
N ASP I 286 -16.04 12.23 3.79
CA ASP I 286 -15.23 11.25 4.51
C ASP I 286 -14.15 11.88 5.38
N ASN I 287 -13.89 13.18 5.26
CA ASN I 287 -12.88 13.82 6.08
C ASN I 287 -13.32 15.15 6.65
N GLY I 288 -14.61 15.48 6.62
CA GLY I 288 -15.09 16.64 7.33
C GLY I 288 -14.72 17.99 6.75
N LEU I 289 -14.21 18.04 5.52
CA LEU I 289 -14.02 19.32 4.86
C LEU I 289 -15.35 19.81 4.29
N LEU I 290 -15.51 21.12 4.23
CA LEU I 290 -16.65 21.71 3.54
C LEU I 290 -16.29 21.93 2.07
N LEU I 291 -17.32 21.97 1.22
CA LEU I 291 -17.13 22.07 -0.23
C LEU I 291 -17.93 23.24 -0.79
N HIS I 292 -17.28 24.38 -0.95
CA HIS I 292 -17.83 25.47 -1.74
C HIS I 292 -17.85 25.08 -3.20
N ILE I 293 -18.90 25.44 -3.92
CA ILE I 293 -18.98 25.09 -5.34
C ILE I 293 -19.18 26.35 -6.16
N HIS I 294 -18.22 26.66 -6.99
CA HIS I 294 -18.35 27.75 -7.93
C HIS I 294 -18.92 27.25 -9.25
N ARG I 295 -19.54 28.15 -10.01
CA ARG I 295 -20.24 27.77 -11.23
C ARG I 295 -19.68 28.46 -12.48
N ALA I 296 -18.36 28.38 -12.68
CA ALA I 296 -17.76 28.76 -13.96
C ALA I 296 -18.37 27.95 -15.09
N MET I 297 -18.60 28.64 -16.22
CA MET I 297 -19.13 28.20 -17.53
C MET I 297 -20.65 28.06 -17.48
N HIS I 298 -21.33 28.65 -16.51
CA HIS I 298 -22.77 28.41 -16.39
C HIS I 298 -23.55 29.13 -17.46
N ALA I 299 -23.08 30.29 -17.90
CA ALA I 299 -23.80 31.10 -18.85
C ALA I 299 -23.57 30.69 -20.29
N VAL I 300 -22.61 29.80 -20.55
CA VAL I 300 -22.59 29.10 -21.83
C VAL I 300 -23.83 28.24 -21.95
N ILE I 301 -24.29 27.67 -20.84
CA ILE I 301 -25.36 26.69 -20.82
C ILE I 301 -26.72 27.32 -20.52
N ASP I 302 -26.80 28.26 -19.57
CA ASP I 302 -28.08 28.66 -19.01
C ASP I 302 -28.59 30.04 -19.40
N ARG I 303 -27.83 30.83 -20.16
CA ARG I 303 -28.24 32.22 -20.37
C ARG I 303 -29.42 32.34 -21.34
N GLN I 304 -29.33 31.71 -22.50
CA GLN I 304 -30.31 31.93 -23.55
C GLN I 304 -31.63 31.24 -23.20
N ARG I 305 -32.73 31.90 -23.52
CA ARG I 305 -34.03 31.43 -23.05
C ARG I 305 -34.60 30.35 -23.96
N ASN I 306 -34.32 30.42 -25.25
CA ASN I 306 -34.91 29.42 -26.13
C ASN I 306 -34.13 28.10 -26.13
N HIS I 307 -32.90 28.08 -25.64
CA HIS I 307 -32.03 26.93 -25.86
C HIS I 307 -30.99 26.79 -24.75
N GLY I 308 -30.94 25.62 -24.12
CA GLY I 308 -29.88 25.28 -23.21
C GLY I 308 -30.37 24.45 -22.08
N ILE I 309 -29.69 24.52 -20.94
CA ILE I 309 -30.14 23.91 -19.71
C ILE I 309 -30.19 25.01 -18.66
N HIS I 310 -31.37 25.30 -18.15
CA HIS I 310 -31.57 26.34 -17.15
C HIS I 310 -30.89 25.96 -15.85
N PHE I 311 -30.49 26.99 -15.08
CA PHE I 311 -29.66 26.80 -13.89
C PHE I 311 -30.35 25.98 -12.81
N ARG I 312 -31.69 25.95 -12.77
CA ARG I 312 -32.37 25.20 -11.73
C ARG I 312 -32.19 23.70 -11.91
N VAL I 313 -32.01 23.23 -13.15
CA VAL I 313 -31.60 21.85 -13.36
C VAL I 313 -30.17 21.66 -12.92
N LEU I 314 -29.29 22.61 -13.23
CA LEU I 314 -27.90 22.47 -12.87
C LEU I 314 -27.67 22.64 -11.38
N ALA I 315 -28.61 23.27 -10.68
CA ALA I 315 -28.54 23.43 -9.23
C ALA I 315 -29.14 22.24 -8.51
N LYS I 316 -30.17 21.61 -9.07
CA LYS I 316 -30.61 20.33 -8.54
C LYS I 316 -29.52 19.29 -8.67
N ALA I 317 -28.84 19.27 -9.82
CA ALA I 317 -27.79 18.29 -10.07
C ALA I 317 -26.56 18.51 -9.23
N LEU I 318 -26.29 19.75 -8.84
CA LEU I 318 -25.19 19.99 -7.94
C LEU I 318 -25.50 19.44 -6.57
N ARG I 319 -26.74 19.57 -6.12
CA ARG I 319 -27.14 19.08 -4.82
C ARG I 319 -27.04 17.57 -4.76
N MET I 320 -27.44 16.90 -5.83
CA MET I 320 -27.37 15.44 -5.89
C MET I 320 -25.93 14.98 -5.92
N SER I 321 -25.09 15.67 -6.69
CA SER I 321 -23.67 15.40 -6.70
C SER I 321 -23.02 15.79 -5.39
N GLY I 322 -23.41 16.92 -4.83
CA GLY I 322 -22.83 17.36 -3.60
C GLY I 322 -22.11 18.68 -3.71
N GLY I 323 -22.31 19.51 -2.72
CA GLY I 323 -21.60 20.74 -2.54
C GLY I 323 -22.25 21.42 -1.37
N ASP I 324 -21.50 22.17 -0.60
CA ASP I 324 -22.05 22.80 0.58
C ASP I 324 -22.52 24.22 0.33
N HIS I 325 -21.87 24.91 -0.60
CA HIS I 325 -22.24 26.25 -1.03
C HIS I 325 -22.36 26.24 -2.55
N LEU I 326 -23.12 27.16 -3.10
CA LEU I 326 -23.24 27.27 -4.55
C LEU I 326 -23.58 28.71 -4.90
N HIS I 327 -22.78 29.31 -5.78
CA HIS I 327 -23.09 30.61 -6.35
C HIS I 327 -24.43 30.58 -7.04
N SER I 328 -25.38 31.31 -6.50
CA SER I 328 -26.70 31.40 -7.07
C SER I 328 -26.90 32.66 -7.89
N GLY I 329 -26.00 33.63 -7.77
CA GLY I 329 -26.06 34.82 -8.58
C GLY I 329 -26.47 36.06 -7.82
N THR I 330 -26.60 37.18 -8.53
CA THR I 330 -27.09 38.41 -7.95
C THR I 330 -28.60 38.48 -8.11
N VAL I 331 -29.25 39.14 -7.16
CA VAL I 331 -30.65 39.51 -7.31
C VAL I 331 -30.81 41.03 -7.40
N VAL I 332 -29.88 41.78 -6.81
CA VAL I 332 -29.91 43.24 -6.90
C VAL I 332 -29.57 43.69 -8.31
N GLY I 333 -30.18 44.79 -8.73
CA GLY I 333 -30.00 45.28 -10.08
C GLY I 333 -30.81 44.54 -11.13
N LYS I 334 -31.90 43.88 -10.72
CA LYS I 334 -32.68 43.05 -11.62
C LYS I 334 -34.16 43.32 -11.42
N LEU I 335 -34.95 43.04 -12.46
CA LEU I 335 -36.39 43.19 -12.39
C LEU I 335 -36.99 42.07 -11.55
N GLU I 336 -38.24 42.25 -11.16
CA GLU I 336 -38.92 41.25 -10.33
C GLU I 336 -39.69 40.25 -11.19
N GLY I 337 -39.04 39.74 -12.22
CA GLY I 337 -39.48 38.56 -12.94
C GLY I 337 -38.34 37.58 -12.94
N GLU I 338 -37.12 38.12 -12.86
CA GLU I 338 -35.95 37.31 -12.57
C GLU I 338 -35.74 37.15 -11.07
N ARG I 339 -36.38 38.00 -10.28
CA ARG I 339 -36.31 37.86 -8.83
C ARG I 339 -37.13 36.66 -8.37
N GLU I 340 -38.29 36.44 -8.98
CA GLU I 340 -39.13 35.31 -8.59
C GLU I 340 -38.53 34.00 -9.08
N VAL I 341 -37.85 34.03 -10.22
CA VAL I 341 -37.16 32.84 -10.70
C VAL I 341 -35.97 32.52 -9.81
N THR I 342 -35.25 33.55 -9.35
CA THR I 342 -34.09 33.31 -8.49
C THR I 342 -34.52 32.82 -7.12
N LEU I 343 -35.67 33.26 -6.63
CA LEU I 343 -36.21 32.71 -5.40
C LEU I 343 -36.71 31.28 -5.58
N GLY I 344 -36.94 30.86 -6.82
CA GLY I 344 -37.38 29.51 -7.07
C GLY I 344 -36.25 28.49 -7.01
N PHE I 345 -35.13 28.77 -7.67
CA PHE I 345 -34.05 27.79 -7.58
C PHE I 345 -33.26 27.88 -6.30
N VAL I 346 -33.45 28.92 -5.49
CA VAL I 346 -32.85 28.92 -4.16
C VAL I 346 -33.64 28.00 -3.23
N ASP I 347 -34.96 27.92 -3.42
CA ASP I 347 -35.75 26.98 -2.63
C ASP I 347 -35.49 25.54 -3.03
N LEU I 348 -35.14 25.29 -4.28
CA LEU I 348 -34.74 23.94 -4.68
C LEU I 348 -33.43 23.54 -4.01
N MET I 349 -32.56 24.51 -3.74
CA MET I 349 -31.29 24.25 -3.07
C MET I 349 -31.45 24.05 -1.58
N ARG I 350 -32.31 24.82 -0.93
CA ARG I 350 -32.32 24.85 0.53
C ARG I 350 -33.37 23.96 1.16
N ASP I 351 -34.52 23.82 0.51
CA ASP I 351 -35.66 23.22 1.17
C ASP I 351 -35.68 21.72 1.00
N ASP I 352 -36.57 21.10 1.74
CA ASP I 352 -36.77 19.66 1.71
C ASP I 352 -37.91 19.29 0.77
N TYR I 353 -38.95 20.12 0.71
CA TYR I 353 -40.12 19.83 -0.10
C TYR I 353 -40.58 21.11 -0.76
N VAL I 354 -40.50 21.14 -2.09
CA VAL I 354 -40.81 22.33 -2.87
C VAL I 354 -42.03 22.03 -3.72
N GLU I 355 -43.12 22.74 -3.46
CA GLU I 355 -44.35 22.60 -4.23
C GLU I 355 -44.18 23.06 -5.67
N LYS I 356 -45.11 22.65 -6.51
CA LYS I 356 -45.17 23.12 -7.88
C LYS I 356 -45.64 24.56 -7.91
N ASP I 357 -44.91 25.40 -8.64
CA ASP I 357 -45.19 26.84 -8.68
C ASP I 357 -44.69 27.35 -10.03
N ARG I 358 -45.60 27.57 -10.96
CA ARG I 358 -45.20 28.00 -12.29
C ARG I 358 -44.72 29.45 -12.31
N SER I 359 -45.09 30.25 -11.31
CA SER I 359 -44.68 31.64 -11.28
C SER I 359 -43.20 31.78 -10.93
N ARG I 360 -42.67 30.86 -10.14
CA ARG I 360 -41.25 30.85 -9.82
C ARG I 360 -40.45 29.91 -10.71
N GLY I 361 -41.06 29.38 -11.76
CA GLY I 361 -40.37 28.50 -12.67
C GLY I 361 -40.23 27.07 -12.22
N ILE I 362 -40.91 26.68 -11.16
CA ILE I 362 -40.83 25.34 -10.60
C ILE I 362 -41.91 24.51 -11.30
N TYR I 363 -41.50 23.54 -12.13
CA TYR I 363 -42.50 22.87 -12.94
C TYR I 363 -42.95 21.55 -12.36
N PHE I 364 -42.32 21.07 -11.30
CA PHE I 364 -42.70 19.81 -10.70
C PHE I 364 -42.72 20.00 -9.20
N THR I 365 -43.02 18.93 -8.48
CA THR I 365 -42.91 18.93 -7.03
C THR I 365 -41.67 18.14 -6.64
N GLN I 366 -40.83 18.74 -5.81
CA GLN I 366 -39.56 18.12 -5.46
C GLN I 366 -39.50 17.77 -3.99
N ASP I 367 -39.65 16.49 -3.68
CA ASP I 367 -39.32 15.96 -2.37
C ASP I 367 -37.82 15.67 -2.35
N TRP I 368 -37.09 16.27 -1.41
CA TRP I 368 -35.67 16.03 -1.30
C TRP I 368 -35.30 14.97 -0.30
N CYS I 369 -36.28 14.46 0.46
CA CYS I 369 -36.20 13.19 1.20
C CYS I 369 -35.05 13.20 2.20
N SER I 370 -34.90 14.33 2.89
CA SER I 370 -33.91 14.63 3.91
C SER I 370 -32.49 14.70 3.38
N MET I 371 -32.29 14.94 2.09
CA MET I 371 -30.98 15.34 1.60
C MET I 371 -30.70 16.76 2.07
N PRO I 372 -29.49 17.06 2.56
CA PRO I 372 -29.21 18.37 3.16
C PRO I 372 -29.23 19.50 2.16
N GLY I 373 -29.48 20.70 2.68
CA GLY I 373 -29.56 21.86 1.84
C GLY I 373 -28.22 22.37 1.38
N VAL I 374 -28.24 23.20 0.36
CA VAL I 374 -27.03 23.86 -0.13
C VAL I 374 -27.21 25.33 0.16
N MET I 375 -26.21 25.94 0.73
CA MET I 375 -26.28 27.36 1.04
C MET I 375 -26.02 28.17 -0.23
N PRO I 376 -26.93 29.02 -0.65
CA PRO I 376 -26.65 29.84 -1.84
C PRO I 376 -25.68 30.97 -1.53
N VAL I 377 -24.76 31.19 -2.46
CA VAL I 377 -23.84 32.31 -2.36
C VAL I 377 -24.30 33.39 -3.33
N ALA I 378 -24.58 34.57 -2.81
CA ALA I 378 -25.12 35.67 -3.58
C ALA I 378 -24.09 36.77 -3.69
N SER I 379 -23.71 37.10 -4.91
CA SER I 379 -22.76 38.18 -5.16
C SER I 379 -23.42 39.52 -4.86
N GLY I 380 -23.07 40.11 -3.73
CA GLY I 380 -23.62 41.39 -3.36
C GLY I 380 -23.11 42.51 -4.23
N GLY I 381 -23.75 43.66 -4.13
CA GLY I 381 -23.41 44.78 -4.97
C GLY I 381 -22.09 45.42 -4.63
N ILE I 382 -21.83 46.54 -5.30
CA ILE I 382 -20.58 47.26 -5.13
C ILE I 382 -20.51 47.89 -3.75
N HIS I 383 -21.64 48.30 -3.19
CA HIS I 383 -21.69 49.02 -1.94
C HIS I 383 -22.54 48.30 -0.90
N VAL I 384 -22.68 48.93 0.28
CA VAL I 384 -23.40 48.36 1.40
C VAL I 384 -24.89 48.63 1.37
N TRP I 385 -25.36 49.45 0.44
CA TRP I 385 -26.77 49.79 0.41
C TRP I 385 -27.64 48.69 -0.20
N HIS I 386 -27.03 47.65 -0.78
CA HIS I 386 -27.81 46.51 -1.22
C HIS I 386 -28.04 45.50 -0.11
N MET I 387 -27.47 45.74 1.06
CA MET I 387 -27.63 44.80 2.17
C MET I 387 -29.06 44.69 2.71
N PRO I 388 -29.88 45.76 2.82
CA PRO I 388 -31.29 45.52 3.17
C PRO I 388 -32.07 44.78 2.10
N ALA I 389 -31.64 44.84 0.84
CA ALA I 389 -32.29 44.06 -0.19
C ALA I 389 -31.98 42.58 -0.02
N LEU I 390 -30.73 42.26 0.32
CA LEU I 390 -30.30 40.86 0.34
C LEU I 390 -30.77 40.13 1.58
N VAL I 391 -30.94 40.82 2.70
CA VAL I 391 -31.43 40.17 3.91
C VAL I 391 -32.92 39.84 3.76
N GLU I 392 -33.67 40.70 3.08
CA GLU I 392 -35.09 40.43 2.90
C GLU I 392 -35.34 39.35 1.85
N ILE I 393 -34.54 39.33 0.79
CA ILE I 393 -34.68 38.32 -0.26
C ILE I 393 -34.23 36.95 0.22
N PHE I 394 -33.07 36.88 0.87
CA PHE I 394 -32.46 35.61 1.22
C PHE I 394 -32.67 35.17 2.66
N GLY I 395 -32.84 36.09 3.61
CA GLY I 395 -32.89 35.67 4.99
C GLY I 395 -31.52 35.31 5.50
N ASP I 396 -31.47 34.35 6.41
CA ASP I 396 -30.21 33.97 7.04
C ASP I 396 -29.41 32.95 6.24
N ASP I 397 -30.05 31.97 5.63
CA ASP I 397 -29.32 30.88 4.99
C ASP I 397 -28.86 31.31 3.61
N ALA I 398 -27.79 32.09 3.60
CA ALA I 398 -27.14 32.58 2.39
C ALA I 398 -25.77 33.09 2.77
N CYS I 399 -24.80 32.87 1.90
CA CYS I 399 -23.56 33.60 1.95
C CYS I 399 -23.69 34.79 1.01
N LEU I 400 -23.02 35.88 1.36
CA LEU I 400 -23.10 37.13 0.62
C LEU I 400 -21.69 37.56 0.31
N GLN I 401 -21.40 37.84 -0.95
CA GLN I 401 -20.03 38.17 -1.30
C GLN I 401 -19.89 39.56 -1.87
N PHE I 402 -18.84 40.24 -1.40
CA PHE I 402 -18.53 41.62 -1.72
C PHE I 402 -17.09 41.61 -2.17
N GLY I 403 -16.86 41.28 -3.43
CA GLY I 403 -15.50 41.21 -3.95
C GLY I 403 -14.87 42.58 -4.09
N GLY I 404 -15.68 43.59 -4.41
CA GLY I 404 -15.21 44.95 -4.51
C GLY I 404 -15.79 45.85 -3.42
N GLY I 405 -16.46 45.25 -2.45
CA GLY I 405 -17.02 46.01 -1.35
C GLY I 405 -16.03 46.17 -0.21
N THR I 406 -15.25 45.12 0.03
CA THR I 406 -14.23 45.20 1.07
C THR I 406 -12.94 45.81 0.53
N LEU I 407 -12.58 45.49 -0.71
CA LEU I 407 -11.35 46.03 -1.29
C LEU I 407 -11.46 47.51 -1.64
N GLY I 408 -12.64 47.98 -2.02
CA GLY I 408 -12.85 49.35 -2.45
C GLY I 408 -13.12 50.35 -1.36
N HIS I 409 -12.94 49.99 -0.11
CA HIS I 409 -13.10 50.93 0.98
C HIS I 409 -11.91 51.89 1.01
N PRO I 410 -12.13 53.18 1.31
CA PRO I 410 -11.01 54.12 1.32
C PRO I 410 -10.01 53.92 2.44
N TRP I 411 -10.31 53.12 3.45
CA TRP I 411 -9.39 52.86 4.54
C TRP I 411 -8.67 51.54 4.42
N GLY I 412 -9.21 50.60 3.63
CA GLY I 412 -8.49 49.35 3.42
C GLY I 412 -9.34 48.12 3.45
N ASN I 413 -8.75 46.99 3.84
CA ASN I 413 -9.51 45.76 3.90
C ASN I 413 -10.14 45.52 5.25
N ALA I 414 -9.45 45.80 6.34
CA ALA I 414 -10.06 45.52 7.63
C ALA I 414 -11.15 46.52 8.04
N PRO I 415 -11.06 47.84 7.76
CA PRO I 415 -12.26 48.65 7.95
C PRO I 415 -13.35 48.35 6.95
N GLY I 416 -13.01 47.94 5.73
CA GLY I 416 -14.04 47.61 4.76
C GLY I 416 -14.79 46.35 5.10
N ALA I 417 -14.10 45.38 5.68
CA ALA I 417 -14.74 44.15 6.14
C ALA I 417 -15.59 44.38 7.35
N ALA I 418 -15.25 45.36 8.18
CA ALA I 418 -16.09 45.71 9.31
C ALA I 418 -17.35 46.42 8.85
N ALA I 419 -17.23 47.26 7.82
CA ALA I 419 -18.35 48.05 7.33
C ALA I 419 -19.47 47.18 6.79
N ASN I 420 -19.12 46.07 6.13
CA ASN I 420 -20.13 45.12 5.72
C ASN I 420 -20.71 44.38 6.92
N ARG I 421 -19.85 43.93 7.81
CA ARG I 421 -20.26 43.17 8.98
C ARG I 421 -21.12 44.00 9.92
N VAL I 422 -20.85 45.31 10.02
CA VAL I 422 -21.71 46.19 10.79
C VAL I 422 -23.04 46.38 10.09
N ALA I 423 -23.02 46.58 8.77
CA ALA I 423 -24.25 46.78 8.00
C ALA I 423 -25.08 45.51 7.93
N LEU I 424 -24.44 44.34 7.88
CA LEU I 424 -25.16 43.08 7.89
C LEU I 424 -25.89 42.87 9.20
N GLU I 425 -25.20 43.07 10.33
CA GLU I 425 -25.81 42.84 11.62
C GLU I 425 -26.81 43.93 11.99
N ALA I 426 -26.65 45.12 11.43
CA ALA I 426 -27.65 46.17 11.66
C ALA I 426 -28.94 45.86 10.94
N CYS I 427 -28.85 45.38 9.70
CA CYS I 427 -30.05 45.04 8.94
C CYS I 427 -30.71 43.79 9.48
N THR I 428 -29.93 42.85 10.00
CA THR I 428 -30.48 41.66 10.63
C THR I 428 -31.27 42.03 11.88
N GLN I 429 -30.77 42.99 12.65
CA GLN I 429 -31.44 43.37 13.89
C GLN I 429 -32.75 44.10 13.60
N ALA I 430 -32.75 44.94 12.58
CA ALA I 430 -33.97 45.64 12.18
C ALA I 430 -35.03 44.68 11.64
N ARG I 431 -34.62 43.55 11.10
CA ARG I 431 -35.58 42.52 10.72
C ARG I 431 -36.23 41.90 11.94
N ASN I 432 -35.43 41.53 12.94
CA ASN I 432 -35.98 40.85 14.11
C ASN I 432 -36.83 41.79 14.94
N GLU I 433 -36.50 43.08 14.94
CA GLU I 433 -37.31 44.09 15.61
C GLU I 433 -38.60 44.38 14.85
N GLY I 434 -38.71 43.95 13.60
CA GLY I 434 -39.94 44.00 12.86
C GLY I 434 -39.99 45.00 11.73
N ARG I 435 -38.90 45.71 11.47
CA ARG I 435 -38.92 46.81 10.52
C ARG I 435 -38.89 46.29 9.08
N ASP I 436 -39.58 46.99 8.19
CA ASP I 436 -39.62 46.61 6.79
C ASP I 436 -38.35 47.11 6.10
N LEU I 437 -37.48 46.19 5.70
CA LEU I 437 -36.23 46.55 5.05
C LEU I 437 -36.43 46.95 3.59
N ALA I 438 -37.60 46.74 3.01
CA ALA I 438 -37.87 47.25 1.67
C ALA I 438 -38.09 48.75 1.69
N ARG I 439 -38.55 49.29 2.82
CA ARG I 439 -38.82 50.71 2.96
C ARG I 439 -37.88 51.40 3.91
N GLU I 440 -37.74 50.88 5.14
CA GLU I 440 -36.94 51.51 6.16
C GLU I 440 -35.49 51.10 6.12
N GLY I 441 -35.05 50.42 5.06
CA GLY I 441 -33.69 49.90 5.02
C GLY I 441 -32.62 50.97 4.87
N GLY I 442 -32.99 52.11 4.29
CA GLY I 442 -32.05 53.23 4.26
C GLY I 442 -31.89 53.89 5.61
N ASP I 443 -32.96 53.94 6.41
CA ASP I 443 -32.90 54.55 7.72
C ASP I 443 -32.21 53.68 8.75
N VAL I 444 -32.00 52.41 8.44
CA VAL I 444 -31.26 51.50 9.32
C VAL I 444 -29.77 51.58 9.07
N ILE I 445 -29.36 51.69 7.80
CA ILE I 445 -27.97 51.93 7.48
C ILE I 445 -27.50 53.26 8.03
N ARG I 446 -28.32 54.31 7.88
CA ARG I 446 -27.96 55.64 8.36
C ARG I 446 -27.97 55.72 9.88
N SER I 447 -28.70 54.85 10.57
CA SER I 447 -28.60 54.82 12.02
C SER I 447 -27.31 54.16 12.49
N ALA I 448 -26.67 53.39 11.61
CA ALA I 448 -25.40 52.75 11.91
C ALA I 448 -24.21 53.48 11.32
N CYS I 449 -24.43 54.44 10.43
CA CYS I 449 -23.34 55.34 10.03
C CYS I 449 -22.95 56.26 11.19
N LYS I 450 -23.84 56.41 12.17
CA LYS I 450 -23.60 57.34 13.26
C LYS I 450 -22.55 56.82 14.23
N TRP I 451 -22.81 55.67 14.85
CA TRP I 451 -21.92 55.18 15.89
C TRP I 451 -20.71 54.42 15.37
N SER I 452 -20.66 54.10 14.08
CA SER I 452 -19.54 53.34 13.52
C SER I 452 -18.83 54.20 12.49
N PRO I 453 -17.54 54.47 12.68
CA PRO I 453 -16.83 55.31 11.70
C PRO I 453 -16.49 54.58 10.43
N GLU I 454 -16.35 53.25 10.50
CA GLU I 454 -15.95 52.47 9.34
C GLU I 454 -17.06 52.42 8.31
N LEU I 455 -18.30 52.19 8.77
CA LEU I 455 -19.43 52.21 7.86
C LEU I 455 -19.69 53.60 7.33
N ALA I 456 -19.45 54.64 8.15
CA ALA I 456 -19.68 56.01 7.71
C ALA I 456 -18.73 56.42 6.59
N ALA I 457 -17.50 55.90 6.61
CA ALA I 457 -16.58 56.13 5.51
C ALA I 457 -17.03 55.41 4.25
N ALA I 458 -17.79 54.33 4.39
CA ALA I 458 -18.43 53.70 3.24
C ALA I 458 -19.80 54.29 2.96
N CYS I 459 -20.46 54.88 3.97
CA CYS I 459 -21.67 55.65 3.71
C CYS I 459 -21.37 56.89 2.87
N GLU I 460 -20.17 57.44 3.04
CA GLU I 460 -19.79 58.67 2.35
C GLU I 460 -19.55 58.46 0.86
N VAL I 461 -19.08 57.27 0.47
CA VAL I 461 -18.89 56.98 -0.94
C VAL I 461 -20.23 56.69 -1.60
N MET J 46 -23.29 -53.84 -11.05
CA MET J 46 -22.74 -52.54 -10.70
C MET J 46 -21.91 -52.03 -11.86
N MET J 47 -22.26 -50.86 -12.38
CA MET J 47 -21.58 -50.37 -13.55
C MET J 47 -20.72 -49.17 -13.24
N VAL J 48 -19.99 -48.70 -14.24
CA VAL J 48 -19.11 -47.55 -14.15
C VAL J 48 -19.50 -46.55 -15.21
N TRP J 49 -19.80 -45.33 -14.80
CA TRP J 49 -20.11 -44.27 -15.73
C TRP J 49 -18.84 -43.89 -16.49
N THR J 50 -18.98 -43.69 -17.79
CA THR J 50 -17.69 -43.68 -18.46
C THR J 50 -17.09 -42.28 -18.54
N PRO J 51 -15.77 -42.17 -18.40
CA PRO J 51 -15.11 -40.86 -18.53
C PRO J 51 -14.59 -40.56 -19.91
N VAL J 52 -14.60 -41.53 -20.81
CA VAL J 52 -13.91 -41.45 -22.08
C VAL J 52 -14.93 -41.13 -23.16
N ASN J 53 -14.74 -40.00 -23.84
CA ASN J 53 -15.59 -39.55 -24.94
C ASN J 53 -17.06 -39.46 -24.56
N ASN J 54 -17.34 -38.72 -23.50
CA ASN J 54 -18.68 -38.67 -22.93
C ASN J 54 -19.12 -37.22 -22.75
N LYS J 55 -18.79 -36.35 -23.69
CA LYS J 55 -19.16 -34.96 -23.53
C LYS J 55 -20.65 -34.79 -23.56
N MET J 56 -21.13 -33.80 -22.84
CA MET J 56 -22.55 -33.54 -22.74
C MET J 56 -22.82 -32.08 -22.97
N PHE J 57 -24.07 -31.78 -23.28
CA PHE J 57 -24.58 -30.44 -23.47
C PHE J 57 -25.61 -30.30 -22.36
N GLU J 58 -25.74 -29.12 -21.80
CA GLU J 58 -26.51 -29.02 -20.59
C GLU J 58 -27.95 -29.49 -20.54
N THR J 59 -28.82 -29.13 -21.47
CA THR J 59 -30.19 -29.58 -21.31
C THR J 59 -30.56 -30.68 -22.29
N PHE J 60 -31.20 -31.71 -21.74
CA PHE J 60 -31.65 -32.89 -22.47
C PHE J 60 -30.55 -33.72 -23.09
N SER J 61 -29.36 -33.71 -22.51
CA SER J 61 -28.26 -34.52 -23.02
C SER J 61 -28.11 -35.85 -22.31
N TYR J 62 -28.67 -35.98 -21.12
CA TYR J 62 -28.68 -37.23 -20.39
C TYR J 62 -29.88 -38.07 -20.77
N LEU J 63 -30.63 -37.63 -21.77
CA LEU J 63 -31.75 -38.29 -22.40
C LEU J 63 -31.27 -38.84 -23.75
N PRO J 64 -31.96 -39.82 -24.33
CA PRO J 64 -31.62 -40.24 -25.69
C PRO J 64 -31.99 -39.15 -26.68
N PRO J 65 -31.36 -39.13 -27.90
CA PRO J 65 -31.55 -38.01 -28.83
C PRO J 65 -32.99 -37.76 -29.25
N LEU J 66 -33.39 -36.49 -29.29
CA LEU J 66 -34.79 -36.16 -29.44
C LEU J 66 -35.25 -36.45 -30.85
N SER J 67 -36.41 -37.09 -30.98
CA SER J 67 -37.00 -37.32 -32.28
C SER J 67 -37.60 -36.02 -32.80
N ASP J 68 -38.05 -36.05 -34.06
CA ASP J 68 -38.64 -34.87 -34.67
C ASP J 68 -39.99 -34.55 -34.05
N GLU J 69 -40.65 -35.55 -33.46
CA GLU J 69 -41.89 -35.30 -32.74
C GLU J 69 -41.61 -34.74 -31.36
N GLN J 70 -40.49 -35.11 -30.75
CA GLN J 70 -40.13 -34.56 -29.45
C GLN J 70 -39.56 -33.15 -29.58
N ILE J 71 -38.88 -32.86 -30.69
CA ILE J 71 -38.46 -31.48 -30.94
C ILE J 71 -39.67 -30.61 -31.25
N ALA J 72 -40.65 -31.16 -31.97
CA ALA J 72 -41.87 -30.41 -32.22
C ALA J 72 -42.71 -30.23 -30.96
N ALA J 73 -42.57 -31.14 -29.99
CA ALA J 73 -43.29 -30.97 -28.73
C ALA J 73 -42.68 -29.87 -27.88
N GLN J 74 -41.38 -29.61 -28.03
CA GLN J 74 -40.75 -28.54 -27.26
C GLN J 74 -41.01 -27.18 -27.89
N VAL J 75 -41.08 -27.12 -29.22
CA VAL J 75 -41.39 -25.87 -29.89
C VAL J 75 -42.84 -25.47 -29.65
N ASP J 76 -43.74 -26.45 -29.49
CA ASP J 76 -45.11 -26.15 -29.06
C ASP J 76 -45.12 -25.50 -27.68
N TYR J 77 -44.23 -25.94 -26.79
CA TYR J 77 -44.05 -25.29 -25.50
C TYR J 77 -43.41 -23.91 -25.65
N ILE J 78 -42.55 -23.72 -26.65
CA ILE J 78 -41.95 -22.42 -26.89
C ILE J 78 -42.97 -21.45 -27.49
N VAL J 79 -43.93 -21.95 -28.25
CA VAL J 79 -44.90 -21.07 -28.91
C VAL J 79 -46.16 -20.85 -28.04
N ALA J 80 -46.46 -21.79 -27.14
CA ALA J 80 -47.64 -21.67 -26.26
C ALA J 80 -47.56 -20.45 -25.35
N ASN J 81 -46.36 -20.06 -24.98
CA ASN J 81 -46.09 -18.75 -24.42
C ASN J 81 -45.28 -17.92 -25.43
N GLY J 82 -45.05 -16.66 -25.13
CA GLY J 82 -44.51 -15.81 -26.17
C GLY J 82 -43.03 -15.85 -26.37
N TRP J 83 -42.46 -17.03 -26.58
CA TRP J 83 -41.03 -17.18 -26.71
C TRP J 83 -40.66 -17.33 -28.18
N ILE J 84 -39.40 -17.10 -28.48
CA ILE J 84 -38.95 -16.94 -29.85
C ILE J 84 -37.85 -17.97 -30.10
N PRO J 85 -38.09 -18.99 -30.92
CA PRO J 85 -37.08 -20.03 -31.10
C PRO J 85 -35.99 -19.56 -32.06
N CYS J 86 -34.80 -20.11 -31.89
CA CYS J 86 -33.66 -19.69 -32.69
C CYS J 86 -32.64 -20.83 -32.67
N LEU J 87 -31.96 -21.06 -33.77
CA LEU J 87 -30.98 -22.15 -33.81
C LEU J 87 -29.56 -21.60 -33.68
N GLU J 88 -28.69 -22.46 -33.18
CA GLU J 88 -27.27 -22.14 -33.10
C GLU J 88 -26.46 -23.33 -33.56
N PHE J 89 -25.18 -23.09 -33.82
CA PHE J 89 -24.31 -24.18 -34.21
C PHE J 89 -22.87 -23.86 -33.88
N ALA J 90 -22.09 -24.92 -33.69
CA ALA J 90 -20.68 -24.84 -33.45
C ALA J 90 -20.02 -26.08 -34.01
N GLU J 91 -18.76 -25.94 -34.41
CA GLU J 91 -17.94 -27.08 -34.81
C GLU J 91 -17.50 -27.88 -33.59
N SER J 92 -16.66 -28.89 -33.84
CA SER J 92 -16.22 -29.76 -32.75
C SER J 92 -15.27 -29.08 -31.79
N ASP J 93 -14.57 -28.05 -32.25
CA ASP J 93 -13.63 -27.30 -31.42
C ASP J 93 -14.24 -26.04 -30.81
N LYS J 94 -15.46 -25.67 -31.15
CA LYS J 94 -16.10 -24.50 -30.57
C LYS J 94 -17.37 -24.89 -29.84
N ALA J 95 -17.54 -26.19 -29.55
CA ALA J 95 -18.79 -26.70 -29.01
C ALA J 95 -18.81 -26.65 -27.49
N TYR J 96 -17.84 -27.25 -26.84
CA TYR J 96 -17.81 -27.30 -25.40
C TYR J 96 -16.75 -26.37 -24.83
N VAL J 97 -16.76 -26.25 -23.51
CA VAL J 97 -16.16 -25.14 -22.79
C VAL J 97 -14.63 -25.21 -22.81
N SER J 98 -13.98 -24.05 -22.78
CA SER J 98 -12.51 -24.01 -22.80
C SER J 98 -12.02 -22.76 -22.10
N ASN J 99 -10.70 -22.71 -21.86
CA ASN J 99 -10.09 -21.68 -21.03
C ASN J 99 -9.14 -20.81 -21.82
N GLU J 100 -9.06 -20.97 -23.13
CA GLU J 100 -7.88 -20.58 -23.89
C GLU J 100 -7.68 -19.08 -24.01
N SER J 101 -8.70 -18.27 -23.76
CA SER J 101 -8.49 -16.82 -23.82
C SER J 101 -7.93 -16.25 -22.53
N ALA J 102 -7.91 -17.04 -21.46
CA ALA J 102 -7.40 -16.63 -20.15
C ALA J 102 -5.89 -16.55 -20.10
N ILE J 103 -5.20 -16.89 -21.19
CA ILE J 103 -3.79 -16.60 -21.32
C ILE J 103 -3.55 -15.09 -21.39
N ARG J 104 -4.55 -14.31 -21.76
CA ARG J 104 -4.44 -12.86 -21.83
C ARG J 104 -4.89 -12.16 -20.56
N PHE J 105 -5.19 -12.89 -19.50
CA PHE J 105 -5.84 -12.25 -18.37
C PHE J 105 -4.87 -11.99 -17.23
N GLY J 106 -5.29 -11.09 -16.34
CA GLY J 106 -4.86 -11.05 -14.97
C GLY J 106 -5.71 -12.01 -14.16
N SER J 107 -6.11 -11.65 -12.95
CA SER J 107 -6.90 -12.60 -12.17
C SER J 107 -8.39 -12.34 -12.27
N VAL J 108 -8.89 -12.24 -13.50
CA VAL J 108 -10.28 -11.89 -13.78
C VAL J 108 -11.00 -13.08 -14.39
N SER J 109 -10.53 -14.28 -14.07
CA SER J 109 -10.94 -15.49 -14.76
C SER J 109 -12.20 -16.14 -14.20
N CYS J 110 -12.78 -15.63 -13.12
CA CYS J 110 -13.95 -16.26 -12.51
C CYS J 110 -15.16 -16.10 -13.41
N LEU J 111 -15.79 -17.23 -13.73
CA LEU J 111 -16.99 -17.32 -14.57
C LEU J 111 -16.79 -16.71 -15.94
N TYR J 112 -15.56 -16.74 -16.41
CA TYR J 112 -15.28 -16.55 -17.82
C TYR J 112 -15.02 -17.90 -18.42
N TYR J 113 -15.65 -18.18 -19.54
CA TYR J 113 -15.31 -19.35 -20.33
C TYR J 113 -15.32 -18.97 -21.79
N ASP J 114 -14.81 -19.84 -22.62
CA ASP J 114 -15.03 -19.75 -24.05
C ASP J 114 -16.03 -20.80 -24.48
N ASN J 115 -16.53 -20.63 -25.70
CA ASN J 115 -17.48 -21.53 -26.35
C ASN J 115 -18.81 -21.59 -25.62
N ARG J 116 -19.19 -20.49 -24.97
CA ARG J 116 -20.57 -20.38 -24.53
C ARG J 116 -21.43 -19.70 -25.55
N TYR J 117 -20.84 -18.88 -26.40
CA TYR J 117 -21.51 -18.41 -27.60
C TYR J 117 -21.32 -19.43 -28.70
N TRP J 118 -22.40 -19.76 -29.37
CA TRP J 118 -22.33 -20.41 -30.67
C TRP J 118 -22.85 -19.45 -31.71
N THR J 119 -22.58 -19.75 -32.96
CA THR J 119 -23.01 -18.88 -34.04
C THR J 119 -24.50 -19.05 -34.29
N MET J 120 -25.22 -17.96 -34.40
CA MET J 120 -26.65 -18.02 -34.63
C MET J 120 -26.90 -18.49 -36.06
N TRP J 121 -27.96 -19.26 -36.28
CA TRP J 121 -28.28 -19.69 -37.62
C TRP J 121 -29.41 -18.78 -37.99
N LYS J 122 -29.20 -18.00 -39.04
CA LYS J 122 -30.17 -17.02 -39.52
C LYS J 122 -30.57 -16.04 -38.43
N LEU J 123 -31.88 -15.85 -38.25
CA LEU J 123 -32.41 -14.92 -37.25
C LEU J 123 -33.46 -15.61 -36.40
N PRO J 124 -33.77 -15.02 -35.23
CA PRO J 124 -34.81 -15.61 -34.39
C PRO J 124 -36.15 -15.59 -35.10
N MET J 125 -36.93 -16.65 -34.94
CA MET J 125 -38.21 -16.79 -35.64
C MET J 125 -39.25 -15.93 -34.93
N PHE J 126 -39.33 -14.67 -35.35
CA PHE J 126 -40.30 -13.76 -34.76
C PHE J 126 -41.68 -14.03 -35.34
N GLY J 127 -42.67 -14.10 -34.46
CA GLY J 127 -44.01 -14.45 -34.89
C GLY J 127 -44.13 -15.88 -35.36
N CYS J 128 -43.43 -16.79 -34.70
CA CYS J 128 -43.42 -18.20 -35.07
C CYS J 128 -44.61 -18.88 -34.41
N ARG J 129 -45.52 -19.41 -35.23
CA ARG J 129 -46.66 -20.15 -34.75
C ARG J 129 -46.56 -21.63 -35.10
N ASP J 130 -45.87 -21.97 -36.19
CA ASP J 130 -45.80 -23.32 -36.69
C ASP J 130 -44.50 -23.98 -36.27
N PRO J 131 -44.56 -25.12 -35.57
CA PRO J 131 -43.32 -25.79 -35.17
C PRO J 131 -42.61 -26.52 -36.29
N MET J 132 -43.24 -26.70 -37.46
CA MET J 132 -42.57 -27.36 -38.57
C MET J 132 -41.63 -26.40 -39.29
N GLN J 133 -41.91 -25.09 -39.23
CA GLN J 133 -40.99 -24.11 -39.80
C GLN J 133 -39.66 -24.10 -39.08
N VAL J 134 -39.66 -24.37 -37.78
CA VAL J 134 -38.40 -24.49 -37.04
C VAL J 134 -37.72 -25.79 -37.40
N LEU J 135 -38.51 -26.84 -37.64
CA LEU J 135 -37.96 -28.17 -37.84
C LEU J 135 -37.36 -28.30 -39.25
N ARG J 136 -37.84 -27.48 -40.19
CA ARG J 136 -37.20 -27.42 -41.50
C ARG J 136 -35.82 -26.78 -41.42
N GLU J 137 -35.63 -25.88 -40.45
CA GLU J 137 -34.37 -25.16 -40.35
C GLU J 137 -33.30 -26.02 -39.70
N ILE J 138 -33.69 -27.08 -38.99
CA ILE J 138 -32.71 -27.99 -38.41
C ILE J 138 -32.09 -28.83 -39.50
N VAL J 139 -32.90 -29.30 -40.45
CA VAL J 139 -32.40 -30.03 -41.60
C VAL J 139 -31.57 -29.12 -42.49
N ALA J 140 -32.00 -27.86 -42.63
CA ALA J 140 -31.30 -26.92 -43.51
C ALA J 140 -29.97 -26.49 -42.91
N CYS J 141 -29.87 -26.45 -41.59
CA CYS J 141 -28.61 -26.07 -40.96
C CYS J 141 -27.57 -27.18 -41.09
N THR J 142 -27.98 -28.42 -40.85
CA THR J 142 -27.04 -29.53 -40.86
C THR J 142 -26.65 -29.92 -42.28
N LYS J 143 -27.45 -29.52 -43.27
CA LYS J 143 -27.02 -29.67 -44.65
C LYS J 143 -25.87 -28.72 -44.96
N ALA J 144 -25.96 -27.48 -44.48
CA ALA J 144 -24.88 -26.52 -44.69
C ALA J 144 -23.66 -26.88 -43.85
N PHE J 145 -23.87 -27.42 -42.65
CA PHE J 145 -22.80 -27.73 -41.72
C PHE J 145 -22.98 -29.15 -41.22
N PRO J 146 -22.46 -30.14 -41.94
CA PRO J 146 -22.63 -31.53 -41.50
C PRO J 146 -21.74 -31.92 -40.34
N ASP J 147 -20.72 -31.13 -40.03
CA ASP J 147 -19.81 -31.41 -38.93
C ASP J 147 -20.08 -30.56 -37.71
N ALA J 148 -21.33 -30.14 -37.50
CA ALA J 148 -21.66 -29.15 -36.49
C ALA J 148 -22.79 -29.63 -35.58
N TYR J 149 -22.61 -29.39 -34.29
CA TYR J 149 -23.68 -29.49 -33.30
C TYR J 149 -24.70 -28.40 -33.54
N VAL J 150 -25.94 -28.64 -33.15
CA VAL J 150 -27.02 -27.67 -33.31
C VAL J 150 -27.82 -27.62 -32.03
N ARG J 151 -28.03 -26.42 -31.49
CA ARG J 151 -28.94 -26.29 -30.36
C ARG J 151 -30.02 -25.28 -30.66
N LEU J 152 -31.21 -25.57 -30.15
CA LEU J 152 -32.37 -24.71 -30.23
C LEU J 152 -32.46 -23.91 -28.95
N VAL J 153 -32.29 -22.60 -29.06
CA VAL J 153 -32.40 -21.71 -27.90
C VAL J 153 -33.72 -20.97 -28.03
N ALA J 154 -34.16 -20.39 -26.93
CA ALA J 154 -35.36 -19.57 -26.95
C ALA J 154 -35.12 -18.30 -26.16
N PHE J 155 -35.81 -17.24 -26.56
CA PHE J 155 -35.64 -15.94 -25.97
C PHE J 155 -36.99 -15.43 -25.50
N ASP J 156 -37.01 -14.72 -24.37
CA ASP J 156 -38.25 -14.12 -23.91
C ASP J 156 -38.36 -12.72 -24.48
N ASN J 157 -39.58 -12.30 -24.79
CA ASN J 157 -39.79 -11.02 -25.44
C ASN J 157 -39.94 -9.91 -24.42
N GLN J 158 -40.67 -10.18 -23.33
CA GLN J 158 -40.94 -9.14 -22.34
C GLN J 158 -39.80 -9.03 -21.33
N LYS J 159 -39.04 -10.10 -21.14
CA LYS J 159 -37.96 -10.08 -20.16
C LYS J 159 -36.62 -9.81 -20.86
N GLN J 160 -36.56 -10.07 -22.16
CA GLN J 160 -35.39 -9.87 -23.03
C GLN J 160 -34.17 -10.62 -22.50
N VAL J 161 -34.31 -11.96 -22.45
CA VAL J 161 -33.30 -12.84 -21.90
C VAL J 161 -33.51 -14.19 -22.58
N GLN J 162 -32.48 -15.04 -22.53
CA GLN J 162 -32.56 -16.39 -23.08
C GLN J 162 -33.19 -17.33 -22.06
N ILE J 163 -34.14 -18.15 -22.53
CA ILE J 163 -34.98 -18.90 -21.61
C ILE J 163 -34.53 -20.35 -21.52
N MET J 164 -34.52 -21.05 -22.63
CA MET J 164 -34.23 -22.47 -22.64
C MET J 164 -33.29 -22.73 -23.80
N GLY J 165 -32.38 -23.67 -23.62
CA GLY J 165 -31.45 -24.00 -24.68
C GLY J 165 -31.03 -25.46 -24.64
N PHE J 166 -31.31 -26.21 -25.69
CA PHE J 166 -31.11 -27.65 -25.65
C PHE J 166 -30.67 -28.19 -26.98
N LEU J 167 -29.73 -29.15 -26.94
CA LEU J 167 -29.13 -29.70 -28.13
C LEU J 167 -30.14 -30.53 -28.93
N VAL J 168 -30.23 -30.23 -30.21
CA VAL J 168 -31.17 -30.93 -31.09
C VAL J 168 -30.49 -31.72 -32.19
N GLN J 169 -29.17 -31.62 -32.33
CA GLN J 169 -28.47 -32.36 -33.36
C GLN J 169 -27.00 -32.53 -32.99
N ARG J 170 -26.49 -33.73 -33.19
CA ARG J 170 -25.08 -34.05 -33.09
C ARG J 170 -24.55 -34.43 -34.47
N PRO J 171 -23.29 -34.13 -34.77
CA PRO J 171 -22.71 -34.61 -36.02
C PRO J 171 -22.38 -36.09 -35.91
N LYS J 172 -22.28 -36.74 -37.06
CA LYS J 172 -21.87 -38.13 -37.06
C LYS J 172 -20.36 -38.27 -37.03
N SER J 173 -19.65 -37.27 -37.55
CA SER J 173 -18.20 -37.34 -37.65
C SER J 173 -17.49 -37.08 -36.33
N ALA J 174 -18.22 -36.75 -35.28
CA ALA J 174 -17.61 -36.47 -33.99
C ALA J 174 -17.66 -37.70 -33.10
N ARG J 175 -16.55 -37.97 -32.41
CA ARG J 175 -16.45 -39.06 -31.45
C ARG J 175 -16.39 -38.56 -30.02
N ASP J 176 -17.09 -37.47 -29.72
CA ASP J 176 -17.07 -36.86 -28.39
C ASP J 176 -18.17 -37.36 -27.47
N TRP J 177 -19.16 -38.08 -28.00
CA TRP J 177 -20.33 -38.47 -27.21
C TRP J 177 -20.61 -39.97 -27.33
N GLN J 178 -21.23 -40.52 -26.29
CA GLN J 178 -21.58 -41.94 -26.26
C GLN J 178 -23.04 -42.12 -26.62
N PRO J 179 -23.37 -43.13 -27.43
CA PRO J 179 -24.76 -43.29 -27.90
C PRO J 179 -25.68 -43.94 -26.86
N ALA J 180 -25.92 -43.20 -25.78
CA ALA J 180 -26.92 -43.47 -24.74
C ALA J 180 -26.71 -44.77 -23.96
N ASN J 181 -25.69 -45.55 -24.29
CA ASN J 181 -25.31 -46.75 -23.58
C ASN J 181 -23.90 -46.49 -23.08
N LYS J 182 -23.83 -45.79 -21.96
CA LYS J 182 -22.60 -45.21 -21.45
C LYS J 182 -22.41 -45.60 -19.99
N ARG J 183 -23.20 -46.59 -19.57
CA ARG J 183 -22.88 -47.49 -18.48
C ARG J 183 -22.71 -46.82 -17.13
N LYS K 18 -16.01 44.05 -18.29
CA LYS K 18 -16.02 45.31 -17.58
C LYS K 18 -14.73 46.10 -17.80
N ASP K 19 -14.63 46.77 -18.95
CA ASP K 19 -13.42 47.49 -19.32
C ASP K 19 -13.70 48.98 -19.42
N TYR K 20 -12.64 49.77 -19.27
CA TYR K 20 -12.74 51.20 -19.51
C TYR K 20 -12.36 51.55 -20.94
N ARG K 21 -12.12 50.53 -21.77
CA ARG K 21 -11.88 50.53 -23.23
C ARG K 21 -10.48 51.06 -23.58
N LEU K 22 -9.75 51.64 -22.63
CA LEU K 22 -8.41 52.14 -22.91
C LEU K 22 -7.34 51.07 -22.69
N THR K 23 -7.48 50.29 -21.63
CA THR K 23 -6.42 49.36 -21.26
C THR K 23 -6.63 47.99 -21.90
N TYR K 24 -7.87 47.63 -22.22
CA TYR K 24 -8.16 46.30 -22.69
C TYR K 24 -8.45 46.22 -24.19
N TYR K 25 -8.53 47.35 -24.86
CA TYR K 25 -8.65 47.39 -26.32
C TYR K 25 -7.37 47.99 -26.86
N THR K 26 -6.43 47.15 -27.25
CA THR K 26 -5.13 47.57 -27.74
C THR K 26 -4.96 47.12 -29.19
N PRO K 27 -5.42 47.91 -30.17
CA PRO K 27 -5.29 47.47 -31.56
C PRO K 27 -3.87 47.59 -32.09
N ASP K 28 -3.02 48.36 -31.41
CA ASP K 28 -1.64 48.53 -31.85
C ASP K 28 -0.75 47.41 -31.35
N TYR K 29 -1.31 46.48 -30.58
CA TYR K 29 -0.55 45.40 -29.96
C TYR K 29 -0.19 44.31 -30.95
N VAL K 30 1.02 43.79 -30.81
CA VAL K 30 1.52 42.68 -31.61
C VAL K 30 1.47 41.43 -30.74
N VAL K 31 0.80 40.38 -31.21
CA VAL K 31 0.58 39.21 -30.39
C VAL K 31 1.89 38.43 -30.27
N ARG K 32 1.98 37.62 -29.22
CA ARG K 32 3.17 36.85 -28.96
C ARG K 32 3.01 35.43 -29.49
N ASP K 33 4.13 34.73 -29.59
CA ASP K 33 4.06 33.34 -30.01
C ASP K 33 3.73 32.41 -28.85
N THR K 34 3.70 32.92 -27.63
CA THR K 34 3.22 32.15 -26.50
C THR K 34 1.82 32.55 -26.09
N ASP K 35 1.21 33.52 -26.77
CA ASP K 35 -0.13 33.97 -26.42
C ASP K 35 -1.16 32.92 -26.76
N ILE K 36 -2.14 32.79 -25.89
CA ILE K 36 -3.39 32.12 -26.23
C ILE K 36 -4.29 33.14 -26.90
N LEU K 37 -4.73 32.84 -28.10
CA LEU K 37 -5.61 33.73 -28.83
C LEU K 37 -7.01 33.14 -28.84
N ALA K 38 -8.02 33.98 -28.78
CA ALA K 38 -9.41 33.56 -28.78
C ALA K 38 -10.17 34.43 -29.77
N ALA K 39 -11.16 33.85 -30.44
CA ALA K 39 -11.95 34.58 -31.42
C ALA K 39 -13.42 34.48 -31.03
N PHE K 40 -14.01 35.59 -30.59
CA PHE K 40 -15.37 35.58 -30.10
C PHE K 40 -16.30 36.18 -31.13
N ARG K 41 -17.35 35.44 -31.49
CA ARG K 41 -18.49 36.03 -32.18
C ARG K 41 -19.38 36.70 -31.15
N MET K 42 -19.59 38.00 -31.30
CA MET K 42 -19.98 38.89 -30.22
C MET K 42 -21.14 39.77 -30.66
N THR K 43 -22.30 39.58 -30.05
CA THR K 43 -23.48 40.40 -30.36
C THR K 43 -23.72 41.40 -29.25
N PRO K 44 -23.57 42.70 -29.49
CA PRO K 44 -23.81 43.68 -28.42
C PRO K 44 -25.28 43.94 -28.17
N GLN K 45 -25.56 44.56 -27.04
CA GLN K 45 -26.85 45.18 -26.81
C GLN K 45 -27.00 46.39 -27.73
N PRO K 46 -28.24 46.78 -28.09
CA PRO K 46 -28.40 47.93 -28.99
C PRO K 46 -28.01 49.24 -28.32
N GLY K 47 -26.94 49.85 -28.84
CA GLY K 47 -26.39 51.06 -28.27
C GLY K 47 -25.01 50.92 -27.68
N VAL K 48 -24.54 49.70 -27.45
CA VAL K 48 -23.20 49.47 -26.92
C VAL K 48 -22.23 49.45 -28.11
N PRO K 49 -21.12 50.18 -28.05
CA PRO K 49 -20.16 50.17 -29.16
C PRO K 49 -19.47 48.83 -29.28
N PRO K 50 -18.99 48.48 -30.48
CA PRO K 50 -18.27 47.21 -30.63
C PRO K 50 -16.94 47.19 -29.92
N GLU K 51 -16.25 48.33 -29.84
CA GLU K 51 -14.94 48.35 -29.18
C GLU K 51 -15.08 48.27 -27.67
N GLU K 52 -16.08 48.95 -27.10
CA GLU K 52 -16.29 48.85 -25.66
C GLU K 52 -16.81 47.48 -25.27
N CYS K 53 -17.63 46.87 -26.12
CA CYS K 53 -18.09 45.52 -25.85
C CYS K 53 -16.97 44.51 -26.04
N GLY K 54 -16.07 44.77 -26.98
CA GLY K 54 -14.97 43.85 -27.24
C GLY K 54 -13.89 43.89 -26.19
N ALA K 55 -13.64 45.05 -25.60
CA ALA K 55 -12.67 45.17 -24.53
C ALA K 55 -13.20 44.60 -23.22
N ALA K 56 -14.52 44.54 -23.09
CA ALA K 56 -15.14 43.98 -21.89
C ALA K 56 -15.04 42.46 -21.88
N VAL K 57 -15.08 41.83 -23.06
CA VAL K 57 -14.82 40.40 -23.15
C VAL K 57 -13.38 40.11 -22.77
N ALA K 58 -12.48 41.01 -23.11
CA ALA K 58 -11.08 40.85 -22.76
C ALA K 58 -10.83 41.15 -21.29
N ALA K 59 -11.62 42.05 -20.70
CA ALA K 59 -11.38 42.45 -19.32
C ALA K 59 -11.91 41.42 -18.33
N GLU K 60 -13.03 40.79 -18.66
CA GLU K 60 -13.72 39.77 -17.85
C GLU K 60 -14.08 40.27 -16.46
N ASP K 78 -1.58 44.18 -15.57
CA ASP K 78 -1.08 44.64 -16.86
C ASP K 78 -0.26 43.58 -17.57
N ARG K 79 0.45 42.77 -16.80
CA ARG K 79 1.12 41.60 -17.36
C ARG K 79 0.17 40.43 -17.50
N TYR K 80 -0.98 40.51 -16.86
CA TYR K 80 -1.92 39.41 -16.79
C TYR K 80 -3.24 39.73 -17.45
N LYS K 81 -3.35 40.89 -18.08
CA LYS K 81 -4.61 41.24 -18.72
C LYS K 81 -4.72 40.57 -20.08
N GLY K 82 -5.94 40.11 -20.39
CA GLY K 82 -6.28 39.75 -21.74
C GLY K 82 -6.71 41.01 -22.46
N ARG K 83 -6.21 41.19 -23.68
CA ARG K 83 -6.47 42.39 -24.44
C ARG K 83 -7.00 42.09 -25.84
N CYS K 84 -8.19 42.61 -26.12
CA CYS K 84 -8.79 42.60 -27.44
C CYS K 84 -7.94 43.41 -28.41
N TYR K 85 -7.42 42.75 -29.44
CA TYR K 85 -6.49 43.39 -30.36
C TYR K 85 -7.03 43.59 -31.76
N ASP K 86 -8.22 43.07 -32.08
CA ASP K 86 -8.79 43.21 -33.41
C ASP K 86 -10.29 42.96 -33.32
N ILE K 87 -11.06 43.78 -34.03
CA ILE K 87 -12.51 43.64 -34.12
C ILE K 87 -12.90 43.78 -35.58
N GLU K 88 -13.59 42.77 -36.11
CA GLU K 88 -14.02 42.72 -37.49
C GLU K 88 -15.54 42.62 -37.54
N PRO K 89 -16.19 43.30 -38.49
CA PRO K 89 -17.61 43.03 -38.73
C PRO K 89 -17.80 41.67 -39.37
N VAL K 90 -18.99 41.11 -39.15
CA VAL K 90 -19.39 39.86 -39.79
C VAL K 90 -20.25 40.21 -41.01
N PRO K 91 -19.87 39.76 -42.21
CA PRO K 91 -20.65 40.13 -43.40
C PRO K 91 -22.00 39.43 -43.43
N GLY K 92 -23.06 40.22 -43.64
CA GLY K 92 -24.40 39.71 -43.66
C GLY K 92 -25.14 39.86 -42.35
N GLU K 93 -24.42 39.96 -41.24
CA GLU K 93 -24.99 40.16 -39.91
C GLU K 93 -24.75 41.60 -39.52
N ASP K 94 -25.82 42.37 -39.33
CA ASP K 94 -25.70 43.79 -39.07
C ASP K 94 -25.24 44.11 -37.66
N ASN K 95 -25.26 43.14 -36.74
CA ASN K 95 -24.95 43.41 -35.35
C ASN K 95 -24.08 42.33 -34.74
N GLN K 96 -23.23 41.69 -35.53
CA GLN K 96 -22.29 40.73 -35.01
C GLN K 96 -20.87 41.13 -35.39
N TYR K 97 -19.93 40.72 -34.55
CA TYR K 97 -18.54 41.15 -34.67
C TYR K 97 -17.66 39.98 -34.25
N ILE K 98 -16.41 40.02 -34.69
CA ILE K 98 -15.41 39.04 -34.28
C ILE K 98 -14.39 39.77 -33.44
N ALA K 99 -14.39 39.53 -32.14
CA ALA K 99 -13.39 40.08 -31.24
C ALA K 99 -12.27 39.08 -31.09
N TYR K 100 -11.04 39.51 -31.36
CA TYR K 100 -9.86 38.67 -31.16
C TYR K 100 -9.20 39.09 -29.86
N VAL K 101 -9.12 38.17 -28.91
CA VAL K 101 -8.54 38.45 -27.60
C VAL K 101 -7.29 37.60 -27.40
N ALA K 102 -6.21 38.23 -26.97
CA ALA K 102 -4.96 37.55 -26.65
C ALA K 102 -4.84 37.36 -25.14
N TYR K 103 -4.28 36.24 -24.72
CA TYR K 103 -4.06 35.97 -23.31
C TYR K 103 -2.60 35.62 -23.06
N PRO K 104 -1.98 36.17 -22.03
CA PRO K 104 -0.63 35.74 -21.68
C PRO K 104 -0.62 34.32 -21.17
N ILE K 105 0.47 33.60 -21.46
CA ILE K 105 0.58 32.18 -21.12
C ILE K 105 0.68 31.94 -19.62
N ASP K 106 0.96 32.99 -18.85
CA ASP K 106 1.06 32.83 -17.40
C ASP K 106 -0.29 32.72 -16.73
N LEU K 107 -1.39 32.85 -17.46
CA LEU K 107 -2.69 32.79 -16.83
C LEU K 107 -3.15 31.38 -16.57
N PHE K 108 -2.37 30.39 -17.02
CA PHE K 108 -2.85 29.04 -17.23
C PHE K 108 -2.00 28.04 -16.47
N GLU K 109 -2.62 26.94 -16.06
CA GLU K 109 -1.90 25.81 -15.51
C GLU K 109 -1.36 24.92 -16.63
N GLU K 110 -0.14 24.44 -16.45
CA GLU K 110 0.42 23.43 -17.33
C GLU K 110 -0.41 22.16 -17.27
N GLY K 111 -0.87 21.71 -18.43
CA GLY K 111 -1.54 20.45 -18.53
C GLY K 111 -2.99 20.40 -18.10
N SER K 112 -3.71 21.51 -18.19
CA SER K 112 -5.04 21.58 -17.60
C SER K 112 -6.03 22.24 -18.55
N VAL K 113 -6.98 21.45 -19.05
CA VAL K 113 -8.04 21.96 -19.90
C VAL K 113 -9.13 22.58 -19.04
N THR K 114 -9.21 22.15 -17.78
CA THR K 114 -10.11 22.76 -16.82
C THR K 114 -9.72 24.20 -16.54
N ASN K 115 -8.44 24.47 -16.35
CA ASN K 115 -7.97 25.83 -16.14
C ASN K 115 -8.07 26.65 -17.41
N MET K 116 -7.89 26.03 -18.57
CA MET K 116 -7.94 26.79 -19.80
C MET K 116 -9.36 27.23 -20.13
N PHE K 117 -10.35 26.37 -19.85
CA PHE K 117 -11.72 26.80 -20.09
C PHE K 117 -12.21 27.75 -19.02
N THR K 118 -11.75 27.58 -17.78
CA THR K 118 -12.23 28.44 -16.70
C THR K 118 -11.72 29.88 -16.87
N SER K 119 -10.56 30.04 -17.49
CA SER K 119 -10.05 31.40 -17.67
C SER K 119 -10.71 32.09 -18.85
N ILE K 120 -10.98 31.36 -19.93
CA ILE K 120 -11.44 31.98 -21.17
C ILE K 120 -12.96 32.11 -21.21
N VAL K 121 -13.71 31.10 -20.80
CA VAL K 121 -15.17 31.18 -20.94
C VAL K 121 -15.84 31.05 -19.60
N GLY K 122 -15.10 31.31 -18.52
CA GLY K 122 -15.62 31.06 -17.19
C GLY K 122 -16.61 32.11 -16.71
N ASN K 123 -16.45 33.35 -17.15
CA ASN K 123 -17.30 34.43 -16.66
C ASN K 123 -17.93 35.28 -17.74
N VAL K 124 -17.36 35.34 -18.96
CA VAL K 124 -17.78 36.33 -19.96
C VAL K 124 -19.16 36.15 -20.53
N PHE K 125 -19.78 34.98 -20.44
CA PHE K 125 -21.00 34.84 -21.20
C PHE K 125 -22.19 35.39 -20.45
N GLY K 126 -22.07 35.58 -19.14
CA GLY K 126 -23.10 36.22 -18.37
C GLY K 126 -23.04 37.71 -18.38
N PHE K 127 -22.18 38.30 -19.19
CA PHE K 127 -21.97 39.73 -19.16
C PHE K 127 -23.11 40.45 -19.87
N LYS K 128 -23.51 41.60 -19.33
CA LYS K 128 -24.83 42.15 -19.66
C LYS K 128 -24.78 43.07 -20.87
N ALA K 129 -23.61 43.60 -21.22
CA ALA K 129 -23.57 44.57 -22.30
C ALA K 129 -23.58 43.90 -23.67
N LEU K 130 -23.33 42.60 -23.71
CA LEU K 130 -23.51 41.82 -24.92
C LEU K 130 -24.76 40.97 -24.82
N ARG K 131 -25.39 40.71 -25.97
CA ARG K 131 -26.64 39.96 -25.95
C ARG K 131 -26.39 38.48 -26.14
N ALA K 132 -25.39 38.13 -26.94
CA ALA K 132 -25.03 36.75 -27.20
C ALA K 132 -23.53 36.70 -27.45
N LEU K 133 -22.92 35.56 -27.15
CA LEU K 133 -21.49 35.42 -27.34
C LEU K 133 -21.14 34.03 -27.79
N ARG K 134 -20.37 33.90 -28.85
CA ARG K 134 -19.88 32.58 -29.21
C ARG K 134 -18.37 32.65 -29.33
N LEU K 135 -17.68 31.83 -28.55
CA LEU K 135 -16.29 31.53 -28.83
C LEU K 135 -16.20 30.60 -30.04
N GLU K 136 -15.53 31.07 -31.09
CA GLU K 136 -15.46 30.35 -32.35
C GLU K 136 -14.22 29.48 -32.46
N ASP K 137 -13.05 30.05 -32.25
CA ASP K 137 -11.81 29.30 -32.35
C ASP K 137 -10.93 29.71 -31.20
N LEU K 138 -9.94 28.90 -30.91
CA LEU K 138 -8.83 29.26 -30.04
C LEU K 138 -7.55 29.11 -30.84
N ARG K 139 -6.48 29.71 -30.36
CA ARG K 139 -5.15 29.36 -30.81
C ARG K 139 -4.44 28.82 -29.58
N ILE K 140 -3.95 27.60 -29.67
CA ILE K 140 -3.13 27.11 -28.58
C ILE K 140 -1.69 27.23 -29.04
N PRO K 141 -0.85 27.96 -28.32
CA PRO K 141 0.49 28.16 -28.78
C PRO K 141 1.35 26.95 -28.46
N PRO K 142 2.40 26.71 -29.26
CA PRO K 142 3.20 25.50 -29.06
C PRO K 142 3.96 25.44 -27.75
N ALA K 143 4.04 26.53 -26.98
CA ALA K 143 4.63 26.45 -25.66
C ALA K 143 3.67 25.90 -24.63
N TYR K 144 2.41 25.77 -24.99
CA TYR K 144 1.39 25.28 -24.10
C TYR K 144 0.77 24.00 -24.61
N VAL K 145 0.92 23.71 -25.90
CA VAL K 145 0.62 22.38 -26.41
C VAL K 145 1.57 21.37 -25.78
N LYS K 146 2.83 21.74 -25.59
CA LYS K 146 3.84 20.82 -25.09
C LYS K 146 3.68 20.50 -23.63
N THR K 147 2.92 21.27 -22.88
CA THR K 147 2.72 20.94 -21.49
C THR K 147 1.68 19.86 -21.29
N PHE K 148 1.00 19.41 -22.34
CA PHE K 148 -0.04 18.43 -22.12
C PHE K 148 0.46 17.04 -22.51
N VAL K 149 -0.09 16.03 -21.86
CA VAL K 149 0.19 14.66 -22.24
C VAL K 149 -0.44 14.34 -23.59
N GLY K 150 -1.70 14.67 -23.76
CA GLY K 150 -2.33 14.51 -25.03
C GLY K 150 -3.02 13.19 -25.23
N PRO K 151 -3.29 12.84 -26.48
CA PRO K 151 -3.89 11.57 -26.78
C PRO K 151 -2.92 10.44 -26.50
N PRO K 152 -3.42 9.35 -25.90
CA PRO K 152 -2.54 8.22 -25.54
C PRO K 152 -1.77 7.60 -26.69
N HIS K 153 -2.39 7.40 -27.84
CA HIS K 153 -1.70 6.79 -28.95
C HIS K 153 -1.73 7.65 -30.20
N GLY K 154 -2.90 8.10 -30.62
CA GLY K 154 -3.00 8.81 -31.86
C GLY K 154 -3.38 7.93 -33.01
N ILE K 155 -3.49 8.56 -34.18
CA ILE K 155 -3.93 7.85 -35.38
C ILE K 155 -2.87 6.88 -35.86
N GLN K 156 -1.60 7.28 -35.81
CA GLN K 156 -0.56 6.48 -36.42
C GLN K 156 -0.21 5.27 -35.58
N VAL K 157 -0.34 5.37 -34.26
CA VAL K 157 0.07 4.27 -33.39
C VAL K 157 -1.06 3.26 -33.24
N GLU K 158 -2.29 3.74 -33.11
CA GLU K 158 -3.48 2.89 -33.10
C GLU K 158 -3.59 2.03 -34.34
N ARG K 159 -3.39 2.65 -35.50
CA ARG K 159 -3.40 1.94 -36.77
C ARG K 159 -2.31 0.88 -36.85
N ASP K 160 -1.16 1.12 -36.21
CA ASP K 160 -0.11 0.10 -36.15
C ASP K 160 -0.49 -1.04 -35.24
N LYS K 161 -1.22 -0.74 -34.17
CA LYS K 161 -1.49 -1.75 -33.15
C LYS K 161 -2.65 -2.65 -33.55
N LEU K 162 -3.61 -2.12 -34.28
CA LEU K 162 -4.72 -2.88 -34.78
C LEU K 162 -4.42 -3.55 -36.11
N ASN K 163 -3.29 -3.18 -36.73
CA ASN K 163 -2.80 -3.76 -37.98
C ASN K 163 -3.80 -3.59 -39.12
N LYS K 164 -4.51 -2.48 -39.12
CA LYS K 164 -5.49 -2.19 -40.14
C LYS K 164 -5.00 -0.98 -40.92
N TYR K 165 -4.74 -1.15 -42.21
CA TYR K 165 -4.16 -0.09 -43.00
C TYR K 165 -4.99 0.17 -44.24
N GLY K 166 -4.80 1.36 -44.81
CA GLY K 166 -5.26 1.68 -46.14
C GLY K 166 -6.75 1.78 -46.33
N ARG K 167 -7.54 1.78 -45.26
CA ARG K 167 -8.97 1.97 -45.39
C ARG K 167 -9.48 2.57 -44.11
N GLY K 168 -10.71 3.09 -44.16
CA GLY K 168 -11.35 3.57 -42.95
C GLY K 168 -11.69 2.44 -42.01
N LEU K 169 -11.74 2.74 -40.72
CA LEU K 169 -12.23 1.74 -39.79
C LEU K 169 -13.75 1.76 -39.78
N LEU K 170 -14.35 0.62 -39.42
CA LEU K 170 -15.80 0.48 -39.43
C LEU K 170 -16.32 0.16 -38.03
N GLY K 171 -17.53 0.64 -37.75
CA GLY K 171 -18.09 0.54 -36.43
C GLY K 171 -19.57 0.31 -36.49
N CYS K 172 -20.15 -0.05 -35.35
CA CYS K 172 -21.57 -0.23 -35.19
C CYS K 172 -21.94 -0.08 -33.74
N THR K 173 -22.98 0.69 -33.45
CA THR K 173 -23.50 0.74 -32.08
C THR K 173 -24.40 -0.49 -31.94
N ILE K 174 -24.48 -1.11 -30.79
CA ILE K 174 -25.36 -2.26 -30.64
C ILE K 174 -26.75 -1.62 -30.64
N LYS K 175 -27.67 -2.13 -31.45
CA LYS K 175 -28.92 -1.39 -31.63
C LYS K 175 -29.89 -1.06 -30.53
N PRO K 176 -30.21 -2.01 -29.63
CA PRO K 176 -31.11 -1.55 -28.57
C PRO K 176 -30.19 -0.95 -27.53
N LYS K 177 -30.34 0.33 -27.24
CA LYS K 177 -29.46 0.96 -26.27
C LYS K 177 -29.58 0.33 -24.87
N LEU K 178 -30.80 0.09 -24.39
CA LEU K 178 -31.03 -0.49 -23.06
C LEU K 178 -32.06 -1.61 -23.08
N GLY K 179 -32.02 -2.51 -22.07
CA GLY K 179 -32.87 -3.66 -22.00
C GLY K 179 -32.30 -5.01 -22.31
N LEU K 180 -31.13 -5.09 -22.94
CA LEU K 180 -30.57 -6.42 -23.17
C LEU K 180 -30.10 -7.00 -21.85
N SER K 181 -29.92 -8.31 -21.82
CA SER K 181 -29.09 -8.88 -20.80
C SER K 181 -27.62 -8.65 -21.16
N ALA K 182 -26.72 -9.03 -20.28
CA ALA K 182 -25.33 -8.88 -20.65
C ALA K 182 -24.92 -9.95 -21.65
N LYS K 183 -25.45 -11.16 -21.49
CA LYS K 183 -25.25 -12.25 -22.43
C LYS K 183 -25.75 -11.92 -23.83
N ASN K 184 -26.96 -11.39 -23.93
CA ASN K 184 -27.51 -11.04 -25.24
C ASN K 184 -26.88 -9.78 -25.81
N TYR K 185 -26.15 -9.03 -24.99
CA TYR K 185 -25.43 -7.90 -25.53
C TYR K 185 -24.22 -8.37 -26.31
N GLY K 186 -23.44 -9.28 -25.75
CA GLY K 186 -22.26 -9.78 -26.43
C GLY K 186 -22.58 -10.64 -27.63
N ARG K 187 -23.74 -11.30 -27.62
CA ARG K 187 -24.21 -12.02 -28.79
C ARG K 187 -24.49 -11.07 -29.94
N ALA K 188 -25.00 -9.88 -29.64
CA ALA K 188 -25.10 -8.85 -30.67
C ALA K 188 -23.72 -8.30 -31.02
N VAL K 189 -22.80 -8.29 -30.05
CA VAL K 189 -21.43 -7.86 -30.27
C VAL K 189 -20.67 -8.91 -31.06
N TYR K 190 -20.93 -10.20 -30.80
CA TYR K 190 -20.25 -11.28 -31.50
C TYR K 190 -20.60 -11.30 -32.98
N GLU K 191 -21.88 -11.24 -33.34
CA GLU K 191 -22.27 -11.38 -34.74
C GLU K 191 -21.86 -10.17 -35.58
N CYS K 192 -21.73 -8.99 -34.97
CA CYS K 192 -21.32 -7.81 -35.73
C CYS K 192 -19.84 -7.83 -36.04
N LEU K 193 -19.00 -8.12 -35.04
CA LEU K 193 -17.56 -8.19 -35.28
C LEU K 193 -17.21 -9.39 -36.14
N ARG K 194 -18.08 -10.38 -36.18
CA ARG K 194 -17.83 -11.60 -36.93
C ARG K 194 -17.90 -11.34 -38.43
N GLY K 195 -18.84 -10.50 -38.86
CA GLY K 195 -19.11 -10.37 -40.27
C GLY K 195 -18.14 -9.46 -40.97
N GLY K 196 -17.35 -8.72 -40.21
CA GLY K 196 -16.34 -7.93 -40.86
C GLY K 196 -16.02 -6.59 -40.25
N LEU K 197 -16.78 -6.17 -39.24
CA LEU K 197 -16.52 -4.87 -38.67
C LEU K 197 -15.30 -4.91 -37.76
N ASP K 198 -14.76 -3.73 -37.50
CA ASP K 198 -13.55 -3.60 -36.70
C ASP K 198 -13.83 -3.25 -35.26
N PHE K 199 -14.99 -2.67 -34.99
CA PHE K 199 -15.35 -2.20 -33.67
C PHE K 199 -16.85 -2.26 -33.50
N THR K 200 -17.26 -2.54 -32.29
CA THR K 200 -18.64 -2.34 -31.86
C THR K 200 -18.62 -1.35 -30.70
N LYS K 201 -19.77 -0.86 -30.30
CA LYS K 201 -19.82 0.33 -29.46
C LYS K 201 -20.93 0.22 -28.43
N ASP K 202 -20.60 0.49 -27.18
CA ASP K 202 -21.62 0.73 -26.16
C ASP K 202 -22.37 2.02 -26.45
N ASP K 203 -23.66 2.02 -26.18
CA ASP K 203 -24.39 3.27 -26.09
C ASP K 203 -23.82 4.10 -24.96
N GLU K 204 -23.83 5.42 -25.14
CA GLU K 204 -23.20 6.31 -24.18
C GLU K 204 -23.95 6.35 -22.85
N ASN K 205 -25.22 5.96 -22.84
CA ASN K 205 -25.94 5.83 -21.58
C ASN K 205 -26.02 4.40 -21.08
N VAL K 206 -25.37 3.46 -21.75
CA VAL K 206 -25.02 2.17 -21.19
C VAL K 206 -23.80 2.39 -20.30
N ASN K 207 -24.01 2.48 -18.98
CA ASN K 207 -22.89 2.52 -18.05
C ASN K 207 -22.93 1.33 -17.10
N SER K 208 -23.89 1.29 -16.22
CA SER K 208 -24.15 0.25 -15.23
C SER K 208 -25.56 0.53 -14.76
N GLN K 209 -26.50 -0.32 -15.13
CA GLN K 209 -27.92 -0.16 -14.83
C GLN K 209 -28.40 -1.46 -14.23
N PRO K 210 -29.58 -1.48 -13.60
CA PRO K 210 -30.08 -2.73 -13.02
C PRO K 210 -30.26 -3.90 -13.98
N PHE K 211 -30.43 -3.65 -15.28
CA PHE K 211 -30.65 -4.76 -16.20
C PHE K 211 -29.34 -5.34 -16.72
N MET K 212 -28.31 -4.52 -16.80
CA MET K 212 -27.00 -4.97 -17.28
C MET K 212 -25.96 -4.19 -16.51
N ARG K 213 -25.41 -4.80 -15.47
CA ARG K 213 -24.33 -4.17 -14.74
C ARG K 213 -23.10 -4.13 -15.61
N TRP K 214 -22.15 -3.27 -15.23
CA TRP K 214 -21.03 -3.02 -16.11
C TRP K 214 -20.07 -4.18 -16.15
N ARG K 215 -19.91 -4.92 -15.05
CA ARG K 215 -18.86 -5.90 -15.03
C ARG K 215 -19.31 -7.21 -15.67
N ASP K 216 -20.62 -7.48 -15.62
CA ASP K 216 -21.19 -8.58 -16.39
C ASP K 216 -21.12 -8.29 -17.88
N ARG K 217 -21.16 -7.02 -18.25
CA ARG K 217 -21.04 -6.65 -19.65
C ARG K 217 -19.61 -6.82 -20.15
N PHE K 218 -18.61 -6.53 -19.33
CA PHE K 218 -17.23 -6.52 -19.82
C PHE K 218 -16.71 -7.92 -20.10
N LEU K 219 -17.35 -8.95 -19.53
CA LEU K 219 -16.91 -10.32 -19.76
C LEU K 219 -17.53 -10.90 -21.02
N PHE K 220 -18.83 -10.70 -21.19
CA PHE K 220 -19.51 -11.16 -22.38
C PHE K 220 -19.09 -10.36 -23.60
N VAL K 221 -18.62 -9.13 -23.41
CA VAL K 221 -18.00 -8.44 -24.52
C VAL K 221 -16.64 -9.08 -24.83
N ALA K 222 -15.82 -9.34 -23.81
CA ALA K 222 -14.50 -9.90 -24.04
C ALA K 222 -14.57 -11.34 -24.50
N GLU K 223 -15.62 -12.06 -24.13
CA GLU K 223 -15.84 -13.38 -24.70
C GLU K 223 -16.26 -13.26 -26.17
N ALA K 224 -16.96 -12.19 -26.51
CA ALA K 224 -17.40 -12.01 -27.89
C ALA K 224 -16.31 -11.40 -28.76
N ILE K 225 -15.39 -10.64 -28.17
CA ILE K 225 -14.29 -10.09 -28.96
C ILE K 225 -13.28 -11.18 -29.27
N TYR K 226 -12.89 -11.96 -28.26
CA TYR K 226 -11.88 -13.00 -28.44
C TYR K 226 -12.38 -14.13 -29.33
N LYS K 227 -13.71 -14.29 -29.43
CA LYS K 227 -14.26 -15.32 -30.28
C LYS K 227 -14.40 -14.83 -31.72
N ALA K 228 -14.79 -13.57 -31.92
CA ALA K 228 -14.88 -13.04 -33.27
C ALA K 228 -13.50 -12.76 -33.82
N GLN K 229 -12.52 -12.59 -32.94
CA GLN K 229 -11.14 -12.42 -33.36
C GLN K 229 -10.52 -13.73 -33.83
N ALA K 230 -10.75 -14.80 -33.09
CA ALA K 230 -10.15 -16.09 -33.45
C ALA K 230 -10.75 -16.65 -34.72
N GLU K 231 -11.99 -16.27 -35.01
CA GLU K 231 -12.65 -16.75 -36.22
C GLU K 231 -12.19 -16.02 -37.46
N THR K 232 -12.11 -14.69 -37.40
CA THR K 232 -11.76 -13.93 -38.59
C THR K 232 -10.25 -13.82 -38.76
N GLY K 233 -9.51 -13.97 -37.68
CA GLY K 233 -8.07 -13.76 -37.69
C GLY K 233 -7.65 -12.31 -37.65
N GLU K 234 -8.60 -11.39 -37.53
CA GLU K 234 -8.37 -9.96 -37.47
C GLU K 234 -8.56 -9.48 -36.04
N VAL K 235 -7.95 -8.35 -35.72
CA VAL K 235 -8.06 -7.77 -34.40
C VAL K 235 -9.42 -7.10 -34.27
N LYS K 236 -10.11 -7.32 -33.15
CA LYS K 236 -11.45 -6.80 -32.94
C LYS K 236 -11.51 -6.04 -31.62
N GLY K 237 -12.45 -5.12 -31.51
CA GLY K 237 -12.61 -4.39 -30.28
C GLY K 237 -14.05 -3.97 -30.09
N HIS K 238 -14.35 -3.61 -28.85
CA HIS K 238 -15.62 -2.99 -28.48
C HIS K 238 -15.29 -1.89 -27.50
N TYR K 239 -15.85 -0.70 -27.74
CA TYR K 239 -15.62 0.44 -26.86
C TYR K 239 -16.41 0.25 -25.58
N LEU K 240 -15.77 -0.27 -24.56
CA LEU K 240 -16.43 -0.54 -23.29
C LEU K 240 -16.54 0.76 -22.51
N ASN K 241 -17.77 1.15 -22.16
CA ASN K 241 -18.02 2.46 -21.56
C ASN K 241 -17.53 2.49 -20.12
N ALA K 242 -16.43 3.18 -19.91
CA ALA K 242 -15.87 3.37 -18.59
C ALA K 242 -16.31 4.68 -17.95
N THR K 243 -17.19 5.45 -18.60
CA THR K 243 -17.83 6.59 -17.97
C THR K 243 -18.59 6.15 -16.72
N ALA K 244 -18.33 6.82 -15.61
CA ALA K 244 -18.83 6.34 -14.34
C ALA K 244 -19.18 7.51 -13.44
N GLY K 245 -19.66 7.19 -12.25
CA GLY K 245 -20.20 8.18 -11.36
C GLY K 245 -19.16 8.95 -10.58
N THR K 246 -18.05 8.30 -10.23
CA THR K 246 -16.93 8.89 -9.53
C THR K 246 -15.65 8.51 -10.24
N CYS K 247 -14.55 9.22 -9.95
CA CYS K 247 -13.25 8.92 -10.55
C CYS K 247 -12.77 7.54 -10.16
N GLU K 248 -13.25 7.02 -9.04
CA GLU K 248 -12.83 5.74 -8.51
C GLU K 248 -13.60 4.59 -9.15
N GLU K 249 -14.90 4.77 -9.41
CA GLU K 249 -15.63 3.85 -10.26
C GLU K 249 -15.02 3.80 -11.64
N MET K 250 -14.70 4.96 -12.19
CA MET K 250 -14.18 5.08 -13.55
C MET K 250 -12.84 4.39 -13.71
N MET K 251 -11.98 4.46 -12.70
CA MET K 251 -10.71 3.77 -12.78
C MET K 251 -10.88 2.27 -12.51
N LYS K 252 -11.99 1.91 -11.89
CA LYS K 252 -12.26 0.51 -11.59
C LYS K 252 -12.76 -0.22 -12.82
N ARG K 253 -13.55 0.44 -13.66
CA ARG K 253 -13.89 -0.09 -14.96
C ARG K 253 -12.64 -0.26 -15.83
N ALA K 254 -11.68 0.65 -15.71
CA ALA K 254 -10.58 0.71 -16.65
C ALA K 254 -9.51 -0.30 -16.31
N VAL K 255 -9.34 -0.60 -15.04
CA VAL K 255 -8.54 -1.68 -14.51
C VAL K 255 -9.08 -3.02 -15.00
N SMC K 256 -10.39 -3.11 -15.11
CA SMC K 256 -11.06 -4.28 -15.59
CB SMC K 256 -12.55 -4.19 -15.37
SG SMC K 256 -13.42 -5.64 -15.84
CS SMC K 256 -12.56 -6.83 -14.91
C SMC K 256 -10.79 -4.55 -17.07
O SMC K 256 -10.60 -5.68 -17.51
N ALA K 257 -10.73 -3.50 -17.87
CA ALA K 257 -10.37 -3.63 -19.26
C ALA K 257 -8.89 -3.87 -19.47
N LYS K 258 -8.06 -3.34 -18.58
CA LYS K 258 -6.63 -3.67 -18.59
C LYS K 258 -6.42 -5.17 -18.38
N GLU K 259 -7.15 -5.77 -17.47
CA GLU K 259 -6.92 -7.13 -17.00
C GLU K 259 -7.62 -8.18 -17.82
N LEU K 260 -8.65 -7.82 -18.57
CA LEU K 260 -9.14 -8.66 -19.64
C LEU K 260 -8.29 -8.56 -20.89
N GLY K 261 -7.50 -7.50 -21.04
CA GLY K 261 -6.62 -7.32 -22.17
C GLY K 261 -7.31 -6.85 -23.41
N VAL K 262 -8.54 -6.35 -23.28
CA VAL K 262 -9.33 -5.84 -24.39
C VAL K 262 -8.75 -4.51 -24.83
N PRO K 263 -8.87 -4.15 -26.12
CA PRO K 263 -8.08 -3.02 -26.64
C PRO K 263 -8.54 -1.62 -26.26
N ILE K 264 -9.84 -1.34 -26.16
CA ILE K 264 -10.33 0.05 -26.21
C ILE K 264 -11.52 0.25 -25.27
N ILE K 265 -11.52 1.40 -24.59
CA ILE K 265 -12.62 1.85 -23.76
C ILE K 265 -13.10 3.19 -24.30
N MET K 266 -14.28 3.60 -23.85
CA MET K 266 -14.82 4.89 -24.24
C MET K 266 -15.19 5.73 -23.03
N HIS K 267 -15.29 7.03 -23.26
CA HIS K 267 -15.53 8.01 -22.21
C HIS K 267 -16.35 9.17 -22.74
N ASP K 268 -17.47 9.45 -22.09
CA ASP K 268 -18.22 10.68 -22.30
C ASP K 268 -17.53 11.83 -21.58
N TYR K 269 -16.95 12.79 -22.32
CA TYR K 269 -16.07 13.76 -21.67
C TYR K 269 -16.70 15.11 -21.38
N LEU K 270 -17.81 15.44 -22.01
CA LEU K 270 -18.50 16.67 -21.68
C LEU K 270 -19.54 16.46 -20.60
N THR K 271 -19.81 15.22 -20.24
CA THR K 271 -20.66 14.92 -19.10
C THR K 271 -19.89 14.30 -17.95
N GLY K 272 -18.78 13.62 -18.23
CA GLY K 272 -17.86 13.23 -17.19
C GLY K 272 -16.93 14.36 -16.78
N GLY K 273 -16.65 15.27 -17.70
CA GLY K 273 -15.83 16.44 -17.43
C GLY K 273 -14.40 16.26 -17.89
N PHE K 274 -13.67 17.37 -17.89
CA PHE K 274 -12.32 17.32 -18.40
C PHE K 274 -11.31 16.81 -17.39
N THR K 275 -11.64 16.86 -16.10
CA THR K 275 -10.72 16.35 -15.09
C THR K 275 -10.75 14.83 -15.07
N ALA K 276 -11.94 14.25 -15.19
CA ALA K 276 -12.06 12.80 -15.30
C ALA K 276 -11.49 12.29 -16.61
N ASN K 277 -11.67 13.03 -17.71
CA ASN K 277 -11.15 12.61 -19.00
C ASN K 277 -9.63 12.60 -19.02
N THR K 278 -9.01 13.66 -18.50
CA THR K 278 -7.56 13.76 -18.51
C THR K 278 -6.95 12.74 -17.58
N SER K 279 -7.66 12.37 -16.53
CA SER K 279 -7.20 11.31 -15.64
C SER K 279 -7.20 9.97 -16.35
N LEU K 280 -8.29 9.67 -17.04
CA LEU K 280 -8.41 8.42 -17.78
C LEU K 280 -7.44 8.36 -18.94
N ALA K 281 -7.25 9.47 -19.64
CA ALA K 281 -6.35 9.53 -20.78
C ALA K 281 -4.90 9.32 -20.40
N ILE K 282 -4.52 9.66 -19.16
CA ILE K 282 -3.17 9.39 -18.69
C ILE K 282 -3.05 7.94 -18.26
N TYR K 283 -4.12 7.38 -17.72
CA TYR K 283 -4.13 5.97 -17.40
C TYR K 283 -4.07 5.12 -18.66
N CYS K 284 -4.73 5.57 -19.73
CA CYS K 284 -4.74 4.85 -20.99
C CYS K 284 -3.37 4.87 -21.67
N ARG K 285 -2.65 5.97 -21.56
CA ARG K 285 -1.26 6.02 -22.01
C ARG K 285 -0.38 5.10 -21.17
N ASP K 286 -0.56 5.10 -19.87
CA ASP K 286 0.29 4.33 -18.97
C ASP K 286 0.05 2.83 -19.04
N ASN K 287 -1.02 2.38 -19.69
CA ASN K 287 -1.27 0.95 -19.78
C ASN K 287 -1.68 0.51 -21.17
N GLY K 288 -1.48 1.32 -22.20
CA GLY K 288 -1.67 0.86 -23.55
C GLY K 288 -3.10 0.61 -24.00
N LEU K 289 -4.09 1.06 -23.25
CA LEU K 289 -5.46 1.02 -23.72
C LEU K 289 -5.71 2.18 -24.68
N LEU K 290 -6.59 1.96 -25.63
CA LEU K 290 -7.05 3.04 -26.49
C LEU K 290 -8.27 3.71 -25.86
N LEU K 291 -8.49 4.98 -26.21
CA LEU K 291 -9.55 5.78 -25.61
C LEU K 291 -10.44 6.39 -26.68
N HIS K 292 -11.56 5.73 -26.97
CA HIS K 292 -12.63 6.33 -27.74
C HIS K 292 -13.28 7.43 -26.95
N ILE K 293 -13.64 8.54 -27.58
CA ILE K 293 -14.27 9.62 -26.85
C ILE K 293 -15.59 9.97 -27.53
N HIS K 294 -16.67 9.78 -26.80
CA HIS K 294 -17.98 10.19 -27.25
C HIS K 294 -18.28 11.60 -26.78
N ARG K 295 -19.18 12.29 -27.49
CA ARG K 295 -19.47 13.69 -27.23
C ARG K 295 -20.93 13.94 -26.84
N ALA K 296 -21.45 13.19 -25.87
CA ALA K 296 -22.74 13.52 -25.25
C ALA K 296 -22.70 14.92 -24.68
N MET K 297 -23.82 15.64 -24.85
CA MET K 297 -24.17 17.00 -24.40
C MET K 297 -23.53 18.06 -25.28
N HIS K 298 -23.07 17.72 -26.49
CA HIS K 298 -22.35 18.70 -27.29
C HIS K 298 -23.27 19.75 -27.87
N ALA K 299 -24.51 19.40 -28.17
CA ALA K 299 -25.43 20.30 -28.82
C ALA K 299 -26.15 21.21 -27.84
N VAL K 300 -26.02 20.98 -26.54
CA VAL K 300 -26.36 22.01 -25.58
C VAL K 300 -25.43 23.20 -25.74
N ILE K 301 -24.17 22.93 -26.08
CA ILE K 301 -23.12 23.93 -26.11
C ILE K 301 -22.90 24.48 -27.51
N ASP K 302 -22.91 23.64 -28.56
CA ASP K 302 -22.39 24.04 -29.87
C ASP K 302 -23.42 24.27 -30.96
N ARG K 303 -24.71 24.02 -30.72
CA ARG K 303 -25.67 24.07 -31.82
C ARG K 303 -25.96 25.49 -32.28
N GLN K 304 -26.31 26.38 -31.36
CA GLN K 304 -26.79 27.70 -31.74
C GLN K 304 -25.65 28.56 -32.26
N ARG K 305 -25.93 29.35 -33.29
CA ARG K 305 -24.87 30.06 -33.98
C ARG K 305 -24.51 31.36 -33.29
N ASN K 306 -25.47 32.02 -32.66
CA ASN K 306 -25.15 33.29 -32.03
C ASN K 306 -24.51 33.12 -30.65
N HIS K 307 -24.59 31.95 -30.04
CA HIS K 307 -24.24 31.82 -28.63
C HIS K 307 -23.79 30.41 -28.29
N GLY K 308 -22.59 30.28 -27.73
CA GLY K 308 -22.14 29.03 -27.16
C GLY K 308 -20.66 28.85 -27.35
N ILE K 309 -20.23 27.60 -27.39
CA ILE K 309 -18.87 27.26 -27.75
C ILE K 309 -18.94 26.28 -28.91
N HIS K 310 -18.41 26.68 -30.05
CA HIS K 310 -18.42 25.85 -31.26
C HIS K 310 -17.56 24.62 -31.07
N PHE K 311 -17.90 23.55 -31.79
CA PHE K 311 -17.30 22.23 -31.59
C PHE K 311 -15.81 22.22 -31.88
N ARG K 312 -15.31 23.12 -32.74
CA ARG K 312 -13.89 23.09 -33.07
C ARG K 312 -13.04 23.53 -31.88
N VAL K 313 -13.57 24.35 -30.98
CA VAL K 313 -12.89 24.60 -29.72
C VAL K 313 -12.96 23.37 -28.84
N LEU K 314 -14.11 22.71 -28.80
CA LEU K 314 -14.27 21.55 -27.95
C LEU K 314 -13.50 20.35 -28.48
N ALA K 315 -13.17 20.35 -29.78
CA ALA K 315 -12.38 19.29 -30.39
C ALA K 315 -10.89 19.56 -30.26
N LYS K 316 -10.47 20.81 -30.27
CA LYS K 316 -9.09 21.12 -29.90
C LYS K 316 -8.83 20.75 -28.46
N ALA K 317 -9.79 21.05 -27.58
CA ALA K 317 -9.61 20.78 -26.16
C ALA K 317 -9.66 19.30 -25.84
N LEU K 318 -10.35 18.51 -26.64
CA LEU K 318 -10.32 17.08 -26.44
C LEU K 318 -8.95 16.53 -26.79
N ARG K 319 -8.34 17.05 -27.84
CA ARG K 319 -7.03 16.59 -28.28
C ARG K 319 -5.99 16.91 -27.22
N MET K 320 -6.07 18.08 -26.61
CA MET K 320 -5.13 18.48 -25.58
C MET K 320 -5.32 17.64 -24.33
N SER K 321 -6.57 17.39 -23.97
CA SER K 321 -6.88 16.49 -22.86
C SER K 321 -6.52 15.05 -23.22
N GLY K 322 -6.81 14.63 -24.43
CA GLY K 322 -6.53 13.29 -24.82
C GLY K 322 -7.75 12.49 -25.21
N GLY K 323 -7.62 11.74 -26.27
CA GLY K 323 -8.60 10.79 -26.70
C GLY K 323 -8.10 10.26 -28.02
N ASP K 324 -8.37 9.02 -28.33
CA ASP K 324 -7.87 8.43 -29.56
C ASP K 324 -8.85 8.53 -30.70
N HIS K 325 -10.14 8.51 -30.40
CA HIS K 325 -11.22 8.68 -31.36
C HIS K 325 -12.14 9.78 -30.85
N LEU K 326 -12.87 10.41 -31.74
CA LEU K 326 -13.83 11.43 -31.34
C LEU K 326 -14.93 11.49 -32.39
N HIS K 327 -16.18 11.36 -31.94
CA HIS K 327 -17.34 11.60 -32.79
C HIS K 327 -17.30 13.00 -33.37
N SER K 328 -17.14 13.08 -34.67
CA SER K 328 -17.12 14.35 -35.35
C SER K 328 -18.44 14.68 -36.02
N GLY K 329 -19.34 13.70 -36.13
CA GLY K 329 -20.66 13.95 -36.65
C GLY K 329 -20.88 13.39 -38.04
N THR K 330 -22.05 13.63 -38.59
CA THR K 330 -22.38 13.23 -39.96
C THR K 330 -22.01 14.37 -40.90
N VAL K 331 -21.63 14.00 -42.12
CA VAL K 331 -21.52 14.96 -43.21
C VAL K 331 -22.57 14.70 -44.29
N VAL K 332 -23.03 13.46 -44.42
CA VAL K 332 -24.08 13.14 -45.39
C VAL K 332 -25.41 13.71 -44.93
N GLY K 333 -26.22 14.11 -45.90
CA GLY K 333 -27.49 14.75 -45.59
C GLY K 333 -27.38 16.21 -45.21
N LYS K 334 -26.30 16.88 -45.63
CA LYS K 334 -26.05 18.26 -45.24
C LYS K 334 -25.60 19.08 -46.43
N LEU K 335 -25.80 20.39 -46.34
CA LEU K 335 -25.36 21.30 -47.38
C LEU K 335 -23.85 21.45 -47.35
N GLU K 336 -23.30 22.02 -48.42
CA GLU K 336 -21.85 22.22 -48.50
C GLU K 336 -21.44 23.60 -47.99
N GLY K 337 -21.99 23.98 -46.84
CA GLY K 337 -21.49 25.08 -46.06
C GLY K 337 -21.18 24.55 -44.68
N GLU K 338 -21.91 23.52 -44.29
CA GLU K 338 -21.56 22.74 -43.10
C GLU K 338 -20.57 21.64 -43.46
N ARG K 339 -20.43 21.32 -44.74
CA ARG K 339 -19.43 20.34 -45.15
C ARG K 339 -18.04 20.94 -45.05
N GLU K 340 -17.87 22.20 -45.43
CA GLU K 340 -16.56 22.83 -45.34
C GLU K 340 -16.17 23.13 -43.90
N VAL K 341 -17.16 23.41 -43.05
CA VAL K 341 -16.88 23.57 -41.63
C VAL K 341 -16.50 22.25 -41.00
N THR K 342 -17.15 21.16 -41.40
CA THR K 342 -16.83 19.85 -40.83
C THR K 342 -15.46 19.37 -41.28
N LEU K 343 -15.08 19.72 -42.50
CA LEU K 343 -13.72 19.42 -42.94
C LEU K 343 -12.68 20.28 -42.25
N GLY K 344 -13.11 21.39 -41.64
CA GLY K 344 -12.18 22.24 -40.93
C GLY K 344 -11.83 21.71 -39.55
N PHE K 345 -12.83 21.30 -38.76
CA PHE K 345 -12.46 20.77 -37.45
C PHE K 345 -11.96 19.34 -37.49
N VAL K 346 -12.10 18.64 -38.61
CA VAL K 346 -11.44 17.35 -38.73
C VAL K 346 -9.96 17.53 -39.00
N ASP K 347 -9.58 18.58 -39.71
CA ASP K 347 -8.15 18.86 -39.89
C ASP K 347 -7.50 19.35 -38.60
N LEU K 348 -8.25 20.01 -37.72
CA LEU K 348 -7.70 20.38 -36.43
C LEU K 348 -7.45 19.15 -35.58
N MET K 349 -8.24 18.10 -35.77
CA MET K 349 -8.07 16.84 -35.04
C MET K 349 -6.92 16.01 -35.57
N ARG K 350 -6.75 15.96 -36.89
CA ARG K 350 -5.83 14.98 -37.47
C ARG K 350 -4.46 15.53 -37.79
N ASP K 351 -4.39 16.80 -38.18
CA ASP K 351 -3.16 17.32 -38.76
C ASP K 351 -2.23 17.86 -37.70
N ASP K 352 -1.02 18.16 -38.15
CA ASP K 352 0.01 18.71 -37.30
C ASP K 352 0.06 20.23 -37.42
N TYR K 353 -0.20 20.75 -38.62
CA TYR K 353 -0.12 22.18 -38.87
C TYR K 353 -1.27 22.58 -39.77
N VAL K 354 -2.16 23.42 -39.24
CA VAL K 354 -3.38 23.81 -39.93
C VAL K 354 -3.31 25.31 -40.18
N GLU K 355 -3.26 25.70 -41.45
CA GLU K 355 -3.24 27.10 -41.85
C GLU K 355 -4.54 27.81 -41.49
N LYS K 356 -4.47 29.12 -41.49
CA LYS K 356 -5.65 29.96 -41.32
C LYS K 356 -6.51 29.89 -42.58
N ASP K 357 -7.80 29.64 -42.40
CA ASP K 357 -8.71 29.45 -43.53
C ASP K 357 -10.10 29.85 -43.02
N ARG K 358 -10.54 31.04 -43.41
CA ARG K 358 -11.83 31.54 -42.94
C ARG K 358 -13.00 30.82 -43.57
N SER K 359 -12.79 30.19 -44.73
CA SER K 359 -13.87 29.49 -45.41
C SER K 359 -14.24 28.20 -44.70
N ARG K 360 -13.28 27.57 -44.04
CA ARG K 360 -13.54 26.38 -43.25
C ARG K 360 -13.74 26.68 -41.77
N GLY K 361 -13.85 27.95 -41.41
CA GLY K 361 -14.06 28.31 -40.02
C GLY K 361 -12.83 28.32 -39.16
N ILE K 362 -11.65 28.20 -39.74
CA ILE K 362 -10.40 28.15 -39.00
C ILE K 362 -9.91 29.59 -38.87
N TYR K 363 -9.91 30.12 -37.65
CA TYR K 363 -9.63 31.55 -37.53
C TYR K 363 -8.19 31.84 -37.16
N PHE K 364 -7.40 30.83 -36.83
CA PHE K 364 -6.02 31.05 -36.47
C PHE K 364 -5.18 30.01 -37.17
N THR K 365 -3.88 30.04 -36.93
CA THR K 365 -2.99 28.99 -37.41
C THR K 365 -2.63 28.10 -36.24
N GLN K 366 -2.78 26.79 -36.42
CA GLN K 366 -2.56 25.86 -35.33
C GLN K 366 -1.40 24.94 -35.62
N ASP K 367 -0.27 25.18 -34.97
CA ASP K 367 0.81 24.22 -34.90
C ASP K 367 0.53 23.26 -33.76
N TRP K 368 0.47 21.98 -34.05
CA TRP K 368 0.22 20.98 -33.02
C TRP K 368 1.47 20.35 -32.46
N CYS K 369 2.64 20.67 -33.04
CA CYS K 369 3.96 20.48 -32.43
C CYS K 369 4.21 19.01 -32.07
N SER K 370 3.81 18.14 -33.00
CA SER K 370 3.92 16.68 -32.94
C SER K 370 3.05 16.04 -31.88
N MET K 371 1.99 16.69 -31.43
CA MET K 371 0.96 16.01 -30.67
C MET K 371 0.19 15.10 -31.62
N PRO K 372 -0.12 13.86 -31.23
CA PRO K 372 -0.73 12.90 -32.15
C PRO K 372 -2.15 13.26 -32.54
N GLY K 373 -2.55 12.75 -33.68
CA GLY K 373 -3.86 13.04 -34.21
C GLY K 373 -4.96 12.28 -33.52
N VAL K 374 -6.18 12.74 -33.70
CA VAL K 374 -7.36 12.05 -33.17
C VAL K 374 -8.13 11.57 -34.39
N MET K 375 -8.52 10.32 -34.36
CA MET K 375 -9.29 9.77 -35.47
C MET K 375 -10.74 10.19 -35.36
N PRO K 376 -11.29 10.88 -36.36
CA PRO K 376 -12.70 11.26 -36.28
C PRO K 376 -13.62 10.06 -36.52
N VAL K 377 -14.68 9.97 -35.73
CA VAL K 377 -15.69 8.97 -35.92
C VAL K 377 -16.90 9.63 -36.57
N ALA K 378 -17.29 9.14 -37.73
CA ALA K 378 -18.36 9.74 -38.53
C ALA K 378 -19.53 8.79 -38.56
N SER K 379 -20.67 9.24 -38.09
CA SER K 379 -21.90 8.45 -38.10
C SER K 379 -22.40 8.33 -39.53
N GLY K 380 -22.23 7.16 -40.13
CA GLY K 380 -22.68 6.93 -41.48
C GLY K 380 -24.19 6.86 -41.56
N GLY K 381 -24.70 6.90 -42.78
CA GLY K 381 -26.11 6.93 -43.00
C GLY K 381 -26.79 5.61 -42.69
N ILE K 382 -28.07 5.56 -43.04
CA ILE K 382 -28.89 4.38 -42.78
C ILE K 382 -28.47 3.23 -43.68
N HIS K 383 -28.01 3.53 -44.89
CA HIS K 383 -27.70 2.53 -45.88
C HIS K 383 -26.23 2.62 -46.33
N VAL K 384 -25.88 1.76 -47.29
CA VAL K 384 -24.50 1.67 -47.80
C VAL K 384 -24.22 2.63 -48.92
N TRP K 385 -25.21 3.35 -49.42
CA TRP K 385 -24.98 4.25 -50.53
C TRP K 385 -24.33 5.56 -50.12
N HIS K 386 -24.19 5.82 -48.82
CA HIS K 386 -23.42 6.98 -48.39
C HIS K 386 -21.93 6.68 -48.28
N MET K 387 -21.54 5.43 -48.51
CA MET K 387 -20.13 5.06 -48.42
C MET K 387 -19.23 5.72 -49.47
N PRO K 388 -19.61 5.91 -50.75
CA PRO K 388 -18.75 6.72 -51.62
C PRO K 388 -18.65 8.18 -51.22
N ALA K 389 -19.65 8.70 -50.51
CA ALA K 389 -19.54 10.06 -50.00
C ALA K 389 -18.53 10.15 -48.88
N LEU K 390 -18.50 9.16 -48.00
CA LEU K 390 -17.68 9.24 -46.81
C LEU K 390 -16.21 8.94 -47.08
N VAL K 391 -15.91 8.11 -48.08
CA VAL K 391 -14.53 7.83 -48.43
C VAL K 391 -13.90 9.05 -49.10
N GLU K 392 -14.67 9.77 -49.89
CA GLU K 392 -14.14 10.95 -50.56
C GLU K 392 -13.97 12.12 -49.60
N ILE K 393 -14.90 12.29 -48.66
CA ILE K 393 -14.82 13.36 -47.68
C ILE K 393 -13.72 13.11 -46.66
N PHE K 394 -13.66 11.90 -46.12
CA PHE K 394 -12.76 11.60 -45.01
C PHE K 394 -11.47 10.91 -45.40
N GLY K 395 -11.44 10.13 -46.48
CA GLY K 395 -10.25 9.37 -46.77
C GLY K 395 -10.15 8.17 -45.84
N ASP K 396 -8.92 7.80 -45.50
CA ASP K 396 -8.67 6.63 -44.69
C ASP K 396 -8.73 6.89 -43.19
N ASP K 397 -8.24 8.02 -42.71
CA ASP K 397 -8.15 8.25 -41.28
C ASP K 397 -9.49 8.73 -40.75
N ALA K 398 -10.40 7.78 -40.58
CA ALA K 398 -11.73 8.00 -40.03
C ALA K 398 -12.30 6.66 -39.64
N CYS K 399 -13.03 6.63 -38.53
CA CYS K 399 -13.93 5.55 -38.25
C CYS K 399 -15.31 5.92 -38.77
N LEU K 400 -16.06 4.93 -39.20
CA LEU K 400 -17.36 5.12 -39.80
C LEU K 400 -18.34 4.23 -39.07
N GLN K 401 -19.43 4.80 -38.59
CA GLN K 401 -20.36 4.00 -37.81
C GLN K 401 -21.73 3.89 -38.43
N PHE K 402 -22.25 2.66 -38.40
CA PHE K 402 -23.51 2.26 -39.00
C PHE K 402 -24.28 1.56 -37.90
N GLY K 403 -24.93 2.34 -37.04
CA GLY K 403 -25.66 1.75 -35.92
C GLY K 403 -26.92 1.05 -36.39
N GLY K 404 -27.55 1.57 -37.44
CA GLY K 404 -28.72 0.94 -38.01
C GLY K 404 -28.47 0.37 -39.40
N GLY K 405 -27.21 0.34 -39.81
CA GLY K 405 -26.85 -0.22 -41.10
C GLY K 405 -26.56 -1.70 -41.02
N THR K 406 -25.94 -2.12 -39.92
CA THR K 406 -25.66 -3.53 -39.72
C THR K 406 -26.86 -4.24 -39.09
N LEU K 407 -27.55 -3.57 -38.16
CA LEU K 407 -28.69 -4.19 -37.50
C LEU K 407 -29.91 -4.30 -38.41
N GLY K 408 -30.08 -3.37 -39.35
CA GLY K 408 -31.24 -3.34 -40.22
C GLY K 408 -31.13 -4.15 -41.49
N HIS K 409 -30.15 -5.02 -41.61
CA HIS K 409 -30.05 -5.89 -42.76
C HIS K 409 -31.10 -7.00 -42.65
N PRO K 410 -31.72 -7.40 -43.76
CA PRO K 410 -32.75 -8.44 -43.69
C PRO K 410 -32.24 -9.83 -43.33
N TRP K 411 -30.92 -10.06 -43.37
CA TRP K 411 -30.36 -11.37 -43.04
C TRP K 411 -29.76 -11.40 -41.65
N GLY K 412 -29.44 -10.25 -41.06
CA GLY K 412 -28.96 -10.24 -39.69
C GLY K 412 -27.81 -9.33 -39.42
N ASN K 413 -26.98 -9.68 -38.44
CA ASN K 413 -25.83 -8.85 -38.11
C ASN K 413 -24.59 -9.26 -38.88
N ALA K 414 -24.33 -10.55 -39.04
CA ALA K 414 -23.10 -10.90 -39.74
C ALA K 414 -23.16 -10.70 -41.26
N PRO K 415 -24.27 -10.95 -41.97
CA PRO K 415 -24.31 -10.47 -43.35
C PRO K 415 -24.37 -8.97 -43.48
N GLY K 416 -24.98 -8.27 -42.52
CA GLY K 416 -25.04 -6.83 -42.59
C GLY K 416 -23.68 -6.18 -42.35
N ALA K 417 -22.88 -6.77 -41.48
CA ALA K 417 -21.52 -6.29 -41.25
C ALA K 417 -20.61 -6.58 -42.41
N ALA K 418 -20.88 -7.65 -43.16
CA ALA K 418 -20.11 -7.91 -44.37
C ALA K 418 -20.46 -6.94 -45.47
N ALA K 419 -21.75 -6.57 -45.55
CA ALA K 419 -22.22 -5.69 -46.62
C ALA K 419 -21.59 -4.31 -46.54
N ASN K 420 -21.37 -3.81 -45.33
CA ASN K 420 -20.62 -2.56 -45.19
C ASN K 420 -19.15 -2.76 -45.52
N ARG K 421 -18.56 -3.82 -45.01
CA ARG K 421 -17.15 -4.11 -45.21
C ARG K 421 -16.83 -4.38 -46.67
N VAL K 422 -17.75 -5.00 -47.40
CA VAL K 422 -17.59 -5.16 -48.84
C VAL K 422 -17.71 -3.83 -49.55
N ALA K 423 -18.70 -3.01 -49.17
CA ALA K 423 -18.91 -1.71 -49.79
C ALA K 423 -17.79 -0.73 -49.46
N LEU K 424 -17.25 -0.82 -48.25
CA LEU K 424 -16.12 0.03 -47.87
C LEU K 424 -14.89 -0.30 -48.69
N GLU K 425 -14.56 -1.57 -48.82
CA GLU K 425 -13.35 -1.94 -49.55
C GLU K 425 -13.53 -1.82 -51.05
N ALA K 426 -14.77 -1.88 -51.54
CA ALA K 426 -15.00 -1.65 -52.96
C ALA K 426 -14.80 -0.18 -53.30
N CYS K 427 -15.30 0.72 -52.45
CA CYS K 427 -15.15 2.15 -52.69
C CYS K 427 -13.71 2.59 -52.50
N THR K 428 -12.99 1.96 -51.57
CA THR K 428 -11.59 2.26 -51.37
C THR K 428 -10.77 1.86 -52.60
N GLN K 429 -11.11 0.73 -53.22
CA GLN K 429 -10.35 0.26 -54.36
C GLN K 429 -10.60 1.15 -55.58
N ALA K 430 -11.84 1.61 -55.75
CA ALA K 430 -12.16 2.51 -56.84
C ALA K 430 -11.49 3.87 -56.68
N ARG K 431 -11.19 4.28 -55.45
CA ARG K 431 -10.40 5.48 -55.25
C ARG K 431 -8.97 5.29 -55.71
N ASN K 432 -8.35 4.17 -55.33
CA ASN K 432 -6.94 3.96 -55.67
C ASN K 432 -6.76 3.73 -57.16
N GLU K 433 -7.77 3.13 -57.81
CA GLU K 433 -7.76 2.98 -59.26
C GLU K 433 -8.00 4.28 -59.99
N GLY K 434 -8.47 5.32 -59.28
CA GLY K 434 -8.55 6.66 -59.82
C GLY K 434 -9.95 7.16 -60.10
N ARG K 435 -10.98 6.38 -59.77
CA ARG K 435 -12.35 6.73 -60.16
C ARG K 435 -12.90 7.81 -59.24
N ASP K 436 -13.73 8.69 -59.82
CA ASP K 436 -14.36 9.76 -59.05
C ASP K 436 -15.57 9.19 -58.32
N LEU K 437 -15.48 9.11 -56.99
CA LEU K 437 -16.58 8.61 -56.19
C LEU K 437 -17.73 9.59 -56.03
N ALA K 438 -17.55 10.85 -56.41
CA ALA K 438 -18.68 11.77 -56.42
C ALA K 438 -19.62 11.50 -57.57
N ARG K 439 -19.11 10.91 -58.66
CA ARG K 439 -19.91 10.61 -59.84
C ARG K 439 -20.09 9.12 -60.06
N GLU K 440 -19.00 8.36 -60.08
CA GLU K 440 -19.05 6.94 -60.39
C GLU K 440 -19.28 6.08 -59.16
N GLY K 441 -19.65 6.69 -58.03
CA GLY K 441 -19.79 5.92 -56.80
C GLY K 441 -20.98 4.99 -56.77
N GLY K 442 -22.02 5.30 -57.55
CA GLY K 442 -23.11 4.37 -57.69
C GLY K 442 -22.77 3.17 -58.54
N ASP K 443 -21.92 3.35 -59.55
CA ASP K 443 -21.53 2.26 -60.42
C ASP K 443 -20.49 1.34 -59.79
N VAL K 444 -19.89 1.75 -58.68
CA VAL K 444 -18.95 0.92 -57.95
C VAL K 444 -19.67 0.04 -56.94
N ILE K 445 -20.70 0.57 -56.28
CA ILE K 445 -21.54 -0.24 -55.41
C ILE K 445 -22.27 -1.31 -56.23
N ARG K 446 -22.81 -0.92 -57.38
CA ARG K 446 -23.53 -1.86 -58.23
C ARG K 446 -22.62 -2.90 -58.87
N SER K 447 -21.33 -2.61 -59.01
CA SER K 447 -20.42 -3.65 -59.49
C SER K 447 -20.11 -4.65 -58.40
N ALA K 448 -20.34 -4.29 -57.13
CA ALA K 448 -20.14 -5.19 -56.01
C ALA K 448 -21.42 -5.83 -55.51
N CYS K 449 -22.58 -5.36 -55.97
CA CYS K 449 -23.83 -6.08 -55.72
C CYS K 449 -23.84 -7.39 -56.51
N LYS K 450 -23.02 -7.47 -57.56
CA LYS K 450 -23.05 -8.64 -58.45
C LYS K 450 -22.42 -9.85 -57.78
N TRP K 451 -21.14 -9.77 -57.43
CA TRP K 451 -20.44 -10.94 -56.94
C TRP K 451 -20.66 -11.21 -55.46
N SER K 452 -21.29 -10.30 -54.72
CA SER K 452 -21.50 -10.49 -53.28
C SER K 452 -22.99 -10.55 -53.00
N PRO K 453 -23.51 -11.63 -52.44
CA PRO K 453 -24.95 -11.70 -52.16
C PRO K 453 -25.36 -10.88 -50.97
N GLU K 454 -24.44 -10.64 -50.03
CA GLU K 454 -24.78 -9.93 -48.81
C GLU K 454 -25.03 -8.47 -49.09
N LEU K 455 -24.17 -7.85 -49.90
CA LEU K 455 -24.37 -6.47 -50.29
C LEU K 455 -25.60 -6.32 -51.18
N ALA K 456 -25.87 -7.32 -52.03
CA ALA K 456 -27.02 -7.25 -52.93
C ALA K 456 -28.34 -7.28 -52.17
N ALA K 457 -28.39 -8.00 -51.04
CA ALA K 457 -29.57 -7.95 -50.19
C ALA K 457 -29.72 -6.60 -49.52
N ALA K 458 -28.63 -5.86 -49.34
CA ALA K 458 -28.72 -4.49 -48.88
C ALA K 458 -28.83 -3.52 -50.05
N CYS K 459 -28.37 -3.91 -51.25
CA CYS K 459 -28.65 -3.11 -52.44
C CYS K 459 -30.14 -3.10 -52.76
N GLU K 460 -30.84 -4.19 -52.43
CA GLU K 460 -32.25 -4.32 -52.73
C GLU K 460 -33.12 -3.43 -51.85
N VAL K 461 -32.71 -3.18 -50.61
CA VAL K 461 -33.46 -2.27 -49.75
C VAL K 461 -33.22 -0.83 -50.16
N MET L 46 37.97 38.51 25.21
CA MET L 46 37.12 37.51 24.59
C MET L 46 35.75 37.56 25.22
N MET L 47 34.73 37.84 24.43
CA MET L 47 33.40 38.02 24.99
C MET L 47 32.48 36.88 24.62
N VAL L 48 31.26 36.93 25.16
CA VAL L 48 30.24 35.92 24.92
C VAL L 48 29.00 36.63 24.41
N TRP L 49 28.53 36.22 23.25
CA TRP L 49 27.30 36.76 22.70
C TRP L 49 26.12 36.29 23.53
N THR L 50 25.19 37.20 23.81
CA THR L 50 24.32 36.76 24.89
C THR L 50 23.10 36.01 24.36
N PRO L 51 22.67 34.95 25.07
CA PRO L 51 21.47 34.23 24.68
C PRO L 51 20.18 34.71 25.33
N VAL L 52 20.29 35.59 26.31
CA VAL L 52 19.18 35.94 27.19
C VAL L 52 18.62 37.28 26.73
N ASN L 53 17.34 37.28 26.35
CA ASN L 53 16.60 38.47 25.94
C ASN L 53 17.29 39.22 24.79
N ASN L 54 17.57 38.48 23.71
CA ASN L 54 18.35 39.02 22.61
C ASN L 54 17.62 38.80 21.29
N LYS L 55 16.31 38.96 21.27
CA LYS L 55 15.57 38.71 20.06
C LYS L 55 15.94 39.71 18.99
N MET L 56 15.88 39.29 17.75
CA MET L 56 16.23 40.13 16.63
C MET L 56 15.18 40.05 15.56
N PHE L 57 15.19 41.04 14.69
CA PHE L 57 14.32 41.15 13.54
C PHE L 57 15.29 41.08 12.37
N GLU L 58 14.88 40.46 11.29
CA GLU L 58 15.83 40.15 10.27
C GLU L 58 16.68 41.25 9.64
N THR L 59 16.14 42.37 9.20
CA THR L 59 17.02 43.33 8.55
C THR L 59 17.28 44.55 9.42
N PHE L 60 18.55 44.92 9.51
CA PHE L 60 19.05 46.04 10.27
C PHE L 60 18.86 45.93 11.77
N SER L 61 18.82 44.72 12.30
CA SER L 61 18.67 44.52 13.74
C SER L 61 19.99 44.32 14.45
N TYR L 62 21.03 43.94 13.73
CA TYR L 62 22.37 43.81 14.27
C TYR L 62 23.11 45.13 14.20
N LEU L 63 22.42 46.19 13.82
CA LEU L 63 22.85 47.57 13.79
C LEU L 63 22.21 48.30 14.97
N PRO L 64 22.76 49.43 15.42
CA PRO L 64 22.06 50.22 16.43
C PRO L 64 20.81 50.84 15.84
N PRO L 65 19.80 51.21 16.69
CA PRO L 65 18.49 51.65 16.18
C PRO L 65 18.53 52.85 15.26
N LEU L 66 17.77 52.80 14.17
CA LEU L 66 17.93 53.77 13.10
C LEU L 66 17.37 55.12 13.54
N SER L 67 18.13 56.18 13.28
CA SER L 67 17.65 57.52 13.55
C SER L 67 16.63 57.93 12.49
N ASP L 68 16.00 59.08 12.71
CA ASP L 68 15.00 59.56 11.76
C ASP L 68 15.63 59.99 10.45
N GLU L 69 16.92 60.34 10.48
CA GLU L 69 17.63 60.65 9.25
C GLU L 69 18.04 59.38 8.52
N GLN L 70 18.28 58.30 9.26
CA GLN L 70 18.62 57.03 8.61
C GLN L 70 17.38 56.32 8.10
N ILE L 71 16.23 56.51 8.76
CA ILE L 71 14.98 55.99 8.21
C ILE L 71 14.59 56.79 6.97
N ALA L 72 14.83 58.10 6.98
CA ALA L 72 14.57 58.91 5.79
C ALA L 72 15.54 58.59 4.67
N ALA L 73 16.74 58.10 4.99
CA ALA L 73 17.67 57.71 3.94
C ALA L 73 17.25 56.42 3.26
N GLN L 74 16.54 55.55 3.98
CA GLN L 74 16.08 54.30 3.38
C GLN L 74 14.83 54.52 2.54
N VAL L 75 13.96 55.43 2.96
CA VAL L 75 12.77 55.75 2.18
C VAL L 75 13.14 56.48 0.89
N ASP L 76 14.23 57.26 0.92
CA ASP L 76 14.76 57.83 -0.32
C ASP L 76 15.19 56.74 -1.29
N TYR L 77 15.77 55.66 -0.77
CA TYR L 77 16.08 54.49 -1.57
C TYR L 77 14.83 53.75 -2.02
N ILE L 78 13.76 53.78 -1.22
CA ILE L 78 12.49 53.17 -1.62
C ILE L 78 11.79 53.99 -2.68
N VAL L 79 11.98 55.31 -2.69
CA VAL L 79 11.28 56.17 -3.64
C VAL L 79 12.11 56.39 -4.92
N ALA L 80 13.45 56.25 -4.84
CA ALA L 80 14.32 56.45 -6.00
C ALA L 80 14.03 55.45 -7.12
N ASN L 81 13.60 54.26 -6.76
CA ASN L 81 12.96 53.33 -7.67
C ASN L 81 11.48 53.21 -7.31
N GLY L 82 10.71 52.53 -8.13
CA GLY L 82 9.27 52.61 -7.96
C GLY L 82 8.67 51.72 -6.90
N TRP L 83 9.16 51.80 -5.67
CA TRP L 83 8.69 50.94 -4.60
C TRP L 83 7.74 51.72 -3.71
N ILE L 84 6.95 50.98 -2.94
CA ILE L 84 5.81 51.53 -2.24
C ILE L 84 5.99 51.23 -0.75
N PRO L 85 6.25 52.23 0.09
CA PRO L 85 6.51 51.94 1.50
C PRO L 85 5.21 51.70 2.25
N CYS L 86 5.28 50.93 3.31
CA CYS L 86 4.10 50.56 4.07
C CYS L 86 4.56 50.16 5.46
N LEU L 87 3.78 50.50 6.48
CA LEU L 87 4.17 50.14 7.84
C LEU L 87 3.40 48.93 8.33
N GLU L 88 4.01 48.23 9.28
CA GLU L 88 3.35 47.11 9.94
C GLU L 88 3.60 47.20 11.43
N PHE L 89 2.84 46.41 12.18
CA PHE L 89 3.04 46.38 13.62
C PHE L 89 2.55 45.08 14.20
N ALA L 90 3.14 44.71 15.33
CA ALA L 90 2.76 43.55 16.10
C ALA L 90 3.03 43.82 17.56
N GLU L 91 2.26 43.17 18.43
CA GLU L 91 2.51 43.19 19.86
C GLU L 91 3.69 42.30 20.22
N SER L 92 3.94 42.17 21.51
CA SER L 92 5.08 41.39 21.97
C SER L 92 4.90 39.90 21.75
N ASP L 93 3.67 39.43 21.70
CA ASP L 93 3.36 38.03 21.47
C ASP L 93 3.08 37.67 20.02
N LYS L 94 3.03 38.65 19.11
CA LYS L 94 2.81 38.36 17.70
C LYS L 94 3.98 38.87 16.87
N ALA L 95 5.11 39.15 17.51
CA ALA L 95 6.24 39.79 16.85
C ALA L 95 7.18 38.79 16.22
N TYR L 96 7.69 37.85 17.00
CA TYR L 96 8.63 36.89 16.50
C TYR L 96 7.99 35.52 16.36
N VAL L 97 8.76 34.60 15.77
CA VAL L 97 8.25 33.39 15.13
C VAL L 97 7.77 32.37 16.17
N SER L 98 6.76 31.58 15.80
CA SER L 98 6.22 30.58 16.72
C SER L 98 5.64 29.42 15.92
N ASN L 99 5.31 28.34 16.64
CA ASN L 99 4.92 27.07 16.03
C ASN L 99 3.49 26.69 16.35
N GLU L 100 2.75 27.57 17.02
CA GLU L 100 1.58 27.15 17.79
C GLU L 100 0.40 26.67 16.97
N SER L 101 0.35 26.99 15.67
CA SER L 101 -0.76 26.47 14.87
C SER L 101 -0.51 25.06 14.36
N ALA L 102 0.70 24.55 14.49
CA ALA L 102 1.08 23.21 14.04
C ALA L 102 0.55 22.12 14.94
N ILE L 103 -0.14 22.47 16.02
CA ILE L 103 -0.91 21.49 16.78
C ILE L 103 -2.07 20.96 15.95
N ARG L 104 -2.51 21.69 14.92
CA ARG L 104 -3.59 21.24 14.06
C ARG L 104 -3.10 20.51 12.83
N PHE L 105 -1.82 20.21 12.71
CA PHE L 105 -1.32 19.73 11.44
C PHE L 105 -1.10 18.22 11.46
N GLY L 106 -1.01 17.67 10.24
CA GLY L 106 -0.31 16.44 9.97
C GLY L 106 1.16 16.75 9.76
N SER L 107 1.82 16.12 8.80
CA SER L 107 3.24 16.41 8.63
C SER L 107 3.50 17.44 7.53
N VAL L 108 2.82 18.57 7.62
CA VAL L 108 2.88 19.62 6.61
C VAL L 108 3.54 20.85 7.18
N SER L 109 4.42 20.66 8.15
CA SER L 109 4.95 21.74 8.96
C SER L 109 6.19 22.42 8.38
N CYS L 110 6.73 21.95 7.26
CA CYS L 110 7.95 22.52 6.70
C CYS L 110 7.68 23.91 6.15
N LEU L 111 8.46 24.89 6.63
CA LEU L 111 8.39 26.29 6.24
C LEU L 111 7.03 26.90 6.49
N TYR L 112 6.32 26.38 7.48
CA TYR L 112 5.19 27.07 8.06
C TYR L 112 5.66 27.66 9.37
N TYR L 113 5.35 28.94 9.57
CA TYR L 113 5.55 29.54 10.87
C TYR L 113 4.36 30.43 11.16
N ASP L 114 4.26 30.87 12.39
CA ASP L 114 3.36 31.95 12.74
C ASP L 114 4.14 33.22 12.96
N ASN L 115 3.41 34.33 12.99
CA ASN L 115 3.92 35.68 13.23
C ASN L 115 4.89 36.12 12.14
N ARG L 116 4.68 35.65 10.91
CA ARG L 116 5.35 36.26 9.78
C ARG L 116 4.53 37.36 9.17
N TYR L 117 3.21 37.28 9.32
CA TYR L 117 2.35 38.42 9.04
C TYR L 117 2.28 39.31 10.26
N TRP L 118 2.45 40.59 10.05
CA TRP L 118 2.04 41.59 11.02
C TRP L 118 0.89 42.37 10.43
N THR L 119 0.20 43.12 11.29
CA THR L 119 -0.95 43.89 10.85
C THR L 119 -0.49 45.13 10.10
N MET L 120 -1.07 45.41 8.95
CA MET L 120 -0.68 46.57 8.19
C MET L 120 -1.18 47.84 8.88
N TRP L 121 -0.43 48.92 8.79
CA TRP L 121 -0.89 50.16 9.39
C TRP L 121 -1.37 50.92 8.19
N LYS L 122 -2.65 51.26 8.21
CA LYS L 122 -3.30 51.98 7.12
C LYS L 122 -3.14 51.24 5.79
N LEU L 123 -2.71 51.96 4.76
CA LEU L 123 -2.54 51.40 3.42
C LEU L 123 -1.17 51.75 2.88
N PRO L 124 -0.72 51.02 1.85
CA PRO L 124 0.59 51.33 1.26
C PRO L 124 0.58 52.73 0.66
N MET L 125 1.67 53.47 0.82
CA MET L 125 1.75 54.85 0.35
C MET L 125 1.96 54.86 -1.15
N PHE L 126 0.86 54.83 -1.88
CA PHE L 126 0.94 54.85 -3.34
C PHE L 126 1.22 56.27 -3.81
N GLY L 127 2.17 56.38 -4.75
CA GLY L 127 2.59 57.70 -5.21
C GLY L 127 3.32 58.49 -4.15
N CYS L 128 4.13 57.82 -3.34
CA CYS L 128 4.85 58.47 -2.25
C CYS L 128 6.14 59.03 -2.80
N ARG L 129 6.29 60.35 -2.74
CA ARG L 129 7.50 61.03 -3.15
C ARG L 129 8.27 61.61 -1.97
N ASP L 130 7.57 61.96 -0.89
CA ASP L 130 8.15 62.62 0.25
C ASP L 130 8.43 61.64 1.38
N PRO L 131 9.69 61.51 1.82
CA PRO L 131 9.99 60.58 2.91
C PRO L 131 9.54 61.05 4.27
N MET L 132 9.14 62.31 4.43
CA MET L 132 8.65 62.77 5.73
C MET L 132 7.20 62.34 5.96
N GLN L 133 6.43 62.13 4.89
CA GLN L 133 5.08 61.60 5.03
C GLN L 133 5.07 60.19 5.61
N VAL L 134 6.10 59.40 5.29
CA VAL L 134 6.23 58.09 5.90
C VAL L 134 6.67 58.21 7.34
N LEU L 135 7.51 59.21 7.62
CA LEU L 135 8.10 59.34 8.95
C LEU L 135 7.11 59.90 9.95
N ARG L 136 6.09 60.63 9.46
CA ARG L 136 4.99 61.06 10.33
C ARG L 136 4.15 59.88 10.75
N GLU L 137 4.07 58.84 9.91
CA GLU L 137 3.22 57.70 10.21
C GLU L 137 3.86 56.78 11.23
N ILE L 138 5.17 56.87 11.41
CA ILE L 138 5.84 56.06 12.43
C ILE L 138 5.50 56.60 13.82
N VAL L 139 5.50 57.93 13.95
CA VAL L 139 5.08 58.56 15.20
C VAL L 139 3.60 58.33 15.43
N ALA L 140 2.79 58.35 14.37
CA ALA L 140 1.36 58.19 14.51
C ALA L 140 0.99 56.75 14.86
N CYS L 141 1.78 55.78 14.39
CA CYS L 141 1.48 54.39 14.71
C CYS L 141 1.81 54.07 16.16
N THR L 142 2.97 54.54 16.64
CA THR L 142 3.40 54.20 17.98
C THR L 142 2.63 54.99 19.04
N LYS L 143 2.00 56.09 18.64
CA LYS L 143 1.07 56.75 19.55
C LYS L 143 -0.18 55.91 19.76
N ALA L 144 -0.69 55.30 18.68
CA ALA L 144 -1.86 54.43 18.81
C ALA L 144 -1.49 53.12 19.50
N PHE L 145 -0.28 52.63 19.28
CA PHE L 145 0.17 51.35 19.83
C PHE L 145 1.54 51.56 20.47
N PRO L 146 1.57 51.93 21.75
CA PRO L 146 2.86 52.15 22.40
C PRO L 146 3.58 50.87 22.78
N ASP L 147 2.89 49.74 22.77
CA ASP L 147 3.48 48.46 23.12
C ASP L 147 3.77 47.60 21.91
N ALA L 148 4.03 48.20 20.75
CA ALA L 148 4.11 47.47 19.50
C ALA L 148 5.41 47.77 18.75
N TYR L 149 6.01 46.72 18.21
CA TYR L 149 7.08 46.81 17.23
C TYR L 149 6.52 47.38 15.94
N VAL L 150 7.36 48.04 15.16
CA VAL L 150 6.95 48.62 13.88
C VAL L 150 8.01 48.30 12.84
N ARG L 151 7.60 47.76 11.70
CA ARG L 151 8.53 47.58 10.60
C ARG L 151 8.01 48.26 9.35
N LEU L 152 8.94 48.82 8.59
CA LEU L 152 8.69 49.43 7.30
C LEU L 152 8.99 48.41 6.22
N VAL L 153 7.96 47.99 5.49
CA VAL L 153 8.12 47.05 4.40
C VAL L 153 7.97 47.85 3.10
N ALA L 154 8.43 47.25 2.02
CA ALA L 154 8.26 47.87 0.71
C ALA L 154 7.79 46.82 -0.29
N PHE L 155 7.05 47.26 -1.28
CA PHE L 155 6.48 46.38 -2.27
C PHE L 155 6.88 46.86 -3.65
N ASP L 156 7.11 45.93 -4.57
CA ASP L 156 7.42 46.31 -5.93
C ASP L 156 6.12 46.37 -6.73
N ASN L 157 6.06 47.30 -7.67
CA ASN L 157 4.84 47.53 -8.41
C ASN L 157 4.78 46.62 -9.63
N GLN L 158 5.89 46.47 -10.34
CA GLN L 158 5.90 45.71 -11.57
C GLN L 158 6.09 44.22 -11.30
N LYS L 159 6.71 43.87 -10.17
CA LYS L 159 6.95 42.46 -9.88
C LYS L 159 5.87 41.92 -8.95
N GLN L 160 5.19 42.83 -8.23
CA GLN L 160 4.10 42.54 -7.28
C GLN L 160 4.54 41.56 -6.20
N VAL L 161 5.52 42.00 -5.41
CA VAL L 161 6.15 41.19 -4.38
C VAL L 161 6.72 42.16 -3.35
N GLN L 162 6.98 41.66 -2.15
CA GLN L 162 7.59 42.45 -1.09
C GLN L 162 9.11 42.48 -1.25
N ILE L 163 9.69 43.67 -1.14
CA ILE L 163 11.08 43.85 -1.52
C ILE L 163 11.99 43.88 -0.31
N MET L 164 11.77 44.82 0.59
CA MET L 164 12.64 45.01 1.74
C MET L 164 11.75 45.21 2.94
N GLY L 165 12.20 44.73 4.09
CA GLY L 165 11.45 44.89 5.31
C GLY L 165 12.33 44.98 6.53
N PHE L 166 12.27 46.09 7.26
CA PHE L 166 13.22 46.32 8.33
C PHE L 166 12.60 47.07 9.49
N LEU L 167 12.96 46.65 10.70
CA LEU L 167 12.38 47.19 11.91
C LEU L 167 12.77 48.64 12.12
N VAL L 168 11.78 49.49 12.35
CA VAL L 168 12.03 50.92 12.56
C VAL L 168 11.64 51.40 13.94
N GLN L 169 11.03 50.55 14.77
CA GLN L 169 10.65 50.98 16.10
C GLN L 169 10.49 49.76 17.00
N ARG L 170 11.03 49.88 18.22
CA ARG L 170 10.83 48.93 19.29
C ARG L 170 10.03 49.58 20.41
N PRO L 171 9.21 48.84 21.13
CA PRO L 171 8.54 49.41 22.30
C PRO L 171 9.51 49.52 23.44
N LYS L 172 9.19 50.40 24.39
CA LYS L 172 10.01 50.51 25.58
C LYS L 172 9.61 49.51 26.64
N SER L 173 8.35 49.07 26.62
CA SER L 173 7.84 48.16 27.63
C SER L 173 8.27 46.71 27.40
N ALA L 174 8.99 46.43 26.33
CA ALA L 174 9.41 45.07 26.04
C ALA L 174 10.84 44.85 26.49
N ARG L 175 11.09 43.70 27.13
CA ARG L 175 12.42 43.31 27.55
C ARG L 175 12.96 42.16 26.70
N ASP L 176 12.62 42.14 25.41
CA ASP L 176 13.03 41.07 24.52
C ASP L 176 14.34 41.34 23.80
N TRP L 177 14.85 42.58 23.84
CA TRP L 177 16.01 42.97 23.06
C TRP L 177 17.06 43.64 23.92
N GLN L 178 18.33 43.53 23.48
CA GLN L 178 19.43 44.14 24.19
C GLN L 178 19.85 45.44 23.53
N PRO L 179 20.12 46.50 24.30
CA PRO L 179 20.41 47.81 23.72
C PRO L 179 21.83 47.93 23.19
N ALA L 180 22.12 47.17 22.12
CA ALA L 180 23.31 47.25 21.27
C ALA L 180 24.64 46.95 21.98
N ASN L 181 24.61 46.69 23.28
CA ASN L 181 25.77 46.28 24.06
C ASN L 181 25.42 44.90 24.57
N LYS L 182 25.61 43.91 23.70
CA LYS L 182 25.12 42.56 23.89
C LYS L 182 26.26 41.57 23.72
N ARG L 183 27.47 42.11 23.72
CA ARG L 183 28.69 41.42 24.11
C ARG L 183 29.04 40.21 23.26
N LYS M 18 30.03 13.19 -38.12
CA LYS M 18 30.21 12.49 -39.39
C LYS M 18 29.24 13.00 -40.44
N ASP M 19 29.56 14.13 -41.07
CA ASP M 19 28.69 14.75 -42.05
C ASP M 19 29.35 14.76 -43.42
N TYR M 20 28.52 14.88 -44.45
CA TYR M 20 29.03 15.06 -45.81
C TYR M 20 29.10 16.53 -46.19
N ARG M 21 28.81 17.42 -45.22
CA ARG M 21 28.92 18.89 -45.22
C ARG M 21 27.80 19.54 -46.04
N LEU M 22 27.04 18.77 -46.82
CA LEU M 22 25.96 19.35 -47.62
C LEU M 22 24.65 19.41 -46.86
N THR M 23 24.33 18.38 -46.10
CA THR M 23 23.02 18.29 -45.47
C THR M 23 23.02 18.88 -44.07
N TYR M 24 24.18 18.90 -43.41
CA TYR M 24 24.24 19.31 -42.02
C TYR M 24 24.83 20.69 -41.81
N TYR M 25 25.35 21.32 -42.86
CA TYR M 25 25.81 22.70 -42.80
C TYR M 25 24.88 23.53 -43.67
N THR M 26 23.89 24.14 -43.05
CA THR M 26 22.88 24.92 -43.75
C THR M 26 22.97 26.37 -43.29
N PRO M 27 23.83 27.19 -43.91
CA PRO M 27 23.93 28.59 -43.45
C PRO M 27 22.77 29.45 -43.87
N ASP M 28 21.97 28.99 -44.84
CA ASP M 28 20.84 29.77 -45.32
C ASP M 28 19.59 29.50 -44.48
N TYR M 29 19.72 28.62 -43.48
CA TYR M 29 18.59 28.22 -42.65
C TYR M 29 18.21 29.28 -41.63
N VAL M 30 16.92 29.44 -41.42
CA VAL M 30 16.38 30.36 -40.41
C VAL M 30 15.91 29.52 -39.24
N VAL M 31 16.41 29.83 -38.04
CA VAL M 31 16.12 29.00 -36.88
C VAL M 31 14.68 29.21 -36.44
N ARG M 32 14.15 28.23 -35.73
CA ARG M 32 12.77 28.27 -35.27
C ARG M 32 12.72 28.78 -33.84
N ASP M 33 11.51 29.15 -33.41
CA ASP M 33 11.34 29.55 -32.03
C ASP M 33 11.16 28.38 -31.10
N THR M 34 11.01 27.17 -31.64
CA THR M 34 11.02 25.97 -30.83
C THR M 34 12.34 25.23 -30.90
N ASP M 35 13.29 25.73 -31.67
CA ASP M 35 14.59 25.06 -31.80
C ASP M 35 15.38 25.15 -30.53
N ILE M 36 16.07 24.08 -30.20
CA ILE M 36 17.16 24.12 -29.24
C ILE M 36 18.41 24.54 -29.99
N LEU M 37 19.04 25.60 -29.53
CA LEU M 37 20.26 26.08 -30.16
C LEU M 37 21.43 25.76 -29.25
N ALA M 38 22.57 25.44 -29.84
CA ALA M 38 23.79 25.12 -29.11
C ALA M 38 24.94 25.88 -29.72
N ALA M 39 25.90 26.30 -28.89
CA ALA M 39 27.05 27.04 -29.37
C ALA M 39 28.32 26.31 -28.94
N PHE M 40 29.03 25.74 -29.90
CA PHE M 40 30.19 24.93 -29.58
C PHE M 40 31.45 25.70 -29.90
N ARG M 41 32.35 25.81 -28.92
CA ARG M 41 33.72 26.19 -29.19
C ARG M 41 34.48 24.97 -29.67
N MET M 42 35.02 25.05 -30.89
CA MET M 42 35.34 23.89 -31.70
C MET M 42 36.75 24.02 -32.26
N THR M 43 37.66 23.15 -31.83
CA THR M 43 39.04 23.16 -32.33
C THR M 43 39.24 22.00 -33.29
N PRO M 44 39.48 22.25 -34.57
CA PRO M 44 39.68 21.13 -35.51
C PRO M 44 41.06 20.54 -35.41
N GLN M 45 41.21 19.36 -36.01
CA GLN M 45 42.53 18.82 -36.30
C GLN M 45 43.18 19.66 -37.41
N PRO M 46 44.51 19.70 -37.47
CA PRO M 46 45.17 20.52 -38.50
C PRO M 46 44.96 19.94 -39.90
N GLY M 47 44.22 20.69 -40.72
CA GLY M 47 43.86 20.26 -42.06
C GLY M 47 42.37 20.02 -42.27
N VAL M 48 41.59 19.93 -41.21
CA VAL M 48 40.15 19.75 -41.33
C VAL M 48 39.51 21.13 -41.49
N PRO M 49 38.63 21.33 -42.47
CA PRO M 49 38.00 22.64 -42.65
C PRO M 49 37.04 22.94 -41.52
N PRO M 50 36.79 24.23 -41.24
CA PRO M 50 35.85 24.56 -40.15
C PRO M 50 34.42 24.20 -40.49
N GLU M 51 34.02 24.27 -41.76
CA GLU M 51 32.65 23.95 -42.12
C GLU M 51 32.39 22.46 -42.06
N GLU M 52 33.36 21.65 -42.51
CA GLU M 52 33.20 20.21 -42.43
C GLU M 52 33.26 19.71 -41.00
N CYS M 53 34.09 20.34 -40.18
CA CYS M 53 34.13 19.99 -38.76
C CYS M 53 32.88 20.46 -38.04
N GLY M 54 32.32 21.59 -38.47
CA GLY M 54 31.12 22.11 -37.83
C GLY M 54 29.86 21.36 -38.17
N ALA M 55 29.78 20.82 -39.39
CA ALA M 55 28.62 20.02 -39.76
C ALA M 55 28.69 18.63 -39.14
N ALA M 56 29.90 18.18 -38.78
CA ALA M 56 30.05 16.89 -38.14
C ALA M 56 29.59 16.92 -36.68
N VAL M 57 29.77 18.06 -36.01
CA VAL M 57 29.19 18.25 -34.68
C VAL M 57 27.68 18.22 -34.76
N ALA M 58 27.12 18.76 -35.84
CA ALA M 58 25.68 18.75 -36.02
C ALA M 58 25.17 17.38 -36.44
N ALA M 59 25.99 16.61 -37.16
CA ALA M 59 25.53 15.32 -37.67
C ALA M 59 25.55 14.26 -36.59
N GLU M 60 26.54 14.32 -35.69
CA GLU M 60 26.74 13.39 -34.57
C GLU M 60 26.88 11.94 -35.02
N ASP M 78 15.83 14.01 -41.84
CA ASP M 78 15.77 15.38 -42.35
C ASP M 78 14.92 16.29 -41.48
N ARG M 79 13.87 15.72 -40.89
CA ARG M 79 13.10 16.45 -39.89
C ARG M 79 13.74 16.37 -38.52
N TYR M 80 14.69 15.46 -38.36
CA TYR M 80 15.29 15.19 -37.06
C TYR M 80 16.77 15.51 -37.04
N LYS M 81 17.30 16.08 -38.11
CA LYS M 81 18.72 16.38 -38.13
C LYS M 81 18.99 17.69 -37.39
N GLY M 82 20.10 17.71 -36.64
CA GLY M 82 20.66 18.94 -36.15
C GLY M 82 21.52 19.51 -37.23
N ARG M 83 21.40 20.82 -37.48
CA ARG M 83 22.12 21.48 -38.55
C ARG M 83 22.87 22.71 -38.07
N CYS M 84 24.18 22.68 -38.29
CA CYS M 84 25.06 23.82 -38.07
C CYS M 84 24.68 24.95 -39.02
N TYR M 85 24.29 26.09 -38.46
CA TYR M 85 23.79 27.20 -39.26
C TYR M 85 24.67 28.43 -39.26
N ASP M 86 25.74 28.47 -38.47
CA ASP M 86 26.62 29.62 -38.40
C ASP M 86 27.94 29.18 -37.81
N ILE M 87 29.04 29.66 -38.39
CA ILE M 87 30.39 29.40 -37.90
C ILE M 87 31.14 30.72 -37.88
N GLU M 88 31.67 31.09 -36.73
CA GLU M 88 32.41 32.31 -36.51
C GLU M 88 33.82 32.00 -36.05
N PRO M 89 34.81 32.75 -36.51
CA PRO M 89 36.14 32.64 -35.91
C PRO M 89 36.15 33.23 -34.51
N VAL M 90 37.09 32.76 -33.69
CA VAL M 90 37.31 33.30 -32.35
C VAL M 90 38.48 34.27 -32.45
N PRO M 91 38.32 35.53 -32.05
CA PRO M 91 39.42 36.49 -32.16
C PRO M 91 40.53 36.21 -31.17
N GLY M 92 41.76 36.16 -31.67
CA GLY M 92 42.91 35.85 -30.87
C GLY M 92 43.34 34.40 -30.90
N GLU M 93 42.41 33.49 -31.17
CA GLU M 93 42.69 32.07 -31.29
C GLU M 93 42.71 31.72 -32.78
N ASP M 94 43.86 31.25 -33.26
CA ASP M 94 44.02 31.01 -34.69
C ASP M 94 43.34 29.75 -35.17
N ASN M 95 42.89 28.87 -34.27
CA ASN M 95 42.35 27.58 -34.68
C ASN M 95 41.12 27.23 -33.86
N GLN M 96 40.35 28.21 -33.41
CA GLN M 96 39.10 27.95 -32.72
C GLN M 96 37.96 28.65 -33.43
N TYR M 97 36.77 28.07 -33.30
CA TYR M 97 35.59 28.51 -34.03
C TYR M 97 34.39 28.35 -33.13
N ILE M 98 33.33 29.07 -33.45
CA ILE M 98 32.05 28.92 -32.75
C ILE M 98 31.07 28.34 -33.74
N ALA M 99 30.70 27.08 -33.56
CA ALA M 99 29.68 26.45 -34.37
C ALA M 99 28.35 26.59 -33.67
N TYR M 100 27.36 27.12 -34.37
CA TYR M 100 26.00 27.23 -33.86
C TYR M 100 25.17 26.13 -34.47
N VAL M 101 24.64 25.24 -33.64
CA VAL M 101 23.86 24.10 -34.11
C VAL M 101 22.44 24.23 -33.58
N ALA M 102 21.46 24.06 -34.46
CA ALA M 102 20.05 24.06 -34.12
C ALA M 102 19.53 22.63 -34.03
N TYR M 103 18.64 22.37 -33.08
CA TYR M 103 18.03 21.06 -32.93
C TYR M 103 16.52 21.18 -32.95
N PRO M 104 15.82 20.30 -33.68
CA PRO M 104 14.36 20.30 -33.60
C PRO M 104 13.89 19.83 -32.23
N ILE M 105 12.76 20.39 -31.78
CA ILE M 105 12.23 20.12 -30.45
C ILE M 105 11.72 18.69 -30.31
N ASP M 106 11.52 17.99 -31.43
CA ASP M 106 11.04 16.61 -31.37
C ASP M 106 12.13 15.63 -30.97
N LEU M 107 13.37 16.09 -30.80
CA LEU M 107 14.43 15.15 -30.46
C LEU M 107 14.46 14.82 -28.99
N PHE M 108 13.60 15.45 -28.20
CA PHE M 108 13.77 15.57 -26.77
C PHE M 108 12.55 15.05 -26.02
N GLU M 109 12.77 14.52 -24.83
CA GLU M 109 11.69 14.18 -23.93
C GLU M 109 11.24 15.41 -23.15
N GLU M 110 9.93 15.54 -22.97
CA GLU M 110 9.36 16.54 -22.10
C GLU M 110 9.83 16.30 -20.66
N GLY M 111 10.43 17.32 -20.07
CA GLY M 111 10.78 17.28 -18.68
C GLY M 111 12.03 16.52 -18.31
N SER M 112 12.99 16.41 -19.21
CA SER M 112 14.12 15.51 -18.99
C SER M 112 15.44 16.19 -19.35
N VAL M 113 16.26 16.45 -18.34
CA VAL M 113 17.59 17.01 -18.54
C VAL M 113 18.56 15.91 -18.92
N THR M 114 18.23 14.68 -18.55
CA THR M 114 19.00 13.53 -18.96
C THR M 114 18.91 13.31 -20.46
N ASN M 115 17.72 13.44 -21.04
CA ASN M 115 17.56 13.32 -22.48
C ASN M 115 18.15 14.52 -23.20
N MET M 116 18.11 15.70 -22.58
CA MET M 116 18.63 16.87 -23.26
C MET M 116 20.15 16.84 -23.33
N PHE M 117 20.81 16.35 -22.28
CA PHE M 117 22.26 16.24 -22.37
C PHE M 117 22.70 15.06 -23.20
N THR M 118 21.93 13.98 -23.21
CA THR M 118 22.33 12.80 -23.98
C THR M 118 22.23 13.06 -25.48
N SER M 119 21.33 13.95 -25.89
CA SER M 119 21.22 14.22 -27.33
C SER M 119 22.29 15.19 -27.79
N ILE M 120 22.62 16.19 -26.98
CA ILE M 120 23.50 17.27 -27.41
C ILE M 120 24.98 16.93 -27.18
N VAL M 121 25.34 16.39 -26.02
CA VAL M 121 26.76 16.17 -25.75
C VAL M 121 27.05 14.70 -25.52
N GLY M 122 26.15 13.83 -26.00
CA GLY M 122 26.27 12.42 -25.69
C GLY M 122 27.34 11.70 -26.49
N ASN M 123 27.59 12.14 -27.71
CA ASN M 123 28.54 11.45 -28.57
C ASN M 123 29.59 12.33 -29.21
N VAL M 124 29.36 13.65 -29.36
CA VAL M 124 30.22 14.50 -30.17
C VAL M 124 31.62 14.73 -29.64
N PHE M 125 31.90 14.51 -28.37
CA PHE M 125 33.20 14.96 -27.90
C PHE M 125 34.27 13.92 -28.20
N GLY M 126 33.88 12.69 -28.46
CA GLY M 126 34.82 11.67 -28.86
C GLY M 126 35.14 11.67 -30.33
N PHE M 127 34.65 12.66 -31.07
CA PHE M 127 34.80 12.66 -32.52
C PHE M 127 36.21 13.06 -32.91
N LYS M 128 36.74 12.42 -33.95
CA LYS M 128 38.19 12.42 -34.16
C LYS M 128 38.66 13.59 -35.01
N ALA M 129 37.77 14.20 -35.79
CA ALA M 129 38.21 15.25 -36.69
C ALA M 129 38.39 16.58 -35.98
N LEU M 130 37.86 16.70 -34.76
CA LEU M 130 38.12 17.85 -33.92
C LEU M 130 39.07 17.45 -32.80
N ARG M 131 39.88 18.41 -32.35
CA ARG M 131 40.87 18.12 -31.33
C ARG M 131 40.32 18.38 -29.94
N ALA M 132 39.49 19.42 -29.81
CA ALA M 132 38.87 19.77 -28.54
C ALA M 132 37.52 20.39 -28.84
N LEU M 133 36.60 20.26 -27.90
CA LEU M 133 35.26 20.78 -28.11
C LEU M 133 34.70 21.33 -26.81
N ARG M 134 34.19 22.54 -26.82
CA ARG M 134 33.50 23.03 -25.64
C ARG M 134 32.12 23.51 -26.06
N LEU M 135 31.09 22.93 -25.46
CA LEU M 135 29.77 23.54 -25.49
C LEU M 135 29.76 24.76 -24.56
N GLU M 136 29.50 25.92 -25.12
CA GLU M 136 29.55 27.18 -24.39
C GLU M 136 28.20 27.60 -23.84
N ASP M 137 27.18 27.65 -24.67
CA ASP M 137 25.87 28.06 -24.24
C ASP M 137 24.85 27.15 -24.91
N LEU M 138 23.66 27.14 -24.36
CA LEU M 138 22.50 26.56 -25.01
C LEU M 138 21.45 27.64 -25.13
N ARG M 139 20.48 27.43 -25.99
CA ARG M 139 19.24 28.19 -25.95
C ARG M 139 18.16 27.18 -25.65
N ILE M 140 17.42 27.39 -24.58
CA ILE M 140 16.27 26.54 -24.34
C ILE M 140 15.06 27.33 -24.79
N PRO M 141 14.27 26.83 -25.72
CA PRO M 141 13.16 27.58 -26.22
C PRO M 141 11.99 27.51 -25.26
N PRO M 142 11.13 28.54 -25.24
CA PRO M 142 10.03 28.56 -24.26
C PRO M 142 9.01 27.47 -24.44
N ALA M 143 9.00 26.73 -25.55
CA ALA M 143 8.12 25.59 -25.66
C ALA M 143 8.64 24.37 -24.95
N TYR M 144 9.88 24.41 -24.51
CA TYR M 144 10.51 23.31 -23.83
C TYR M 144 10.90 23.68 -22.42
N VAL M 145 11.00 24.97 -22.12
CA VAL M 145 11.08 25.42 -20.74
C VAL M 145 9.81 25.07 -20.00
N LYS M 146 8.66 25.17 -20.67
CA LYS M 146 7.37 24.94 -20.04
C LYS M 146 7.09 23.49 -19.75
N THR M 147 7.81 22.57 -20.36
CA THR M 147 7.59 21.17 -20.04
C THR M 147 8.26 20.75 -18.76
N PHE M 148 9.05 21.60 -18.11
CA PHE M 148 9.73 21.16 -16.92
C PHE M 148 9.02 21.68 -15.68
N VAL M 149 9.15 20.93 -14.59
CA VAL M 149 8.64 21.40 -13.31
C VAL M 149 9.47 22.55 -12.80
N GLY M 150 10.78 22.41 -12.81
CA GLY M 150 11.64 23.50 -12.46
C GLY M 150 12.02 23.54 -11.00
N PRO M 151 12.48 24.70 -10.55
CA PRO M 151 12.81 24.86 -9.16
C PRO M 151 11.57 24.85 -8.30
N PRO M 152 11.62 24.17 -7.15
CA PRO M 152 10.44 24.06 -6.28
C PRO M 152 9.85 25.38 -5.81
N HIS M 153 10.67 26.34 -5.42
CA HIS M 153 10.12 27.59 -4.94
C HIS M 153 10.64 28.77 -5.72
N GLY M 154 11.93 28.87 -5.85
CA GLY M 154 12.52 30.04 -6.47
C GLY M 154 12.93 31.08 -5.47
N ILE M 155 13.47 32.18 -6.01
CA ILE M 155 14.00 33.26 -5.18
C ILE M 155 12.88 34.00 -4.46
N GLN M 156 11.77 34.25 -5.15
CA GLN M 156 10.74 35.10 -4.60
C GLN M 156 9.92 34.38 -3.54
N VAL M 157 9.75 33.07 -3.67
CA VAL M 157 8.90 32.35 -2.72
C VAL M 157 9.68 31.95 -1.48
N GLU M 158 10.92 31.50 -1.67
CA GLU M 158 11.83 31.23 -0.56
C GLU M 158 12.02 32.43 0.35
N ARG M 159 12.26 33.59 -0.24
CA ARG M 159 12.41 34.82 0.49
C ARG M 159 11.14 35.19 1.26
N ASP M 160 9.96 34.84 0.74
CA ASP M 160 8.71 35.06 1.47
C ASP M 160 8.58 34.10 2.64
N LYS M 161 9.09 32.88 2.47
CA LYS M 161 8.87 31.85 3.46
C LYS M 161 9.82 31.96 4.63
N LEU M 162 11.03 32.43 4.38
CA LEU M 162 12.02 32.66 5.41
C LEU M 162 11.89 34.04 6.04
N ASN M 163 11.06 34.91 5.46
CA ASN M 163 10.75 36.25 5.94
C ASN M 163 12.01 37.11 6.06
N LYS M 164 12.95 36.91 5.17
CA LYS M 164 14.18 37.67 5.15
C LYS M 164 14.17 38.52 3.90
N TYR M 165 14.22 39.83 4.05
CA TYR M 165 14.12 40.73 2.92
C TYR M 165 15.26 41.73 2.91
N GLY M 166 15.49 42.30 1.74
CA GLY M 166 16.32 43.48 1.60
C GLY M 166 17.79 43.31 1.86
N ARG M 167 18.29 42.08 2.00
CA ARG M 167 19.70 41.86 2.16
C ARG M 167 20.03 40.48 1.65
N GLY M 168 21.32 40.23 1.45
CA GLY M 168 21.75 38.90 1.08
C GLY M 168 21.58 37.92 2.21
N LEU M 169 21.38 36.64 1.88
CA LEU M 169 21.37 35.65 2.92
C LEU M 169 22.81 35.26 3.27
N LEU M 170 23.01 34.78 4.50
CA LEU M 170 24.35 34.43 4.98
C LEU M 170 24.43 32.97 5.35
N GLY M 171 25.62 32.40 5.17
CA GLY M 171 25.81 30.97 5.33
C GLY M 171 27.16 30.69 5.92
N CYS M 172 27.35 29.45 6.35
CA CYS M 172 28.61 28.96 6.87
C CYS M 172 28.65 27.45 6.73
N THR M 173 29.74 26.90 6.24
CA THR M 173 29.92 25.45 6.25
C THR M 173 30.44 25.12 7.65
N ILE M 174 30.09 24.00 8.21
CA ILE M 174 30.60 23.66 9.54
C ILE M 174 32.06 23.31 9.24
N LYS M 175 32.99 23.89 9.99
CA LYS M 175 34.40 23.74 9.59
C LYS M 175 35.13 22.44 9.44
N PRO M 176 34.99 21.51 10.40
CA PRO M 176 35.69 20.25 10.12
C PRO M 176 34.72 19.45 9.29
N LYS M 177 35.10 19.11 8.06
CA LYS M 177 34.20 18.37 7.20
C LYS M 177 33.83 16.99 7.77
N LEU M 178 34.82 16.23 8.27
CA LEU M 178 34.56 14.89 8.83
C LEU M 178 35.27 14.69 10.18
N GLY M 179 34.76 13.75 10.98
CA GLY M 179 35.28 13.49 12.30
C GLY M 179 34.49 13.95 13.50
N LEU M 180 33.52 14.84 13.32
CA LEU M 180 32.73 15.23 14.48
C LEU M 180 31.83 14.06 14.88
N SER M 181 31.33 14.10 16.11
CA SER M 181 30.17 13.32 16.42
C SER M 181 28.94 14.02 15.87
N ALA M 182 27.79 13.38 15.97
CA ALA M 182 26.60 14.08 15.52
C ALA M 182 26.20 15.17 16.50
N LYS M 183 26.37 14.90 17.80
CA LYS M 183 26.13 15.89 18.85
C LYS M 183 27.02 17.11 18.70
N ASN M 184 28.31 16.91 18.49
CA ASN M 184 29.22 18.04 18.33
C ASN M 184 29.07 18.73 16.99
N TYR M 185 28.37 18.09 16.05
CA TYR M 185 28.09 18.77 14.80
C TYR M 185 27.03 19.83 15.00
N GLY M 186 25.94 19.49 15.69
CA GLY M 186 24.87 20.44 15.92
C GLY M 186 25.26 21.54 16.88
N ARG M 187 26.18 21.26 17.79
CA ARG M 187 26.73 22.29 18.66
C ARG M 187 27.49 23.33 17.85
N ALA M 188 28.19 22.89 16.80
CA ALA M 188 28.77 23.86 15.87
C ALA M 188 27.68 24.51 15.02
N VAL M 189 26.59 23.79 14.76
CA VAL M 189 25.47 24.34 14.01
C VAL M 189 24.68 25.30 14.89
N TYR M 190 24.56 25.01 16.19
CA TYR M 190 23.82 25.87 17.11
C TYR M 190 24.50 27.22 17.28
N GLU M 191 25.81 27.26 17.53
CA GLU M 191 26.47 28.53 17.82
C GLU M 191 26.57 29.42 16.59
N CYS M 192 26.60 28.84 15.38
CA CYS M 192 26.67 29.66 14.18
C CYS M 192 25.35 30.32 13.86
N LEU M 193 24.25 29.56 13.89
CA LEU M 193 22.95 30.14 13.63
C LEU M 193 22.52 31.08 14.75
N ARG M 194 23.11 30.92 15.92
CA ARG M 194 22.76 31.73 17.07
C ARG M 194 23.25 33.17 16.91
N GLY M 195 24.43 33.34 16.34
CA GLY M 195 25.05 34.64 16.33
C GLY M 195 24.52 35.54 15.25
N GLY M 196 23.78 34.99 14.30
CA GLY M 196 23.17 35.85 13.32
C GLY M 196 23.05 35.31 11.93
N LEU M 197 23.63 34.15 11.66
CA LEU M 197 23.56 33.62 10.30
C LEU M 197 22.18 33.04 10.02
N ASP M 198 21.90 32.89 8.74
CA ASP M 198 20.60 32.40 8.28
C ASP M 198 20.61 30.93 7.95
N PHE M 199 21.77 30.38 7.65
CA PHE M 199 21.92 29.01 7.22
C PHE M 199 23.27 28.49 7.64
N THR M 200 23.32 27.22 7.96
CA THR M 200 24.54 26.48 8.07
C THR M 200 24.49 25.33 7.06
N LYS M 201 25.60 24.65 6.83
CA LYS M 201 25.73 23.80 5.65
C LYS M 201 26.51 22.54 5.98
N ASP M 202 25.97 21.40 5.58
CA ASP M 202 26.73 20.17 5.55
C ASP M 202 27.82 20.25 4.50
N ASP M 203 28.97 19.67 4.79
CA ASP M 203 29.94 19.38 3.75
C ASP M 203 29.33 18.41 2.75
N GLU M 204 29.71 18.57 1.49
CA GLU M 204 29.10 17.78 0.44
C GLU M 204 29.49 16.31 0.51
N ASN M 205 30.59 15.98 1.19
CA ASN M 205 30.95 14.60 1.43
C ASN M 205 30.55 14.11 2.82
N VAL M 206 29.87 14.94 3.60
CA VAL M 206 29.10 14.50 4.75
C VAL M 206 27.79 13.92 4.21
N ASN M 207 27.70 12.60 4.11
CA ASN M 207 26.43 11.97 3.78
C ASN M 207 25.96 11.06 4.90
N SER M 208 26.65 9.96 5.13
CA SER M 208 26.40 8.95 6.15
C SER M 208 27.69 8.15 6.20
N GLN M 209 28.45 8.30 7.26
CA GLN M 209 29.75 7.66 7.42
C GLN M 209 29.75 6.99 8.78
N PRO M 210 30.71 6.09 9.05
CA PRO M 210 30.73 5.43 10.36
C PRO M 210 30.86 6.34 11.58
N PHE M 211 31.39 7.56 11.44
CA PHE M 211 31.53 8.42 12.61
C PHE M 211 30.29 9.25 12.87
N MET M 212 29.53 9.56 11.83
CA MET M 212 28.32 10.35 11.99
C MET M 212 27.34 9.83 10.95
N ARG M 213 26.43 8.97 11.36
CA ARG M 213 25.39 8.51 10.46
C ARG M 213 24.45 9.65 10.17
N TRP M 214 23.67 9.49 9.09
CA TRP M 214 22.89 10.61 8.61
C TRP M 214 21.72 10.90 9.52
N ARG M 215 21.14 9.89 10.14
CA ARG M 215 19.89 10.14 10.86
C ARG M 215 20.16 10.66 12.26
N ASP M 216 21.32 10.31 12.83
CA ASP M 216 21.76 10.94 14.06
C ASP M 216 22.13 12.39 13.83
N ARG M 217 22.55 12.72 12.62
CA ARG M 217 22.86 14.10 12.30
C ARG M 217 21.61 14.94 12.14
N PHE M 218 20.53 14.38 11.59
CA PHE M 218 19.35 15.19 11.27
C PHE M 218 18.60 15.62 12.53
N LEU M 219 18.81 14.92 13.64
CA LEU M 219 18.12 15.27 14.88
C LEU M 219 18.86 16.35 15.65
N PHE M 220 20.17 16.20 15.77
CA PHE M 220 20.99 17.20 16.43
C PHE M 220 21.07 18.47 15.61
N VAL M 221 20.89 18.38 14.29
CA VAL M 221 20.73 19.59 13.52
C VAL M 221 19.37 20.23 13.83
N ALA M 222 18.30 19.44 13.85
CA ALA M 222 16.97 20.00 14.08
C ALA M 222 16.80 20.44 15.53
N GLU M 223 17.53 19.84 16.46
CA GLU M 223 17.55 20.37 17.81
C GLU M 223 18.32 21.69 17.85
N ALA M 224 19.33 21.83 17.00
CA ALA M 224 20.10 23.06 16.99
C ALA M 224 19.43 24.16 16.18
N ILE M 225 18.62 23.80 15.19
CA ILE M 225 17.89 24.82 14.43
C ILE M 225 16.75 25.38 15.26
N TYR M 226 15.96 24.51 15.88
CA TYR M 226 14.80 24.96 16.66
C TYR M 226 15.22 25.70 17.91
N LYS M 227 16.44 25.49 18.38
CA LYS M 227 16.93 26.20 19.55
C LYS M 227 17.51 27.55 19.17
N ALA M 228 18.23 27.63 18.04
CA ALA M 228 18.76 28.91 17.62
C ALA M 228 17.67 29.78 17.04
N GLN M 229 16.58 29.16 16.60
CA GLN M 229 15.42 29.89 16.13
C GLN M 229 14.64 30.52 17.26
N ALA M 230 14.42 29.77 18.34
CA ALA M 230 13.63 30.27 19.45
C ALA M 230 14.36 31.37 20.20
N GLU M 231 15.68 31.36 20.14
CA GLU M 231 16.47 32.37 20.82
C GLU M 231 16.51 33.67 20.04
N THR M 232 16.74 33.62 18.74
CA THR M 232 16.89 34.85 17.97
C THR M 232 15.53 35.36 17.51
N GLY M 233 14.53 34.50 17.43
CA GLY M 233 13.24 34.86 16.89
C GLY M 233 13.17 34.88 15.38
N GLU M 234 14.25 34.53 14.71
CA GLU M 234 14.36 34.50 13.26
C GLU M 234 14.31 33.06 12.78
N VAL M 235 13.97 32.89 11.52
CA VAL M 235 13.90 31.56 10.93
C VAL M 235 15.31 31.09 10.60
N LYS M 236 15.63 29.84 10.93
CA LYS M 236 16.98 29.31 10.73
C LYS M 236 16.89 28.01 9.95
N GLY M 237 17.97 27.66 9.27
CA GLY M 237 18.00 26.41 8.55
C GLY M 237 19.41 25.86 8.48
N HIS M 238 19.50 24.59 8.15
CA HIS M 238 20.74 23.92 7.84
C HIS M 238 20.48 23.03 6.65
N TYR M 239 21.34 23.11 5.63
CA TYR M 239 21.20 22.30 4.43
C TYR M 239 21.58 20.87 4.75
N LEU M 240 20.61 20.04 5.06
CA LEU M 240 20.87 18.65 5.42
C LEU M 240 21.10 17.85 4.16
N ASN M 241 22.26 17.20 4.06
CA ASN M 241 22.68 16.54 2.82
C ASN M 241 21.89 15.27 2.61
N ALA M 242 20.96 15.31 1.67
CA ALA M 242 20.16 14.16 1.29
C ALA M 242 20.74 13.42 0.11
N THR M 243 21.91 13.82 -0.40
CA THR M 243 22.64 13.03 -1.39
C THR M 243 22.95 11.65 -0.84
N ALA M 244 22.61 10.62 -1.60
CA ALA M 244 22.65 9.27 -1.07
C ALA M 244 23.05 8.30 -2.16
N GLY M 245 23.14 7.04 -1.77
CA GLY M 245 23.67 6.02 -2.65
C GLY M 245 22.70 5.51 -3.68
N THR M 246 21.42 5.45 -3.33
CA THR M 246 20.34 5.02 -4.20
C THR M 246 19.21 6.03 -4.10
N CYS M 247 18.28 6.00 -5.06
CA CYS M 247 17.13 6.90 -5.05
C CYS M 247 16.24 6.66 -3.84
N GLU M 248 16.31 5.47 -3.28
CA GLU M 248 15.48 5.08 -2.16
C GLU M 248 16.08 5.52 -0.83
N GLU M 249 17.40 5.46 -0.69
CA GLU M 249 18.07 6.13 0.42
C GLU M 249 17.81 7.62 0.38
N MET M 250 17.92 8.21 -0.80
CA MET M 250 17.78 9.65 -0.99
C MET M 250 16.39 10.14 -0.62
N MET M 251 15.37 9.37 -0.94
CA MET M 251 14.03 9.76 -0.56
C MET M 251 13.77 9.48 0.91
N LYS M 252 14.57 8.62 1.51
CA LYS M 252 14.41 8.29 2.91
C LYS M 252 15.00 9.37 3.80
N ARG M 253 16.10 9.98 3.37
CA ARG M 253 16.60 11.17 4.03
C ARG M 253 15.60 12.32 3.94
N ALA M 254 14.89 12.42 2.82
CA ALA M 254 14.09 13.60 2.53
C ALA M 254 12.75 13.54 3.25
N VAL M 255 12.22 12.35 3.45
CA VAL M 255 11.08 12.04 4.28
C VAL M 255 11.38 12.41 5.74
N SMC M 256 12.62 12.21 6.13
CA SMC M 256 13.08 12.53 7.45
CB SMC M 256 14.45 11.96 7.71
SG SMC M 256 15.03 12.23 9.34
CS SMC M 256 13.72 11.55 10.25
C SMC M 256 13.11 14.04 7.71
O SMC M 256 12.77 14.52 8.78
N ALA M 257 13.50 14.81 6.72
CA ALA M 257 13.47 16.25 6.81
C ALA M 257 12.06 16.82 6.70
N LYS M 258 11.19 16.14 5.95
CA LYS M 258 9.78 16.49 5.94
C LYS M 258 9.17 16.38 7.33
N GLU M 259 9.48 15.31 8.05
CA GLU M 259 8.83 14.94 9.28
C GLU M 259 9.43 15.59 10.52
N LEU M 260 10.66 16.05 10.44
CA LEU M 260 11.17 16.99 11.42
C LEU M 260 10.69 18.40 11.17
N GLY M 261 10.25 18.72 9.95
CA GLY M 261 9.74 20.02 9.62
C GLY M 261 10.79 21.06 9.39
N VAL M 262 12.04 20.63 9.19
CA VAL M 262 13.17 21.51 8.93
C VAL M 262 13.05 22.06 7.53
N PRO M 263 13.55 23.27 7.25
CA PRO M 263 13.20 23.95 5.99
C PRO M 263 13.89 23.45 4.73
N ILE M 264 15.15 23.04 4.75
CA ILE M 264 15.96 22.94 3.53
C ILE M 264 16.90 21.74 3.58
N ILE M 265 17.01 21.06 2.44
CA ILE M 265 17.97 19.99 2.22
C ILE M 265 18.87 20.37 1.06
N MET M 266 19.97 19.65 0.92
CA MET M 266 20.88 19.88 -0.19
C MET M 266 21.14 18.59 -0.96
N HIS M 267 21.60 18.78 -2.20
CA HIS M 267 21.81 17.68 -3.14
C HIS M 267 22.99 17.98 -4.03
N ASP M 268 23.96 17.07 -4.07
CA ASP M 268 25.02 17.08 -5.08
C ASP M 268 24.47 16.52 -6.40
N TYR M 269 24.33 17.37 -7.42
CA TYR M 269 23.58 16.94 -8.61
C TYR M 269 24.44 16.48 -9.77
N LEU M 270 25.72 16.83 -9.82
CA LEU M 270 26.58 16.31 -10.85
C LEU M 270 27.25 15.01 -10.44
N THR M 271 27.12 14.62 -9.19
CA THR M 271 27.57 13.31 -8.75
C THR M 271 26.43 12.39 -8.38
N GLY M 272 25.30 12.95 -7.97
CA GLY M 272 24.08 12.16 -7.86
C GLY M 272 23.38 11.98 -9.18
N GLY M 273 23.55 12.92 -10.11
CA GLY M 273 23.00 12.84 -11.44
C GLY M 273 21.72 13.63 -11.59
N PHE M 274 21.29 13.79 -12.84
CA PHE M 274 20.13 14.61 -13.09
C PHE M 274 18.83 13.87 -12.87
N THR M 275 18.84 12.55 -12.91
CA THR M 275 17.61 11.80 -12.68
C THR M 275 17.27 11.79 -11.19
N ALA M 276 18.27 11.63 -10.34
CA ALA M 276 18.07 11.74 -8.90
C ALA M 276 17.72 13.15 -8.48
N ASN M 277 18.34 14.16 -9.10
CA ASN M 277 18.05 15.55 -8.77
C ASN M 277 16.62 15.93 -9.12
N THR M 278 16.17 15.56 -10.32
CA THR M 278 14.83 15.92 -10.76
C THR M 278 13.78 15.18 -9.96
N SER M 279 14.11 14.00 -9.47
CA SER M 279 13.21 13.27 -8.60
C SER M 279 13.06 13.97 -7.27
N LEU M 280 14.18 14.38 -6.69
CA LEU M 280 14.17 15.09 -5.41
C LEU M 280 13.52 16.45 -5.53
N ALA M 281 13.77 17.16 -6.62
CA ALA M 281 13.21 18.48 -6.85
C ALA M 281 11.70 18.46 -7.01
N ILE M 282 11.14 17.35 -7.48
CA ILE M 282 9.69 17.22 -7.56
C ILE M 282 9.12 16.86 -6.20
N TYR M 283 9.87 16.09 -5.43
CA TYR M 283 9.46 15.80 -4.06
C TYR M 283 9.50 17.05 -3.20
N CYS M 284 10.48 17.91 -3.44
CA CYS M 284 10.61 19.15 -2.68
C CYS M 284 9.50 20.13 -3.00
N ARG M 285 9.05 20.19 -4.24
CA ARG M 285 7.86 20.95 -4.59
C ARG M 285 6.62 20.37 -3.95
N ASP M 286 6.48 19.06 -3.97
CA ASP M 286 5.27 18.41 -3.47
C ASP M 286 5.16 18.43 -1.95
N ASN M 287 6.21 18.83 -1.23
CA ASN M 287 6.13 18.88 0.23
C ASN M 287 6.73 20.13 0.81
N GLY M 288 6.99 21.16 0.02
CA GLY M 288 7.37 22.44 0.57
C GLY M 288 8.76 22.53 1.17
N LEU M 289 9.62 21.55 0.94
CA LEU M 289 11.02 21.69 1.33
C LEU M 289 11.76 22.54 0.30
N LEU M 290 12.77 23.25 0.76
CA LEU M 290 13.66 23.96 -0.14
C LEU M 290 14.82 23.04 -0.53
N LEU M 291 15.41 23.31 -1.69
CA LEU M 291 16.47 22.45 -2.25
C LEU M 291 17.70 23.27 -2.57
N HIS M 292 18.67 23.30 -1.65
CA HIS M 292 20.00 23.78 -1.95
C HIS M 292 20.69 22.83 -2.90
N ILE M 293 21.45 23.34 -3.86
CA ILE M 293 22.14 22.47 -4.80
C ILE M 293 23.61 22.80 -4.79
N HIS M 294 24.41 21.83 -4.37
CA HIS M 294 25.85 21.94 -4.44
C HIS M 294 26.36 21.40 -5.77
N ARG M 295 27.54 21.86 -6.19
CA ARG M 295 28.09 21.51 -7.49
C ARG M 295 29.43 20.77 -7.40
N ALA M 296 29.51 19.72 -6.59
CA ALA M 296 30.65 18.81 -6.64
C ALA M 296 30.82 18.24 -8.03
N MET M 297 32.08 18.13 -8.45
CA MET M 297 32.64 17.57 -9.71
C MET M 297 32.50 18.58 -10.85
N HIS M 298 32.27 19.86 -10.57
CA HIS M 298 32.02 20.80 -11.66
C HIS M 298 33.28 21.12 -12.44
N ALA M 299 34.43 21.12 -11.79
CA ALA M 299 35.67 21.51 -12.42
C ALA M 299 36.33 20.38 -13.18
N VAL M 300 35.85 19.15 -13.03
CA VAL M 300 36.19 18.11 -14.00
C VAL M 300 35.64 18.50 -15.37
N ILE M 301 34.46 19.12 -15.39
CA ILE M 301 33.72 19.39 -16.60
C ILE M 301 33.99 20.80 -17.14
N ASP M 302 34.05 21.82 -16.27
CA ASP M 302 33.96 23.20 -16.72
C ASP M 302 35.24 24.02 -16.65
N ARG M 303 36.35 23.46 -16.12
CA ARG M 303 37.51 24.31 -15.89
C ARG M 303 38.25 24.67 -17.18
N GLN M 304 38.56 23.68 -18.00
CA GLN M 304 39.43 23.91 -19.15
C GLN M 304 38.67 24.66 -20.23
N ARG M 305 39.38 25.58 -20.89
CA ARG M 305 38.72 26.50 -21.80
C ARG M 305 38.53 25.89 -23.17
N ASN M 306 39.45 25.04 -23.62
CA ASN M 306 39.29 24.49 -24.95
C ASN M 306 38.34 23.31 -25.01
N HIS M 307 37.97 22.71 -23.88
CA HIS M 307 37.28 21.43 -23.89
C HIS M 307 36.43 21.24 -22.64
N GLY M 308 35.14 20.97 -22.83
CA GLY M 308 34.29 20.55 -21.75
C GLY M 308 32.90 21.10 -21.92
N ILE M 309 32.20 21.26 -20.80
CA ILE M 309 30.92 21.94 -20.78
C ILE M 309 31.03 23.07 -19.77
N HIS M 310 30.89 24.30 -20.23
CA HIS M 310 30.99 25.48 -19.37
C HIS M 310 29.83 25.52 -18.39
N PHE M 311 30.08 26.16 -17.23
CA PHE M 311 29.14 26.12 -16.12
C PHE M 311 27.81 26.77 -16.44
N ARG M 312 27.76 27.71 -17.39
CA ARG M 312 26.50 28.37 -17.69
C ARG M 312 25.51 27.42 -18.37
N VAL M 313 26.00 26.40 -19.07
CA VAL M 313 25.12 25.34 -19.54
C VAL M 313 24.67 24.49 -18.36
N LEU M 314 25.59 24.18 -17.45
CA LEU M 314 25.26 23.34 -16.32
C LEU M 314 24.38 24.06 -15.32
N ALA M 315 24.37 25.39 -15.34
CA ALA M 315 23.52 26.20 -14.48
C ALA M 315 22.14 26.42 -15.09
N LYS M 316 22.06 26.52 -16.41
CA LYS M 316 20.75 26.49 -17.06
C LYS M 316 20.07 25.16 -16.82
N ALA M 317 20.83 24.07 -16.93
CA ALA M 317 20.27 22.73 -16.75
C ALA M 317 19.88 22.44 -15.33
N LEU M 318 20.54 23.05 -14.36
CA LEU M 318 20.11 22.90 -12.98
C LEU M 318 18.77 23.57 -12.77
N ARG M 319 18.58 24.74 -13.38
CA ARG M 319 17.33 25.47 -13.22
C ARG M 319 16.17 24.69 -13.82
N MET M 320 16.39 24.07 -14.97
CA MET M 320 15.35 23.28 -15.61
C MET M 320 15.04 22.04 -14.81
N SER M 321 16.07 21.40 -14.28
CA SER M 321 15.88 20.26 -13.38
C SER M 321 15.28 20.72 -12.06
N GLY M 322 15.74 21.83 -11.53
CA GLY M 322 15.24 22.30 -10.28
C GLY M 322 16.30 22.39 -9.20
N GLY M 323 16.24 23.46 -8.46
CA GLY M 323 17.03 23.66 -7.28
C GLY M 323 16.75 25.07 -6.83
N ASP M 324 16.78 25.33 -5.55
CA ASP M 324 16.46 26.65 -5.05
C ASP M 324 17.68 27.53 -4.86
N HIS M 325 18.81 26.92 -4.55
CA HIS M 325 20.10 27.59 -4.41
C HIS M 325 21.11 26.85 -5.28
N LEU M 326 22.16 27.54 -5.69
CA LEU M 326 23.22 26.90 -6.46
C LEU M 326 24.51 27.65 -6.22
N HIS M 327 25.55 26.92 -5.81
CA HIS M 327 26.90 27.45 -5.73
C HIS M 327 27.34 28.01 -7.07
N SER M 328 27.52 29.31 -7.13
CA SER M 328 27.96 29.96 -8.34
C SER M 328 29.44 30.27 -8.32
N GLY M 329 30.08 30.18 -7.16
CA GLY M 329 31.51 30.37 -7.06
C GLY M 329 31.91 31.66 -6.40
N THR M 330 33.22 31.92 -6.34
CA THR M 330 33.74 33.17 -5.82
C THR M 330 33.89 34.16 -6.96
N VAL M 331 33.74 35.44 -6.64
CA VAL M 331 34.13 36.50 -7.55
C VAL M 331 35.30 37.30 -7.00
N VAL M 332 35.47 37.34 -5.68
CA VAL M 332 36.60 38.03 -5.08
C VAL M 332 37.88 37.25 -5.33
N GLY M 333 38.99 37.98 -5.48
CA GLY M 333 40.26 37.37 -5.81
C GLY M 333 40.41 37.01 -7.27
N LYS M 334 39.67 37.66 -8.16
CA LYS M 334 39.66 37.31 -9.57
C LYS M 334 39.73 38.57 -10.43
N LEU M 335 40.21 38.40 -11.65
CA LEU M 335 40.26 39.51 -12.60
C LEU M 335 38.87 39.84 -13.10
N GLU M 336 38.74 41.02 -13.72
CA GLU M 336 37.45 41.44 -14.25
C GLU M 336 37.28 41.04 -15.72
N GLY M 337 37.59 39.78 -16.01
CA GLY M 337 37.20 39.15 -17.25
C GLY M 337 36.47 37.87 -16.88
N GLU M 338 36.81 37.33 -15.71
CA GLU M 338 36.01 36.29 -15.10
C GLU M 338 34.89 36.87 -14.26
N ARG M 339 34.99 38.15 -13.91
CA ARG M 339 33.91 38.80 -13.18
C ARG M 339 32.71 39.04 -14.09
N GLU M 340 32.96 39.42 -15.35
CA GLU M 340 31.86 39.64 -16.28
C GLU M 340 31.22 38.33 -16.72
N VAL M 341 32.02 37.26 -16.79
CA VAL M 341 31.46 35.96 -17.08
C VAL M 341 30.63 35.45 -15.92
N THR M 342 31.08 35.69 -14.69
CA THR M 342 30.33 35.24 -13.52
C THR M 342 29.03 36.02 -13.36
N LEU M 343 29.04 37.30 -13.73
CA LEU M 343 27.79 38.06 -13.74
C LEU M 343 26.87 37.62 -14.86
N GLY M 344 27.38 36.91 -15.85
CA GLY M 344 26.55 36.42 -16.93
C GLY M 344 25.76 35.18 -16.55
N PHE M 345 26.41 34.18 -15.96
CA PHE M 345 25.63 33.01 -15.60
C PHE M 345 24.83 33.20 -14.32
N VAL M 346 25.05 34.27 -13.56
CA VAL M 346 24.15 34.56 -12.44
C VAL M 346 22.86 35.17 -12.96
N ASP M 347 22.92 35.93 -14.06
CA ASP M 347 21.70 36.44 -14.66
C ASP M 347 20.89 35.34 -15.34
N LEU M 348 21.55 34.30 -15.84
CA LEU M 348 20.82 33.17 -16.38
C LEU M 348 20.08 32.42 -15.29
N MET M 349 20.62 32.43 -14.07
CA MET M 349 19.98 31.79 -12.92
C MET M 349 18.82 32.59 -12.37
N ARG M 350 18.96 33.91 -12.30
CA ARG M 350 18.00 34.72 -11.54
C ARG M 350 16.93 35.35 -12.40
N ASP M 351 17.25 35.72 -13.62
CA ASP M 351 16.37 36.58 -14.39
C ASP M 351 15.36 35.76 -15.19
N ASP M 352 14.40 36.48 -15.74
CA ASP M 352 13.36 35.90 -16.56
C ASP M 352 13.71 36.01 -18.03
N TYR M 353 14.37 37.10 -18.43
CA TYR M 353 14.70 37.33 -19.84
C TYR M 353 16.09 37.92 -19.90
N VAL M 354 17.00 37.18 -20.53
CA VAL M 354 18.41 37.55 -20.59
C VAL M 354 18.75 37.78 -22.04
N GLU M 355 19.12 39.02 -22.37
CA GLU M 355 19.52 39.40 -23.72
C GLU M 355 20.83 38.72 -24.12
N LYS M 356 21.09 38.72 -25.41
CA LYS M 356 22.36 38.26 -25.94
C LYS M 356 23.45 39.28 -25.63
N ASP M 357 24.57 38.79 -25.08
CA ASP M 357 25.65 39.66 -24.64
C ASP M 357 26.93 38.84 -24.73
N ARG M 358 27.73 39.09 -25.76
CA ARG M 358 28.95 38.30 -25.96
C ARG M 358 30.03 38.66 -24.94
N SER M 359 29.95 39.85 -24.34
CA SER M 359 30.95 40.25 -23.37
C SER M 359 30.82 39.50 -22.05
N ARG M 360 29.60 39.10 -21.70
CA ARG M 360 29.37 38.28 -20.51
C ARG M 360 29.28 36.80 -20.83
N GLY M 361 29.59 36.39 -22.05
CA GLY M 361 29.57 35.00 -22.43
C GLY M 361 28.20 34.46 -22.76
N ILE M 362 27.20 35.30 -22.89
CA ILE M 362 25.84 34.89 -23.17
C ILE M 362 25.69 34.86 -24.69
N TYR M 363 25.53 33.67 -25.27
CA TYR M 363 25.58 33.60 -26.72
C TYR M 363 24.21 33.58 -27.36
N PHE M 364 23.14 33.46 -26.58
CA PHE M 364 21.81 33.44 -27.14
C PHE M 364 20.94 34.34 -26.30
N THR M 365 19.66 34.42 -26.64
CA THR M 365 18.69 35.12 -25.81
C THR M 365 17.84 34.09 -25.09
N GLN M 366 17.72 34.25 -23.78
CA GLN M 366 17.04 33.25 -22.97
C GLN M 366 15.79 33.82 -22.34
N ASP M 367 14.63 33.47 -22.87
CA ASP M 367 13.36 33.68 -22.21
C ASP M 367 13.13 32.51 -21.25
N TRP M 368 12.95 32.80 -19.98
CA TRP M 368 12.70 31.76 -18.99
C TRP M 368 11.23 31.53 -18.71
N CYS M 369 10.35 32.36 -19.27
CA CYS M 369 8.92 32.09 -19.42
C CYS M 369 8.24 31.83 -18.08
N SER M 370 8.62 32.65 -17.09
CA SER M 370 8.16 32.65 -15.70
C SER M 370 8.57 31.42 -14.92
N MET M 371 9.61 30.71 -15.32
CA MET M 371 10.24 29.73 -14.45
C MET M 371 10.98 30.49 -13.34
N PRO M 372 10.87 30.06 -12.08
CA PRO M 372 11.43 30.82 -10.96
C PRO M 372 12.95 30.85 -10.96
N GLY M 373 13.48 31.88 -10.32
CA GLY M 373 14.91 32.06 -10.27
C GLY M 373 15.59 31.13 -9.30
N VAL M 374 16.90 31.00 -9.45
CA VAL M 374 17.71 30.23 -8.52
C VAL M 374 18.61 31.22 -7.82
N MET M 375 18.68 31.13 -6.52
CA MET M 375 19.52 32.03 -5.76
C MET M 375 20.97 31.56 -5.82
N PRO M 376 21.89 32.38 -6.32
CA PRO M 376 23.29 31.95 -6.34
C PRO M 376 23.92 31.99 -4.96
N VAL M 377 24.71 30.98 -4.66
CA VAL M 377 25.47 30.94 -3.44
C VAL M 377 26.92 31.26 -3.76
N ALA M 378 27.45 32.31 -3.15
CA ALA M 378 28.77 32.81 -3.43
C ALA M 378 29.66 32.57 -2.23
N SER M 379 30.74 31.83 -2.42
CA SER M 379 31.71 31.56 -1.37
C SER M 379 32.50 32.82 -1.07
N GLY M 380 32.18 33.48 0.05
CA GLY M 380 32.88 34.67 0.43
C GLY M 380 34.30 34.39 0.87
N GLY M 381 35.07 35.45 1.00
CA GLY M 381 36.47 35.31 1.32
C GLY M 381 36.71 34.88 2.76
N ILE M 382 37.99 34.90 3.13
CA ILE M 382 38.41 34.47 4.46
C ILE M 382 37.94 35.47 5.51
N HIS M 383 37.87 36.75 5.16
CA HIS M 383 37.57 37.81 6.10
C HIS M 383 36.32 38.59 5.69
N VAL M 384 36.01 39.63 6.47
CA VAL M 384 34.82 40.44 6.26
C VAL M 384 35.04 41.59 5.30
N TRP M 385 36.27 41.82 4.87
CA TRP M 385 36.55 42.94 3.98
C TRP M 385 36.14 42.69 2.53
N HIS M 386 35.76 41.46 2.20
CA HIS M 386 35.21 41.20 0.87
C HIS M 386 33.72 41.46 0.80
N MET M 387 33.10 41.80 1.92
CA MET M 387 31.66 42.06 1.94
C MET M 387 31.22 43.28 1.13
N PRO M 388 31.94 44.43 1.10
CA PRO M 388 31.53 45.48 0.14
C PRO M 388 31.70 45.08 -1.31
N ALA M 389 32.59 44.14 -1.61
CA ALA M 389 32.70 43.66 -2.98
C ALA M 389 31.50 42.81 -3.35
N LEU M 390 31.02 41.97 -2.43
CA LEU M 390 29.98 41.01 -2.76
C LEU M 390 28.60 41.63 -2.81
N VAL M 391 28.36 42.69 -2.02
CA VAL M 391 27.07 43.36 -2.07
C VAL M 391 26.92 44.14 -3.37
N GLU M 392 28.02 44.72 -3.86
CA GLU M 392 27.96 45.48 -5.10
C GLU M 392 27.86 44.57 -6.32
N ILE M 393 28.55 43.43 -6.30
CA ILE M 393 28.50 42.48 -7.40
C ILE M 393 27.16 41.76 -7.46
N PHE M 394 26.68 41.27 -6.32
CA PHE M 394 25.50 40.42 -6.29
C PHE M 394 24.21 41.12 -5.91
N GLY M 395 24.25 42.18 -5.12
CA GLY M 395 23.01 42.77 -4.64
C GLY M 395 22.41 41.90 -3.56
N ASP M 396 21.09 41.88 -3.50
CA ASP M 396 20.38 41.17 -2.46
C ASP M 396 20.16 39.70 -2.76
N ASP M 397 19.84 39.33 -3.99
CA ASP M 397 19.47 37.95 -4.29
C ASP M 397 20.72 37.11 -4.47
N ALA M 398 21.31 36.75 -3.33
CA ALA M 398 22.48 35.89 -3.26
C ALA M 398 22.60 35.39 -1.84
N CYS M 399 23.02 34.15 -1.69
CA CYS M 399 23.53 33.67 -0.43
C CYS M 399 25.05 33.84 -0.45
N LEU M 400 25.61 34.10 0.72
CA LEU M 400 27.04 34.36 0.86
C LEU M 400 27.56 33.43 1.93
N GLN M 401 28.63 32.69 1.62
CA GLN M 401 29.11 31.73 2.59
C GLN M 401 30.52 32.00 3.05
N PHE M 402 30.71 31.83 4.34
CA PHE M 402 31.95 32.12 5.05
C PHE M 402 32.24 30.86 5.86
N GLY M 403 32.88 29.88 5.21
CA GLY M 403 33.17 28.63 5.91
C GLY M 403 34.27 28.80 6.94
N GLY M 404 35.22 29.68 6.66
CA GLY M 404 36.29 29.97 7.60
C GLY M 404 36.23 31.39 8.13
N GLY M 405 35.13 32.08 7.87
CA GLY M 405 34.95 33.42 8.37
C GLY M 405 34.31 33.43 9.74
N THR M 406 33.37 32.51 9.95
CA THR M 406 32.73 32.40 11.25
C THR M 406 33.55 31.53 12.19
N LEU M 407 34.15 30.44 11.67
CA LEU M 407 34.92 29.55 12.50
C LEU M 407 36.26 30.15 12.94
N GLY M 408 36.87 31.00 12.11
CA GLY M 408 38.17 31.57 12.39
C GLY M 408 38.18 32.83 13.21
N HIS M 409 37.07 33.20 13.81
CA HIS M 409 37.03 34.35 14.69
C HIS M 409 37.72 34.02 16.00
N PRO M 410 38.47 34.95 16.59
CA PRO M 410 39.17 34.64 17.85
C PRO M 410 38.26 34.46 19.05
N TRP M 411 36.99 34.80 18.98
CA TRP M 411 36.06 34.62 20.09
C TRP M 411 35.16 33.42 19.92
N GLY M 412 34.99 32.91 18.70
CA GLY M 412 34.22 31.70 18.53
C GLY M 412 33.28 31.70 17.36
N ASN M 413 32.19 30.95 17.46
CA ASN M 413 31.23 30.90 16.36
C ASN M 413 30.14 31.95 16.50
N ALA M 414 29.63 32.19 17.69
CA ALA M 414 28.56 33.17 17.78
C ALA M 414 29.02 34.63 17.66
N PRO M 415 30.18 35.06 18.19
CA PRO M 415 30.65 36.38 17.80
C PRO M 415 31.10 36.46 16.36
N GLY M 416 31.61 35.37 15.79
CA GLY M 416 32.03 35.40 14.40
C GLY M 416 30.86 35.49 13.44
N ALA M 417 29.75 34.85 13.79
CA ALA M 417 28.54 34.94 12.99
C ALA M 417 27.89 36.30 13.10
N ALA M 418 28.07 36.97 14.24
CA ALA M 418 27.57 38.33 14.37
C ALA M 418 28.39 39.30 13.55
N ALA M 419 29.71 39.07 13.49
CA ALA M 419 30.62 39.98 12.80
C ALA M 419 30.35 40.04 11.31
N ASN M 420 29.96 38.90 10.72
CA ASN M 420 29.53 38.92 9.33
C ASN M 420 28.17 39.60 9.18
N ARG M 421 27.24 39.26 10.05
CA ARG M 421 25.89 39.81 10.00
C ARG M 421 25.88 41.31 10.25
N VAL M 422 26.76 41.80 11.10
CA VAL M 422 26.91 43.24 11.29
C VAL M 422 27.52 43.88 10.05
N ALA M 423 28.55 43.25 9.48
CA ALA M 423 29.22 43.79 8.29
C ALA M 423 28.32 43.72 7.06
N LEU M 424 27.50 42.68 6.96
CA LEU M 424 26.55 42.57 5.86
C LEU M 424 25.51 43.66 5.91
N GLU M 425 24.92 43.88 7.08
CA GLU M 425 23.86 44.89 7.19
C GLU M 425 24.42 46.30 7.17
N ALA M 426 25.68 46.48 7.55
CA ALA M 426 26.29 47.80 7.44
C ALA M 426 26.55 48.16 5.98
N CYS M 427 27.02 47.20 5.19
CA CYS M 427 27.29 47.46 3.78
C CYS M 427 26.00 47.60 3.00
N THR M 428 24.95 46.88 3.40
CA THR M 428 23.65 47.02 2.76
C THR M 428 23.09 48.42 3.01
N GLN M 429 23.28 48.95 4.21
CA GLN M 429 22.72 50.25 4.53
C GLN M 429 23.45 51.35 3.78
N ALA M 430 24.77 51.22 3.64
CA ALA M 430 25.56 52.19 2.89
C ALA M 430 25.22 52.18 1.41
N ARG M 431 24.73 51.04 0.89
CA ARG M 431 24.24 51.02 -0.48
C ARG M 431 22.94 51.81 -0.61
N ASN M 432 22.01 51.61 0.31
CA ASN M 432 20.72 52.29 0.19
C ASN M 432 20.85 53.78 0.45
N GLU M 433 21.80 54.17 1.29
CA GLU M 433 22.10 55.58 1.51
C GLU M 433 22.82 56.21 0.33
N GLY M 434 23.34 55.41 -0.59
CA GLY M 434 23.88 55.90 -1.84
C GLY M 434 25.38 55.81 -1.98
N ARG M 435 26.08 55.26 -0.99
CA ARG M 435 27.53 55.30 -0.99
C ARG M 435 28.12 54.26 -1.94
N ASP M 436 29.23 54.60 -2.56
CA ASP M 436 29.91 53.70 -3.50
C ASP M 436 30.73 52.69 -2.70
N LEU M 437 30.31 51.43 -2.71
CA LEU M 437 31.02 50.39 -1.98
C LEU M 437 32.30 49.94 -2.69
N ALA M 438 32.52 50.34 -3.94
CA ALA M 438 33.80 50.05 -4.57
C ALA M 438 34.90 50.95 -4.02
N ARG M 439 34.54 52.13 -3.51
CA ARG M 439 35.50 53.09 -2.99
C ARG M 439 35.36 53.27 -1.48
N GLU M 440 34.17 53.57 -1.00
CA GLU M 440 33.94 53.86 0.40
C GLU M 440 33.66 52.63 1.23
N GLY M 441 33.89 51.44 0.70
CA GLY M 441 33.53 50.22 1.41
C GLY M 441 34.42 49.92 2.59
N GLY M 442 35.65 50.42 2.58
CA GLY M 442 36.50 50.30 3.75
C GLY M 442 36.09 51.24 4.86
N ASP M 443 35.59 52.42 4.51
CA ASP M 443 35.16 53.40 5.51
C ASP M 443 33.82 53.05 6.12
N VAL M 444 33.08 52.12 5.53
CA VAL M 444 31.82 51.65 6.09
C VAL M 444 32.05 50.51 7.08
N ILE M 445 32.99 49.62 6.78
CA ILE M 445 33.38 48.59 7.73
C ILE M 445 34.00 49.21 8.97
N ARG M 446 34.87 50.19 8.78
CA ARG M 446 35.53 50.86 9.90
C ARG M 446 34.57 51.72 10.72
N SER M 447 33.46 52.16 10.14
CA SER M 447 32.46 52.86 10.95
C SER M 447 31.66 51.89 11.81
N ALA M 448 31.68 50.60 11.46
CA ALA M 448 31.00 49.58 12.23
C ALA M 448 31.93 48.80 13.13
N CYS M 449 33.25 48.94 12.97
CA CYS M 449 34.19 48.41 13.96
C CYS M 449 34.08 49.20 15.26
N LYS M 450 33.55 50.43 15.20
CA LYS M 450 33.50 51.29 16.36
C LYS M 450 32.46 50.83 17.37
N TRP M 451 31.19 50.78 16.96
CA TRP M 451 30.12 50.50 17.92
C TRP M 451 29.92 49.00 18.17
N SER M 452 30.55 48.13 17.40
CA SER M 452 30.36 46.69 17.57
C SER M 452 31.69 46.06 17.96
N PRO M 453 31.78 45.40 19.12
CA PRO M 453 33.05 44.79 19.52
C PRO M 453 33.37 43.52 18.77
N GLU M 454 32.34 42.83 18.28
CA GLU M 454 32.52 41.54 17.62
C GLU M 454 33.19 41.74 16.26
N LEU M 455 32.71 42.73 15.50
CA LEU M 455 33.33 43.03 14.22
C LEU M 455 34.73 43.60 14.41
N ALA M 456 34.94 44.37 15.48
CA ALA M 456 36.27 44.97 15.73
C ALA M 456 37.31 43.91 16.04
N ALA M 457 36.91 42.82 16.69
CA ALA M 457 37.83 41.71 16.90
C ALA M 457 38.15 41.00 15.59
N ALA M 458 37.25 41.08 14.61
CA ALA M 458 37.56 40.59 13.28
C ALA M 458 38.18 41.68 12.41
N CYS M 459 37.94 42.96 12.73
CA CYS M 459 38.68 44.04 12.07
C CYS M 459 40.15 43.98 12.45
N GLU M 460 40.45 43.52 13.67
CA GLU M 460 41.82 43.49 14.17
C GLU M 460 42.65 42.41 13.50
N VAL M 461 42.04 41.30 13.08
CA VAL M 461 42.78 40.27 12.36
C VAL M 461 43.02 40.71 10.92
N MET N 46 -32.40 -15.97 -47.48
CA MET N 46 -31.70 -15.53 -46.28
C MET N 46 -30.54 -16.48 -46.01
N MET N 47 -29.32 -15.97 -46.11
CA MET N 47 -28.17 -16.83 -45.98
C MET N 47 -27.51 -16.66 -44.62
N VAL N 48 -26.48 -17.48 -44.38
CA VAL N 48 -25.72 -17.48 -43.16
C VAL N 48 -24.25 -17.29 -43.51
N TRP N 49 -23.63 -16.27 -42.93
CA TRP N 49 -22.22 -16.03 -43.14
C TRP N 49 -21.43 -17.13 -42.43
N THR N 50 -20.40 -17.64 -43.11
CA THR N 50 -19.94 -18.88 -42.52
C THR N 50 -18.85 -18.66 -41.47
N PRO N 51 -18.86 -19.43 -40.39
CA PRO N 51 -17.82 -19.32 -39.38
C PRO N 51 -16.65 -20.28 -39.57
N VAL N 52 -16.77 -21.22 -40.49
CA VAL N 52 -15.85 -22.34 -40.60
C VAL N 52 -14.90 -22.06 -41.75
N ASN N 53 -13.60 -22.00 -41.43
CA ASN N 53 -12.52 -21.78 -42.40
C ASN N 53 -12.72 -20.52 -43.23
N ASN N 54 -12.89 -19.40 -42.54
CA ASN N 54 -13.23 -18.15 -43.19
C ASN N 54 -12.28 -17.04 -42.74
N LYS N 55 -11.01 -17.34 -42.60
CA LYS N 55 -10.09 -16.33 -42.13
C LYS N 55 -9.94 -15.23 -43.14
N MET N 56 -9.69 -14.03 -42.66
CA MET N 56 -9.57 -12.87 -43.51
C MET N 56 -8.33 -12.09 -43.15
N PHE N 57 -7.91 -11.27 -44.07
CA PHE N 57 -6.78 -10.35 -43.91
C PHE N 57 -7.44 -8.99 -44.02
N GLU N 58 -6.93 -8.02 -43.29
CA GLU N 58 -7.67 -6.79 -43.18
C GLU N 58 -8.05 -6.00 -44.41
N THR N 59 -7.16 -5.72 -45.35
CA THR N 59 -7.61 -4.90 -46.47
C THR N 59 -7.76 -5.70 -47.74
N PHE N 60 -8.89 -5.48 -48.40
CA PHE N 60 -9.29 -6.12 -49.64
C PHE N 60 -9.48 -7.62 -49.56
N SER N 61 -9.86 -8.12 -48.39
CA SER N 61 -10.11 -9.55 -48.23
C SER N 61 -11.57 -9.92 -48.38
N TYR N 62 -12.46 -8.97 -48.23
CA TYR N 62 -13.89 -9.17 -48.45
C TYR N 62 -14.25 -8.95 -49.90
N LEU N 63 -13.25 -8.76 -50.75
CA LEU N 63 -13.32 -8.64 -52.19
C LEU N 63 -12.82 -9.96 -52.79
N PRO N 64 -13.16 -10.28 -54.04
CA PRO N 64 -12.55 -11.44 -54.68
C PRO N 64 -11.09 -11.18 -54.96
N PRO N 65 -10.25 -12.25 -55.12
CA PRO N 65 -8.79 -12.08 -55.21
C PRO N 65 -8.33 -11.19 -56.35
N LEU N 66 -7.36 -10.32 -56.07
CA LEU N 66 -7.02 -9.26 -57.01
C LEU N 66 -6.27 -9.84 -58.20
N SER N 67 -6.67 -9.42 -59.40
CA SER N 67 -5.97 -9.81 -60.60
C SER N 67 -4.65 -9.05 -60.70
N ASP N 68 -3.83 -9.43 -61.68
CA ASP N 68 -2.55 -8.76 -61.86
C ASP N 68 -2.74 -7.34 -62.37
N GLU N 69 -3.86 -7.06 -63.02
CA GLU N 69 -4.16 -5.70 -63.43
C GLU N 69 -4.69 -4.87 -62.26
N GLN N 70 -5.36 -5.51 -61.31
CA GLN N 70 -5.83 -4.80 -60.13
C GLN N 70 -4.71 -4.58 -59.13
N ILE N 71 -3.74 -5.50 -59.07
CA ILE N 71 -2.55 -5.25 -58.25
C ILE N 71 -1.70 -4.16 -58.88
N ALA N 72 -1.63 -4.13 -60.21
CA ALA N 72 -0.90 -3.06 -60.88
C ALA N 72 -1.62 -1.72 -60.75
N ALA N 73 -2.94 -1.73 -60.57
CA ALA N 73 -3.66 -0.49 -60.37
C ALA N 73 -3.42 0.09 -58.98
N GLN N 74 -3.12 -0.77 -58.00
CA GLN N 74 -2.86 -0.28 -56.65
C GLN N 74 -1.43 0.23 -56.54
N VAL N 75 -0.49 -0.40 -57.24
CA VAL N 75 0.90 0.06 -57.23
C VAL N 75 1.03 1.39 -57.97
N ASP N 76 0.19 1.62 -58.98
CA ASP N 76 0.12 2.94 -59.62
C ASP N 76 -0.33 4.00 -58.62
N TYR N 77 -1.25 3.65 -57.73
CA TYR N 77 -1.63 4.53 -56.63
C TYR N 77 -0.51 4.67 -55.60
N ILE N 78 0.30 3.64 -55.40
CA ILE N 78 1.43 3.73 -54.49
C ILE N 78 2.55 4.59 -55.08
N VAL N 79 2.70 4.60 -56.40
CA VAL N 79 3.79 5.35 -57.03
C VAL N 79 3.36 6.79 -57.39
N ALA N 80 2.06 7.03 -57.59
CA ALA N 80 1.56 8.36 -57.93
C ALA N 80 1.85 9.38 -56.84
N ASN N 81 1.90 8.95 -55.60
CA ASN N 81 2.50 9.70 -54.51
C ASN N 81 3.77 9.00 -54.07
N GLY N 82 4.51 9.61 -53.16
CA GLY N 82 5.85 9.11 -52.91
C GLY N 82 5.95 7.94 -51.95
N TRP N 83 5.21 6.87 -52.20
CA TRP N 83 5.19 5.73 -51.30
C TRP N 83 6.07 4.63 -51.86
N ILE N 84 6.44 3.71 -50.99
CA ILE N 84 7.48 2.74 -51.30
C ILE N 84 6.89 1.34 -51.11
N PRO N 85 6.68 0.58 -52.17
CA PRO N 85 6.04 -0.73 -52.03
C PRO N 85 7.03 -1.76 -51.52
N CYS N 86 6.51 -2.76 -50.82
CA CYS N 86 7.36 -3.76 -50.20
C CYS N 86 6.51 -4.99 -49.97
N LEU N 87 7.07 -6.18 -50.17
CA LEU N 87 6.29 -7.40 -49.99
C LEU N 87 6.60 -8.05 -48.66
N GLU N 88 5.64 -8.82 -48.15
CA GLU N 88 5.83 -9.60 -46.94
C GLU N 88 5.27 -10.98 -47.14
N PHE N 89 5.61 -11.88 -46.24
CA PHE N 89 5.08 -13.23 -46.32
C PHE N 89 5.09 -13.89 -44.96
N ALA N 90 4.18 -14.84 -44.80
CA ALA N 90 4.07 -15.66 -43.61
C ALA N 90 3.53 -17.02 -44.00
N GLU N 91 3.90 -18.03 -43.23
CA GLU N 91 3.33 -19.36 -43.37
C GLU N 91 1.93 -19.41 -42.79
N SER N 92 1.34 -20.61 -42.78
CA SER N 92 -0.02 -20.76 -42.32
C SER N 92 -0.16 -20.57 -40.82
N ASP N 93 0.90 -20.80 -40.07
CA ASP N 93 0.90 -20.65 -38.63
C ASP N 93 1.41 -19.28 -38.15
N LYS N 94 1.92 -18.44 -39.05
CA LYS N 94 2.39 -17.12 -38.65
C LYS N 94 1.61 -16.04 -39.39
N ALA N 95 0.46 -16.40 -39.96
CA ALA N 95 -0.29 -15.49 -40.82
C ALA N 95 -1.27 -14.63 -40.04
N TYR N 96 -2.15 -15.26 -39.28
CA TYR N 96 -3.16 -14.53 -38.55
C TYR N 96 -2.85 -14.51 -37.06
N VAL N 97 -3.65 -13.75 -36.34
CA VAL N 97 -3.31 -13.23 -35.02
C VAL N 97 -3.35 -14.33 -33.96
N SER N 98 -2.50 -14.21 -32.93
CA SER N 98 -2.45 -15.20 -31.87
C SER N 98 -2.00 -14.57 -30.57
N ASN N 99 -2.13 -15.32 -29.48
CA ASN N 99 -1.92 -14.81 -28.13
C ASN N 99 -0.74 -15.46 -27.44
N GLU N 100 0.01 -16.30 -28.13
CA GLU N 100 0.82 -17.32 -27.49
C GLU N 100 2.01 -16.79 -26.71
N SER N 101 2.44 -15.56 -26.94
CA SER N 101 3.55 -15.04 -26.14
C SER N 101 3.10 -14.46 -24.82
N ALA N 102 1.80 -14.29 -24.62
CA ALA N 102 1.23 -13.74 -23.39
C ALA N 102 1.26 -14.72 -22.24
N ILE N 103 1.74 -15.94 -22.46
CA ILE N 103 2.04 -16.84 -21.37
C ILE N 103 3.21 -16.31 -20.53
N ARG N 104 4.03 -15.44 -21.08
CA ARG N 104 5.15 -14.85 -20.36
C ARG N 104 4.81 -13.52 -19.71
N PHE N 105 3.56 -13.10 -19.73
CA PHE N 105 3.27 -11.73 -19.32
C PHE N 105 2.70 -11.67 -17.91
N GLY N 106 2.77 -10.47 -17.35
CA GLY N 106 1.87 -10.02 -16.30
C GLY N 106 0.62 -9.46 -16.95
N SER N 107 0.08 -8.36 -16.46
CA SER N 107 -1.15 -7.86 -17.07
C SER N 107 -0.88 -6.75 -18.08
N VAL N 108 0.01 -7.02 -19.02
CA VAL N 108 0.45 -6.04 -20.01
C VAL N 108 -0.02 -6.45 -21.39
N SER N 109 -1.12 -7.18 -21.45
CA SER N 109 -1.55 -7.85 -22.66
C SER N 109 -2.42 -7.00 -23.58
N CYS N 110 -2.77 -5.78 -23.21
CA CYS N 110 -3.64 -4.95 -24.03
C CYS N 110 -2.93 -4.52 -25.30
N LEU N 111 -3.54 -4.80 -26.44
CA LEU N 111 -3.04 -4.46 -27.78
C LEU N 111 -1.67 -5.04 -28.05
N TYR N 112 -1.38 -6.16 -27.43
CA TYR N 112 -0.29 -7.00 -27.85
C TYR N 112 -0.88 -8.17 -28.60
N TYR N 113 -0.33 -8.46 -29.77
CA TYR N 113 -0.67 -9.69 -30.45
C TYR N 113 0.60 -10.27 -31.04
N ASP N 114 0.51 -11.50 -31.50
CA ASP N 114 1.53 -12.08 -32.36
C ASP N 114 1.04 -12.11 -33.78
N ASN N 115 1.98 -12.33 -34.68
CA ASN N 115 1.76 -12.47 -36.12
C ASN N 115 1.22 -11.18 -36.73
N ARG N 116 1.60 -10.04 -36.18
CA ARG N 116 1.38 -8.79 -36.89
C ARG N 116 2.57 -8.42 -37.72
N TYR N 117 3.75 -8.88 -37.34
CA TYR N 117 4.90 -8.83 -38.23
C TYR N 117 4.88 -10.04 -39.13
N TRP N 118 5.09 -9.82 -40.41
CA TRP N 118 5.48 -10.87 -41.32
C TRP N 118 6.90 -10.59 -41.78
N THR N 119 7.51 -11.60 -42.37
CA THR N 119 8.88 -11.47 -42.84
C THR N 119 8.92 -10.66 -44.12
N MET N 120 9.81 -9.68 -44.19
CA MET N 120 9.92 -8.85 -45.37
C MET N 120 10.52 -9.66 -46.51
N TRP N 121 10.10 -9.42 -47.73
CA TRP N 121 10.67 -10.12 -48.86
C TRP N 121 11.60 -9.10 -49.45
N LYS N 122 12.89 -9.43 -49.46
CA LYS N 122 13.93 -8.53 -49.95
C LYS N 122 13.92 -7.19 -49.23
N LEU N 123 13.93 -6.10 -49.99
CA LEU N 123 13.95 -4.75 -49.43
C LEU N 123 12.88 -3.90 -50.07
N PRO N 124 12.52 -2.78 -49.43
CA PRO N 124 11.52 -1.90 -50.01
C PRO N 124 12.01 -1.34 -51.34
N MET N 125 11.12 -1.23 -52.32
CA MET N 125 11.50 -0.78 -53.66
C MET N 125 11.66 0.72 -53.65
N PHE N 126 12.86 1.18 -53.33
CA PHE N 126 13.13 2.60 -53.30
C PHE N 126 13.32 3.12 -54.73
N GLY N 127 12.68 4.25 -55.02
CA GLY N 127 12.71 4.78 -56.37
C GLY N 127 11.96 3.91 -57.36
N CYS N 128 10.84 3.33 -56.94
CA CYS N 128 10.06 2.44 -57.79
C CYS N 128 9.11 3.27 -58.62
N ARG N 129 9.27 3.23 -59.93
CA ARG N 129 8.40 3.91 -60.86
C ARG N 129 7.54 2.94 -61.65
N ASP N 130 8.03 1.72 -61.86
CA ASP N 130 7.37 0.74 -62.70
C ASP N 130 6.60 -0.27 -61.85
N PRO N 131 5.28 -0.41 -62.07
CA PRO N 131 4.51 -1.38 -61.29
C PRO N 131 4.73 -2.82 -61.69
N MET N 132 5.38 -3.08 -62.82
CA MET N 132 5.64 -4.48 -63.21
C MET N 132 6.84 -5.05 -62.46
N GLN N 133 7.76 -4.18 -62.02
CA GLN N 133 8.88 -4.65 -61.19
C GLN N 133 8.40 -5.18 -59.85
N VAL N 134 7.32 -4.62 -59.32
CA VAL N 134 6.73 -5.14 -58.09
C VAL N 134 6.00 -6.45 -58.39
N LEU N 135 5.39 -6.53 -59.56
CA LEU N 135 4.54 -7.67 -59.89
C LEU N 135 5.39 -8.90 -60.24
N ARG N 136 6.63 -8.68 -60.68
CA ARG N 136 7.56 -9.80 -60.87
C ARG N 136 7.97 -10.39 -59.53
N GLU N 137 8.00 -9.57 -58.49
CA GLU N 137 8.45 -10.05 -57.19
C GLU N 137 7.39 -10.86 -56.49
N ILE N 138 6.13 -10.71 -56.88
CA ILE N 138 5.07 -11.53 -56.31
C ILE N 138 5.17 -12.95 -56.81
N VAL N 139 5.47 -13.12 -58.11
CA VAL N 139 5.70 -14.44 -58.67
C VAL N 139 6.98 -15.04 -58.11
N ALA N 140 8.00 -14.20 -57.90
CA ALA N 140 9.28 -14.69 -57.41
C ALA N 140 9.21 -15.10 -55.94
N CYS N 141 8.34 -14.44 -55.16
CA CYS N 141 8.20 -14.78 -53.76
C CYS N 141 7.47 -16.11 -53.59
N THR N 142 6.39 -16.30 -54.34
CA THR N 142 5.58 -17.51 -54.18
C THR N 142 6.24 -18.72 -54.81
N LYS N 143 7.21 -18.50 -55.70
CA LYS N 143 8.03 -19.61 -56.16
C LYS N 143 8.94 -20.11 -55.05
N ALA N 144 9.53 -19.19 -54.31
CA ALA N 144 10.38 -19.58 -53.18
C ALA N 144 9.56 -20.15 -52.03
N PHE N 145 8.36 -19.62 -51.83
CA PHE N 145 7.49 -20.01 -50.72
C PHE N 145 6.11 -20.31 -51.26
N PRO N 146 5.86 -21.54 -51.71
CA PRO N 146 4.53 -21.86 -52.25
C PRO N 146 3.46 -22.05 -51.20
N ASP N 147 3.85 -22.20 -49.93
CA ASP N 147 2.91 -22.39 -48.85
C ASP N 147 2.71 -21.13 -48.01
N ALA N 148 2.88 -19.95 -48.61
CA ALA N 148 2.93 -18.70 -47.88
C ALA N 148 1.97 -17.66 -48.45
N TYR N 149 1.27 -16.98 -47.54
CA TYR N 149 0.53 -15.76 -47.86
C TYR N 149 1.50 -14.66 -48.21
N VAL N 150 1.05 -13.70 -49.02
CA VAL N 150 1.88 -12.58 -49.43
C VAL N 150 1.05 -11.31 -49.33
N ARG N 151 1.58 -10.29 -48.65
CA ARG N 151 0.92 -9.00 -48.66
C ARG N 151 1.87 -7.92 -49.14
N LEU N 152 1.30 -6.97 -49.87
CA LEU N 152 1.99 -5.78 -50.34
C LEU N 152 1.72 -4.65 -49.38
N VAL N 153 2.78 -4.19 -48.71
CA VAL N 153 2.66 -3.06 -47.79
C VAL N 153 3.28 -1.86 -48.46
N ALA N 154 2.96 -0.68 -47.95
CA ALA N 154 3.59 0.53 -48.44
C ALA N 154 4.00 1.40 -47.27
N PHE N 155 5.04 2.19 -47.49
CA PHE N 155 5.62 3.02 -46.44
C PHE N 155 5.67 4.46 -46.95
N ASP N 156 5.44 5.41 -46.06
CA ASP N 156 5.57 6.81 -46.45
C ASP N 156 7.00 7.25 -46.16
N ASN N 157 7.52 8.14 -47.02
CA ASN N 157 8.90 8.55 -46.92
C ASN N 157 9.05 9.73 -45.97
N GLN N 158 8.12 10.69 -46.06
CA GLN N 158 8.22 11.90 -45.26
C GLN N 158 7.62 11.71 -43.87
N LYS N 159 6.70 10.77 -43.72
CA LYS N 159 6.07 10.56 -42.43
C LYS N 159 6.72 9.40 -41.69
N GLN N 160 7.41 8.53 -42.44
CA GLN N 160 8.14 7.35 -41.95
C GLN N 160 7.24 6.42 -41.15
N VAL N 161 6.22 5.91 -41.84
CA VAL N 161 5.19 5.07 -41.24
C VAL N 161 4.64 4.20 -42.36
N GLN N 162 3.98 3.10 -41.99
CA GLN N 162 3.35 2.21 -42.94
C GLN N 162 1.96 2.73 -43.33
N ILE N 163 1.67 2.73 -44.62
CA ILE N 163 0.50 3.44 -45.12
C ILE N 163 -0.64 2.48 -45.42
N MET N 164 -0.41 1.54 -46.31
CA MET N 164 -1.45 0.64 -46.76
C MET N 164 -0.86 -0.75 -46.79
N GLY N 165 -1.68 -1.75 -46.48
CA GLY N 165 -1.22 -3.12 -46.51
C GLY N 165 -2.32 -4.10 -46.86
N PHE N 166 -2.16 -4.84 -47.95
CA PHE N 166 -3.26 -5.64 -48.45
C PHE N 166 -2.77 -6.93 -49.07
N LEU N 167 -3.50 -8.01 -48.81
CA LEU N 167 -3.11 -9.34 -49.24
C LEU N 167 -3.18 -9.46 -50.75
N VAL N 168 -2.09 -9.95 -51.35
CA VAL N 168 -2.04 -10.11 -52.81
C VAL N 168 -1.88 -11.56 -53.23
N GLN N 169 -1.71 -12.49 -52.31
CA GLN N 169 -1.56 -13.89 -52.68
C GLN N 169 -1.93 -14.78 -51.52
N ARG N 170 -2.69 -15.82 -51.80
CA ARG N 170 -2.99 -16.90 -50.88
C ARG N 170 -2.35 -18.19 -51.37
N PRO N 171 -1.92 -19.08 -50.48
CA PRO N 171 -1.43 -20.38 -50.93
C PRO N 171 -2.60 -21.27 -51.32
N LYS N 172 -2.31 -22.26 -52.15
CA LYS N 172 -3.33 -23.23 -52.50
C LYS N 172 -3.45 -24.32 -51.45
N SER N 173 -2.36 -24.60 -50.74
CA SER N 173 -2.35 -25.70 -49.78
C SER N 173 -3.05 -25.36 -48.47
N ALA N 174 -3.51 -24.11 -48.31
CA ALA N 174 -4.17 -23.73 -47.07
C ALA N 174 -5.67 -23.81 -47.22
N ARG N 175 -6.33 -24.34 -46.19
CA ARG N 175 -7.79 -24.42 -46.15
C ARG N 175 -8.38 -23.45 -45.14
N ASP N 176 -7.76 -22.29 -44.96
CA ASP N 176 -8.20 -21.30 -43.99
C ASP N 176 -9.20 -20.30 -44.55
N TRP N 177 -9.38 -20.23 -45.86
CA TRP N 177 -10.20 -19.20 -46.49
C TRP N 177 -11.22 -19.80 -47.44
N GLN N 178 -12.34 -19.09 -47.62
CA GLN N 178 -13.40 -19.51 -48.51
C GLN N 178 -13.31 -18.78 -49.84
N PRO N 179 -13.51 -19.48 -50.95
CA PRO N 179 -13.30 -18.85 -52.29
C PRO N 179 -14.47 -17.97 -52.71
N ALA N 180 -14.66 -16.86 -51.99
CA ALA N 180 -15.56 -15.75 -52.31
C ALA N 180 -17.05 -16.09 -52.36
N ASN N 181 -17.40 -17.36 -52.14
CA ASN N 181 -18.77 -17.83 -52.08
C ASN N 181 -18.92 -18.41 -50.68
N LYS N 182 -19.14 -17.52 -49.73
CA LYS N 182 -19.06 -17.81 -48.31
C LYS N 182 -20.32 -17.37 -47.61
N ARG N 183 -21.33 -17.07 -48.42
CA ARG N 183 -22.74 -17.17 -48.04
C ARG N 183 -23.15 -16.24 -46.92
N LYS O 18 44.91 22.73 -0.47
CA LYS O 18 45.37 23.74 0.48
C LYS O 18 46.08 23.10 1.66
N ASP O 19 47.35 22.71 1.45
CA ASP O 19 48.14 22.02 2.46
C ASP O 19 49.30 22.89 2.93
N TYR O 20 49.77 22.60 4.15
CA TYR O 20 50.99 23.24 4.63
C TYR O 20 52.20 22.38 4.35
N ARG O 21 52.01 21.27 3.61
CA ARG O 21 53.00 20.35 3.02
C ARG O 21 53.64 19.44 4.09
N LEU O 22 53.45 19.71 5.38
CA LEU O 22 54.01 18.87 6.42
C LEU O 22 53.05 17.74 6.80
N THR O 23 51.76 18.03 6.87
CA THR O 23 50.80 17.06 7.38
C THR O 23 50.22 16.20 6.26
N TYR O 24 50.18 16.73 5.04
CA TYR O 24 49.51 16.02 3.95
C TYR O 24 50.46 15.39 2.96
N TYR O 25 51.76 15.64 3.07
CA TYR O 25 52.76 14.96 2.26
C TYR O 25 53.57 14.09 3.19
N THR O 26 53.21 12.81 3.27
CA THR O 26 53.86 11.86 4.16
C THR O 26 54.51 10.76 3.33
N PRO O 27 55.74 10.93 2.87
CA PRO O 27 56.35 9.88 2.04
C PRO O 27 56.81 8.68 2.86
N ASP O 28 56.91 8.83 4.17
CA ASP O 28 57.34 7.74 5.03
C ASP O 28 56.17 6.84 5.41
N TYR O 29 54.96 7.18 4.96
CA TYR O 29 53.75 6.46 5.33
C TYR O 29 53.61 5.14 4.57
N VAL O 30 53.14 4.13 5.28
CA VAL O 30 52.86 2.82 4.70
C VAL O 30 51.35 2.71 4.54
N VAL O 31 50.89 2.41 3.33
CA VAL O 31 49.45 2.43 3.05
C VAL O 31 48.80 1.22 3.69
N ARG O 32 47.50 1.32 3.92
CA ARG O 32 46.75 0.26 4.56
C ARG O 32 46.05 -0.60 3.51
N ASP O 33 45.61 -1.78 3.94
CA ASP O 33 44.86 -2.62 3.04
C ASP O 33 43.39 -2.23 2.95
N THR O 34 42.95 -1.31 3.80
CA THR O 34 41.62 -0.74 3.67
C THR O 34 41.64 0.64 3.05
N ASP O 35 42.82 1.17 2.72
CA ASP O 35 42.91 2.50 2.14
C ASP O 35 42.36 2.51 0.73
N ILE O 36 41.67 3.60 0.41
CA ILE O 36 41.41 3.96 -0.98
C ILE O 36 42.61 4.71 -1.50
N LEU O 37 43.19 4.23 -2.58
CA LEU O 37 44.35 4.88 -3.17
C LEU O 37 43.91 5.56 -4.46
N ALA O 38 44.49 6.70 -4.76
CA ALA O 38 44.18 7.46 -5.96
C ALA O 38 45.49 7.87 -6.61
N ALA O 39 45.51 7.93 -7.94
CA ALA O 39 46.70 8.31 -8.68
C ALA O 39 46.36 9.48 -9.59
N PHE O 40 46.90 10.65 -9.28
CA PHE O 40 46.55 11.85 -10.01
C PHE O 40 47.69 12.24 -10.93
N ARG O 41 47.39 12.40 -12.22
CA ARG O 41 48.28 13.11 -13.12
C ARG O 41 48.08 14.60 -12.92
N MET O 42 49.15 15.30 -12.56
CA MET O 42 49.07 16.57 -11.86
C MET O 42 50.02 17.57 -12.51
N THR O 43 49.47 18.62 -13.14
CA THR O 43 50.28 19.66 -13.76
C THR O 43 50.27 20.91 -12.90
N PRO O 44 51.41 21.31 -12.32
CA PRO O 44 51.41 22.52 -11.49
C PRO O 44 51.43 23.79 -12.31
N GLN O 45 51.13 24.90 -11.63
CA GLN O 45 51.44 26.21 -12.17
C GLN O 45 52.95 26.41 -12.19
N PRO O 46 53.47 27.26 -13.08
CA PRO O 46 54.93 27.46 -13.12
C PRO O 46 55.44 28.18 -11.89
N GLY O 47 56.25 27.47 -11.10
CA GLY O 47 56.78 27.98 -9.85
C GLY O 47 56.26 27.27 -8.62
N VAL O 48 55.21 26.46 -8.73
CA VAL O 48 54.69 25.71 -7.59
C VAL O 48 55.47 24.40 -7.50
N PRO O 49 55.97 24.02 -6.33
CA PRO O 49 56.72 22.76 -6.22
C PRO O 49 55.81 21.56 -6.39
N PRO O 50 56.36 20.42 -6.82
CA PRO O 50 55.51 19.23 -6.98
C PRO O 50 55.03 18.67 -5.66
N GLU O 51 55.82 18.79 -4.59
CA GLU O 51 55.41 18.25 -3.31
C GLU O 51 54.33 19.10 -2.66
N GLU O 52 54.43 20.43 -2.77
CA GLU O 52 53.39 21.29 -2.24
C GLU O 52 52.11 21.20 -3.05
N CYS O 53 52.23 21.03 -4.37
CA CYS O 53 51.05 20.83 -5.19
C CYS O 53 50.43 19.47 -4.94
N GLY O 54 51.25 18.47 -4.64
CA GLY O 54 50.74 17.12 -4.42
C GLY O 54 50.07 16.96 -3.07
N ALA O 55 50.55 17.66 -2.05
CA ALA O 55 49.91 17.61 -0.75
C ALA O 55 48.62 18.41 -0.73
N ALA O 56 48.48 19.37 -1.64
CA ALA O 56 47.26 20.16 -1.74
C ALA O 56 46.12 19.36 -2.37
N VAL O 57 46.45 18.45 -3.29
CA VAL O 57 45.46 17.52 -3.83
C VAL O 57 44.98 16.59 -2.72
N ALA O 58 45.88 16.22 -1.82
CA ALA O 58 45.52 15.37 -0.70
C ALA O 58 44.76 16.14 0.38
N ALA O 59 45.03 17.43 0.51
CA ALA O 59 44.40 18.20 1.58
C ALA O 59 42.98 18.59 1.23
N GLU O 60 42.72 18.89 -0.04
CA GLU O 60 41.42 19.29 -0.60
C GLU O 60 40.85 20.52 0.10
N ASP O 78 43.17 14.26 11.39
CA ASP O 78 44.38 13.46 11.30
C ASP O 78 44.08 11.99 11.04
N ARG O 79 42.94 11.52 11.56
CA ARG O 79 42.47 10.18 11.22
C ARG O 79 41.69 10.20 9.92
N TYR O 80 41.32 11.38 9.46
CA TYR O 80 40.46 11.52 8.31
C TYR O 80 41.14 12.24 7.16
N LYS O 81 42.42 12.55 7.30
CA LYS O 81 43.11 13.24 6.22
C LYS O 81 43.53 12.27 5.14
N GLY O 82 43.40 12.72 3.88
CA GLY O 82 44.03 12.06 2.77
C GLY O 82 45.45 12.59 2.68
N ARG O 83 46.40 11.68 2.50
CA ARG O 83 47.81 12.04 2.47
C ARG O 83 48.52 11.51 1.24
N CYS O 84 49.09 12.44 0.48
CA CYS O 84 49.97 12.14 -0.64
C CYS O 84 51.22 11.43 -0.15
N TYR O 85 51.43 10.19 -0.59
CA TYR O 85 52.51 9.38 -0.10
C TYR O 85 53.61 9.10 -1.12
N ASP O 86 53.44 9.50 -2.37
CA ASP O 86 54.44 9.24 -3.41
C ASP O 86 54.18 10.20 -4.56
N ILE O 87 55.26 10.76 -5.10
CA ILE O 87 55.22 11.64 -6.26
C ILE O 87 56.31 11.21 -7.22
N GLU O 88 55.93 10.91 -8.46
CA GLU O 88 56.81 10.45 -9.50
C GLU O 88 56.78 11.42 -10.68
N PRO O 89 57.91 11.69 -11.32
CA PRO O 89 57.87 12.41 -12.58
C PRO O 89 57.29 11.54 -13.69
N VAL O 90 56.73 12.21 -14.70
CA VAL O 90 56.23 11.54 -15.89
C VAL O 90 57.31 11.64 -16.97
N PRO O 91 57.79 10.54 -17.52
CA PRO O 91 58.87 10.61 -18.52
C PRO O 91 58.36 11.18 -19.84
N GLY O 92 59.09 12.17 -20.35
CA GLY O 92 58.73 12.85 -21.57
C GLY O 92 57.96 14.14 -21.36
N GLU O 93 57.30 14.29 -20.22
CA GLU O 93 56.56 15.50 -19.87
C GLU O 93 57.37 16.24 -18.81
N ASP O 94 57.78 17.47 -19.13
CA ASP O 94 58.66 18.22 -18.25
C ASP O 94 57.94 18.80 -17.05
N ASN O 95 56.60 18.81 -17.04
CA ASN O 95 55.87 19.49 -15.98
C ASN O 95 54.65 18.68 -15.55
N GLN O 96 54.73 17.35 -15.63
CA GLN O 96 53.66 16.51 -15.14
C GLN O 96 54.21 15.52 -14.12
N TYR O 97 53.35 15.13 -13.19
CA TYR O 97 53.74 14.31 -12.06
C TYR O 97 52.60 13.36 -11.75
N ILE O 98 52.93 12.28 -11.05
CA ILE O 98 51.93 11.34 -10.57
C ILE O 98 51.90 11.42 -9.06
N ALA O 99 50.84 12.01 -8.52
CA ALA O 99 50.64 12.07 -7.07
C ALA O 99 49.81 10.87 -6.65
N TYR O 100 50.30 10.10 -5.70
CA TYR O 100 49.56 8.98 -5.14
C TYR O 100 49.00 9.43 -3.80
N VAL O 101 47.68 9.42 -3.68
CA VAL O 101 47.01 9.87 -2.46
C VAL O 101 46.25 8.69 -1.86
N ALA O 102 46.42 8.47 -0.55
CA ALA O 102 45.70 7.46 0.19
C ALA O 102 44.55 8.09 0.96
N TYR O 103 43.44 7.38 1.06
CA TYR O 103 42.30 7.85 1.82
C TYR O 103 41.87 6.80 2.84
N PRO O 104 41.59 7.19 4.08
CA PRO O 104 41.03 6.24 5.03
C PRO O 104 39.64 5.81 4.63
N ILE O 105 39.30 4.55 4.94
CA ILE O 105 38.02 3.97 4.53
C ILE O 105 36.84 4.58 5.26
N ASP O 106 37.09 5.31 6.35
CA ASP O 106 36.00 5.94 7.09
C ASP O 106 35.47 7.18 6.41
N LEU O 107 36.06 7.61 5.29
CA LEU O 107 35.58 8.83 4.65
C LEU O 107 34.36 8.59 3.80
N PHE O 108 33.94 7.33 3.67
CA PHE O 108 33.08 6.89 2.59
C PHE O 108 31.83 6.22 3.13
N GLU O 109 30.74 6.33 2.38
CA GLU O 109 29.53 5.58 2.66
C GLU O 109 29.63 4.18 2.07
N GLU O 110 29.15 3.19 2.81
CA GLU O 110 29.00 1.84 2.30
C GLU O 110 28.01 1.84 1.14
N GLY O 111 28.46 1.32 0.01
CA GLY O 111 27.60 1.11 -1.12
C GLY O 111 27.27 2.32 -1.96
N SER O 112 28.15 3.31 -2.02
CA SER O 112 27.80 4.59 -2.63
C SER O 112 28.92 5.07 -3.54
N VAL O 113 28.67 5.08 -4.85
CA VAL O 113 29.62 5.61 -5.81
C VAL O 113 29.50 7.13 -5.87
N THR O 114 28.34 7.64 -5.48
CA THR O 114 28.16 9.07 -5.37
C THR O 114 29.02 9.66 -4.26
N ASN O 115 29.10 9.00 -3.11
CA ASN O 115 29.96 9.45 -2.04
C ASN O 115 31.43 9.24 -2.38
N MET O 116 31.74 8.19 -3.14
CA MET O 116 33.15 7.94 -3.45
C MET O 116 33.68 8.96 -4.44
N PHE O 117 32.86 9.37 -5.40
CA PHE O 117 33.34 10.40 -6.32
C PHE O 117 33.31 11.78 -5.69
N THR O 118 32.36 12.04 -4.80
CA THR O 118 32.27 13.37 -4.19
C THR O 118 33.43 13.62 -3.24
N SER O 119 33.99 12.57 -2.65
CA SER O 119 35.11 12.77 -1.73
C SER O 119 36.41 12.94 -2.50
N ILE O 120 36.60 12.20 -3.58
CA ILE O 120 37.90 12.16 -4.27
C ILE O 120 38.01 13.25 -5.33
N VAL O 121 36.99 13.49 -6.14
CA VAL O 121 37.14 14.46 -7.22
C VAL O 121 36.13 15.59 -7.08
N GLY O 122 35.61 15.78 -5.87
CA GLY O 122 34.52 16.73 -5.68
C GLY O 122 34.98 18.17 -5.66
N ASN O 123 36.20 18.44 -5.19
CA ASN O 123 36.66 19.81 -5.06
C ASN O 123 38.02 20.08 -5.67
N VAL O 124 38.88 19.06 -5.85
CA VAL O 124 40.29 19.30 -6.21
C VAL O 124 40.54 19.87 -7.58
N PHE O 125 39.61 19.77 -8.53
CA PHE O 125 40.02 20.14 -9.88
C PHE O 125 39.92 21.63 -10.08
N GLY O 126 39.17 22.34 -9.24
CA GLY O 126 39.12 23.77 -9.29
C GLY O 126 40.24 24.46 -8.55
N PHE O 127 41.21 23.71 -8.07
CA PHE O 127 42.26 24.28 -7.24
C PHE O 127 43.27 25.03 -8.10
N LYS O 128 43.76 26.16 -7.58
CA LYS O 128 44.38 27.16 -8.45
C LYS O 128 45.88 26.93 -8.60
N ALA O 129 46.50 26.19 -7.69
CA ALA O 129 47.96 26.06 -7.76
C ALA O 129 48.37 25.00 -8.78
N LEU O 130 47.44 24.18 -9.23
CA LEU O 130 47.69 23.27 -10.34
C LEU O 130 46.99 23.79 -11.57
N ARG O 131 47.56 23.49 -12.74
CA ARG O 131 47.00 23.99 -13.98
C ARG O 131 46.03 22.99 -14.60
N ALA O 132 46.31 21.71 -14.45
CA ALA O 132 45.46 20.65 -14.96
C ALA O 132 45.59 19.45 -14.04
N LEU O 133 44.55 18.63 -13.97
CA LEU O 133 44.58 17.48 -13.09
C LEU O 133 43.84 16.32 -13.72
N ARG O 134 44.46 15.16 -13.76
CA ARG O 134 43.74 13.99 -14.20
C ARG O 134 43.87 12.91 -13.15
N LEU O 135 42.74 12.45 -12.63
CA LEU O 135 42.70 11.19 -11.90
C LEU O 135 42.84 10.04 -12.90
N GLU O 136 43.88 9.24 -12.73
CA GLU O 136 44.19 8.16 -13.65
C GLU O 136 43.63 6.83 -13.22
N ASP O 137 43.90 6.41 -11.99
CA ASP O 137 43.41 5.13 -11.50
C ASP O 137 42.96 5.35 -10.08
N LEU O 138 42.16 4.40 -9.59
CA LEU O 138 41.84 4.27 -8.18
C LEU O 138 42.28 2.90 -7.74
N ARG O 139 42.41 2.70 -6.44
CA ARG O 139 42.45 1.37 -5.87
C ARG O 139 41.24 1.27 -4.97
N ILE O 140 40.37 0.32 -5.25
CA ILE O 140 39.27 0.09 -4.33
C ILE O 140 39.69 -1.09 -3.46
N PRO O 141 39.74 -0.94 -2.15
CA PRO O 141 40.20 -2.02 -1.32
C PRO O 141 39.09 -3.03 -1.10
N PRO O 142 39.45 -4.30 -0.86
CA PRO O 142 38.42 -5.33 -0.74
C PRO O 142 37.49 -5.19 0.45
N ALA O 143 37.78 -4.30 1.41
CA ALA O 143 36.83 -4.04 2.47
C ALA O 143 35.74 -3.09 2.06
N TYR O 144 35.88 -2.48 0.90
CA TYR O 144 34.93 -1.53 0.40
C TYR O 144 34.31 -2.00 -0.90
N VAL O 145 34.97 -2.93 -1.59
CA VAL O 145 34.33 -3.65 -2.69
C VAL O 145 33.16 -4.46 -2.17
N LYS O 146 33.30 -5.06 -0.98
CA LYS O 146 32.29 -5.93 -0.42
C LYS O 146 31.06 -5.20 0.07
N THR O 147 31.14 -3.90 0.26
CA THR O 147 29.95 -3.17 0.67
C THR O 147 29.02 -2.88 -0.48
N PHE O 148 29.39 -3.19 -1.71
CA PHE O 148 28.51 -2.83 -2.81
C PHE O 148 27.75 -4.05 -3.29
N VAL O 149 26.57 -3.82 -3.83
CA VAL O 149 25.80 -4.88 -4.45
C VAL O 149 26.47 -5.33 -5.75
N GLY O 150 26.83 -4.39 -6.60
CA GLY O 150 27.57 -4.70 -7.78
C GLY O 150 26.72 -4.98 -8.99
N PRO O 151 27.30 -5.62 -9.98
CA PRO O 151 26.56 -5.99 -11.16
C PRO O 151 25.55 -7.06 -10.85
N PRO O 152 24.33 -6.94 -11.41
CA PRO O 152 23.26 -7.90 -11.11
C PRO O 152 23.59 -9.35 -11.45
N HIS O 153 24.21 -9.62 -12.57
CA HIS O 153 24.50 -10.99 -12.91
C HIS O 153 25.97 -11.21 -13.16
N GLY O 154 26.56 -10.42 -14.01
CA GLY O 154 27.93 -10.65 -14.40
C GLY O 154 28.05 -11.43 -15.67
N ILE O 155 29.30 -11.68 -16.07
CA ILE O 155 29.60 -12.36 -17.32
C ILE O 155 29.20 -13.83 -17.25
N GLN O 156 29.47 -14.48 -16.13
CA GLN O 156 29.29 -15.91 -16.05
C GLN O 156 27.82 -16.30 -15.94
N VAL O 157 27.01 -15.45 -15.30
CA VAL O 157 25.60 -15.81 -15.08
C VAL O 157 24.76 -15.44 -16.29
N GLU O 158 25.02 -14.27 -16.88
CA GLU O 158 24.39 -13.87 -18.12
C GLU O 158 24.59 -14.88 -19.24
N ARG O 159 25.82 -15.33 -19.41
CA ARG O 159 26.16 -16.33 -20.39
C ARG O 159 25.43 -17.66 -20.14
N ASP O 160 25.18 -18.00 -18.87
CA ASP O 160 24.39 -19.19 -18.54
C ASP O 160 22.93 -19.00 -18.89
N LYS O 161 22.42 -17.78 -18.73
CA LYS O 161 21.01 -17.53 -18.87
C LYS O 161 20.59 -17.38 -20.33
N LEU O 162 21.48 -16.85 -21.15
CA LEU O 162 21.24 -16.72 -22.57
C LEU O 162 21.65 -17.96 -23.35
N ASN O 163 22.33 -18.90 -22.68
CA ASN O 163 22.75 -20.19 -23.23
C ASN O 163 23.65 -20.02 -24.46
N LYS O 164 24.46 -18.99 -24.45
CA LYS O 164 25.37 -18.71 -25.55
C LYS O 164 26.77 -18.89 -25.03
N TYR O 165 27.52 -19.83 -25.58
CA TYR O 165 28.84 -20.14 -25.08
C TYR O 165 29.87 -20.09 -26.19
N GLY O 166 31.13 -19.96 -25.79
CA GLY O 166 32.26 -20.19 -26.66
C GLY O 166 32.46 -19.21 -27.78
N ARG O 167 31.75 -18.10 -27.81
CA ARG O 167 31.97 -17.09 -28.82
C ARG O 167 31.54 -15.75 -28.26
N GLY O 168 31.95 -14.69 -28.94
CA GLY O 168 31.51 -13.36 -28.55
C GLY O 168 30.04 -13.18 -28.84
N LEU O 169 29.39 -12.31 -28.08
CA LEU O 169 28.01 -11.97 -28.41
C LEU O 169 28.03 -10.89 -29.50
N LEU O 170 26.94 -10.84 -30.28
CA LEU O 170 26.84 -9.91 -31.39
C LEU O 170 25.67 -8.95 -31.20
N GLY O 171 25.83 -7.74 -31.71
CA GLY O 171 24.86 -6.70 -31.48
C GLY O 171 24.74 -5.81 -32.70
N CYS O 172 23.71 -4.98 -32.69
CA CYS O 172 23.46 -4.01 -33.73
C CYS O 172 22.60 -2.89 -33.18
N THR O 173 22.97 -1.65 -33.42
CA THR O 173 22.09 -0.53 -33.07
C THR O 173 21.08 -0.43 -34.22
N ILE O 174 19.85 -0.06 -33.98
CA ILE O 174 18.90 0.07 -35.08
C ILE O 174 19.37 1.33 -35.77
N LYS O 175 19.53 1.29 -37.09
CA LYS O 175 20.20 2.42 -37.75
C LYS O 175 19.70 3.84 -37.73
N PRO O 176 18.41 4.08 -37.94
CA PRO O 176 18.03 5.49 -37.83
C PRO O 176 17.77 5.70 -36.36
N LYS O 177 18.52 6.58 -35.72
CA LYS O 177 18.34 6.80 -34.30
C LYS O 177 16.94 7.32 -33.96
N LEU O 178 16.43 8.31 -34.70
CA LEU O 178 15.11 8.88 -34.44
C LEU O 178 14.28 9.06 -35.73
N GLY O 179 12.95 9.12 -35.60
CA GLY O 179 12.04 9.19 -36.72
C GLY O 179 11.25 7.97 -37.10
N LEU O 180 11.62 6.79 -36.61
CA LEU O 180 10.79 5.64 -36.94
C LEU O 180 9.47 5.74 -36.19
N SER O 181 8.48 4.98 -36.65
CA SER O 181 7.37 4.68 -35.79
C SER O 181 7.79 3.58 -34.82
N ALA O 182 6.92 3.25 -33.89
CA ALA O 182 7.28 2.16 -33.00
C ALA O 182 7.16 0.82 -33.72
N LYS O 183 6.15 0.69 -34.58
CA LYS O 183 5.99 -0.50 -35.42
C LYS O 183 7.17 -0.72 -36.35
N ASN O 184 7.63 0.31 -37.03
CA ASN O 184 8.76 0.16 -37.93
C ASN O 184 10.08 0.03 -37.18
N TYR O 185 10.09 0.34 -35.89
CA TYR O 185 11.28 0.10 -35.12
C TYR O 185 11.47 -1.38 -34.86
N GLY O 186 10.41 -2.06 -34.45
CA GLY O 186 10.50 -3.49 -34.16
C GLY O 186 10.67 -4.32 -35.41
N ARG O 187 10.17 -3.84 -36.55
CA ARG O 187 10.43 -4.49 -37.82
C ARG O 187 11.90 -4.45 -38.17
N ALA O 188 12.59 -3.35 -37.84
CA ALA O 188 14.04 -3.34 -37.95
C ALA O 188 14.67 -4.21 -36.88
N VAL O 189 14.03 -4.32 -35.72
CA VAL O 189 14.51 -5.18 -34.64
C VAL O 189 14.26 -6.64 -34.98
N TYR O 190 13.13 -6.94 -35.64
CA TYR O 190 12.80 -8.31 -36.00
C TYR O 190 13.78 -8.87 -37.03
N GLU O 191 14.07 -8.15 -38.11
CA GLU O 191 14.91 -8.70 -39.17
C GLU O 191 16.37 -8.84 -38.75
N CYS O 192 16.83 -8.03 -37.79
CA CYS O 192 18.22 -8.15 -37.34
C CYS O 192 18.41 -9.34 -36.43
N LEU O 193 17.53 -9.54 -35.45
CA LEU O 193 17.63 -10.69 -34.57
C LEU O 193 17.33 -11.98 -35.31
N ARG O 194 16.62 -11.88 -36.42
CA ARG O 194 16.23 -13.05 -37.19
C ARG O 194 17.42 -13.67 -37.89
N GLY O 195 18.33 -12.84 -38.40
CA GLY O 195 19.38 -13.35 -39.26
C GLY O 195 20.52 -13.96 -38.48
N GLY O 196 20.57 -13.73 -37.18
CA GLY O 196 21.59 -14.40 -36.42
C GLY O 196 22.16 -13.64 -35.26
N LEU O 197 21.81 -12.37 -35.10
CA LEU O 197 22.37 -11.61 -34.00
C LEU O 197 21.75 -11.98 -32.68
N ASP O 198 22.43 -11.65 -31.61
CA ASP O 198 21.99 -11.99 -30.26
C ASP O 198 21.28 -10.85 -29.57
N PHE O 199 21.53 -9.63 -29.99
CA PHE O 199 20.99 -8.44 -29.36
C PHE O 199 20.84 -7.35 -30.39
N THR O 200 19.80 -6.55 -30.21
CA THR O 200 19.67 -5.28 -30.88
C THR O 200 19.62 -4.20 -29.81
N LYS O 201 19.71 -2.94 -30.21
CA LYS O 201 20.02 -1.87 -29.26
C LYS O 201 19.25 -0.61 -29.59
N ASP O 202 18.61 -0.03 -28.58
CA ASP O 202 18.10 1.33 -28.68
C ASP O 202 19.25 2.31 -28.78
N ASP O 203 19.06 3.34 -29.57
CA ASP O 203 19.92 4.51 -29.47
C ASP O 203 19.79 5.13 -28.10
N GLU O 204 20.89 5.67 -27.59
CA GLU O 204 20.89 6.18 -26.23
C GLU O 204 20.03 7.43 -26.08
N ASN O 205 19.73 8.13 -27.15
CA ASN O 205 18.80 9.24 -27.09
C ASN O 205 17.39 8.87 -27.56
N VAL O 206 17.15 7.60 -27.87
CA VAL O 206 15.82 7.03 -27.93
C VAL O 206 15.38 6.77 -26.49
N ASN O 207 14.57 7.66 -25.92
CA ASN O 207 13.97 7.40 -24.62
C ASN O 207 12.46 7.35 -24.71
N SER O 208 11.84 8.48 -24.99
CA SER O 208 10.40 8.68 -25.14
C SER O 208 10.29 10.04 -25.79
N GLN O 209 9.87 10.09 -27.04
CA GLN O 209 9.80 11.30 -27.84
C GLN O 209 8.43 11.32 -28.49
N PRO O 210 8.00 12.47 -29.03
CA PRO O 210 6.67 12.52 -29.68
C PRO O 210 6.47 11.55 -30.85
N PHE O 211 7.52 11.10 -31.53
CA PHE O 211 7.32 10.21 -32.66
C PHE O 211 7.25 8.76 -32.24
N MET O 212 7.92 8.39 -31.15
CA MET O 212 7.90 7.02 -30.67
C MET O 212 7.96 7.09 -29.16
N ARG O 213 6.81 6.97 -28.52
CA ARG O 213 6.79 6.92 -27.06
C ARG O 213 7.41 5.62 -26.60
N TRP O 214 7.79 5.59 -25.33
CA TRP O 214 8.58 4.47 -24.85
C TRP O 214 7.73 3.22 -24.72
N ARG O 215 6.46 3.34 -24.39
CA ARG O 215 5.71 2.13 -24.07
C ARG O 215 5.17 1.48 -25.33
N ASP O 216 4.94 2.27 -26.37
CA ASP O 216 4.64 1.72 -27.69
C ASP O 216 5.85 1.02 -28.27
N ARG O 217 7.05 1.46 -27.89
CA ARG O 217 8.26 0.81 -28.35
C ARG O 217 8.48 -0.52 -27.67
N PHE O 218 8.14 -0.63 -26.38
CA PHE O 218 8.48 -1.85 -25.63
C PHE O 218 7.63 -3.04 -26.05
N LEU O 219 6.49 -2.79 -26.70
CA LEU O 219 5.63 -3.89 -27.13
C LEU O 219 6.04 -4.41 -28.49
N PHE O 220 6.30 -3.51 -29.43
CA PHE O 220 6.76 -3.90 -30.74
C PHE O 220 8.18 -4.45 -30.70
N VAL O 221 8.96 -4.07 -29.69
CA VAL O 221 10.21 -4.76 -29.48
C VAL O 221 9.95 -6.18 -28.96
N ALA O 222 9.08 -6.32 -27.96
CA ALA O 222 8.82 -7.64 -27.39
C ALA O 222 8.06 -8.54 -28.34
N GLU O 223 7.28 -7.96 -29.25
CA GLU O 223 6.69 -8.76 -30.31
C GLU O 223 7.76 -9.19 -31.31
N ALA O 224 8.78 -8.36 -31.50
CA ALA O 224 9.84 -8.71 -32.44
C ALA O 224 10.88 -9.63 -31.81
N ILE O 225 11.05 -9.58 -30.49
CA ILE O 225 11.98 -10.50 -29.85
C ILE O 225 11.39 -11.89 -29.78
N TYR O 226 10.13 -12.00 -29.35
CA TYR O 226 9.49 -13.31 -29.20
C TYR O 226 9.24 -13.98 -30.54
N LYS O 227 9.19 -13.20 -31.61
CA LYS O 227 9.01 -13.76 -32.94
C LYS O 227 10.33 -14.20 -33.54
N ALA O 228 11.39 -13.43 -33.34
CA ALA O 228 12.70 -13.83 -33.85
C ALA O 228 13.28 -14.94 -33.01
N GLN O 229 12.82 -15.06 -31.78
CA GLN O 229 13.22 -16.15 -30.91
C GLN O 229 12.58 -17.47 -31.31
N ALA O 230 11.28 -17.45 -31.59
CA ALA O 230 10.57 -18.68 -31.93
C ALA O 230 11.00 -19.21 -33.29
N GLU O 231 11.48 -18.33 -34.15
CA GLU O 231 11.93 -18.75 -35.47
C GLU O 231 13.31 -19.38 -35.43
N THR O 232 14.26 -18.76 -34.74
CA THR O 232 15.62 -19.26 -34.74
C THR O 232 15.82 -20.34 -33.68
N GLY O 233 14.98 -20.36 -32.66
CA GLY O 233 15.15 -21.25 -31.53
C GLY O 233 16.18 -20.81 -30.53
N GLU O 234 16.78 -19.65 -30.72
CA GLU O 234 17.80 -19.08 -29.87
C GLU O 234 17.21 -17.95 -29.05
N VAL O 235 17.83 -17.65 -27.92
CA VAL O 235 17.36 -16.57 -27.05
C VAL O 235 17.76 -15.24 -27.66
N LYS O 236 16.85 -14.27 -27.68
CA LYS O 236 17.10 -12.99 -28.30
C LYS O 236 16.78 -11.87 -27.32
N GLY O 237 17.38 -10.72 -27.51
CA GLY O 237 17.09 -9.60 -26.66
C GLY O 237 17.27 -8.29 -27.40
N HIS O 238 16.71 -7.24 -26.83
CA HIS O 238 16.91 -5.87 -27.27
C HIS O 238 17.08 -5.03 -26.03
N TYR O 239 18.12 -4.20 -25.99
CA TYR O 239 18.37 -3.33 -24.85
C TYR O 239 17.37 -2.20 -24.85
N LEU O 240 16.29 -2.35 -24.10
CA LEU O 240 15.25 -1.34 -24.06
C LEU O 240 15.68 -0.22 -23.13
N ASN O 241 15.72 1.01 -23.66
CA ASN O 241 16.30 2.14 -22.93
C ASN O 241 15.36 2.59 -21.83
N ALA O 242 15.72 2.27 -20.60
CA ALA O 242 14.98 2.68 -19.42
C ALA O 242 15.51 3.96 -18.81
N THR O 243 16.52 4.59 -19.42
CA THR O 243 16.94 5.93 -19.03
C THR O 243 15.78 6.91 -19.14
N ALA O 244 15.53 7.66 -18.07
CA ALA O 244 14.31 8.44 -18.00
C ALA O 244 14.57 9.74 -17.26
N GLY O 245 13.53 10.54 -17.15
CA GLY O 245 13.66 11.88 -16.61
C GLY O 245 13.72 11.94 -15.11
N THR O 246 13.00 11.05 -14.43
CA THR O 246 12.97 10.94 -12.99
C THR O 246 13.17 9.49 -12.60
N CYS O 247 13.49 9.23 -11.33
CA CYS O 247 13.68 7.86 -10.84
C CYS O 247 12.39 7.07 -10.93
N GLU O 248 11.26 7.75 -10.95
CA GLU O 248 9.96 7.12 -10.97
C GLU O 248 9.53 6.75 -12.38
N GLU O 249 9.84 7.59 -13.37
CA GLU O 249 9.73 7.19 -14.76
C GLU O 249 10.62 6.01 -15.05
N MET O 250 11.85 6.06 -14.56
CA MET O 250 12.85 5.04 -14.83
C MET O 250 12.45 3.69 -14.26
N MET O 251 11.83 3.67 -13.09
CA MET O 251 11.37 2.41 -12.54
C MET O 251 10.09 1.95 -13.22
N LYS O 252 9.39 2.86 -13.87
CA LYS O 252 8.16 2.53 -14.56
C LYS O 252 8.44 1.86 -15.89
N ARG O 253 9.49 2.28 -16.58
CA ARG O 253 9.97 1.56 -17.74
C ARG O 253 10.44 0.15 -17.37
N ALA O 254 11.03 0.01 -16.19
CA ALA O 254 11.71 -1.23 -15.85
C ALA O 254 10.73 -2.29 -15.37
N VAL O 255 9.66 -1.87 -14.73
CA VAL O 255 8.50 -2.67 -14.38
C VAL O 255 7.84 -3.21 -15.65
N SMC O 256 7.85 -2.40 -16.70
CA SMC O 256 7.30 -2.77 -17.96
CB SMC O 256 7.21 -1.57 -18.88
SG SMC O 256 6.46 -1.93 -20.43
CS SMC O 256 4.95 -2.60 -19.88
C SMC O 256 8.10 -3.88 -18.65
O SMC O 256 7.55 -4.78 -19.27
N ALA O 257 9.41 -3.83 -18.54
CA ALA O 257 10.25 -4.88 -19.05
C ALA O 257 10.21 -6.14 -18.20
N LYS O 258 10.00 -5.99 -16.88
CA LYS O 258 9.77 -7.13 -16.02
C LYS O 258 8.52 -7.90 -16.45
N GLU O 259 7.46 -7.19 -16.80
CA GLU O 259 6.14 -7.77 -17.02
C GLU O 259 5.92 -8.24 -18.44
N LEU O 260 6.69 -7.74 -19.40
CA LEU O 260 6.79 -8.39 -20.69
C LEU O 260 7.72 -9.58 -20.68
N GLY O 261 8.58 -9.71 -19.67
CA GLY O 261 9.48 -10.82 -19.54
C GLY O 261 10.66 -10.78 -20.46
N VAL O 262 10.94 -9.63 -21.04
CA VAL O 262 12.06 -9.42 -21.95
C VAL O 262 13.34 -9.41 -21.14
N PRO O 263 14.48 -9.84 -21.72
CA PRO O 263 15.66 -10.12 -20.89
C PRO O 263 16.45 -8.91 -20.37
N ILE O 264 16.59 -7.82 -21.13
CA ILE O 264 17.64 -6.84 -20.87
C ILE O 264 17.16 -5.42 -21.15
N ILE O 265 17.54 -4.50 -20.27
CA ILE O 265 17.33 -3.07 -20.44
C ILE O 265 18.68 -2.38 -20.43
N MET O 266 18.69 -1.11 -20.86
CA MET O 266 19.90 -0.33 -20.85
C MET O 266 19.70 0.98 -20.11
N HIS O 267 20.83 1.56 -19.69
CA HIS O 267 20.85 2.76 -18.88
C HIS O 267 22.05 3.61 -19.21
N ASP O 268 21.82 4.87 -19.55
CA ASP O 268 22.88 5.88 -19.63
C ASP O 268 23.25 6.35 -18.22
N TYR O 269 24.45 6.01 -17.74
CA TYR O 269 24.74 6.23 -16.32
C TYR O 269 25.54 7.48 -16.01
N LEU O 270 26.22 8.07 -16.98
CA LEU O 270 26.89 9.32 -16.74
C LEU O 270 26.01 10.51 -17.03
N THR O 271 24.85 10.29 -17.62
CA THR O 271 23.86 11.34 -17.79
C THR O 271 22.63 11.12 -16.93
N GLY O 272 22.32 9.87 -16.59
CA GLY O 272 21.33 9.60 -15.57
C GLY O 272 21.88 9.72 -14.17
N GLY O 273 23.19 9.49 -14.01
CA GLY O 273 23.87 9.63 -12.73
C GLY O 273 24.05 8.30 -12.02
N PHE O 274 24.87 8.34 -10.98
CA PHE O 274 25.18 7.11 -10.28
C PHE O 274 24.11 6.71 -9.28
N THR O 275 23.29 7.65 -8.83
CA THR O 275 22.24 7.30 -7.88
C THR O 275 21.09 6.59 -8.60
N ALA O 276 20.74 7.07 -9.79
CA ALA O 276 19.74 6.39 -10.61
C ALA O 276 20.25 5.05 -11.11
N ASN O 277 21.53 4.95 -11.47
CA ASN O 277 22.10 3.69 -11.94
C ASN O 277 22.10 2.63 -10.86
N THR O 278 22.54 2.99 -9.65
CA THR O 278 22.63 2.03 -8.56
C THR O 278 21.24 1.61 -8.11
N SER O 279 20.26 2.47 -8.26
CA SER O 279 18.88 2.12 -7.96
C SER O 279 18.37 1.09 -8.95
N LEU O 280 18.61 1.33 -10.23
CA LEU O 280 18.17 0.41 -11.28
C LEU O 280 18.91 -0.91 -11.20
N ALA O 281 20.21 -0.88 -10.91
CA ALA O 281 21.02 -2.08 -10.81
C ALA O 281 20.61 -2.97 -9.66
N ILE O 282 20.03 -2.41 -8.60
CA ILE O 282 19.51 -3.22 -7.51
C ILE O 282 18.15 -3.78 -7.88
N TYR O 283 17.37 -3.03 -8.63
CA TYR O 283 16.11 -3.54 -9.13
C TYR O 283 16.33 -4.66 -10.13
N CYS O 284 17.38 -4.56 -10.94
CA CYS O 284 17.69 -5.58 -11.93
C CYS O 284 18.17 -6.87 -11.28
N ARG O 285 18.91 -6.78 -10.19
CA ARG O 285 19.24 -7.96 -9.39
C ARG O 285 18.01 -8.57 -8.75
N ASP O 286 17.13 -7.74 -8.22
CA ASP O 286 15.97 -8.24 -7.49
C ASP O 286 14.90 -8.82 -8.40
N ASN O 287 15.00 -8.66 -9.72
CA ASN O 287 14.00 -9.23 -10.61
C ASN O 287 14.61 -9.91 -11.82
N GLY O 288 15.90 -10.19 -11.83
CA GLY O 288 16.47 -11.01 -12.87
C GLY O 288 16.58 -10.38 -14.25
N LEU O 289 16.41 -9.08 -14.38
CA LEU O 289 16.70 -8.40 -15.63
C LEU O 289 18.20 -8.18 -15.76
N LEU O 290 18.68 -8.18 -16.99
CA LEU O 290 20.05 -7.80 -17.26
C LEU O 290 20.12 -6.29 -17.50
N LEU O 291 21.30 -5.71 -17.24
CA LEU O 291 21.49 -4.26 -17.34
C LEU O 291 22.66 -3.92 -18.25
N HIS O 292 22.36 -3.63 -19.52
CA HIS O 292 23.33 -3.01 -20.40
C HIS O 292 23.60 -1.60 -19.95
N ILE O 293 24.85 -1.16 -20.03
CA ILE O 293 25.17 0.21 -19.61
C ILE O 293 25.86 0.93 -20.75
N HIS O 294 25.23 1.97 -21.24
CA HIS O 294 25.84 2.83 -22.23
C HIS O 294 26.57 3.98 -21.55
N ARG O 295 27.55 4.55 -22.24
CA ARG O 295 28.42 5.58 -21.66
C ARG O 295 28.34 6.92 -22.40
N ALA O 296 27.13 7.42 -22.64
CA ALA O 296 26.96 8.81 -23.09
C ALA O 296 27.61 9.77 -22.11
N MET O 297 28.26 10.80 -22.68
CA MET O 297 28.96 11.95 -22.07
C MET O 297 30.34 11.54 -21.57
N HIS O 298 30.89 10.41 -22.02
CA HIS O 298 32.16 9.96 -21.45
C HIS O 298 33.33 10.80 -21.92
N ALA O 299 33.27 11.32 -23.14
CA ALA O 299 34.37 12.06 -23.71
C ALA O 299 34.39 13.52 -23.31
N VAL O 300 33.34 14.01 -22.66
CA VAL O 300 33.45 15.26 -21.93
C VAL O 300 34.45 15.10 -20.80
N ILE O 301 34.47 13.93 -20.19
CA ILE O 301 35.24 13.66 -18.98
C ILE O 301 36.60 13.04 -19.29
N ASP O 302 36.67 12.09 -20.22
CA ASP O 302 37.84 11.22 -20.32
C ASP O 302 38.75 11.45 -21.53
N ARG O 303 38.41 12.35 -22.45
CA ARG O 303 39.18 12.44 -23.68
C ARG O 303 40.55 13.10 -23.48
N GLN O 304 40.58 14.26 -22.84
CA GLN O 304 41.81 15.03 -22.77
C GLN O 304 42.80 14.38 -21.81
N ARG O 305 44.08 14.42 -22.17
CA ARG O 305 45.07 13.65 -21.43
C ARG O 305 45.57 14.41 -20.21
N ASN O 306 45.63 15.74 -20.28
CA ASN O 306 46.15 16.46 -19.13
C ASN O 306 45.11 16.68 -18.05
N HIS O 307 43.82 16.49 -18.33
CA HIS O 307 42.78 16.94 -17.41
C HIS O 307 41.50 16.12 -17.57
N GLY O 308 41.03 15.53 -16.47
CA GLY O 308 39.72 14.92 -16.44
C GLY O 308 39.72 13.71 -15.56
N ILE O 309 38.82 12.78 -15.85
CA ILE O 309 38.81 11.48 -15.19
C ILE O 309 38.88 10.43 -16.30
N HIS O 310 39.94 9.64 -16.31
CA HIS O 310 40.13 8.61 -17.32
C HIS O 310 39.09 7.52 -17.17
N PHE O 311 38.78 6.85 -18.30
CA PHE O 311 37.67 5.90 -18.36
C PHE O 311 37.86 4.70 -17.45
N ARG O 312 39.10 4.34 -17.11
CA ARG O 312 39.32 3.17 -16.26
C ARG O 312 38.84 3.42 -14.84
N VAL O 313 38.83 4.67 -14.39
CA VAL O 313 38.18 5.00 -13.12
C VAL O 313 36.67 4.91 -13.30
N LEU O 314 36.15 5.42 -14.41
CA LEU O 314 34.72 5.41 -14.63
C LEU O 314 34.20 4.01 -14.90
N ALA O 315 35.07 3.10 -15.32
CA ALA O 315 34.70 1.71 -15.56
C ALA O 315 34.80 0.87 -14.29
N LYS O 316 35.75 1.19 -13.41
CA LYS O 316 35.73 0.58 -12.08
C LYS O 316 34.48 0.99 -11.33
N ALA O 317 34.12 2.27 -11.42
CA ALA O 317 32.95 2.78 -10.71
C ALA O 317 31.65 2.26 -11.25
N LEU O 318 31.60 1.93 -12.53
CA LEU O 318 30.40 1.31 -13.08
C LEU O 318 30.24 -0.08 -12.52
N ARG O 319 31.33 -0.82 -12.38
CA ARG O 319 31.28 -2.18 -11.87
C ARG O 319 30.80 -2.18 -10.43
N MET O 320 31.27 -1.23 -9.63
CA MET O 320 30.86 -1.14 -8.23
C MET O 320 29.41 -0.74 -8.12
N SER O 321 28.98 0.20 -8.96
CA SER O 321 27.57 0.56 -9.03
C SER O 321 26.74 -0.57 -9.62
N GLY O 322 27.25 -1.22 -10.65
CA GLY O 322 26.52 -2.28 -11.27
C GLY O 322 26.19 -2.03 -12.72
N GLY O 323 26.34 -3.05 -13.51
CA GLY O 323 25.92 -3.07 -14.88
C GLY O 323 26.42 -4.38 -15.44
N ASP O 324 25.71 -4.96 -16.38
CA ASP O 324 26.10 -6.25 -16.91
C ASP O 324 26.95 -6.14 -18.17
N HIS O 325 26.73 -5.09 -18.95
CA HIS O 325 27.50 -4.77 -20.14
C HIS O 325 27.96 -3.33 -20.04
N LEU O 326 29.04 -2.99 -20.73
CA LEU O 326 29.52 -1.62 -20.75
C LEU O 326 30.27 -1.39 -22.05
N HIS O 327 29.87 -0.36 -22.78
CA HIS O 327 30.61 0.11 -23.94
C HIS O 327 32.05 0.45 -23.57
N SER O 328 32.97 -0.32 -24.08
CA SER O 328 34.37 -0.07 -23.82
C SER O 328 35.06 0.65 -24.96
N GLY O 329 34.42 0.73 -26.11
CA GLY O 329 34.95 1.49 -27.23
C GLY O 329 35.45 0.64 -28.37
N THR O 330 36.03 1.27 -29.38
CA THR O 330 36.65 0.56 -30.49
C THR O 330 38.13 0.35 -30.19
N VAL O 331 38.68 -0.74 -30.71
CA VAL O 331 40.11 -0.93 -30.75
C VAL O 331 40.64 -0.91 -32.17
N VAL O 332 39.81 -1.27 -33.15
CA VAL O 332 40.21 -1.21 -34.55
C VAL O 332 40.33 0.24 -35.01
N GLY O 333 41.28 0.48 -35.91
CA GLY O 333 41.55 1.84 -36.36
C GLY O 333 42.38 2.67 -35.41
N LYS O 334 43.15 2.02 -34.53
CA LYS O 334 43.91 2.72 -33.51
C LYS O 334 45.32 2.16 -33.42
N LEU O 335 46.23 2.98 -32.91
CA LEU O 335 47.61 2.56 -32.72
C LEU O 335 47.71 1.60 -31.54
N GLU O 336 48.86 0.94 -31.43
CA GLU O 336 49.08 0.01 -30.32
C GLU O 336 49.76 0.68 -29.14
N GLY O 337 49.24 1.85 -28.77
CA GLY O 337 49.53 2.47 -27.49
C GLY O 337 48.22 2.71 -26.80
N GLU O 338 47.18 2.92 -27.60
CA GLU O 338 45.81 2.93 -27.10
C GLU O 338 45.22 1.52 -27.09
N ARG O 339 45.86 0.58 -27.79
CA ARG O 339 45.41 -0.80 -27.74
C ARG O 339 45.77 -1.43 -26.40
N GLU O 340 46.96 -1.11 -25.87
CA GLU O 340 47.36 -1.66 -24.59
C GLU O 340 46.62 -1.02 -23.43
N VAL O 341 46.24 0.25 -23.58
CA VAL O 341 45.41 0.91 -22.58
C VAL O 341 44.01 0.33 -22.59
N THR O 342 43.47 0.04 -23.78
CA THR O 342 42.11 -0.51 -23.86
C THR O 342 42.07 -1.93 -23.32
N LEU O 343 43.16 -2.69 -23.52
CA LEU O 343 43.24 -4.01 -22.91
C LEU O 343 43.41 -3.93 -21.40
N GLY O 344 43.81 -2.78 -20.88
CA GLY O 344 43.96 -2.63 -19.45
C GLY O 344 42.64 -2.40 -18.74
N PHE O 345 41.81 -1.49 -19.25
CA PHE O 345 40.54 -1.30 -18.54
C PHE O 345 39.51 -2.36 -18.89
N VAL O 346 39.75 -3.20 -19.88
CA VAL O 346 38.87 -4.34 -20.08
C VAL O 346 39.17 -5.43 -19.05
N ASP O 347 40.44 -5.55 -18.64
CA ASP O 347 40.77 -6.50 -17.57
C ASP O 347 40.26 -6.03 -16.22
N LEU O 348 40.17 -4.72 -16.01
CA LEU O 348 39.57 -4.22 -14.77
C LEU O 348 38.08 -4.53 -14.73
N MET O 349 37.43 -4.61 -15.88
CA MET O 349 36.01 -4.95 -15.97
C MET O 349 35.76 -6.43 -15.80
N ARG O 350 36.61 -7.28 -16.37
CA ARG O 350 36.27 -8.70 -16.46
C ARG O 350 36.90 -9.55 -15.37
N ASP O 351 38.10 -9.19 -14.94
CA ASP O 351 38.88 -10.10 -14.11
C ASP O 351 38.57 -9.91 -12.64
N ASP O 352 39.09 -10.84 -11.86
CA ASP O 352 38.93 -10.84 -10.42
C ASP O 352 40.13 -10.20 -9.75
N TYR O 353 41.33 -10.40 -10.30
CA TYR O 353 42.55 -9.89 -9.70
C TYR O 353 43.45 -9.37 -10.81
N VAL O 354 43.70 -8.07 -10.80
CA VAL O 354 44.46 -7.40 -11.85
C VAL O 354 45.73 -6.87 -11.24
N GLU O 355 46.88 -7.39 -11.68
CA GLU O 355 48.18 -6.94 -11.22
C GLU O 355 48.47 -5.50 -11.64
N LYS O 356 49.44 -4.91 -10.98
CA LYS O 356 49.94 -3.60 -11.36
C LYS O 356 50.74 -3.71 -12.65
N ASP O 357 50.43 -2.84 -13.61
CA ASP O 357 51.05 -2.90 -14.93
C ASP O 357 51.01 -1.48 -15.48
N ARG O 358 52.15 -0.80 -15.46
CA ARG O 358 52.20 0.58 -15.91
C ARG O 358 52.09 0.70 -17.42
N SER O 359 52.41 -0.37 -18.15
CA SER O 359 52.35 -0.33 -19.61
C SER O 359 50.90 -0.33 -20.11
N ARG O 360 49.98 -0.94 -19.37
CA ARG O 360 48.58 -0.92 -19.71
C ARG O 360 47.81 0.16 -18.96
N GLY O 361 48.50 1.04 -18.24
CA GLY O 361 47.86 2.12 -17.52
C GLY O 361 47.28 1.72 -16.19
N ILE O 362 47.58 0.54 -15.69
CA ILE O 362 47.05 0.04 -14.43
C ILE O 362 48.02 0.48 -13.34
N TYR O 363 47.60 1.40 -12.47
CA TYR O 363 48.57 1.95 -11.54
C TYR O 363 48.54 1.29 -10.18
N PHE O 364 47.58 0.44 -9.91
CA PHE O 364 47.49 -0.22 -8.62
C PHE O 364 47.20 -1.68 -8.86
N THR O 365 47.06 -2.45 -7.79
CA THR O 365 46.60 -3.82 -7.88
C THR O 365 45.16 -3.88 -7.42
N GLN O 366 44.31 -4.50 -8.23
CA GLN O 366 42.89 -4.52 -7.95
C GLN O 366 42.40 -5.93 -7.68
N ASP O 367 42.16 -6.25 -6.43
CA ASP O 367 41.40 -7.43 -6.05
C ASP O 367 39.92 -7.09 -6.11
N TRP O 368 39.16 -7.83 -6.90
CA TRP O 368 37.73 -7.59 -7.03
C TRP O 368 36.90 -8.47 -6.12
N CYS O 369 37.51 -9.42 -5.43
CA CYS O 369 36.96 -10.10 -4.25
C CYS O 369 35.64 -10.80 -4.57
N SER O 370 35.62 -11.45 -5.73
CA SER O 370 34.50 -12.20 -6.31
C SER O 370 33.31 -11.34 -6.69
N MET O 371 33.50 -10.05 -6.92
CA MET O 371 32.47 -9.26 -7.58
C MET O 371 32.44 -9.68 -9.06
N PRO O 372 31.25 -9.87 -9.66
CA PRO O 372 31.16 -10.40 -11.02
C PRO O 372 31.69 -9.45 -12.07
N GLY O 373 32.09 -10.03 -13.19
CA GLY O 373 32.65 -9.26 -14.27
C GLY O 373 31.61 -8.50 -15.06
N VAL O 374 32.08 -7.53 -15.82
CA VAL O 374 31.21 -6.78 -16.72
C VAL O 374 31.67 -7.12 -18.12
N MET O 375 30.74 -7.44 -18.98
CA MET O 375 31.07 -7.78 -20.35
C MET O 375 31.32 -6.50 -21.15
N PRO O 376 32.49 -6.32 -21.74
CA PRO O 376 32.70 -5.12 -22.54
C PRO O 376 31.99 -5.19 -23.89
N VAL O 377 31.38 -4.09 -24.28
CA VAL O 377 30.77 -3.99 -25.59
C VAL O 377 31.69 -3.17 -26.48
N ALA O 378 32.11 -3.76 -27.58
CA ALA O 378 33.08 -3.15 -28.49
C ALA O 378 32.40 -2.81 -29.79
N SER O 379 32.43 -1.55 -30.16
CA SER O 379 31.85 -1.08 -31.42
C SER O 379 32.72 -1.57 -32.57
N GLY O 380 32.25 -2.59 -33.28
CA GLY O 380 33.00 -3.12 -34.40
C GLY O 380 32.99 -2.16 -35.57
N GLY O 381 33.84 -2.44 -36.54
CA GLY O 381 34.01 -1.55 -37.66
C GLY O 381 32.83 -1.57 -38.62
N ILE O 382 33.02 -0.88 -39.74
CA ILE O 382 31.98 -0.74 -40.75
C ILE O 382 31.74 -2.07 -41.45
N HIS O 383 32.76 -2.89 -41.59
CA HIS O 383 32.69 -4.13 -42.34
C HIS O 383 33.05 -5.34 -41.47
N VAL O 384 33.07 -6.52 -42.11
CA VAL O 384 33.33 -7.77 -41.42
C VAL O 384 34.81 -8.11 -41.34
N TRP O 385 35.67 -7.34 -41.98
CA TRP O 385 37.09 -7.66 -41.97
C TRP O 385 37.78 -7.25 -40.68
N HIS O 386 37.10 -6.53 -39.78
CA HIS O 386 37.66 -6.26 -38.48
C HIS O 386 37.37 -7.38 -37.49
N MET O 387 36.61 -8.38 -37.90
CA MET O 387 36.28 -9.49 -37.00
C MET O 387 37.47 -10.35 -36.58
N PRO O 388 38.47 -10.68 -37.43
CA PRO O 388 39.66 -11.35 -36.88
C PRO O 388 40.48 -10.48 -35.93
N ALA O 389 40.37 -9.16 -36.03
CA ALA O 389 41.05 -8.31 -35.07
C ALA O 389 40.35 -8.36 -33.73
N LEU O 390 39.02 -8.39 -33.72
CA LEU O 390 38.29 -8.29 -32.47
C LEU O 390 38.25 -9.59 -31.69
N VAL O 391 38.31 -10.73 -32.37
CA VAL O 391 38.34 -12.01 -31.68
C VAL O 391 39.68 -12.22 -31.00
N GLU O 392 40.76 -11.76 -31.63
CA GLU O 392 42.08 -11.92 -31.02
C GLU O 392 42.31 -10.94 -29.87
N ILE O 393 41.80 -9.71 -29.99
CA ILE O 393 41.93 -8.72 -28.93
C ILE O 393 41.06 -9.06 -27.73
N PHE O 394 39.80 -9.41 -27.97
CA PHE O 394 38.83 -9.58 -26.89
C PHE O 394 38.58 -11.01 -26.48
N GLY O 395 38.74 -11.99 -27.36
CA GLY O 395 38.36 -13.34 -27.01
C GLY O 395 36.86 -13.50 -27.01
N ASP O 396 36.36 -14.35 -26.13
CA ASP O 396 34.94 -14.66 -26.09
C ASP O 396 34.13 -13.68 -25.25
N ASP O 397 34.64 -13.22 -24.12
CA ASP O 397 33.84 -12.41 -23.21
C ASP O 397 33.85 -10.96 -23.68
N ALA O 398 33.03 -10.71 -24.70
CA ALA O 398 32.82 -9.39 -25.28
C ALA O 398 31.56 -9.43 -26.11
N CYS O 399 30.81 -8.35 -26.08
CA CYS O 399 29.81 -8.11 -27.09
C CYS O 399 30.43 -7.25 -28.18
N LEU O 400 29.98 -7.45 -29.40
CA LEU O 400 30.54 -6.77 -30.57
C LEU O 400 29.39 -6.14 -31.31
N GLN O 401 29.48 -4.85 -31.59
CA GLN O 401 28.36 -4.19 -32.22
C GLN O 401 28.69 -3.61 -33.58
N PHE O 402 27.76 -3.84 -34.50
CA PHE O 402 27.88 -3.49 -35.91
C PHE O 402 26.61 -2.70 -36.22
N GLY O 403 26.62 -1.41 -35.90
CA GLY O 403 25.45 -0.59 -36.14
C GLY O 403 25.22 -0.33 -37.61
N GLY O 404 26.30 -0.21 -38.37
CA GLY O 404 26.21 -0.03 -39.81
C GLY O 404 26.72 -1.23 -40.59
N GLY O 405 26.98 -2.32 -39.89
CA GLY O 405 27.44 -3.54 -40.55
C GLY O 405 26.28 -4.41 -40.99
N THR O 406 25.23 -4.44 -40.16
CA THR O 406 24.04 -5.20 -40.52
C THR O 406 23.11 -4.38 -41.40
N LEU O 407 22.98 -3.08 -41.11
CA LEU O 407 22.08 -2.23 -41.88
C LEU O 407 22.61 -1.94 -43.28
N GLY O 408 23.92 -1.85 -43.46
CA GLY O 408 24.53 -1.51 -44.73
C GLY O 408 24.79 -2.65 -45.69
N HIS O 409 24.22 -3.82 -45.43
CA HIS O 409 24.35 -4.93 -46.35
C HIS O 409 23.46 -4.69 -47.56
N PRO O 410 23.91 -5.05 -48.77
CA PRO O 410 23.09 -4.80 -49.96
C PRO O 410 21.83 -5.65 -50.05
N TRP O 411 21.68 -6.69 -49.24
CA TRP O 411 20.50 -7.52 -49.26
C TRP O 411 19.53 -7.21 -48.14
N GLY O 412 19.98 -6.56 -47.07
CA GLY O 412 19.07 -6.16 -46.03
C GLY O 412 19.57 -6.39 -44.62
N ASN O 413 18.65 -6.59 -43.68
CA ASN O 413 19.05 -6.81 -42.31
C ASN O 413 19.26 -8.27 -41.99
N ALA O 414 18.42 -9.17 -42.47
CA ALA O 414 18.62 -10.57 -42.11
C ALA O 414 19.79 -11.24 -42.84
N PRO O 415 20.08 -10.97 -44.12
CA PRO O 415 21.36 -11.45 -44.64
C PRO O 415 22.56 -10.74 -44.05
N GLY O 416 22.43 -9.47 -43.67
CA GLY O 416 23.55 -8.77 -43.07
C GLY O 416 23.87 -9.26 -41.68
N ALA O 417 22.85 -9.64 -40.93
CA ALA O 417 23.05 -10.22 -39.61
C ALA O 417 23.62 -11.61 -39.68
N ALA O 418 23.33 -12.34 -40.75
CA ALA O 418 23.94 -13.65 -40.93
C ALA O 418 25.41 -13.52 -41.30
N ALA O 419 25.75 -12.50 -42.10
CA ALA O 419 27.11 -12.31 -42.58
C ALA O 419 28.07 -12.04 -41.45
N ASN O 420 27.63 -11.30 -40.43
CA ASN O 420 28.45 -11.13 -39.25
C ASN O 420 28.53 -12.42 -38.45
N ARG O 421 27.40 -13.07 -38.24
CA ARG O 421 27.33 -14.30 -37.46
C ARG O 421 28.12 -15.43 -38.11
N VAL O 422 28.15 -15.48 -39.44
CA VAL O 422 28.99 -16.45 -40.13
C VAL O 422 30.46 -16.09 -39.97
N ALA O 423 30.80 -14.80 -40.10
CA ALA O 423 32.19 -14.36 -39.97
C ALA O 423 32.69 -14.48 -38.54
N LEU O 424 31.81 -14.25 -37.56
CA LEU O 424 32.18 -14.41 -36.16
C LEU O 424 32.50 -15.86 -35.84
N GLU O 425 31.64 -16.79 -36.25
CA GLU O 425 31.85 -18.19 -35.93
C GLU O 425 32.96 -18.80 -36.77
N ALA O 426 33.23 -18.24 -37.95
CA ALA O 426 34.36 -18.73 -38.73
C ALA O 426 35.68 -18.33 -38.09
N CYS O 427 35.78 -17.10 -37.59
CA CYS O 427 37.00 -16.64 -36.94
C CYS O 427 37.20 -17.31 -35.60
N THR O 428 36.11 -17.61 -34.89
CA THR O 428 36.19 -18.33 -33.64
C THR O 428 36.73 -19.74 -33.86
N GLN O 429 36.31 -20.38 -34.95
CA GLN O 429 36.73 -21.76 -35.21
C GLN O 429 38.21 -21.80 -35.59
N ALA O 430 38.66 -20.82 -36.37
CA ALA O 430 40.07 -20.74 -36.74
C ALA O 430 40.96 -20.46 -35.54
N ARG O 431 40.43 -19.81 -34.51
CA ARG O 431 41.18 -19.66 -33.27
C ARG O 431 41.35 -20.99 -32.56
N ASN O 432 40.27 -21.77 -32.44
CA ASN O 432 40.35 -23.01 -31.69
C ASN O 432 41.18 -24.05 -32.44
N GLU O 433 41.18 -23.99 -33.77
CA GLU O 433 42.03 -24.84 -34.58
C GLU O 433 43.50 -24.42 -34.51
N GLY O 434 43.79 -23.22 -34.02
CA GLY O 434 45.14 -22.80 -33.73
C GLY O 434 45.69 -21.73 -34.65
N ARG O 435 44.90 -21.21 -35.57
CA ARG O 435 45.41 -20.32 -36.59
C ARG O 435 45.60 -18.91 -36.03
N ASP O 436 46.64 -18.22 -36.51
CA ASP O 436 46.91 -16.86 -36.08
C ASP O 436 46.00 -15.91 -36.85
N LEU O 437 45.05 -15.29 -36.15
CA LEU O 437 44.11 -14.37 -36.78
C LEU O 437 44.73 -13.01 -37.06
N ALA O 438 45.93 -12.73 -36.54
CA ALA O 438 46.61 -11.50 -36.93
C ALA O 438 47.18 -11.60 -38.34
N ARG O 439 47.48 -12.82 -38.79
CA ARG O 439 48.05 -13.04 -40.11
C ARG O 439 47.10 -13.76 -41.04
N GLU O 440 46.56 -14.90 -40.61
CA GLU O 440 45.72 -15.73 -41.47
C GLU O 440 44.26 -15.33 -41.42
N GLY O 441 43.93 -14.19 -40.81
CA GLY O 441 42.53 -13.82 -40.62
C GLY O 441 41.82 -13.42 -41.90
N GLY O 442 42.58 -12.96 -42.90
CA GLY O 442 41.98 -12.71 -44.19
C GLY O 442 41.66 -13.99 -44.95
N ASP O 443 42.49 -15.02 -44.78
CA ASP O 443 42.27 -16.29 -45.45
C ASP O 443 41.16 -17.11 -44.82
N VAL O 444 40.73 -16.74 -43.62
CA VAL O 444 39.62 -17.41 -42.96
C VAL O 444 38.28 -16.80 -43.37
N ILE O 445 38.24 -15.48 -43.53
CA ILE O 445 37.05 -14.83 -44.07
C ILE O 445 36.81 -15.27 -45.50
N ARG O 446 37.87 -15.33 -46.30
CA ARG O 446 37.74 -15.74 -47.70
C ARG O 446 37.40 -17.22 -47.85
N SER O 447 37.72 -18.05 -46.86
CA SER O 447 37.27 -19.44 -46.93
C SER O 447 35.78 -19.56 -46.60
N ALA O 448 35.21 -18.55 -45.97
CA ALA O 448 33.79 -18.53 -45.66
C ALA O 448 32.98 -17.68 -46.62
N CYS O 449 33.63 -16.88 -47.48
CA CYS O 449 32.92 -16.24 -48.58
C CYS O 449 32.49 -17.29 -49.61
N LYS O 450 33.14 -18.46 -49.60
CA LYS O 450 32.87 -19.48 -50.61
C LYS O 450 31.52 -20.15 -50.38
N TRP O 451 31.35 -20.80 -49.23
CA TRP O 451 30.15 -21.60 -49.01
C TRP O 451 28.95 -20.79 -48.54
N SER O 452 29.12 -19.52 -48.21
CA SER O 452 28.02 -18.70 -47.71
C SER O 452 27.80 -17.53 -48.67
N PRO O 453 26.61 -17.41 -49.25
CA PRO O 453 26.38 -16.29 -50.18
C PRO O 453 26.18 -14.96 -49.50
N GLU O 454 25.72 -14.98 -48.24
CA GLU O 454 25.43 -13.75 -47.53
C GLU O 454 26.70 -13.02 -47.17
N LEU O 455 27.70 -13.76 -46.68
CA LEU O 455 28.99 -13.15 -46.39
C LEU O 455 29.70 -12.72 -47.65
N ALA O 456 29.53 -13.47 -48.74
CA ALA O 456 30.18 -13.12 -50.01
C ALA O 456 29.65 -11.82 -50.58
N ALA O 457 28.36 -11.54 -50.37
CA ALA O 457 27.81 -10.25 -50.77
C ALA O 457 28.36 -9.11 -49.90
N ALA O 458 28.79 -9.42 -48.68
CA ALA O 458 29.50 -8.45 -47.88
C ALA O 458 31.01 -8.51 -48.10
N CYS O 459 31.53 -9.66 -48.57
CA CYS O 459 32.92 -9.72 -49.00
C CYS O 459 33.13 -8.85 -50.25
N GLU O 460 32.09 -8.72 -51.08
CA GLU O 460 32.19 -7.98 -52.33
C GLU O 460 32.28 -6.48 -52.10
N VAL O 461 31.65 -5.95 -51.04
CA VAL O 461 31.76 -4.54 -50.74
C VAL O 461 33.12 -4.23 -50.12
N MET P 46 11.61 5.91 58.21
CA MET P 46 11.28 5.68 56.82
C MET P 46 10.88 7.00 56.18
N MET P 47 11.60 7.41 55.15
CA MET P 47 11.36 8.72 54.58
C MET P 47 10.77 8.61 53.18
N VAL P 48 10.46 9.77 52.62
CA VAL P 48 9.87 9.87 51.28
C VAL P 48 10.74 10.80 50.46
N TRP P 49 11.22 10.32 49.33
CA TRP P 49 11.99 11.13 48.41
C TRP P 49 11.07 12.17 47.77
N THR P 50 11.56 13.40 47.67
CA THR P 50 10.51 14.36 47.38
C THR P 50 10.30 14.56 45.89
N PRO P 51 9.04 14.72 45.45
CA PRO P 51 8.78 14.99 44.05
C PRO P 51 8.68 16.46 43.68
N VAL P 52 8.68 17.34 44.67
CA VAL P 52 8.35 18.74 44.47
C VAL P 52 9.65 19.54 44.46
N ASN P 53 9.90 20.23 43.34
CA ASN P 53 11.06 21.09 43.14
C ASN P 53 12.38 20.36 43.40
N ASN P 54 12.57 19.25 42.70
CA ASN P 54 13.71 18.37 42.95
C ASN P 54 14.42 18.07 41.64
N LYS P 55 14.55 19.05 40.76
CA LYS P 55 15.20 18.78 39.49
C LYS P 55 16.65 18.45 39.68
N MET P 56 17.17 17.61 38.80
CA MET P 56 18.54 17.18 38.88
C MET P 56 19.20 17.30 37.53
N PHE P 57 20.52 17.31 37.55
CA PHE P 57 21.37 17.35 36.38
C PHE P 57 22.11 16.02 36.45
N GLU P 58 22.38 15.43 35.31
CA GLU P 58 22.84 14.07 35.34
C GLU P 58 24.08 13.68 36.14
N THR P 59 25.20 14.36 36.04
CA THR P 59 26.35 13.88 36.79
C THR P 59 26.66 14.76 37.99
N PHE P 60 26.88 14.10 39.12
CA PHE P 60 27.20 14.71 40.40
C PHE P 60 26.11 15.59 40.98
N SER P 61 24.85 15.31 40.65
CA SER P 61 23.74 16.09 41.20
C SER P 61 23.12 15.46 42.43
N TYR P 62 23.33 14.17 42.64
CA TYR P 62 22.86 13.47 43.82
C TYR P 62 23.88 13.57 44.93
N LEU P 63 24.93 14.34 44.72
CA LEU P 63 25.97 14.71 45.66
C LEU P 63 25.71 16.13 46.14
N PRO P 64 26.25 16.54 47.29
CA PRO P 64 26.16 17.95 47.67
C PRO P 64 27.01 18.80 46.76
N PRO P 65 26.71 20.14 46.63
CA PRO P 65 27.37 20.98 45.62
C PRO P 65 28.89 21.04 45.74
N LEU P 66 29.57 20.97 44.61
CA LEU P 66 31.01 20.76 44.63
C LEU P 66 31.72 22.03 45.07
N SER P 67 32.68 21.88 45.98
CA SER P 67 33.49 23.01 46.39
C SER P 67 34.49 23.34 45.30
N ASP P 68 35.20 24.46 45.49
CA ASP P 68 36.20 24.88 44.51
C ASP P 68 37.40 23.95 44.50
N GLU P 69 37.63 23.25 45.61
CA GLU P 69 38.69 22.24 45.64
C GLU P 69 38.24 20.95 44.97
N GLN P 70 36.95 20.66 45.01
CA GLN P 70 36.44 19.46 44.34
C GLN P 70 36.26 19.70 42.84
N ILE P 71 35.96 20.94 42.45
CA ILE P 71 35.95 21.26 41.02
C ILE P 71 37.37 21.26 40.47
N ALA P 72 38.33 21.74 41.27
CA ALA P 72 39.73 21.68 40.84
C ALA P 72 40.25 20.24 40.81
N ALA P 73 39.68 19.35 41.61
CA ALA P 73 40.09 17.95 41.57
C ALA P 73 39.59 17.25 40.32
N GLN P 74 38.46 17.70 39.77
CA GLN P 74 37.94 17.10 38.55
C GLN P 74 38.66 17.62 37.33
N VAL P 75 39.06 18.89 37.34
CA VAL P 75 39.82 19.45 36.22
C VAL P 75 41.22 18.86 36.17
N ASP P 76 41.79 18.50 37.33
CA ASP P 76 43.05 17.75 37.34
C ASP P 76 42.89 16.40 36.66
N TYR P 77 41.74 15.76 36.84
CA TYR P 77 41.42 14.55 36.10
C TYR P 77 41.18 14.82 34.62
N ILE P 78 40.65 16.00 34.28
CA ILE P 78 40.46 16.35 32.87
C ILE P 78 41.79 16.67 32.20
N VAL P 79 42.76 17.19 32.95
CA VAL P 79 44.04 17.58 32.35
C VAL P 79 45.06 16.43 32.40
N ALA P 80 44.91 15.49 33.35
CA ALA P 80 45.84 14.35 33.48
C ALA P 80 45.85 13.48 32.23
N ASN P 81 44.73 13.39 31.55
CA ASN P 81 44.65 12.90 30.19
C ASN P 81 44.33 14.05 29.25
N GLY P 82 44.35 13.80 27.95
CA GLY P 82 44.31 14.93 27.04
C GLY P 82 42.94 15.48 26.74
N TRP P 83 42.16 15.83 27.76
CA TRP P 83 40.81 16.31 27.57
C TRP P 83 40.79 17.82 27.69
N ILE P 84 39.72 18.41 27.17
CA ILE P 84 39.66 19.85 26.97
C ILE P 84 38.45 20.38 27.72
N PRO P 85 38.61 21.13 28.79
CA PRO P 85 37.45 21.57 29.58
C PRO P 85 36.78 22.75 28.91
N CYS P 86 35.48 22.89 29.15
CA CYS P 86 34.70 23.93 28.52
C CYS P 86 33.46 24.16 29.37
N LEU P 87 33.02 25.41 29.48
CA LEU P 87 31.85 25.70 30.30
C LEU P 87 30.62 25.91 29.45
N GLU P 88 29.46 25.65 30.04
CA GLU P 88 28.19 25.91 29.38
C GLU P 88 27.26 26.57 30.36
N PHE P 89 26.16 27.12 29.84
CA PHE P 89 25.18 27.73 30.71
C PHE P 89 23.82 27.75 30.04
N ALA P 90 22.79 27.77 30.88
CA ALA P 90 21.42 27.88 30.45
C ALA P 90 20.63 28.60 31.53
N GLU P 91 19.57 29.28 31.11
CA GLU P 91 18.62 29.89 32.04
C GLU P 91 17.72 28.83 32.66
N SER P 92 16.76 29.28 33.44
CA SER P 92 15.88 28.35 34.14
C SER P 92 14.92 27.64 33.21
N ASP P 93 14.61 28.24 32.07
CA ASP P 93 13.72 27.65 31.08
C ASP P 93 14.43 26.88 29.98
N LYS P 94 15.77 26.92 29.92
CA LYS P 94 16.50 26.17 28.92
C LYS P 94 17.44 25.17 29.56
N ALA P 95 17.21 24.87 30.84
CA ALA P 95 18.13 24.04 31.61
C ALA P 95 17.82 22.56 31.50
N TYR P 96 16.60 22.18 31.85
CA TYR P 96 16.22 20.78 31.82
C TYR P 96 15.30 20.49 30.64
N VAL P 97 15.02 19.20 30.47
CA VAL P 97 14.55 18.63 29.22
C VAL P 97 13.10 19.02 28.93
N SER P 98 12.76 19.13 27.64
CA SER P 98 11.40 19.50 27.25
C SER P 98 11.08 18.92 25.89
N ASN P 99 9.80 19.00 25.52
CA ASN P 99 9.26 18.33 24.34
C ASN P 99 8.77 19.30 23.29
N GLU P 100 8.97 20.60 23.50
CA GLU P 100 8.14 21.62 22.87
C GLU P 100 8.34 21.77 21.36
N SER P 101 9.43 21.25 20.81
CA SER P 101 9.59 21.34 19.36
C SER P 101 8.90 20.21 18.62
N ALA P 102 8.43 19.20 19.33
CA ALA P 102 7.74 18.04 18.75
C ALA P 102 6.33 18.36 18.32
N ILE P 103 5.86 19.59 18.53
CA ILE P 103 4.63 20.05 17.92
C ILE P 103 4.79 20.15 16.40
N ARG P 104 6.02 20.26 15.90
CA ARG P 104 6.26 20.32 14.47
C ARG P 104 6.55 18.98 13.85
N PHE P 105 6.41 17.88 14.58
CA PHE P 105 6.91 16.62 14.07
C PHE P 105 5.78 15.74 13.53
N GLY P 106 6.19 14.76 12.72
CA GLY P 106 5.46 13.54 12.51
C GLY P 106 5.84 12.56 13.62
N SER P 107 6.02 11.29 13.31
CA SER P 107 6.35 10.35 14.38
C SER P 107 7.85 10.09 14.49
N VAL P 108 8.63 11.16 14.57
CA VAL P 108 10.08 11.09 14.57
C VAL P 108 10.61 11.53 15.92
N SER P 109 9.82 11.35 16.96
CA SER P 109 10.07 11.94 18.26
C SER P 109 10.97 11.10 19.17
N CYS P 110 11.37 9.90 18.77
CA CYS P 110 12.18 9.04 19.63
C CYS P 110 13.57 9.61 19.80
N LEU P 111 13.97 9.80 21.06
CA LEU P 111 15.28 10.32 21.47
C LEU P 111 15.56 11.69 20.89
N TYR P 112 14.50 12.45 20.64
CA TYR P 112 14.62 13.88 20.45
C TYR P 112 14.18 14.55 21.73
N TYR P 113 14.99 15.49 22.20
CA TYR P 113 14.56 16.34 23.30
C TYR P 113 15.02 17.75 22.99
N ASP P 114 14.52 18.69 23.75
CA ASP P 114 15.09 20.03 23.78
C ASP P 114 15.88 20.22 25.05
N ASN P 115 16.68 21.28 25.05
CA ASN P 115 17.52 21.71 26.18
C ASN P 115 18.58 20.67 26.52
N ARG P 116 19.06 19.94 25.52
CA ARG P 116 20.27 19.16 25.71
C ARG P 116 21.49 19.94 25.31
N TYR P 117 21.33 20.90 24.40
CA TYR P 117 22.36 21.90 24.16
C TYR P 117 22.20 23.02 25.15
N TRP P 118 23.30 23.42 25.76
CA TRP P 118 23.38 24.70 26.42
C TRP P 118 24.35 25.57 25.65
N THR P 119 24.33 26.87 25.94
CA THR P 119 25.19 27.80 25.25
C THR P 119 26.61 27.68 25.78
N MET P 120 27.59 27.60 24.90
CA MET P 120 28.96 27.49 25.30
C MET P 120 29.44 28.81 25.89
N TRP P 121 30.30 28.78 26.89
CA TRP P 121 30.82 30.01 27.45
C TRP P 121 32.19 30.08 26.84
N LYS P 122 32.42 31.15 26.08
CA LYS P 122 33.69 31.35 25.39
C LYS P 122 34.03 30.19 24.48
N LEU P 123 35.25 29.69 24.60
CA LEU P 123 35.74 28.58 23.79
C LEU P 123 36.37 27.51 24.66
N PRO P 124 36.52 26.29 24.12
CA PRO P 124 37.15 25.23 24.90
C PRO P 124 38.59 25.60 25.23
N MET P 125 39.03 25.28 26.45
CA MET P 125 40.36 25.65 26.91
C MET P 125 41.39 24.71 26.30
N PHE P 126 41.86 25.07 25.11
CA PHE P 126 42.85 24.25 24.44
C PHE P 126 44.23 24.49 25.06
N GLY P 127 44.94 23.40 25.31
CA GLY P 127 46.23 23.50 25.99
C GLY P 127 46.10 23.94 27.43
N CYS P 128 45.06 23.48 28.12
CA CYS P 128 44.80 23.87 29.50
C CYS P 128 45.60 22.96 30.41
N ARG P 129 46.51 23.54 31.17
CA ARG P 129 47.29 22.81 32.14
C ARG P 129 46.93 23.19 33.57
N ASP P 130 46.46 24.42 33.78
CA ASP P 130 46.19 24.94 35.11
C ASP P 130 44.71 24.87 35.41
N PRO P 131 44.31 24.18 36.50
CA PRO P 131 42.89 24.11 36.85
C PRO P 131 42.32 25.38 37.43
N MET P 132 43.15 26.35 37.80
CA MET P 132 42.61 27.60 38.33
C MET P 132 42.14 28.53 37.21
N GLN P 133 42.70 28.38 36.00
CA GLN P 133 42.23 29.14 34.85
C GLN P 133 40.79 28.76 34.49
N VAL P 134 40.42 27.50 34.69
CA VAL P 134 39.04 27.09 34.49
C VAL P 134 38.16 27.63 35.61
N LEU P 135 38.71 27.68 36.82
CA LEU P 135 37.91 28.03 37.99
C LEU P 135 37.66 29.54 38.04
N ARG P 136 38.52 30.34 37.40
CA ARG P 136 38.26 31.76 37.25
C ARG P 136 37.10 32.01 36.31
N GLU P 137 36.90 31.10 35.34
CA GLU P 137 35.85 31.30 34.35
C GLU P 137 34.48 30.96 34.90
N ILE P 138 34.42 30.18 35.99
CA ILE P 138 33.14 29.89 36.62
C ILE P 138 32.61 31.12 37.33
N VAL P 139 33.49 31.84 38.03
CA VAL P 139 33.12 33.10 38.65
C VAL P 139 32.80 34.14 37.58
N ALA P 140 33.54 34.13 36.48
CA ALA P 140 33.32 35.11 35.43
C ALA P 140 32.02 34.86 34.67
N CYS P 141 31.62 33.59 34.55
CA CYS P 141 30.37 33.29 33.85
C CYS P 141 29.16 33.68 34.68
N THR P 142 29.19 33.36 35.98
CA THR P 142 28.03 33.63 36.83
C THR P 142 27.91 35.10 37.18
N LYS P 143 28.98 35.86 37.02
CA LYS P 143 28.86 37.31 37.13
C LYS P 143 28.10 37.87 35.95
N ALA P 144 28.38 37.37 34.74
CA ALA P 144 27.64 37.81 33.56
C ALA P 144 26.21 37.29 33.57
N PHE P 145 25.99 36.10 34.11
CA PHE P 145 24.68 35.45 34.12
C PHE P 145 24.40 34.95 35.53
N PRO P 146 23.82 35.79 36.38
CA PRO P 146 23.55 35.36 37.76
C PRO P 146 22.34 34.44 37.87
N ASP P 147 21.51 34.36 36.84
CA ASP P 147 20.33 33.52 36.85
C ASP P 147 20.50 32.25 36.04
N ALA P 148 21.73 31.74 35.92
CA ALA P 148 22.03 30.66 35.00
C ALA P 148 22.77 29.52 35.69
N TYR P 149 22.34 28.30 35.36
CA TYR P 149 23.08 27.07 35.67
C TYR P 149 24.37 27.06 34.86
N VAL P 150 25.38 26.37 35.38
CA VAL P 150 26.67 26.26 34.70
C VAL P 150 27.13 24.82 34.79
N ARG P 151 27.49 24.22 33.64
CA ARG P 151 28.11 22.91 33.68
C ARG P 151 29.45 22.93 32.98
N LEU P 152 30.37 22.15 33.53
CA LEU P 152 31.69 21.93 32.96
C LEU P 152 31.67 20.65 32.15
N VAL P 153 31.86 20.77 30.84
CA VAL P 153 31.90 19.62 29.96
C VAL P 153 33.34 19.41 29.55
N ALA P 154 33.63 18.21 29.06
CA ALA P 154 34.96 17.94 28.54
C ALA P 154 34.86 17.22 27.21
N PHE P 155 35.86 17.43 26.38
CA PHE P 155 35.87 16.86 25.04
C PHE P 155 37.15 16.08 24.84
N ASP P 156 37.08 14.95 24.14
CA ASP P 156 38.28 14.20 23.83
C ASP P 156 38.85 14.71 22.52
N ASN P 157 40.17 14.70 22.42
CA ASN P 157 40.83 15.27 21.25
C ASN P 157 40.99 14.23 20.16
N GLN P 158 41.35 13.00 20.54
CA GLN P 158 41.62 11.96 19.56
C GLN P 158 40.34 11.24 19.15
N LYS P 159 39.31 11.25 20.01
CA LYS P 159 38.07 10.56 19.69
C LYS P 159 37.05 11.54 19.13
N GLN P 160 37.24 12.84 19.42
CA GLN P 160 36.40 13.96 18.99
C GLN P 160 34.94 13.76 19.39
N VAL P 161 34.75 13.70 20.72
CA VAL P 161 33.45 13.44 21.31
C VAL P 161 33.47 14.06 22.70
N GLN P 162 32.30 14.27 23.28
CA GLN P 162 32.17 14.82 24.63
C GLN P 162 32.30 13.69 25.65
N ILE P 163 33.10 13.93 26.69
CA ILE P 163 33.49 12.85 27.59
C ILE P 163 32.69 12.89 28.87
N MET P 164 32.80 13.97 29.61
CA MET P 164 32.17 14.09 30.92
C MET P 164 31.50 15.44 30.98
N GLY P 165 30.37 15.50 31.67
CA GLY P 165 29.67 16.76 31.83
C GLY P 165 28.92 16.85 33.13
N PHE P 166 29.25 17.81 33.98
CA PHE P 166 28.70 17.84 35.32
C PHE P 166 28.47 19.25 35.81
N LEU P 167 27.36 19.44 36.50
CA LEU P 167 26.94 20.76 36.95
C LEU P 167 27.87 21.30 38.01
N VAL P 168 28.35 22.53 37.82
CA VAL P 168 29.26 23.16 38.76
C VAL P 168 28.69 24.40 39.41
N GLN P 169 27.50 24.85 39.01
CA GLN P 169 26.92 26.04 39.60
C GLN P 169 25.42 26.04 39.40
N ARG P 170 24.69 26.36 40.45
CA ARG P 170 23.26 26.62 40.41
C ARG P 170 22.99 28.09 40.72
N PRO P 171 21.95 28.67 40.14
CA PRO P 171 21.59 30.04 40.52
C PRO P 171 20.89 30.04 41.87
N LYS P 172 20.93 31.19 42.53
CA LYS P 172 20.21 31.31 43.79
C LYS P 172 18.75 31.67 43.57
N SER P 173 18.44 32.30 42.45
CA SER P 173 17.09 32.76 42.18
C SER P 173 16.18 31.64 41.69
N ALA P 174 16.68 30.43 41.54
CA ALA P 174 15.86 29.33 41.06
C ALA P 174 15.40 28.46 42.23
N ARG P 175 14.12 28.08 42.20
CA ARG P 175 13.55 27.18 43.19
C ARG P 175 13.27 25.81 42.61
N ASP P 176 14.12 25.33 41.71
CA ASP P 176 13.94 24.06 41.05
C ASP P 176 14.63 22.89 41.76
N TRP P 177 15.52 23.17 42.72
CA TRP P 177 16.33 22.13 43.34
C TRP P 177 16.25 22.20 44.85
N GLN P 178 16.46 21.04 45.50
CA GLN P 178 16.43 20.95 46.95
C GLN P 178 17.84 20.94 47.50
N PRO P 179 18.11 21.68 48.58
CA PRO P 179 19.49 21.80 49.09
C PRO P 179 19.93 20.59 49.90
N ALA P 180 20.08 19.46 49.21
CA ALA P 180 20.70 18.21 49.69
C ALA P 180 20.00 17.53 50.86
N ASN P 181 18.94 18.12 51.38
CA ASN P 181 18.12 17.54 52.43
C ASN P 181 16.74 17.38 51.80
N LYS P 182 16.58 16.31 51.05
CA LYS P 182 15.46 16.09 50.17
C LYS P 182 14.84 14.73 50.44
N ARG P 183 15.26 14.14 51.56
CA ARG P 183 14.48 13.16 52.32
C ARG P 183 14.17 11.89 51.57
#